data_4LZB
#
_entry.id   4LZB
#
_cell.length_a   93.470
_cell.length_b   114.045
_cell.length_c   302.516
_cell.angle_alpha   90.00
_cell.angle_beta   90.00
_cell.angle_gamma   90.00
#
_symmetry.space_group_name_H-M   'P 21 21 21'
#
loop_
_entity.id
_entity.type
_entity.pdbx_description
1 polymer 'Uracil-DNA glycosylase'
2 non-polymer 'DIMETHYL SULFOXIDE'
3 non-polymer 'POTASSIUM ION'
4 non-polymer 'CHLORIDE ION'
5 non-polymer 1,2-ETHANEDIOL
6 non-polymer URACIL
7 water water
#
_entity_poly.entity_id   1
_entity_poly.type   'polypeptide(L)'
_entity_poly.pdbx_seq_one_letter_code
;MGSSHHHHHHSSGLVPRGSHMNSVTVSHAPYTITYHNDWEPVMSQLVEFYNEVASWLLRDETSPIPDKFFIQLKQPLRNK
RVCVCGIDPYPKDGTGVPFESPNFTKKSIKEIASSISRLTGVIDYKGYNLNIIDGVIPWNYYLSCKLGETKSHAIYWDKI
SKLLLQHITKHVSVLYCLGKTDFSNIRAKLESPVTTIVGYHPAARDRQFEKDRSFEIINVLLELDNKAPINWAQGFIY
;
_entity_poly.pdbx_strand_id   A,B,C,D,E,F,G,H,I,J,K,L
#
# COMPACT_ATOMS: atom_id res chain seq x y z
N MET A 21 20.33 44.23 25.23
CA MET A 21 19.55 43.08 24.69
C MET A 21 18.07 43.40 24.49
N ASN A 22 17.59 43.15 23.28
CA ASN A 22 16.21 43.46 22.93
C ASN A 22 15.24 42.43 23.48
N SER A 23 13.97 42.75 23.44
CA SER A 23 12.93 41.80 23.75
C SER A 23 11.77 41.94 22.79
N VAL A 24 10.90 40.93 22.76
CA VAL A 24 9.67 40.97 21.99
C VAL A 24 8.53 40.61 22.92
N THR A 25 7.32 40.95 22.50
CA THR A 25 6.14 40.66 23.28
C THR A 25 5.42 39.47 22.66
N VAL A 26 4.89 38.61 23.52
CA VAL A 26 4.02 37.51 23.11
C VAL A 26 2.68 37.68 23.81
N SER A 27 1.63 37.09 23.27
CA SER A 27 0.27 37.32 23.76
C SER A 27 -0.04 36.63 25.10
N HIS A 28 0.71 35.59 25.45
CA HIS A 28 0.48 34.86 26.68
C HIS A 28 1.77 34.80 27.48
N ALA A 29 1.70 34.26 28.69
CA ALA A 29 2.88 34.09 29.52
C ALA A 29 3.96 33.30 28.76
N PRO A 30 5.25 33.70 28.90
CA PRO A 30 5.79 34.70 29.82
C PRO A 30 5.65 36.16 29.40
N TYR A 31 4.94 36.44 28.30
CA TYR A 31 4.61 37.81 27.84
C TYR A 31 5.74 38.59 27.15
N THR A 32 6.94 38.55 27.72
CA THR A 32 8.13 39.15 27.11
C THR A 32 9.22 38.10 26.97
N ILE A 33 9.85 38.04 25.80
CA ILE A 33 11.01 37.20 25.61
C ILE A 33 12.20 38.10 25.32
N THR A 34 13.20 38.05 26.20
CA THR A 34 14.43 38.81 26.01
C THR A 34 15.42 37.90 25.28
N TYR A 35 16.14 38.46 24.32
CA TYR A 35 17.03 37.66 23.50
C TYR A 35 18.28 38.42 23.11
N HIS A 36 19.38 37.66 22.93
CA HIS A 36 20.63 38.18 22.41
C HIS A 36 20.45 38.41 20.91
N ASN A 37 21.14 39.41 20.37
N ASN A 37 21.13 39.42 20.38
CA ASN A 37 21.00 39.81 18.96
CA ASN A 37 21.07 39.82 18.97
C ASN A 37 21.26 38.69 17.94
C ASN A 37 21.23 38.67 17.97
N ASP A 38 22.10 37.72 18.29
CA ASP A 38 22.35 36.54 17.42
C ASP A 38 21.07 35.76 17.06
N TRP A 39 20.02 35.87 17.87
CA TRP A 39 18.73 35.21 17.60
C TRP A 39 17.73 36.09 16.83
N GLU A 40 18.10 37.34 16.55
CA GLU A 40 17.23 38.32 15.88
C GLU A 40 16.44 37.73 14.71
N PRO A 41 17.12 37.05 13.77
CA PRO A 41 16.45 36.54 12.55
C PRO A 41 15.32 35.51 12.73
N VAL A 42 15.19 34.87 13.89
CA VAL A 42 14.04 33.98 14.12
C VAL A 42 12.94 34.56 15.03
N MET A 43 13.14 35.73 15.59
CA MET A 43 12.24 36.22 16.65
C MET A 43 10.82 36.54 16.18
N SER A 44 10.65 37.14 15.01
CA SER A 44 9.28 37.43 14.54
C SER A 44 8.49 36.14 14.28
N GLN A 45 9.14 35.15 13.66
N GLN A 45 9.15 35.16 13.68
CA GLN A 45 8.53 33.84 13.44
CA GLN A 45 8.55 33.86 13.44
C GLN A 45 8.25 33.11 14.75
C GLN A 45 8.25 33.12 14.75
N LEU A 46 9.15 33.25 15.72
CA LEU A 46 8.94 32.66 17.06
C LEU A 46 7.69 33.21 17.74
N VAL A 47 7.54 34.54 17.72
CA VAL A 47 6.37 35.20 18.29
C VAL A 47 5.09 34.64 17.66
N GLU A 48 5.08 34.60 16.33
CA GLU A 48 3.92 34.11 15.58
C GLU A 48 3.56 32.65 15.92
N PHE A 49 4.55 31.76 15.93
CA PHE A 49 4.32 30.36 16.26
C PHE A 49 3.92 30.16 17.72
N TYR A 50 4.54 30.94 18.62
CA TYR A 50 4.24 30.80 20.05
C TYR A 50 2.81 31.26 20.34
N ASN A 51 2.43 32.42 19.81
CA ASN A 51 1.06 32.92 19.95
C ASN A 51 0.00 31.93 19.49
N GLU A 52 0.33 31.11 18.49
CA GLU A 52 -0.61 30.13 17.92
C GLU A 52 -0.95 28.99 18.86
N VAL A 53 -0.03 28.62 19.74
CA VAL A 53 -0.19 27.41 20.57
C VAL A 53 -0.20 27.65 22.10
N ALA A 54 0.24 28.82 22.56
CA ALA A 54 0.45 29.06 24.00
C ALA A 54 -0.80 28.83 24.85
N SER A 55 -1.96 29.21 24.32
CA SER A 55 -3.23 29.04 25.03
C SER A 55 -3.53 27.58 25.36
N TRP A 56 -3.17 26.67 24.47
CA TRP A 56 -3.35 25.23 24.70
C TRP A 56 -2.28 24.66 25.62
N LEU A 57 -1.04 25.08 25.40
CA LEU A 57 0.12 24.68 26.20
C LEU A 57 -0.06 25.05 27.67
N LEU A 58 -0.50 26.29 27.91
CA LEU A 58 -0.68 26.80 29.27
C LEU A 58 -1.93 26.28 30.02
N ARG A 59 -2.64 25.31 29.45
CA ARG A 59 -3.58 24.51 30.24
C ARG A 59 -2.86 23.64 31.28
N ASP A 60 -1.55 23.40 31.09
CA ASP A 60 -0.79 22.51 31.95
C ASP A 60 0.20 23.24 32.84
N GLU A 61 0.48 22.65 34.01
CA GLU A 61 1.65 23.02 34.78
C GLU A 61 2.85 22.49 34.04
N THR A 62 3.92 23.27 34.00
CA THR A 62 5.07 22.92 33.17
C THR A 62 6.40 22.83 33.89
N SER A 63 7.29 22.04 33.30
CA SER A 63 8.71 22.09 33.56
C SER A 63 9.39 22.56 32.29
N PRO A 64 10.11 23.69 32.34
CA PRO A 64 10.19 24.62 33.46
C PRO A 64 8.94 25.52 33.53
N ILE A 65 8.93 26.47 34.46
CA ILE A 65 7.85 27.46 34.49
C ILE A 65 7.96 28.37 33.25
N PRO A 66 6.83 28.92 32.79
CA PRO A 66 6.86 29.69 31.53
C PRO A 66 7.92 30.80 31.48
N ASP A 67 8.21 31.45 32.61
CA ASP A 67 9.19 32.52 32.67
C ASP A 67 10.61 32.03 32.43
N LYS A 68 10.81 30.71 32.40
CA LYS A 68 12.11 30.14 32.09
C LYS A 68 12.17 29.36 30.77
N PHE A 69 11.04 29.24 30.05
CA PHE A 69 11.05 28.60 28.73
C PHE A 69 12.22 29.06 27.85
N PHE A 70 12.40 30.37 27.76
CA PHE A 70 13.23 30.96 26.70
C PHE A 70 14.56 31.51 27.18
N ILE A 71 14.99 31.16 28.38
CA ILE A 71 16.18 31.77 28.94
C ILE A 71 17.45 31.53 28.12
N GLN A 72 17.54 30.39 27.43
CA GLN A 72 18.72 30.14 26.58
C GLN A 72 18.84 31.10 25.40
N LEU A 73 17.74 31.76 25.02
CA LEU A 73 17.83 32.80 23.97
C LEU A 73 18.65 34.00 24.39
N LYS A 74 19.00 34.07 25.68
CA LYS A 74 19.92 35.07 26.16
C LYS A 74 21.36 34.79 25.77
N GLN A 75 21.68 33.54 25.42
CA GLN A 75 23.06 33.19 25.08
C GLN A 75 23.42 33.66 23.68
N PRO A 76 24.67 34.11 23.49
CA PRO A 76 25.15 34.32 22.12
C PRO A 76 25.40 33.00 21.38
N LEU A 77 25.32 33.04 20.06
CA LEU A 77 25.56 31.90 19.18
C LEU A 77 26.90 31.99 18.42
N ARG A 78 27.40 33.20 18.20
CA ARG A 78 28.57 33.40 17.33
C ARG A 78 29.85 32.79 17.91
N ASN A 79 29.92 32.67 19.23
CA ASN A 79 31.07 32.02 19.87
C ASN A 79 30.82 30.54 20.20
N LYS A 80 29.77 29.94 19.63
CA LYS A 80 29.45 28.54 19.89
C LYS A 80 29.86 27.62 18.72
N ARG A 81 30.57 26.56 19.05
CA ARG A 81 30.92 25.58 18.03
C ARG A 81 30.31 24.20 18.25
N VAL A 82 29.73 23.95 19.42
CA VAL A 82 29.04 22.69 19.71
C VAL A 82 27.71 22.97 20.36
N CYS A 83 26.67 22.28 19.89
CA CYS A 83 25.38 22.26 20.56
C CYS A 83 25.17 20.85 21.11
N VAL A 84 24.90 20.75 22.41
CA VAL A 84 24.52 19.51 23.06
C VAL A 84 23.03 19.57 23.31
N CYS A 85 22.30 18.70 22.66
CA CYS A 85 20.86 18.84 22.57
C CYS A 85 20.14 17.65 23.16
N GLY A 86 19.29 17.91 24.15
CA GLY A 86 18.38 16.92 24.71
C GLY A 86 17.02 17.04 24.05
N ILE A 87 16.10 16.15 24.40
CA ILE A 87 14.77 16.16 23.79
C ILE A 87 13.88 17.25 24.42
N ASP A 88 13.87 17.31 25.74
CA ASP A 88 13.00 18.24 26.45
C ASP A 88 13.44 18.30 27.92
N PRO A 89 12.87 19.24 28.72
CA PRO A 89 13.34 19.43 30.09
C PRO A 89 13.06 18.26 31.04
N TYR A 90 13.73 18.25 32.19
CA TYR A 90 13.39 17.30 33.24
C TYR A 90 11.89 17.35 33.49
N PRO A 91 11.25 16.19 33.71
CA PRO A 91 9.81 16.17 33.98
C PRO A 91 9.41 16.97 35.22
N LYS A 92 10.36 17.15 36.13
CA LYS A 92 10.18 18.03 37.27
C LYS A 92 11.46 18.82 37.48
N ASP A 93 11.30 20.06 37.95
CA ASP A 93 12.43 20.93 38.34
C ASP A 93 13.33 21.39 37.21
N GLY A 94 12.83 21.39 35.98
CA GLY A 94 13.58 22.02 34.89
C GLY A 94 13.81 23.48 35.18
N THR A 95 14.97 24.00 34.82
CA THR A 95 15.31 25.39 35.14
C THR A 95 15.30 26.31 33.92
N GLY A 96 15.10 25.77 32.73
CA GLY A 96 15.26 26.52 31.49
C GLY A 96 16.63 26.33 30.86
N VAL A 97 17.62 25.95 31.69
CA VAL A 97 18.92 25.56 31.18
C VAL A 97 18.93 24.03 31.04
N PRO A 98 19.03 23.51 29.80
CA PRO A 98 19.04 22.06 29.58
C PRO A 98 20.07 21.33 30.46
N PHE A 99 19.61 20.25 31.08
CA PHE A 99 20.39 19.33 31.94
C PHE A 99 20.78 19.87 33.30
N GLU A 100 20.47 21.13 33.56
CA GLU A 100 20.95 21.79 34.77
C GLU A 100 20.18 21.31 36.00
N SER A 101 20.93 20.93 37.03
CA SER A 101 20.38 20.53 38.32
C SER A 101 21.22 21.20 39.40
N PRO A 102 20.72 22.33 39.94
CA PRO A 102 21.39 23.14 40.97
C PRO A 102 21.94 22.32 42.15
N ASN A 103 21.14 21.37 42.62
CA ASN A 103 21.58 20.47 43.71
C ASN A 103 22.30 19.20 43.21
N PHE A 104 22.47 19.07 41.90
CA PHE A 104 23.15 17.90 41.31
C PHE A 104 22.49 16.60 41.74
N THR A 105 21.18 16.52 41.55
CA THR A 105 20.41 15.35 41.92
C THR A 105 19.86 14.56 40.74
N LYS A 106 19.79 15.16 39.55
CA LYS A 106 19.14 14.51 38.43
C LYS A 106 20.09 13.50 37.77
N LYS A 107 19.54 12.35 37.41
CA LYS A 107 20.33 11.26 36.85
C LYS A 107 21.12 11.66 35.60
N SER A 108 20.47 12.35 34.66
CA SER A 108 21.10 12.67 33.37
C SER A 108 22.43 13.41 33.53
N ILE A 109 22.43 14.49 34.30
CA ILE A 109 23.62 15.32 34.49
C ILE A 109 24.67 14.60 35.34
N LYS A 110 24.24 13.76 36.28
CA LYS A 110 25.19 12.94 37.04
C LYS A 110 25.91 11.97 36.09
N GLU A 111 25.18 11.38 35.16
CA GLU A 111 25.80 10.49 34.16
C GLU A 111 26.71 11.26 33.22
N ILE A 112 26.30 12.44 32.79
CA ILE A 112 27.14 13.30 31.96
C ILE A 112 28.45 13.63 32.69
N ALA A 113 28.35 14.08 33.92
CA ALA A 113 29.53 14.37 34.75
C ALA A 113 30.48 13.17 34.84
N SER A 114 29.93 12.00 35.12
CA SER A 114 30.73 10.77 35.23
C SER A 114 31.47 10.46 33.94
N SER A 115 30.81 10.67 32.82
CA SER A 115 31.43 10.44 31.53
C SER A 115 32.57 11.44 31.28
N ILE A 116 32.35 12.70 31.65
CA ILE A 116 33.37 13.74 31.53
C ILE A 116 34.49 13.52 32.55
N SER A 117 34.17 13.00 33.73
CA SER A 117 35.19 12.63 34.73
C SER A 117 36.18 11.61 34.15
N ARG A 118 35.66 10.50 33.63
CA ARG A 118 36.52 9.47 33.00
C ARG A 118 37.37 10.04 31.85
N LEU A 119 36.77 10.87 31.01
CA LEU A 119 37.48 11.52 29.91
C LEU A 119 38.58 12.48 30.36
N THR A 120 38.32 13.27 31.40
CA THR A 120 39.24 14.35 31.80
C THR A 120 40.20 13.96 32.93
N GLY A 121 39.81 13.00 33.75
CA GLY A 121 40.58 12.65 34.94
C GLY A 121 40.20 13.43 36.19
N VAL A 122 39.20 14.29 36.09
CA VAL A 122 38.72 15.06 37.23
C VAL A 122 37.84 14.13 38.09
N ILE A 123 38.32 13.84 39.31
CA ILE A 123 37.68 12.89 40.22
C ILE A 123 36.85 13.57 41.31
N ASP A 124 37.32 14.71 41.80
CA ASP A 124 36.63 15.45 42.86
C ASP A 124 35.83 16.62 42.31
N TYR A 125 34.51 16.54 42.40
CA TYR A 125 33.65 17.62 41.96
C TYR A 125 32.32 17.47 42.67
N LYS A 126 31.62 18.59 42.86
CA LYS A 126 30.32 18.62 43.49
C LYS A 126 29.16 18.74 42.51
N GLY A 127 29.45 19.03 41.25
CA GLY A 127 28.40 19.18 40.26
C GLY A 127 28.95 19.42 38.86
N TYR A 128 28.05 19.60 37.91
CA TYR A 128 28.43 19.79 36.51
C TYR A 128 27.33 20.56 35.81
N ASN A 129 27.71 21.51 34.97
CA ASN A 129 26.76 22.33 34.23
C ASN A 129 27.30 22.51 32.82
N LEU A 130 26.53 22.08 31.83
CA LEU A 130 26.95 22.22 30.42
C LEU A 130 26.93 23.67 29.93
N ASN A 131 26.26 24.56 30.64
CA ASN A 131 26.08 25.95 30.21
C ASN A 131 27.24 26.90 30.55
N ILE A 132 28.26 26.40 31.26
CA ILE A 132 29.37 27.27 31.69
C ILE A 132 30.66 26.91 30.95
N ILE A 133 30.52 26.29 29.78
CA ILE A 133 31.64 25.77 29.02
C ILE A 133 31.78 26.61 27.77
N ASP A 134 32.99 27.15 27.57
CA ASP A 134 33.27 27.98 26.39
C ASP A 134 33.08 27.17 25.12
N GLY A 135 32.25 27.68 24.22
CA GLY A 135 32.05 27.05 22.92
C GLY A 135 30.83 26.14 22.84
N VAL A 136 30.20 25.85 23.98
CA VAL A 136 29.07 24.94 24.05
C VAL A 136 27.77 25.68 24.36
N ILE A 137 26.71 25.37 23.62
CA ILE A 137 25.35 25.74 24.03
C ILE A 137 24.51 24.47 24.25
N PRO A 138 24.07 24.21 25.50
CA PRO A 138 23.17 23.09 25.72
C PRO A 138 21.78 23.51 25.34
N TRP A 139 21.00 22.57 24.80
CA TRP A 139 19.72 22.89 24.18
C TRP A 139 18.71 21.77 24.44
N ASN A 140 17.44 22.13 24.55
CA ASN A 140 16.36 21.13 24.53
C ASN A 140 15.49 21.34 23.28
N TYR A 141 15.22 20.28 22.55
CA TYR A 141 14.51 20.40 21.28
C TYR A 141 13.11 20.98 21.53
N TYR A 142 12.38 20.39 22.47
CA TYR A 142 11.12 20.96 22.99
C TYR A 142 11.40 21.72 24.27
N LEU A 143 10.83 22.91 24.42
CA LEU A 143 11.22 23.85 25.47
C LEU A 143 10.41 23.73 26.76
N SER A 144 9.42 22.83 26.79
CA SER A 144 8.70 22.51 28.02
C SER A 144 8.17 21.10 27.93
N CYS A 145 7.71 20.58 29.07
CA CYS A 145 6.84 19.42 29.10
C CYS A 145 5.75 19.66 30.16
N LYS A 146 4.63 18.98 29.99
CA LYS A 146 3.63 18.90 31.04
C LYS A 146 4.32 18.28 32.25
N LEU A 147 4.13 18.88 33.42
CA LEU A 147 4.83 18.45 34.63
C LEU A 147 4.71 16.94 34.81
N GLY A 148 5.85 16.27 34.94
CA GLY A 148 5.88 14.82 35.14
C GLY A 148 5.69 13.95 33.91
N GLU A 149 5.63 14.53 32.71
CA GLU A 149 5.40 13.74 31.50
C GLU A 149 6.34 14.10 30.36
N THR A 150 7.30 13.21 30.11
CA THR A 150 8.31 13.41 29.07
C THR A 150 7.71 13.44 27.68
N LYS A 151 8.17 14.40 26.87
CA LYS A 151 7.75 14.61 25.47
C LYS A 151 6.28 14.99 25.28
N SER A 152 5.62 15.35 26.38
CA SER A 152 4.20 15.64 26.36
C SER A 152 3.86 16.91 25.56
N HIS A 153 4.82 17.80 25.36
CA HIS A 153 4.53 19.06 24.69
C HIS A 153 5.09 19.17 23.28
N ALA A 154 5.46 18.02 22.70
CA ALA A 154 5.98 17.96 21.34
C ALA A 154 4.95 18.53 20.36
N ILE A 155 3.68 18.27 20.63
CA ILE A 155 2.59 18.77 19.81
C ILE A 155 2.56 20.30 19.72
N TYR A 156 2.95 20.99 20.79
CA TYR A 156 2.90 22.45 20.79
C TYR A 156 4.18 23.08 20.24
N TRP A 157 5.32 22.48 20.54
CA TRP A 157 6.62 23.05 20.19
C TRP A 157 7.07 22.78 18.75
N ASP A 158 6.53 21.74 18.14
CA ASP A 158 6.89 21.24 16.80
C ASP A 158 7.57 22.28 15.89
N LYS A 159 6.84 23.33 15.52
CA LYS A 159 7.32 24.29 14.52
C LYS A 159 8.39 25.20 15.08
N ILE A 160 8.22 25.61 16.33
CA ILE A 160 9.22 26.40 17.02
C ILE A 160 10.52 25.62 17.15
N SER A 161 10.40 24.35 17.51
CA SER A 161 11.56 23.49 17.75
C SER A 161 12.45 23.41 16.51
N LYS A 162 11.81 23.19 15.36
CA LYS A 162 12.54 23.18 14.10
C LYS A 162 13.19 24.52 13.82
N LEU A 163 12.43 25.61 13.99
CA LEU A 163 12.93 26.96 13.73
C LEU A 163 14.18 27.27 14.54
N LEU A 164 14.12 27.03 15.84
CA LEU A 164 15.23 27.39 16.72
C LEU A 164 16.45 26.50 16.47
N LEU A 165 16.26 25.19 16.32
CA LEU A 165 17.44 24.31 16.16
C LEU A 165 18.13 24.55 14.83
N GLN A 166 17.35 24.78 13.78
CA GLN A 166 17.92 25.15 12.48
C GLN A 166 18.77 26.41 12.57
N HIS A 167 18.34 27.39 13.35
CA HIS A 167 19.11 28.59 13.53
C HIS A 167 20.44 28.31 14.25
N ILE A 168 20.38 27.47 15.27
CA ILE A 168 21.59 27.05 15.99
C ILE A 168 22.59 26.37 15.03
N THR A 169 22.08 25.51 14.15
CA THR A 169 22.96 24.74 13.27
C THR A 169 23.59 25.61 12.14
N LYS A 170 23.18 26.87 12.01
CA LYS A 170 23.92 27.83 11.17
C LYS A 170 25.15 28.42 11.86
N HIS A 171 25.31 28.15 13.15
CA HIS A 171 26.43 28.69 13.90
C HIS A 171 27.40 27.61 14.40
N VAL A 172 26.86 26.52 14.93
CA VAL A 172 27.72 25.49 15.49
C VAL A 172 28.32 24.60 14.42
N SER A 173 29.42 23.95 14.78
CA SER A 173 30.13 23.06 13.86
C SER A 173 29.65 21.62 14.05
N VAL A 174 29.32 21.27 15.30
CA VAL A 174 28.85 19.94 15.64
C VAL A 174 27.58 20.04 16.45
N LEU A 175 26.60 19.20 16.10
CA LEU A 175 25.36 19.06 16.85
C LEU A 175 25.34 17.64 17.42
N TYR A 176 25.32 17.56 18.75
CA TYR A 176 25.32 16.32 19.48
C TYR A 176 23.95 16.14 20.15
N CYS A 177 23.14 15.23 19.62
CA CYS A 177 21.80 14.97 20.12
C CYS A 177 21.80 13.73 20.98
N LEU A 178 21.10 13.80 22.11
CA LEU A 178 20.99 12.67 23.03
C LEU A 178 19.61 12.02 22.93
N GLY A 179 19.59 10.77 22.49
CA GLY A 179 18.34 10.01 22.37
C GLY A 179 18.22 9.39 20.99
N LYS A 180 18.63 8.14 20.87
CA LYS A 180 18.71 7.45 19.57
C LYS A 180 17.38 7.34 18.85
N THR A 181 16.30 7.15 19.62
CA THR A 181 14.97 7.03 19.06
C THR A 181 14.40 8.43 18.82
N ASP A 182 14.50 9.28 19.85
CA ASP A 182 14.00 10.64 19.76
C ASP A 182 14.57 11.43 18.58
N PHE A 183 15.85 11.27 18.30
CA PHE A 183 16.50 12.05 17.24
C PHE A 183 16.85 11.27 15.98
N SER A 184 16.22 10.11 15.77
CA SER A 184 16.63 9.20 14.69
C SER A 184 16.47 9.85 13.30
N ASN A 185 15.45 10.68 13.13
CA ASN A 185 15.21 11.35 11.84
C ASN A 185 15.71 12.79 11.76
N ILE A 186 16.47 13.24 12.77
CA ILE A 186 16.82 14.67 12.92
C ILE A 186 17.56 15.28 11.72
N ARG A 187 18.38 14.52 11.01
CA ARG A 187 19.12 15.10 9.88
C ARG A 187 18.20 15.41 8.70
N ALA A 188 17.07 14.71 8.60
CA ALA A 188 16.05 15.00 7.59
C ALA A 188 15.24 16.25 7.95
N LYS A 189 15.08 16.54 9.24
CA LYS A 189 14.33 17.73 9.68
C LYS A 189 15.15 19.00 9.51
N LEU A 190 16.43 18.90 9.83
CA LEU A 190 17.32 20.06 9.79
C LEU A 190 17.76 20.41 8.39
N GLU A 191 18.10 19.40 7.58
CA GLU A 191 18.54 19.64 6.22
C GLU A 191 19.75 20.59 6.24
N SER A 192 20.72 20.27 7.10
CA SER A 192 21.82 21.17 7.42
C SER A 192 23.18 20.55 7.04
N PRO A 193 24.17 21.40 6.70
CA PRO A 193 25.56 20.94 6.54
C PRO A 193 26.28 20.69 7.88
N VAL A 194 25.68 21.08 9.00
CA VAL A 194 26.29 20.83 10.30
C VAL A 194 26.54 19.34 10.50
N THR A 195 27.63 19.01 11.20
CA THR A 195 27.91 17.63 11.54
C THR A 195 27.03 17.25 12.71
N THR A 196 26.16 16.27 12.51
CA THR A 196 25.18 15.87 13.52
C THR A 196 25.50 14.47 13.97
N ILE A 197 25.71 14.31 15.28
CA ILE A 197 25.88 12.99 15.85
C ILE A 197 24.72 12.70 16.81
N VAL A 198 24.19 11.49 16.72
CA VAL A 198 23.08 11.08 17.56
C VAL A 198 23.59 9.96 18.45
N GLY A 199 23.62 10.22 19.76
CA GLY A 199 24.13 9.26 20.73
C GLY A 199 23.04 8.76 21.66
N TYR A 200 23.39 7.81 22.52
CA TYR A 200 22.47 7.32 23.55
C TYR A 200 22.11 8.41 24.55
N HIS A 201 20.92 8.33 25.12
CA HIS A 201 20.55 9.21 26.23
C HIS A 201 21.18 8.65 27.51
N PRO A 202 21.56 9.51 28.45
CA PRO A 202 22.12 9.08 29.75
C PRO A 202 21.41 7.90 30.47
N ALA A 203 20.10 7.77 30.31
CA ALA A 203 19.34 6.69 30.96
C ALA A 203 19.06 5.47 30.06
N ALA A 204 19.80 5.32 28.97
CA ALA A 204 19.64 4.16 28.08
C ALA A 204 19.91 2.86 28.85
N ARG A 205 19.01 1.87 28.70
CA ARG A 205 19.14 0.62 29.43
C ARG A 205 20.43 -0.11 29.04
N ASP A 206 20.82 -1.06 29.89
CA ASP A 206 22.11 -1.75 29.77
C ASP A 206 23.29 -0.77 29.78
N ARG A 207 23.05 0.43 30.33
CA ARG A 207 24.08 1.45 30.54
C ARG A 207 24.91 1.75 29.30
N GLN A 208 24.23 1.98 28.18
CA GLN A 208 24.90 2.19 26.90
C GLN A 208 25.56 3.55 26.82
N PHE A 209 24.99 4.54 27.51
CA PHE A 209 25.56 5.88 27.53
C PHE A 209 27.00 5.86 28.01
N GLU A 210 27.29 5.02 29.02
CA GLU A 210 28.62 4.97 29.62
C GLU A 210 29.70 4.53 28.61
N LYS A 211 29.31 3.70 27.66
CA LYS A 211 30.23 3.23 26.61
C LYS A 211 30.42 4.27 25.47
N ASP A 212 29.61 5.32 25.47
CA ASP A 212 29.52 6.23 24.33
C ASP A 212 30.73 7.17 24.31
N ARG A 213 31.37 7.32 23.14
CA ARG A 213 32.61 8.08 23.02
C ARG A 213 32.37 9.50 22.44
N SER A 214 31.10 9.90 22.37
CA SER A 214 30.71 11.13 21.69
C SER A 214 31.44 12.35 22.19
N PHE A 215 31.48 12.54 23.51
CA PHE A 215 32.12 13.73 24.09
C PHE A 215 33.57 13.84 23.66
N GLU A 216 34.27 12.71 23.67
CA GLU A 216 35.66 12.65 23.24
C GLU A 216 35.79 12.91 21.72
N ILE A 217 34.93 12.27 20.95
CA ILE A 217 35.01 12.38 19.49
C ILE A 217 34.60 13.75 18.99
N ILE A 218 33.81 14.50 19.76
CA ILE A 218 33.47 15.88 19.37
C ILE A 218 34.73 16.71 19.11
N ASN A 219 35.73 16.60 19.98
CA ASN A 219 36.98 17.36 19.77
C ASN A 219 37.80 16.91 18.57
N VAL A 220 37.74 15.61 18.22
CA VAL A 220 38.34 15.09 17.01
C VAL A 220 37.65 15.71 15.78
N LEU A 221 36.32 15.68 15.76
CA LEU A 221 35.53 16.30 14.67
C LEU A 221 35.82 17.80 14.56
N LEU A 222 35.85 18.50 15.69
CA LEU A 222 36.20 19.94 15.68
C LEU A 222 37.58 20.21 15.05
N GLU A 223 38.58 19.41 15.42
N GLU A 223 38.58 19.42 15.42
CA GLU A 223 39.93 19.55 14.89
CA GLU A 223 39.92 19.59 14.88
C GLU A 223 39.96 19.37 13.37
C GLU A 223 39.94 19.39 13.37
N LEU A 224 39.20 18.40 12.88
CA LEU A 224 39.08 18.18 11.45
C LEU A 224 38.36 19.35 10.76
N ASP A 225 37.53 20.06 11.50
CA ASP A 225 36.84 21.27 10.99
C ASP A 225 37.63 22.57 11.27
N ASN A 226 38.91 22.43 11.61
CA ASN A 226 39.79 23.55 11.92
C ASN A 226 39.27 24.45 13.04
N LYS A 227 38.61 23.87 14.04
CA LYS A 227 38.07 24.62 15.16
C LYS A 227 38.80 24.20 16.42
N ALA A 228 38.70 25.02 17.47
CA ALA A 228 39.37 24.70 18.72
C ALA A 228 38.58 23.65 19.51
N PRO A 229 39.27 22.87 20.35
CA PRO A 229 38.58 21.89 21.16
C PRO A 229 37.69 22.53 22.23
N ILE A 230 36.77 21.72 22.76
CA ILE A 230 36.03 22.07 23.95
C ILE A 230 36.85 21.59 25.16
N ASN A 231 36.97 22.43 26.18
CA ASN A 231 37.52 22.02 27.47
C ASN A 231 36.35 21.61 28.35
N TRP A 232 35.99 20.33 28.28
CA TRP A 232 34.82 19.80 28.99
C TRP A 232 34.92 19.94 30.52
N ALA A 233 36.15 20.03 31.04
CA ALA A 233 36.37 20.22 32.48
C ALA A 233 35.85 21.58 33.00
N GLN A 234 35.60 22.54 32.11
CA GLN A 234 35.01 23.80 32.54
C GLN A 234 33.62 23.63 33.13
N GLY A 235 32.95 22.52 32.80
CA GLY A 235 31.61 22.25 33.29
C GLY A 235 31.52 21.88 34.76
N PHE A 236 32.63 21.47 35.36
CA PHE A 236 32.62 21.03 36.76
C PHE A 236 32.36 22.17 37.74
N ILE A 237 31.56 21.88 38.76
CA ILE A 237 31.41 22.76 39.89
C ILE A 237 32.07 22.08 41.08
N TYR A 238 32.80 22.85 41.89
CA TYR A 238 33.61 22.29 42.97
C TYR A 238 33.12 22.69 44.36
N HIS B 20 -4.00 -40.56 17.36
CA HIS B 20 -4.75 -39.68 18.31
C HIS B 20 -3.84 -39.19 19.45
N MET B 21 -3.57 -37.90 19.47
CA MET B 21 -2.81 -37.26 20.56
C MET B 21 -3.60 -37.29 21.86
N ASN B 22 -2.88 -37.26 22.98
CA ASN B 22 -3.51 -37.18 24.29
C ASN B 22 -4.05 -35.79 24.60
N SER B 23 -4.80 -35.71 25.68
CA SER B 23 -5.36 -34.44 26.13
C SER B 23 -5.57 -34.47 27.63
N VAL B 24 -5.63 -33.28 28.23
CA VAL B 24 -5.99 -33.13 29.64
C VAL B 24 -7.19 -32.22 29.76
N THR B 25 -7.89 -32.33 30.87
CA THR B 25 -9.02 -31.48 31.16
C THR B 25 -8.60 -30.36 32.09
N VAL B 26 -9.15 -29.18 31.87
CA VAL B 26 -9.02 -28.07 32.80
C VAL B 26 -10.43 -27.62 33.19
N SER B 27 -10.54 -26.95 34.33
CA SER B 27 -11.84 -26.58 34.90
C SER B 27 -12.40 -25.27 34.37
N HIS B 28 -11.73 -24.68 33.39
CA HIS B 28 -12.14 -23.41 32.79
C HIS B 28 -11.92 -23.50 31.30
N ALA B 29 -12.64 -22.69 30.53
CA ALA B 29 -12.41 -22.59 29.07
C ALA B 29 -10.91 -22.46 28.82
N PRO B 30 -10.36 -23.24 27.88
CA PRO B 30 -11.01 -24.06 26.85
C PRO B 30 -11.49 -25.44 27.30
N TYR B 31 -11.31 -25.78 28.57
CA TYR B 31 -11.81 -27.03 29.20
C TYR B 31 -11.04 -28.31 28.81
N THR B 32 -10.52 -28.38 27.59
CA THR B 32 -9.67 -29.49 27.18
C THR B 32 -8.44 -28.93 26.48
N ILE B 33 -7.27 -29.51 26.76
CA ILE B 33 -6.03 -29.16 26.08
C ILE B 33 -5.40 -30.40 25.46
N THR B 34 -5.32 -30.40 24.15
CA THR B 34 -4.66 -31.45 23.40
C THR B 34 -3.18 -31.11 23.26
N TYR B 35 -2.33 -32.11 23.37
CA TYR B 35 -0.88 -31.89 23.30
C TYR B 35 -0.14 -33.06 22.70
N HIS B 36 0.97 -32.73 22.02
CA HIS B 36 1.91 -33.73 21.55
C HIS B 36 2.64 -34.32 22.76
N ASN B 37 3.05 -35.58 22.67
CA ASN B 37 3.68 -36.29 23.81
C ASN B 37 4.98 -35.67 24.32
N ASP B 38 5.73 -35.00 23.43
CA ASP B 38 6.89 -34.21 23.82
C ASP B 38 6.61 -33.17 24.91
N TRP B 39 5.34 -32.79 25.11
CA TRP B 39 4.97 -31.82 26.13
C TRP B 39 4.55 -32.44 27.47
N GLU B 40 4.48 -33.76 27.53
CA GLU B 40 3.89 -34.46 28.68
C GLU B 40 4.49 -34.06 30.04
N PRO B 41 5.82 -33.87 30.10
CA PRO B 41 6.42 -33.52 31.39
C PRO B 41 5.95 -32.20 32.02
N VAL B 42 5.30 -31.31 31.25
CA VAL B 42 4.82 -30.05 31.84
C VAL B 42 3.30 -30.00 32.07
N MET B 43 2.58 -31.01 31.60
CA MET B 43 1.11 -30.93 31.54
C MET B 43 0.41 -30.91 32.91
N SER B 44 0.94 -31.67 33.87
N SER B 44 0.95 -31.66 33.88
CA SER B 44 0.43 -31.65 35.24
CA SER B 44 0.41 -31.63 35.24
C SER B 44 0.55 -30.24 35.86
C SER B 44 0.54 -30.24 35.86
N GLN B 45 1.75 -29.68 35.83
CA GLN B 45 1.97 -28.32 36.31
C GLN B 45 1.16 -27.28 35.53
N LEU B 46 1.06 -27.45 34.21
CA LEU B 46 0.30 -26.53 33.37
C LEU B 46 -1.17 -26.46 33.82
N VAL B 47 -1.78 -27.64 33.97
CA VAL B 47 -3.17 -27.76 34.45
C VAL B 47 -3.35 -27.04 35.79
N GLU B 48 -2.48 -27.33 36.75
CA GLU B 48 -2.54 -26.68 38.07
C GLU B 48 -2.42 -25.17 37.95
N PHE B 49 -1.44 -24.70 37.19
CA PHE B 49 -1.19 -23.25 37.06
C PHE B 49 -2.34 -22.56 36.31
N TYR B 50 -2.86 -23.20 35.27
CA TYR B 50 -3.93 -22.58 34.47
C TYR B 50 -5.20 -22.42 35.30
N ASN B 51 -5.65 -23.52 35.92
CA ASN B 51 -6.82 -23.47 36.81
C ASN B 51 -6.73 -22.32 37.80
N GLU B 52 -5.52 -22.03 38.28
CA GLU B 52 -5.27 -20.97 39.25
C GLU B 52 -5.54 -19.55 38.72
N VAL B 53 -5.28 -19.31 37.43
CA VAL B 53 -5.37 -17.96 36.88
C VAL B 53 -6.42 -17.75 35.80
N ALA B 54 -7.08 -18.83 35.35
CA ALA B 54 -7.96 -18.75 34.19
C ALA B 54 -9.12 -17.75 34.36
N SER B 55 -9.61 -17.59 35.58
CA SER B 55 -10.72 -16.64 35.82
C SER B 55 -10.32 -15.21 35.44
N TRP B 56 -9.07 -14.85 35.72
CA TRP B 56 -8.53 -13.56 35.30
C TRP B 56 -8.45 -13.47 33.78
N LEU B 57 -8.01 -14.55 33.15
CA LEU B 57 -7.82 -14.58 31.70
C LEU B 57 -9.13 -14.50 30.92
N LEU B 58 -10.21 -14.98 31.51
CA LEU B 58 -11.49 -15.12 30.82
C LEU B 58 -12.47 -14.00 31.15
N ARG B 59 -12.08 -13.14 32.10
CA ARG B 59 -12.87 -11.96 32.43
C ARG B 59 -13.25 -11.09 31.22
N ASP B 60 -12.31 -10.92 30.29
CA ASP B 60 -12.54 -10.12 29.09
C ASP B 60 -12.35 -10.92 27.82
N GLU B 61 -12.77 -10.34 26.70
CA GLU B 61 -12.50 -10.90 25.39
C GLU B 61 -11.00 -10.92 25.17
N THR B 62 -10.51 -12.03 24.61
CA THR B 62 -9.09 -12.20 24.35
C THR B 62 -8.74 -12.39 22.88
N SER B 63 -7.48 -12.12 22.57
CA SER B 63 -6.82 -12.58 21.36
C SER B 63 -5.71 -13.55 21.81
N PRO B 64 -5.75 -14.82 21.35
CA PRO B 64 -6.82 -15.39 20.56
C PRO B 64 -7.96 -15.83 21.46
N ILE B 65 -9.00 -16.43 20.88
CA ILE B 65 -10.05 -17.04 21.72
C ILE B 65 -9.45 -18.17 22.57
N PRO B 66 -10.06 -18.46 23.72
CA PRO B 66 -9.53 -19.49 24.64
C PRO B 66 -9.33 -20.86 23.98
N ASP B 67 -10.20 -21.21 23.02
CA ASP B 67 -10.07 -22.46 22.30
C ASP B 67 -8.76 -22.55 21.49
N LYS B 68 -8.10 -21.40 21.29
CA LYS B 68 -6.83 -21.32 20.56
C LYS B 68 -5.58 -21.07 21.43
N PHE B 69 -5.76 -20.70 22.70
CA PHE B 69 -4.62 -20.43 23.59
C PHE B 69 -3.47 -21.41 23.37
N PHE B 70 -3.78 -22.70 23.35
CA PHE B 70 -2.78 -23.76 23.52
C PHE B 70 -2.48 -24.57 22.27
N ILE B 71 -2.92 -24.10 21.10
CA ILE B 71 -2.81 -24.92 19.88
C ILE B 71 -1.37 -25.34 19.55
N GLN B 72 -0.40 -24.50 19.90
CA GLN B 72 1.01 -24.84 19.68
C GLN B 72 1.52 -26.06 20.48
N LEU B 73 0.79 -26.46 21.52
CA LEU B 73 1.13 -27.69 22.25
C LEU B 73 0.94 -28.95 21.40
N LYS B 74 0.30 -28.81 20.23
CA LYS B 74 0.17 -29.91 19.28
C LYS B 74 1.47 -30.18 18.51
N GLN B 75 2.39 -29.22 18.49
CA GLN B 75 3.64 -29.36 17.73
C GLN B 75 4.66 -30.22 18.49
N PRO B 76 5.35 -31.13 17.78
CA PRO B 76 6.46 -31.85 18.40
C PRO B 76 7.62 -30.92 18.75
N LEU B 77 8.48 -31.37 19.68
CA LEU B 77 9.67 -30.63 20.10
C LEU B 77 11.00 -31.34 19.83
N ARG B 78 11.01 -32.67 19.70
CA ARG B 78 12.25 -33.41 19.48
C ARG B 78 13.01 -32.96 18.24
N ASN B 79 12.27 -32.60 17.20
CA ASN B 79 12.87 -32.15 15.95
C ASN B 79 13.11 -30.63 15.88
N LYS B 80 12.81 -29.89 16.95
CA LYS B 80 12.95 -28.45 16.93
C LYS B 80 14.34 -27.95 17.35
N ARG B 81 14.92 -27.10 16.51
CA ARG B 81 16.25 -26.54 16.70
C ARG B 81 16.20 -25.05 17.04
N VAL B 82 15.14 -24.36 16.60
CA VAL B 82 14.99 -22.93 16.80
C VAL B 82 13.59 -22.61 17.32
N CYS B 83 13.51 -21.73 18.30
CA CYS B 83 12.27 -21.17 18.74
C CYS B 83 12.29 -19.68 18.40
N VAL B 84 11.33 -19.26 17.58
CA VAL B 84 11.16 -17.84 17.25
C VAL B 84 10.04 -17.33 18.13
N CYS B 85 10.34 -16.36 18.98
CA CYS B 85 9.47 -15.99 20.09
C CYS B 85 9.03 -14.54 20.07
N GLY B 86 7.72 -14.33 19.94
CA GLY B 86 7.10 -13.03 20.16
C GLY B 86 6.62 -12.90 21.59
N ILE B 87 6.18 -11.69 21.97
CA ILE B 87 5.82 -11.41 23.36
C ILE B 87 4.42 -11.91 23.68
N ASP B 88 3.48 -11.66 22.77
CA ASP B 88 2.10 -12.11 22.93
C ASP B 88 1.35 -12.00 21.60
N PRO B 89 0.09 -12.48 21.54
CA PRO B 89 -0.58 -12.52 20.24
C PRO B 89 -0.93 -11.17 19.65
N TYR B 90 -1.35 -11.16 18.39
CA TYR B 90 -1.89 -9.95 17.79
C TYR B 90 -2.98 -9.41 18.71
N PRO B 91 -3.02 -8.08 18.91
CA PRO B 91 -4.09 -7.46 19.71
C PRO B 91 -5.48 -7.92 19.31
N LYS B 92 -5.71 -8.07 18.01
CA LYS B 92 -6.90 -8.74 17.50
C LYS B 92 -6.54 -9.73 16.41
N ASP B 93 -7.43 -10.71 16.23
CA ASP B 93 -7.34 -11.73 15.18
C ASP B 93 -6.19 -12.73 15.36
N GLY B 94 -5.72 -12.91 16.59
CA GLY B 94 -4.79 -14.00 16.89
C GLY B 94 -5.42 -15.36 16.60
N THR B 95 -4.64 -16.27 16.04
CA THR B 95 -5.11 -17.59 15.68
C THR B 95 -4.64 -18.69 16.65
N GLY B 96 -3.76 -18.33 17.58
CA GLY B 96 -3.11 -19.33 18.44
C GLY B 96 -1.77 -19.78 17.87
N VAL B 97 -1.55 -19.52 16.59
CA VAL B 97 -0.22 -19.73 15.99
C VAL B 97 0.49 -18.39 15.92
N PRO B 98 1.59 -18.23 16.67
CA PRO B 98 2.28 -16.94 16.68
C PRO B 98 2.58 -16.39 15.28
N PHE B 99 2.29 -15.10 15.11
CA PHE B 99 2.49 -14.33 13.87
C PHE B 99 1.59 -14.69 12.68
N GLU B 100 0.80 -15.75 12.82
CA GLU B 100 -0.01 -16.25 11.72
C GLU B 100 -1.15 -15.30 11.37
N SER B 101 -1.30 -15.05 10.07
CA SER B 101 -2.36 -14.20 9.52
C SER B 101 -2.80 -14.86 8.22
N PRO B 102 -3.91 -15.62 8.25
CA PRO B 102 -4.34 -16.39 7.08
C PRO B 102 -4.42 -15.60 5.77
N ASN B 103 -4.91 -14.37 5.85
N ASN B 103 -4.89 -14.36 5.85
CA ASN B 103 -5.03 -13.49 4.67
CA ASN B 103 -5.03 -13.48 4.68
C ASN B 103 -3.81 -12.58 4.43
C ASN B 103 -3.82 -12.58 4.44
N PHE B 104 -2.77 -12.76 5.24
CA PHE B 104 -1.51 -12.03 5.07
C PHE B 104 -1.70 -10.50 5.15
N THR B 105 -2.43 -10.06 6.16
CA THR B 105 -2.78 -8.66 6.32
C THR B 105 -2.01 -7.98 7.46
N LYS B 106 -1.57 -8.76 8.44
CA LYS B 106 -0.85 -8.21 9.58
C LYS B 106 0.56 -7.76 9.21
N LYS B 107 0.94 -6.60 9.72
CA LYS B 107 2.22 -5.97 9.41
C LYS B 107 3.42 -6.84 9.80
N SER B 108 3.36 -7.45 10.98
CA SER B 108 4.47 -8.23 11.50
C SER B 108 4.88 -9.36 10.57
N ILE B 109 3.90 -10.19 10.16
CA ILE B 109 4.22 -11.32 9.28
C ILE B 109 4.66 -10.85 7.89
N LYS B 110 4.16 -9.71 7.44
CA LYS B 110 4.60 -9.15 6.16
C LYS B 110 6.06 -8.71 6.22
N GLU B 111 6.45 -8.08 7.33
CA GLU B 111 7.85 -7.67 7.52
C GLU B 111 8.79 -8.89 7.68
N ILE B 112 8.32 -9.92 8.38
CA ILE B 112 9.05 -11.17 8.51
C ILE B 112 9.23 -11.79 7.12
N ALA B 113 8.15 -11.84 6.34
CA ALA B 113 8.21 -12.33 4.98
C ALA B 113 9.25 -11.59 4.15
N SER B 114 9.22 -10.26 4.21
CA SER B 114 10.17 -9.41 3.48
C SER B 114 11.61 -9.71 3.88
N SER B 115 11.84 -9.90 5.17
CA SER B 115 13.17 -10.21 5.65
C SER B 115 13.69 -11.55 5.11
N ILE B 116 12.82 -12.56 5.12
CA ILE B 116 13.16 -13.87 4.57
C ILE B 116 13.29 -13.80 3.05
N SER B 117 12.53 -12.90 2.43
CA SER B 117 12.66 -12.67 0.99
C SER B 117 14.08 -12.20 0.68
N ARG B 118 14.57 -11.23 1.45
CA ARG B 118 15.92 -10.72 1.26
C ARG B 118 16.98 -11.79 1.52
N LEU B 119 16.73 -12.63 2.52
CA LEU B 119 17.66 -13.70 2.87
C LEU B 119 17.74 -14.81 1.81
N THR B 120 16.59 -15.21 1.28
CA THR B 120 16.47 -16.36 0.40
C THR B 120 16.45 -16.00 -1.09
N GLY B 121 16.07 -14.78 -1.41
CA GLY B 121 15.95 -14.34 -2.80
C GLY B 121 14.61 -14.65 -3.43
N VAL B 122 13.72 -15.31 -2.69
CA VAL B 122 12.35 -15.57 -3.13
C VAL B 122 11.54 -14.26 -3.11
N ILE B 123 11.09 -13.81 -4.28
CA ILE B 123 10.39 -12.52 -4.39
C ILE B 123 8.91 -12.59 -4.76
N ASP B 124 8.43 -13.73 -5.28
CA ASP B 124 7.00 -13.90 -5.56
C ASP B 124 6.39 -14.91 -4.59
N TYR B 125 5.55 -14.41 -3.68
CA TYR B 125 4.84 -15.26 -2.73
C TYR B 125 3.56 -14.54 -2.35
N LYS B 126 2.58 -15.31 -1.86
CA LYS B 126 1.30 -14.75 -1.38
C LYS B 126 1.29 -14.53 0.12
N GLY B 127 2.18 -15.21 0.83
CA GLY B 127 2.15 -15.12 2.28
C GLY B 127 3.32 -15.83 2.94
N TYR B 128 3.23 -15.97 4.25
CA TYR B 128 4.32 -16.59 5.01
C TYR B 128 3.78 -17.09 6.34
N ASN B 129 4.26 -18.25 6.76
CA ASN B 129 3.89 -18.82 8.05
C ASN B 129 5.10 -19.50 8.68
N LEU B 130 5.47 -19.03 9.87
CA LEU B 130 6.61 -19.61 10.59
C LEU B 130 6.35 -21.02 11.08
N ASN B 131 5.08 -21.42 11.16
CA ASN B 131 4.69 -22.72 11.70
C ASN B 131 4.85 -23.90 10.74
N ILE B 132 5.20 -23.64 9.47
CA ILE B 132 5.32 -24.73 8.49
C ILE B 132 6.79 -24.95 8.08
N ILE B 133 7.72 -24.60 8.96
CA ILE B 133 9.14 -24.70 8.67
C ILE B 133 9.73 -25.79 9.54
N ASP B 134 10.32 -26.80 8.91
CA ASP B 134 10.93 -27.90 9.64
C ASP B 134 12.00 -27.36 10.59
N GLY B 135 11.95 -27.78 11.85
CA GLY B 135 12.94 -27.36 12.82
C GLY B 135 12.63 -26.09 13.59
N VAL B 136 11.57 -25.37 13.21
CA VAL B 136 11.20 -24.11 13.86
C VAL B 136 9.87 -24.22 14.60
N ILE B 137 9.86 -23.82 15.87
CA ILE B 137 8.61 -23.64 16.60
C ILE B 137 8.41 -22.15 16.93
N PRO B 138 7.43 -21.49 16.26
CA PRO B 138 7.12 -20.14 16.66
C PRO B 138 6.33 -20.13 17.96
N TRP B 139 6.56 -19.12 18.80
CA TRP B 139 6.04 -19.10 20.16
C TRP B 139 5.68 -17.69 20.60
N ASN B 140 4.68 -17.59 21.46
CA ASN B 140 4.37 -16.34 22.14
C ASN B 140 4.59 -16.53 23.64
N TYR B 141 5.40 -15.66 24.23
CA TYR B 141 5.78 -15.82 25.63
C TYR B 141 4.52 -15.86 26.51
N TYR B 142 3.61 -14.91 26.31
CA TYR B 142 2.28 -14.91 26.92
C TYR B 142 1.27 -15.38 25.89
N LEU B 143 0.32 -16.23 26.27
CA LEU B 143 -0.50 -16.95 25.30
C LEU B 143 -1.81 -16.25 24.94
N SER B 144 -2.07 -15.12 25.57
CA SER B 144 -3.25 -14.32 25.27
C SER B 144 -3.01 -12.90 25.69
N CYS B 145 -3.83 -12.00 25.16
CA CYS B 145 -3.93 -10.65 25.70
C CYS B 145 -5.39 -10.22 25.70
N LYS B 146 -5.72 -9.26 26.57
CA LYS B 146 -7.02 -8.61 26.51
C LYS B 146 -7.13 -7.99 25.12
N LEU B 147 -8.26 -8.18 24.46
CA LEU B 147 -8.45 -7.67 23.11
C LEU B 147 -7.92 -6.25 22.99
N GLY B 148 -6.98 -6.03 22.08
CA GLY B 148 -6.49 -4.70 21.77
C GLY B 148 -5.33 -4.15 22.59
N GLU B 149 -4.92 -4.85 23.66
CA GLU B 149 -3.91 -4.33 24.58
C GLU B 149 -2.74 -5.30 24.75
N THR B 150 -1.64 -5.03 24.07
CA THR B 150 -0.44 -5.87 24.19
C THR B 150 0.02 -5.95 25.64
N LYS B 151 0.42 -7.16 26.03
CA LYS B 151 0.99 -7.44 27.36
C LYS B 151 0.00 -7.34 28.53
N SER B 152 -1.28 -7.20 28.23
CA SER B 152 -2.30 -7.00 29.25
C SER B 152 -2.49 -8.21 30.18
N HIS B 153 -2.05 -9.39 29.75
CA HIS B 153 -2.21 -10.59 30.57
C HIS B 153 -0.90 -11.14 31.12
N ALA B 154 0.13 -10.31 31.12
CA ALA B 154 1.48 -10.71 31.50
C ALA B 154 1.51 -11.32 32.90
N ILE B 155 0.88 -10.63 33.85
CA ILE B 155 0.87 -11.06 35.24
C ILE B 155 0.18 -12.42 35.41
N TYR B 156 -0.83 -12.71 34.60
CA TYR B 156 -1.57 -13.97 34.74
C TYR B 156 -0.84 -15.13 34.10
N TRP B 157 -0.10 -14.89 33.00
CA TRP B 157 0.60 -15.97 32.31
C TRP B 157 1.97 -16.29 32.91
N ASP B 158 2.55 -15.34 33.62
CA ASP B 158 3.89 -15.40 34.19
C ASP B 158 4.42 -16.82 34.50
N LYS B 159 3.77 -17.53 35.42
CA LYS B 159 4.29 -18.83 35.87
C LYS B 159 4.27 -19.86 34.75
N ILE B 160 3.15 -19.91 34.03
CA ILE B 160 3.01 -20.78 32.87
C ILE B 160 4.03 -20.45 31.79
N SER B 161 4.20 -19.16 31.52
CA SER B 161 5.12 -18.69 30.47
C SER B 161 6.54 -19.18 30.70
N LYS B 162 6.99 -19.12 31.95
N LYS B 162 6.99 -19.11 31.95
CA LYS B 162 8.32 -19.59 32.33
CA LYS B 162 8.31 -19.61 32.33
C LYS B 162 8.41 -21.12 32.20
C LYS B 162 8.40 -21.12 32.18
N LEU B 163 7.40 -21.82 32.70
CA LEU B 163 7.32 -23.28 32.61
C LEU B 163 7.41 -23.77 31.18
N LEU B 164 6.61 -23.17 30.31
CA LEU B 164 6.58 -23.57 28.92
C LEU B 164 7.86 -23.20 28.18
N LEU B 165 8.35 -21.97 28.34
CA LEU B 165 9.58 -21.58 27.64
C LEU B 165 10.78 -22.39 28.13
N GLN B 166 10.86 -22.63 29.44
CA GLN B 166 11.93 -23.49 29.95
C GLN B 166 11.91 -24.87 29.33
N HIS B 167 10.71 -25.41 29.08
CA HIS B 167 10.60 -26.73 28.45
C HIS B 167 11.06 -26.70 26.98
N ILE B 168 10.60 -25.70 26.24
CA ILE B 168 11.03 -25.51 24.84
C ILE B 168 12.57 -25.38 24.72
N THR B 169 13.18 -24.69 25.67
CA THR B 169 14.63 -24.46 25.60
C THR B 169 15.47 -25.64 26.04
N LYS B 170 14.84 -26.69 26.58
CA LYS B 170 15.49 -28.00 26.73
C LYS B 170 15.70 -28.67 25.39
N HIS B 171 14.86 -28.33 24.40
CA HIS B 171 14.90 -28.97 23.09
C HIS B 171 15.60 -28.15 21.99
N VAL B 172 15.32 -26.86 21.93
CA VAL B 172 15.90 -26.02 20.88
C VAL B 172 17.33 -25.61 21.21
N SER B 173 18.07 -25.23 20.18
N SER B 173 18.09 -25.24 20.17
CA SER B 173 19.45 -24.77 20.33
CA SER B 173 19.46 -24.75 20.32
C SER B 173 19.54 -23.25 20.29
C SER B 173 19.50 -23.23 20.35
N VAL B 174 18.60 -22.61 19.60
CA VAL B 174 18.57 -21.16 19.50
C VAL B 174 17.20 -20.65 19.90
N LEU B 175 17.19 -19.60 20.70
CA LEU B 175 16.00 -18.85 21.04
C LEU B 175 16.16 -17.46 20.45
N TYR B 176 15.31 -17.14 19.49
CA TYR B 176 15.31 -15.86 18.80
C TYR B 176 14.06 -15.10 19.23
N CYS B 177 14.26 -14.10 20.09
CA CYS B 177 13.19 -13.27 20.63
C CYS B 177 13.10 -11.94 19.89
N LEU B 178 11.87 -11.54 19.60
CA LEU B 178 11.59 -10.31 18.88
C LEU B 178 11.00 -9.26 19.82
N GLY B 179 11.75 -8.19 20.04
CA GLY B 179 11.32 -7.09 20.94
C GLY B 179 12.40 -6.76 21.94
N LYS B 180 13.22 -5.74 21.64
CA LYS B 180 14.38 -5.42 22.44
C LYS B 180 14.03 -5.09 23.88
N THR B 181 12.93 -4.37 24.07
CA THR B 181 12.52 -3.95 25.39
C THR B 181 11.81 -5.10 26.10
N ASP B 182 10.81 -5.66 25.45
CA ASP B 182 10.02 -6.74 26.07
C ASP B 182 10.87 -7.93 26.52
N PHE B 183 11.89 -8.28 25.76
CA PHE B 183 12.73 -9.41 26.07
C PHE B 183 14.10 -9.03 26.62
N SER B 184 14.25 -7.80 27.09
CA SER B 184 15.55 -7.30 27.58
C SER B 184 16.20 -8.23 28.60
N ASN B 185 15.39 -8.79 29.50
N ASN B 185 15.41 -8.77 29.53
CA ASN B 185 15.89 -9.64 30.58
CA ASN B 185 15.93 -9.65 30.58
C ASN B 185 15.41 -11.09 30.48
C ASN B 185 15.43 -11.10 30.47
N ILE B 186 15.16 -11.56 29.25
CA ILE B 186 14.60 -12.90 29.04
C ILE B 186 15.50 -14.04 29.54
N ARG B 187 16.82 -13.84 29.47
CA ARG B 187 17.78 -14.87 29.84
C ARG B 187 17.72 -15.19 31.34
N ALA B 188 17.16 -14.29 32.13
CA ALA B 188 16.93 -14.56 33.56
C ALA B 188 15.81 -15.59 33.79
N LYS B 189 14.93 -15.77 32.81
CA LYS B 189 13.85 -16.75 32.92
C LYS B 189 14.31 -18.15 32.51
N LEU B 190 15.53 -18.26 32.00
CA LEU B 190 16.01 -19.48 31.40
C LEU B 190 16.79 -20.28 32.42
N GLU B 191 16.72 -21.61 32.27
CA GLU B 191 17.36 -22.53 33.18
C GLU B 191 18.35 -23.44 32.42
N SER B 192 17.96 -23.89 31.23
CA SER B 192 18.81 -24.79 30.45
C SER B 192 19.70 -24.00 29.50
N PRO B 193 20.87 -24.55 29.16
CA PRO B 193 21.70 -23.93 28.13
C PRO B 193 20.96 -23.78 26.81
N VAL B 194 20.99 -22.58 26.25
CA VAL B 194 20.45 -22.28 24.93
C VAL B 194 21.12 -20.97 24.50
N THR B 195 21.32 -20.80 23.20
CA THR B 195 21.87 -19.55 22.69
C THR B 195 20.68 -18.67 22.39
N THR B 196 20.68 -17.47 22.97
CA THR B 196 19.57 -16.55 22.87
C THR B 196 20.03 -15.30 22.15
N ILE B 197 19.26 -14.88 21.14
CA ILE B 197 19.47 -13.59 20.52
C ILE B 197 18.17 -12.78 20.63
N VAL B 198 18.31 -11.53 21.04
CA VAL B 198 17.17 -10.64 21.16
C VAL B 198 17.26 -9.56 20.09
N GLY B 199 16.31 -9.57 19.16
CA GLY B 199 16.33 -8.63 18.05
C GLY B 199 15.12 -7.71 18.09
N TYR B 200 15.03 -6.85 17.09
CA TYR B 200 13.91 -5.89 16.99
C TYR B 200 12.62 -6.61 16.64
N HIS B 201 11.51 -6.03 17.08
CA HIS B 201 10.18 -6.49 16.68
C HIS B 201 9.96 -6.10 15.21
N PRO B 202 9.17 -6.89 14.46
CA PRO B 202 8.96 -6.58 13.04
C PRO B 202 8.45 -5.17 12.74
N ALA B 203 7.69 -4.57 13.65
CA ALA B 203 7.14 -3.23 13.45
C ALA B 203 8.11 -2.11 13.83
N ALA B 204 9.37 -2.44 14.11
CA ALA B 204 10.34 -1.47 14.63
C ALA B 204 10.51 -0.30 13.67
N ARG B 205 10.52 0.90 14.21
CA ARG B 205 10.66 2.11 13.42
C ARG B 205 12.12 2.30 13.02
N ASP B 206 12.35 3.23 12.08
CA ASP B 206 13.69 3.58 11.60
C ASP B 206 14.37 2.42 10.86
N ARG B 207 13.55 1.56 10.25
CA ARG B 207 14.01 0.37 9.51
C ARG B 207 14.98 -0.53 10.30
N GLN B 208 14.78 -0.61 11.62
CA GLN B 208 15.65 -1.44 12.46
C GLN B 208 15.42 -2.93 12.22
N PHE B 209 14.18 -3.35 12.04
CA PHE B 209 13.93 -4.76 11.72
C PHE B 209 14.47 -5.13 10.33
N GLU B 210 14.23 -4.27 9.34
CA GLU B 210 14.69 -4.53 7.98
C GLU B 210 16.19 -4.80 7.93
N LYS B 211 16.95 -4.01 8.68
CA LYS B 211 18.41 -4.13 8.74
C LYS B 211 18.88 -5.25 9.67
N ASP B 212 17.97 -5.81 10.46
CA ASP B 212 18.29 -6.79 11.50
C ASP B 212 18.74 -8.10 10.85
N ARG B 213 19.95 -8.55 11.18
CA ARG B 213 20.50 -9.79 10.62
C ARG B 213 20.24 -11.05 11.46
N SER B 214 19.24 -11.01 12.35
CA SER B 214 18.98 -12.15 13.24
C SER B 214 18.60 -13.43 12.48
N PHE B 215 17.63 -13.36 11.58
CA PHE B 215 17.24 -14.55 10.81
C PHE B 215 18.45 -15.11 10.07
N GLU B 216 19.25 -14.21 9.50
CA GLU B 216 20.44 -14.57 8.76
C GLU B 216 21.43 -15.38 9.60
N ILE B 217 21.66 -14.96 10.84
CA ILE B 217 22.70 -15.59 11.66
C ILE B 217 22.30 -16.97 12.24
N ILE B 218 21.01 -17.28 12.30
CA ILE B 218 20.56 -18.48 13.01
C ILE B 218 21.24 -19.77 12.51
N ASN B 219 21.32 -19.98 11.21
CA ASN B 219 21.93 -21.23 10.70
C ASN B 219 23.40 -21.39 11.10
N VAL B 220 24.13 -20.28 11.25
CA VAL B 220 25.53 -20.37 11.69
C VAL B 220 25.59 -20.71 13.17
N LEU B 221 24.66 -20.20 13.98
CA LEU B 221 24.59 -20.58 15.40
C LEU B 221 24.26 -22.07 15.56
N LEU B 222 23.38 -22.57 14.68
CA LEU B 222 23.07 -23.99 14.64
C LEU B 222 24.29 -24.82 14.26
N GLU B 223 25.05 -24.36 13.26
CA GLU B 223 26.30 -25.03 12.87
C GLU B 223 27.31 -25.16 14.02
N LEU B 224 27.44 -24.10 14.83
CA LEU B 224 28.28 -24.11 16.04
C LEU B 224 27.85 -25.15 17.07
N ASP B 225 26.57 -25.50 17.02
CA ASP B 225 25.99 -26.48 17.94
C ASP B 225 25.78 -27.84 17.26
N ASN B 226 26.40 -28.06 16.11
CA ASN B 226 26.28 -29.33 15.39
C ASN B 226 24.84 -29.72 15.03
N LYS B 227 24.02 -28.74 14.68
CA LYS B 227 22.61 -28.98 14.35
C LYS B 227 22.30 -28.67 12.89
N ALA B 228 21.22 -29.24 12.36
CA ALA B 228 20.80 -29.04 10.97
C ALA B 228 20.28 -27.63 10.71
N PRO B 229 20.63 -27.05 9.55
CA PRO B 229 20.12 -25.71 9.30
C PRO B 229 18.60 -25.68 9.07
N ILE B 230 18.06 -24.47 9.09
CA ILE B 230 16.66 -24.23 8.77
C ILE B 230 16.57 -23.82 7.30
N ASN B 231 15.57 -24.35 6.59
CA ASN B 231 15.23 -23.87 5.23
C ASN B 231 14.10 -22.84 5.37
N TRP B 232 14.47 -21.57 5.48
CA TRP B 232 13.51 -20.51 5.78
C TRP B 232 12.49 -20.30 4.65
N ALA B 233 12.84 -20.70 3.43
CA ALA B 233 11.92 -20.63 2.28
C ALA B 233 10.72 -21.57 2.42
N GLN B 234 10.79 -22.55 3.31
CA GLN B 234 9.64 -23.43 3.57
C GLN B 234 8.45 -22.69 4.12
N GLY B 235 8.67 -21.51 4.71
CA GLY B 235 7.59 -20.72 5.28
C GLY B 235 6.71 -20.01 4.26
N PHE B 236 7.15 -19.93 3.02
CA PHE B 236 6.43 -19.19 2.00
C PHE B 236 5.13 -19.88 1.60
N ILE B 237 4.07 -19.09 1.43
CA ILE B 237 2.83 -19.60 0.86
C ILE B 237 2.71 -19.01 -0.55
N TYR B 238 2.54 -19.89 -1.54
CA TYR B 238 2.55 -19.51 -2.95
C TYR B 238 1.17 -19.54 -3.57
N MET C 21 -18.42 -33.98 -28.45
CA MET C 21 -18.52 -32.66 -29.14
C MET C 21 -18.01 -32.73 -30.57
N ASN C 22 -18.42 -31.76 -31.39
CA ASN C 22 -17.94 -31.65 -32.76
C ASN C 22 -16.53 -31.07 -32.81
N SER C 23 -15.94 -31.07 -34.01
CA SER C 23 -14.65 -30.42 -34.23
C SER C 23 -14.45 -30.12 -35.71
N VAL C 24 -13.82 -28.99 -36.01
CA VAL C 24 -13.53 -28.60 -37.39
C VAL C 24 -12.05 -28.30 -37.56
N THR C 25 -11.57 -28.42 -38.80
CA THR C 25 -10.16 -28.23 -39.12
C THR C 25 -9.90 -26.85 -39.68
N VAL C 26 -8.83 -26.23 -39.21
CA VAL C 26 -8.35 -24.98 -39.78
C VAL C 26 -6.97 -25.23 -40.37
N SER C 27 -6.52 -24.28 -41.18
CA SER C 27 -5.32 -24.47 -41.99
C SER C 27 -4.05 -24.05 -41.26
N HIS C 28 -4.23 -23.52 -40.05
CA HIS C 28 -3.12 -23.00 -39.25
C HIS C 28 -3.31 -23.43 -37.79
N ALA C 29 -2.23 -23.33 -37.01
CA ALA C 29 -2.31 -23.64 -35.57
C ALA C 29 -3.46 -22.86 -34.95
N PRO C 30 -4.30 -23.53 -34.13
CA PRO C 30 -4.14 -24.86 -33.52
C PRO C 30 -4.57 -26.05 -34.37
N TYR C 31 -4.90 -25.80 -35.65
CA TYR C 31 -5.24 -26.86 -36.63
C TYR C 31 -6.58 -27.56 -36.44
N THR C 32 -7.04 -27.68 -35.19
CA THR C 32 -8.37 -28.21 -34.88
C THR C 32 -9.09 -27.32 -33.86
N ILE C 33 -10.41 -27.19 -34.02
CA ILE C 33 -11.23 -26.38 -33.11
C ILE C 33 -12.43 -27.20 -32.64
N THR C 34 -12.33 -27.74 -31.43
CA THR C 34 -13.42 -28.47 -30.79
C THR C 34 -14.45 -27.45 -30.29
N TYR C 35 -15.73 -27.81 -30.37
CA TYR C 35 -16.78 -26.86 -30.01
C TYR C 35 -18.08 -27.55 -29.63
N HIS C 36 -18.82 -26.89 -28.74
CA HIS C 36 -20.15 -27.32 -28.35
C HIS C 36 -21.11 -26.96 -29.48
N ASN C 37 -22.17 -27.75 -29.65
CA ASN C 37 -23.12 -27.59 -30.77
C ASN C 37 -23.88 -26.26 -30.82
N ASP C 38 -23.99 -25.59 -29.68
CA ASP C 38 -24.63 -24.27 -29.61
C ASP C 38 -23.90 -23.25 -30.50
N TRP C 39 -22.63 -23.51 -30.81
CA TRP C 39 -21.83 -22.63 -31.66
C TRP C 39 -21.87 -23.02 -33.14
N GLU C 40 -22.45 -24.19 -33.45
CA GLU C 40 -22.52 -24.72 -34.83
C GLU C 40 -22.81 -23.67 -35.91
N PRO C 41 -23.82 -22.80 -35.71
CA PRO C 41 -24.20 -21.85 -36.76
C PRO C 41 -23.14 -20.85 -37.22
N VAL C 42 -22.04 -20.70 -36.48
CA VAL C 42 -20.97 -19.76 -36.87
C VAL C 42 -19.65 -20.43 -37.25
N MET C 43 -19.56 -21.75 -37.12
CA MET C 43 -18.27 -22.44 -37.31
C MET C 43 -17.75 -22.37 -38.74
N SER C 44 -18.65 -22.41 -39.72
CA SER C 44 -18.24 -22.29 -41.13
C SER C 44 -17.50 -20.99 -41.39
N GLN C 45 -18.10 -19.88 -40.99
CA GLN C 45 -17.51 -18.55 -41.19
C GLN C 45 -16.24 -18.39 -40.34
N LEU C 46 -16.29 -18.85 -39.10
CA LEU C 46 -15.12 -18.81 -38.24
C LEU C 46 -13.92 -19.50 -38.88
N VAL C 47 -14.12 -20.73 -39.36
CA VAL C 47 -13.07 -21.46 -40.08
C VAL C 47 -12.54 -20.60 -41.23
N GLU C 48 -13.47 -20.02 -42.00
CA GLU C 48 -13.11 -19.16 -43.12
C GLU C 48 -12.35 -17.92 -42.65
N PHE C 49 -12.90 -17.23 -41.66
CA PHE C 49 -12.29 -15.99 -41.17
C PHE C 49 -10.93 -16.25 -40.53
N TYR C 50 -10.80 -17.34 -39.77
CA TYR C 50 -9.53 -17.63 -39.09
C TYR C 50 -8.40 -17.94 -40.08
N ASN C 51 -8.69 -18.74 -41.10
CA ASN C 51 -7.71 -19.06 -42.14
C ASN C 51 -7.17 -17.82 -42.85
N GLU C 52 -8.01 -16.81 -43.01
CA GLU C 52 -7.61 -15.53 -43.63
C GLU C 52 -6.55 -14.73 -42.85
N VAL C 53 -6.61 -14.79 -41.52
CA VAL C 53 -5.75 -13.94 -40.67
C VAL C 53 -4.75 -14.69 -39.78
N ALA C 54 -4.84 -16.02 -39.74
CA ALA C 54 -4.02 -16.81 -38.80
C ALA C 54 -2.51 -16.54 -38.91
N SER C 55 -2.01 -16.32 -40.13
CA SER C 55 -0.58 -15.98 -40.31
C SER C 55 -0.19 -14.72 -39.51
N TRP C 56 -1.08 -13.73 -39.49
CA TRP C 56 -0.87 -12.50 -38.73
C TRP C 56 -0.79 -12.75 -37.22
N LEU C 57 -1.66 -13.61 -36.70
CA LEU C 57 -1.74 -13.88 -35.26
C LEU C 57 -0.58 -14.72 -34.75
N LEU C 58 -0.13 -15.68 -35.56
CA LEU C 58 0.86 -16.67 -35.16
C LEU C 58 2.31 -16.24 -35.40
N ARG C 59 2.54 -15.10 -36.05
CA ARG C 59 3.90 -14.62 -36.23
C ARG C 59 4.52 -14.13 -34.92
N ASP C 60 3.65 -13.73 -33.98
CA ASP C 60 4.09 -13.29 -32.65
C ASP C 60 3.88 -14.36 -31.61
N GLU C 61 4.65 -14.28 -30.52
CA GLU C 61 4.32 -15.03 -29.32
C GLU C 61 3.09 -14.39 -28.69
N THR C 62 2.12 -15.24 -28.34
CA THR C 62 0.77 -14.79 -28.02
C THR C 62 0.33 -15.17 -26.61
N SER C 63 -0.62 -14.38 -26.10
CA SER C 63 -1.40 -14.75 -24.91
C SER C 63 -2.87 -14.85 -25.33
N PRO C 64 -3.50 -16.02 -25.13
CA PRO C 64 -2.93 -17.28 -24.65
C PRO C 64 -2.22 -17.95 -25.81
N ILE C 65 -1.73 -19.17 -25.61
CA ILE C 65 -1.11 -19.91 -26.74
C ILE C 65 -2.21 -20.35 -27.73
N PRO C 66 -1.86 -20.54 -29.01
CA PRO C 66 -2.85 -20.89 -30.05
C PRO C 66 -3.81 -22.02 -29.68
N ASP C 67 -3.29 -23.07 -29.04
CA ASP C 67 -4.12 -24.18 -28.60
C ASP C 67 -5.18 -23.79 -27.56
N LYS C 68 -5.05 -22.61 -26.96
CA LYS C 68 -6.04 -22.11 -25.99
C LYS C 68 -6.96 -21.02 -26.54
N PHE C 69 -6.66 -20.49 -27.73
CA PHE C 69 -7.47 -19.39 -28.29
C PHE C 69 -8.96 -19.61 -28.12
N PHE C 70 -9.42 -20.81 -28.47
CA PHE C 70 -10.85 -21.06 -28.64
C PHE C 70 -11.49 -21.95 -27.59
N ILE C 71 -10.84 -22.14 -26.45
CA ILE C 71 -11.36 -23.12 -25.47
C ILE C 71 -12.79 -22.78 -24.98
N GLN C 72 -13.16 -21.50 -24.99
CA GLN C 72 -14.52 -21.09 -24.59
C GLN C 72 -15.60 -21.57 -25.55
N LEU C 73 -15.26 -21.90 -26.79
CA LEU C 73 -16.23 -22.49 -27.71
C LEU C 73 -16.70 -23.87 -27.25
N LYS C 74 -16.01 -24.47 -26.27
CA LYS C 74 -16.48 -25.71 -25.64
C LYS C 74 -17.65 -25.50 -24.67
N GLN C 75 -17.95 -24.24 -24.31
CA GLN C 75 -19.03 -23.98 -23.36
C GLN C 75 -20.37 -23.90 -24.07
N PRO C 76 -21.43 -24.45 -23.44
CA PRO C 76 -22.77 -24.30 -24.00
C PRO C 76 -23.29 -22.87 -23.82
N LEU C 77 -24.23 -22.48 -24.66
CA LEU C 77 -24.83 -21.14 -24.62
C LEU C 77 -26.31 -21.15 -24.22
N ARG C 78 -27.02 -22.23 -24.49
CA ARG C 78 -28.46 -22.26 -24.24
C ARG C 78 -28.81 -22.14 -22.74
N ASN C 79 -27.87 -22.50 -21.87
CA ASN C 79 -28.07 -22.32 -20.43
C ASN C 79 -27.47 -21.02 -19.88
N LYS C 80 -27.02 -20.13 -20.76
CA LYS C 80 -26.36 -18.89 -20.34
C LYS C 80 -27.31 -17.71 -20.44
N ARG C 81 -27.42 -16.95 -19.36
CA ARG C 81 -28.23 -15.74 -19.39
C ARG C 81 -27.42 -14.44 -19.21
N VAL C 82 -26.16 -14.54 -18.79
CA VAL C 82 -25.28 -13.39 -18.73
C VAL C 82 -23.96 -13.68 -19.44
N CYS C 83 -23.44 -12.67 -20.14
CA CYS C 83 -22.10 -12.73 -20.68
C CYS C 83 -21.30 -11.57 -20.11
N VAL C 84 -20.19 -11.88 -19.46
CA VAL C 84 -19.29 -10.87 -18.93
C VAL C 84 -18.12 -10.79 -19.90
N CYS C 85 -17.99 -9.64 -20.56
CA CYS C 85 -17.11 -9.50 -21.71
C CYS C 85 -15.97 -8.49 -21.48
N GLY C 86 -14.73 -8.97 -21.53
CA GLY C 86 -13.56 -8.11 -21.51
C GLY C 86 -13.09 -7.80 -22.91
N ILE C 87 -11.99 -7.06 -23.04
CA ILE C 87 -11.52 -6.61 -24.34
C ILE C 87 -10.58 -7.64 -25.00
N ASP C 88 -9.58 -8.12 -24.26
CA ASP C 88 -8.67 -9.15 -24.76
C ASP C 88 -7.92 -9.82 -23.59
N PRO C 89 -7.13 -10.88 -23.86
CA PRO C 89 -6.51 -11.63 -22.76
C PRO C 89 -5.49 -10.82 -21.94
N TYR C 90 -5.10 -11.34 -20.78
CA TYR C 90 -4.01 -10.72 -20.01
C TYR C 90 -2.80 -10.63 -20.93
N PRO C 91 -2.06 -9.51 -20.85
CA PRO C 91 -0.85 -9.36 -21.69
C PRO C 91 0.11 -10.54 -21.55
N LYS C 92 0.09 -11.20 -20.38
CA LYS C 92 0.87 -12.42 -20.18
C LYS C 92 0.04 -13.43 -19.39
N ASP C 93 0.35 -14.70 -19.59
CA ASP C 93 -0.23 -15.80 -18.82
C ASP C 93 -1.73 -16.02 -19.05
N GLY C 94 -2.23 -15.66 -20.24
CA GLY C 94 -3.62 -15.94 -20.58
C GLY C 94 -3.85 -17.44 -20.70
N THR C 95 -5.02 -17.89 -20.27
CA THR C 95 -5.36 -19.32 -20.31
C THR C 95 -6.39 -19.68 -21.39
N GLY C 96 -6.99 -18.67 -22.04
CA GLY C 96 -8.11 -18.91 -22.95
C GLY C 96 -9.46 -18.73 -22.28
N VAL C 97 -9.48 -18.79 -20.94
CA VAL C 97 -10.66 -18.39 -20.17
C VAL C 97 -10.50 -16.93 -19.76
N PRO C 98 -11.39 -16.04 -20.22
CA PRO C 98 -11.27 -14.63 -19.83
C PRO C 98 -11.19 -14.43 -18.32
N PHE C 99 -10.22 -13.62 -17.91
CA PHE C 99 -9.98 -13.22 -16.52
C PHE C 99 -9.39 -14.31 -15.62
N GLU C 100 -9.31 -15.54 -16.12
CA GLU C 100 -8.81 -16.66 -15.34
C GLU C 100 -7.33 -16.47 -15.01
N SER C 101 -7.02 -16.51 -13.71
CA SER C 101 -5.65 -16.54 -13.24
C SER C 101 -5.54 -17.72 -12.29
N PRO C 102 -4.90 -18.83 -12.73
CA PRO C 102 -4.92 -20.03 -11.90
C PRO C 102 -4.36 -19.81 -10.50
N ASN C 103 -3.35 -18.96 -10.37
CA ASN C 103 -2.79 -18.65 -9.06
C ASN C 103 -3.27 -17.31 -8.45
N PHE C 104 -4.29 -16.70 -9.05
CA PHE C 104 -4.92 -15.49 -8.49
C PHE C 104 -3.92 -14.34 -8.27
N THR C 105 -3.20 -14.00 -9.33
CA THR C 105 -2.16 -12.99 -9.25
C THR C 105 -2.43 -11.75 -10.11
N LYS C 106 -3.36 -11.85 -11.06
CA LYS C 106 -3.64 -10.74 -11.97
C LYS C 106 -4.58 -9.70 -11.35
N LYS C 107 -4.30 -8.44 -11.62
CA LYS C 107 -5.05 -7.33 -11.07
C LYS C 107 -6.56 -7.39 -11.35
N SER C 108 -6.92 -7.69 -12.60
CA SER C 108 -8.33 -7.64 -13.01
C SER C 108 -9.22 -8.58 -12.21
N ILE C 109 -8.82 -9.84 -12.06
CA ILE C 109 -9.64 -10.83 -11.36
C ILE C 109 -9.64 -10.60 -9.84
N LYS C 110 -8.57 -9.99 -9.34
CA LYS C 110 -8.48 -9.62 -7.93
C LYS C 110 -9.49 -8.53 -7.61
N GLU C 111 -9.58 -7.53 -8.48
CA GLU C 111 -10.55 -6.45 -8.32
C GLU C 111 -11.99 -6.95 -8.48
N ILE C 112 -12.19 -7.89 -9.40
CA ILE C 112 -13.50 -8.52 -9.58
C ILE C 112 -13.89 -9.30 -8.33
N ALA C 113 -12.98 -10.13 -7.83
CA ALA C 113 -13.21 -10.86 -6.59
C ALA C 113 -13.57 -9.92 -5.44
N SER C 114 -12.82 -8.83 -5.29
CA SER C 114 -13.06 -7.84 -4.23
C SER C 114 -14.46 -7.22 -4.32
N SER C 115 -14.88 -6.92 -5.54
CA SER C 115 -16.21 -6.39 -5.81
C SER C 115 -17.30 -7.38 -5.43
N ILE C 116 -17.10 -8.64 -5.82
CA ILE C 116 -18.05 -9.71 -5.51
C ILE C 116 -18.03 -10.01 -4.01
N SER C 117 -16.86 -9.89 -3.39
CA SER C 117 -16.70 -10.01 -1.94
C SER C 117 -17.59 -9.00 -1.21
N ARG C 118 -17.42 -7.73 -1.56
CA ARG C 118 -18.22 -6.64 -0.97
C ARG C 118 -19.72 -6.79 -1.24
N LEU C 119 -20.07 -7.40 -2.36
CA LEU C 119 -21.47 -7.64 -2.72
C LEU C 119 -22.07 -8.81 -1.94
N THR C 120 -21.34 -9.90 -1.85
CA THR C 120 -21.85 -11.13 -1.24
C THR C 120 -21.55 -11.22 0.25
N GLY C 121 -20.51 -10.53 0.69
CA GLY C 121 -20.05 -10.61 2.08
C GLY C 121 -19.10 -11.76 2.31
N VAL C 122 -18.68 -12.41 1.23
CA VAL C 122 -17.70 -13.51 1.33
C VAL C 122 -16.33 -12.90 1.56
N ILE C 123 -15.77 -13.16 2.74
CA ILE C 123 -14.56 -12.49 3.20
C ILE C 123 -13.31 -13.31 2.93
N ASP C 124 -13.39 -14.62 3.18
CA ASP C 124 -12.23 -15.49 3.08
C ASP C 124 -12.34 -16.38 1.85
N TYR C 125 -11.36 -16.23 0.96
CA TYR C 125 -11.29 -17.02 -0.26
C TYR C 125 -9.86 -16.94 -0.76
N LYS C 126 -9.46 -17.85 -1.64
CA LYS C 126 -8.13 -17.84 -2.23
C LYS C 126 -8.15 -17.55 -3.73
N GLY C 127 -9.33 -17.48 -4.33
CA GLY C 127 -9.41 -17.24 -5.77
C GLY C 127 -10.80 -16.95 -6.26
N TYR C 128 -10.89 -16.58 -7.54
CA TYR C 128 -12.16 -16.33 -8.18
C TYR C 128 -12.06 -16.62 -9.67
N ASN C 129 -13.14 -17.13 -10.23
CA ASN C 129 -13.17 -17.49 -11.64
C ASN C 129 -14.59 -17.34 -12.15
N LEU C 130 -14.75 -16.57 -13.22
CA LEU C 130 -16.07 -16.28 -13.79
C LEU C 130 -16.66 -17.44 -14.57
N ASN C 131 -15.84 -18.46 -14.84
CA ASN C 131 -16.21 -19.57 -15.70
C ASN C 131 -16.87 -20.73 -14.97
N ILE C 132 -16.95 -20.66 -13.65
CA ILE C 132 -17.58 -21.73 -12.87
C ILE C 132 -18.91 -21.28 -12.26
N ILE C 133 -19.49 -20.22 -12.82
CA ILE C 133 -20.73 -19.65 -12.34
C ILE C 133 -21.87 -20.04 -13.28
N ASP C 134 -22.89 -20.70 -12.75
CA ASP C 134 -24.05 -21.09 -13.55
C ASP C 134 -24.72 -19.87 -14.17
N GLY C 135 -25.00 -19.96 -15.46
CA GLY C 135 -25.67 -18.90 -16.19
C GLY C 135 -24.77 -17.82 -16.76
N VAL C 136 -23.48 -17.88 -16.44
CA VAL C 136 -22.52 -16.88 -16.89
C VAL C 136 -21.54 -17.51 -17.88
N ILE C 137 -21.24 -16.77 -18.94
CA ILE C 137 -20.14 -17.10 -19.84
C ILE C 137 -19.21 -15.88 -19.90
N PRO C 138 -17.95 -16.06 -19.44
CA PRO C 138 -16.99 -14.98 -19.60
C PRO C 138 -16.47 -14.97 -21.02
N TRP C 139 -16.24 -13.77 -21.56
CA TRP C 139 -15.86 -13.60 -22.96
C TRP C 139 -14.80 -12.52 -23.12
N ASN C 140 -13.91 -12.73 -24.09
CA ASN C 140 -13.00 -11.68 -24.54
C ASN C 140 -13.32 -11.33 -25.98
N TYR C 141 -13.53 -10.06 -26.26
CA TYR C 141 -13.94 -9.64 -27.59
C TYR C 141 -12.88 -10.07 -28.61
N TYR C 142 -11.62 -9.75 -28.33
CA TYR C 142 -10.48 -10.22 -29.12
C TYR C 142 -9.92 -11.44 -28.40
N LEU C 143 -9.53 -12.47 -29.15
CA LEU C 143 -9.22 -13.77 -28.57
C LEU C 143 -7.72 -14.00 -28.34
N SER C 144 -6.91 -12.99 -28.65
CA SER C 144 -5.48 -13.07 -28.41
C SER C 144 -4.86 -11.69 -28.43
N CYS C 145 -3.69 -11.59 -27.82
CA CYS C 145 -2.86 -10.41 -27.94
C CYS C 145 -1.40 -10.83 -28.07
N LYS C 146 -0.60 -9.96 -28.68
CA LYS C 146 0.85 -10.15 -28.74
C LYS C 146 1.37 -10.07 -27.30
N LEU C 147 2.29 -10.96 -26.96
CA LEU C 147 2.78 -11.05 -25.58
C LEU C 147 3.25 -9.69 -25.05
N GLY C 148 2.53 -9.17 -24.04
CA GLY C 148 2.89 -7.91 -23.39
C GLY C 148 2.30 -6.65 -24.02
N GLU C 149 1.30 -6.80 -24.88
CA GLU C 149 0.71 -5.65 -25.58
C GLU C 149 -0.79 -5.81 -25.79
N THR C 150 -1.58 -5.22 -24.88
CA THR C 150 -3.04 -5.19 -24.98
C THR C 150 -3.50 -4.64 -26.33
N LYS C 151 -4.55 -5.25 -26.87
CA LYS C 151 -5.22 -4.81 -28.11
C LYS C 151 -4.33 -4.81 -29.37
N SER C 152 -3.22 -5.52 -29.29
CA SER C 152 -2.26 -5.63 -30.38
C SER C 152 -2.74 -6.50 -31.54
N HIS C 153 -3.75 -7.34 -31.30
CA HIS C 153 -4.31 -8.15 -32.38
C HIS C 153 -5.74 -7.73 -32.74
N ALA C 154 -6.14 -6.52 -32.37
CA ALA C 154 -7.53 -6.07 -32.55
C ALA C 154 -7.96 -6.12 -34.01
N ILE C 155 -7.14 -5.57 -34.89
CA ILE C 155 -7.46 -5.50 -36.31
C ILE C 155 -7.55 -6.90 -36.95
N TYR C 156 -6.84 -7.87 -36.41
CA TYR C 156 -6.83 -9.20 -37.01
C TYR C 156 -8.07 -10.02 -36.59
N TRP C 157 -8.49 -9.88 -35.33
CA TRP C 157 -9.68 -10.58 -34.82
C TRP C 157 -11.02 -9.97 -35.24
N ASP C 158 -11.01 -8.69 -35.58
CA ASP C 158 -12.22 -7.90 -35.88
C ASP C 158 -13.47 -8.68 -36.30
N LYS C 159 -13.41 -9.36 -37.44
CA LYS C 159 -14.60 -10.00 -38.04
C LYS C 159 -15.07 -11.19 -37.21
N ILE C 160 -14.11 -11.98 -36.74
CA ILE C 160 -14.42 -13.09 -35.86
C ILE C 160 -15.04 -12.56 -34.57
N SER C 161 -14.45 -11.50 -34.02
CA SER C 161 -14.93 -10.90 -32.78
C SER C 161 -16.39 -10.51 -32.85
N LYS C 162 -16.79 -9.86 -33.94
CA LYS C 162 -18.18 -9.50 -34.15
C LYS C 162 -19.06 -10.75 -34.38
N LEU C 163 -18.58 -11.66 -35.25
CA LEU C 163 -19.30 -12.91 -35.51
C LEU C 163 -19.66 -13.63 -34.23
N LEU C 164 -18.68 -13.78 -33.35
CA LEU C 164 -18.85 -14.58 -32.15
C LEU C 164 -19.69 -13.90 -31.08
N LEU C 165 -19.52 -12.60 -30.90
CA LEU C 165 -20.30 -11.86 -29.90
C LEU C 165 -21.76 -11.74 -30.30
N GLN C 166 -22.03 -11.52 -31.59
CA GLN C 166 -23.41 -11.43 -32.05
C GLN C 166 -24.15 -12.74 -31.79
N HIS C 167 -23.48 -13.87 -32.03
CA HIS C 167 -24.06 -15.18 -31.75
C HIS C 167 -24.37 -15.36 -30.27
N ILE C 168 -23.45 -14.93 -29.41
CA ILE C 168 -23.66 -15.00 -27.96
C ILE C 168 -24.90 -14.23 -27.54
N THR C 169 -25.03 -13.00 -28.03
CA THR C 169 -26.15 -12.12 -27.64
C THR C 169 -27.52 -12.61 -28.12
N LYS C 170 -27.54 -13.65 -28.96
CA LYS C 170 -28.79 -14.31 -29.32
C LYS C 170 -29.25 -15.26 -28.20
N HIS C 171 -28.35 -15.57 -27.27
CA HIS C 171 -28.65 -16.52 -26.20
C HIS C 171 -28.75 -15.89 -24.81
N VAL C 172 -27.90 -14.90 -24.51
CA VAL C 172 -27.92 -14.27 -23.19
C VAL C 172 -28.90 -13.09 -23.15
N SER C 173 -29.39 -12.80 -21.95
CA SER C 173 -30.33 -11.70 -21.76
C SER C 173 -29.63 -10.40 -21.37
N VAL C 174 -28.47 -10.51 -20.70
CA VAL C 174 -27.65 -9.34 -20.36
C VAL C 174 -26.22 -9.50 -20.85
N LEU C 175 -25.68 -8.43 -21.43
CA LEU C 175 -24.27 -8.38 -21.84
C LEU C 175 -23.60 -7.29 -21.02
N TYR C 176 -22.63 -7.69 -20.22
CA TYR C 176 -21.88 -6.75 -19.38
C TYR C 176 -20.47 -6.60 -19.93
N CYS C 177 -20.22 -5.46 -20.58
CA CYS C 177 -18.93 -5.16 -21.16
C CYS C 177 -18.08 -4.34 -20.22
N LEU C 178 -16.81 -4.71 -20.13
CA LEU C 178 -15.86 -4.02 -19.26
C LEU C 178 -14.89 -3.21 -20.11
N GLY C 179 -15.00 -1.89 -20.02
CA GLY C 179 -14.18 -0.97 -20.82
C GLY C 179 -15.06 0.11 -21.43
N LYS C 180 -15.08 1.28 -20.80
CA LYS C 180 -16.03 2.35 -21.16
C LYS C 180 -15.86 2.84 -22.61
N THR C 181 -14.63 3.12 -23.00
CA THR C 181 -14.35 3.62 -24.34
C THR C 181 -14.41 2.48 -25.37
N ASP C 182 -13.77 1.37 -25.04
CA ASP C 182 -13.69 0.20 -25.93
C ASP C 182 -15.05 -0.29 -26.40
N PHE C 183 -16.05 -0.22 -25.53
CA PHE C 183 -17.37 -0.73 -25.84
C PHE C 183 -18.44 0.35 -25.92
N SER C 184 -18.02 1.60 -26.07
CA SER C 184 -18.94 2.74 -26.12
C SER C 184 -20.03 2.58 -27.19
N ASN C 185 -19.62 2.11 -28.37
CA ASN C 185 -20.50 2.02 -29.54
C ASN C 185 -20.97 0.58 -29.82
N ILE C 186 -20.89 -0.29 -28.82
CA ILE C 186 -21.13 -1.72 -29.01
C ILE C 186 -22.59 -2.07 -29.35
N ARG C 187 -23.54 -1.25 -28.87
CA ARG C 187 -24.96 -1.50 -29.15
C ARG C 187 -25.34 -1.28 -30.61
N ALA C 188 -24.72 -0.28 -31.24
CA ALA C 188 -24.94 -0.03 -32.67
C ALA C 188 -24.45 -1.22 -33.49
N LYS C 189 -23.31 -1.78 -33.08
CA LYS C 189 -22.68 -2.87 -33.80
C LYS C 189 -23.47 -4.19 -33.70
N LEU C 190 -23.94 -4.50 -32.50
CA LEU C 190 -24.64 -5.76 -32.22
C LEU C 190 -26.04 -5.79 -32.82
N GLU C 191 -26.75 -4.66 -32.75
CA GLU C 191 -28.14 -4.56 -33.21
C GLU C 191 -28.99 -5.69 -32.63
N SER C 192 -28.97 -5.82 -31.30
CA SER C 192 -29.61 -6.95 -30.62
C SER C 192 -30.57 -6.47 -29.55
N PRO C 193 -31.55 -7.32 -29.20
CA PRO C 193 -32.46 -7.02 -28.10
C PRO C 193 -31.89 -7.32 -26.71
N VAL C 194 -30.65 -7.80 -26.65
CA VAL C 194 -29.96 -8.02 -25.39
C VAL C 194 -29.75 -6.71 -24.63
N THR C 195 -29.95 -6.74 -23.32
CA THR C 195 -29.65 -5.58 -22.48
C THR C 195 -28.13 -5.45 -22.35
N THR C 196 -27.58 -4.35 -22.86
CA THR C 196 -26.14 -4.15 -22.86
C THR C 196 -25.73 -3.12 -21.82
N ILE C 197 -24.93 -3.58 -20.85
CA ILE C 197 -24.29 -2.71 -19.87
C ILE C 197 -22.84 -2.53 -20.29
N VAL C 198 -22.38 -1.28 -20.26
CA VAL C 198 -20.97 -0.98 -20.48
C VAL C 198 -20.47 -0.28 -19.22
N GLY C 199 -19.54 -0.93 -18.51
CA GLY C 199 -19.01 -0.41 -17.25
C GLY C 199 -17.52 -0.09 -17.35
N TYR C 200 -16.94 0.34 -16.24
CA TYR C 200 -15.49 0.55 -16.19
C TYR C 200 -14.78 -0.80 -16.16
N HIS C 201 -13.55 -0.82 -16.67
CA HIS C 201 -12.73 -2.01 -16.64
C HIS C 201 -12.05 -2.08 -15.26
N PRO C 202 -11.89 -3.29 -14.68
CA PRO C 202 -11.27 -3.42 -13.36
C PRO C 202 -9.76 -3.14 -13.31
N ALA C 203 -9.15 -2.89 -14.46
CA ALA C 203 -7.71 -2.68 -14.56
C ALA C 203 -7.36 -1.22 -14.76
N ALA C 204 -8.36 -0.39 -15.03
CA ALA C 204 -8.15 1.04 -15.27
C ALA C 204 -7.53 1.72 -14.04
N ARG C 205 -6.82 2.83 -14.28
CA ARG C 205 -6.12 3.53 -13.20
C ARG C 205 -7.09 4.31 -12.31
N ASP C 206 -7.97 5.10 -12.92
CA ASP C 206 -9.05 5.74 -12.16
C ASP C 206 -9.86 4.62 -11.50
N ARG C 207 -10.06 4.73 -10.20
CA ARG C 207 -10.59 3.60 -9.42
C ARG C 207 -12.11 3.51 -9.51
N GLN C 208 -12.65 3.63 -10.71
CA GLN C 208 -14.09 3.76 -10.90
C GLN C 208 -14.81 2.42 -10.88
N PHE C 209 -14.10 1.34 -11.20
CA PHE C 209 -14.69 0.00 -11.19
C PHE C 209 -15.20 -0.35 -9.79
N GLU C 210 -14.47 0.11 -8.77
CA GLU C 210 -14.84 -0.12 -7.37
C GLU C 210 -16.21 0.48 -7.02
N LYS C 211 -16.63 1.50 -7.77
CA LYS C 211 -17.88 2.19 -7.52
C LYS C 211 -19.04 1.62 -8.34
N ASP C 212 -18.73 0.88 -9.41
CA ASP C 212 -19.78 0.29 -10.24
C ASP C 212 -20.55 -0.79 -9.47
N ARG C 213 -21.87 -0.75 -9.58
CA ARG C 213 -22.72 -1.75 -8.95
C ARG C 213 -23.28 -2.71 -10.01
N SER C 214 -22.60 -2.79 -11.16
CA SER C 214 -23.10 -3.55 -12.30
C SER C 214 -23.44 -4.98 -11.93
N PHE C 215 -22.58 -5.66 -11.17
CA PHE C 215 -22.87 -7.06 -10.77
C PHE C 215 -24.19 -7.18 -10.03
N GLU C 216 -24.45 -6.24 -9.13
CA GLU C 216 -25.68 -6.23 -8.36
C GLU C 216 -26.86 -5.87 -9.25
N ILE C 217 -26.66 -4.92 -10.16
CA ILE C 217 -27.73 -4.48 -11.06
C ILE C 217 -28.13 -5.57 -12.05
N ILE C 218 -27.18 -6.40 -12.46
CA ILE C 218 -27.48 -7.50 -13.39
C ILE C 218 -28.62 -8.36 -12.83
N ASN C 219 -28.54 -8.72 -11.56
CA ASN C 219 -29.61 -9.49 -10.91
C ASN C 219 -30.94 -8.74 -10.81
N VAL C 220 -30.89 -7.41 -10.65
CA VAL C 220 -32.11 -6.60 -10.68
C VAL C 220 -32.74 -6.68 -12.07
N LEU C 221 -31.92 -6.53 -13.11
CA LEU C 221 -32.41 -6.64 -14.48
C LEU C 221 -32.94 -8.02 -14.83
N LEU C 222 -32.23 -9.06 -14.41
CA LEU C 222 -32.69 -10.44 -14.65
C LEU C 222 -34.03 -10.69 -13.97
N GLU C 223 -34.16 -10.24 -12.72
CA GLU C 223 -35.42 -10.36 -11.97
C GLU C 223 -36.56 -9.65 -12.70
N LEU C 224 -36.29 -8.45 -13.20
CA LEU C 224 -37.30 -7.69 -13.95
C LEU C 224 -37.63 -8.35 -15.29
N ASP C 225 -36.73 -9.19 -15.79
CA ASP C 225 -36.97 -9.98 -17.01
C ASP C 225 -37.49 -11.40 -16.70
N ASN C 226 -37.92 -11.63 -15.46
CA ASN C 226 -38.43 -12.94 -15.03
C ASN C 226 -37.43 -14.09 -15.20
N LYS C 227 -36.15 -13.80 -15.00
CA LYS C 227 -35.10 -14.80 -15.05
C LYS C 227 -34.47 -14.94 -13.67
N ALA C 228 -33.79 -16.07 -13.45
CA ALA C 228 -33.18 -16.36 -12.16
C ALA C 228 -31.90 -15.56 -12.01
N PRO C 229 -31.63 -15.07 -10.79
CA PRO C 229 -30.42 -14.27 -10.60
C PRO C 229 -29.15 -15.12 -10.68
N ILE C 230 -28.02 -14.46 -10.90
CA ILE C 230 -26.73 -15.11 -10.91
C ILE C 230 -26.26 -15.21 -9.47
N ASN C 231 -25.79 -16.40 -9.08
CA ASN C 231 -25.14 -16.58 -7.78
C ASN C 231 -23.65 -16.31 -7.94
N TRP C 232 -23.28 -15.04 -7.74
CA TRP C 232 -21.91 -14.59 -7.97
C TRP C 232 -20.90 -15.23 -7.02
N ALA C 233 -21.38 -15.74 -5.88
CA ALA C 233 -20.50 -16.40 -4.90
C ALA C 233 -19.98 -17.76 -5.41
N GLN C 234 -20.61 -18.31 -6.44
CA GLN C 234 -20.14 -19.56 -7.07
C GLN C 234 -18.76 -19.42 -7.69
N GLY C 235 -18.36 -18.18 -8.00
CA GLY C 235 -17.04 -17.93 -8.58
C GLY C 235 -15.89 -18.16 -7.64
N PHE C 236 -16.14 -18.06 -6.33
CA PHE C 236 -15.07 -18.16 -5.33
C PHE C 236 -14.44 -19.54 -5.28
N ILE C 237 -13.12 -19.55 -5.18
CA ILE C 237 -12.33 -20.74 -4.90
C ILE C 237 -11.73 -20.54 -3.51
N TYR C 238 -11.83 -21.57 -2.67
CA TYR C 238 -11.42 -21.45 -1.26
C TYR C 238 -10.18 -22.29 -0.94
N HIS D 20 20.25 -51.35 61.90
CA HIS D 20 20.27 -51.79 60.47
C HIS D 20 21.42 -51.10 59.69
N MET D 21 22.62 -51.68 59.77
CA MET D 21 23.82 -51.09 59.19
C MET D 21 24.18 -51.65 57.81
N ASN D 22 24.52 -50.76 56.89
CA ASN D 22 25.13 -51.13 55.62
C ASN D 22 26.47 -50.41 55.47
N SER D 23 27.19 -50.68 54.39
CA SER D 23 28.46 -50.00 54.15
C SER D 23 28.72 -49.80 52.66
N VAL D 24 29.31 -48.65 52.33
CA VAL D 24 29.77 -48.36 50.97
C VAL D 24 31.26 -48.11 50.98
N THR D 25 31.92 -48.38 49.85
CA THR D 25 33.33 -48.08 49.71
C THR D 25 33.56 -46.69 49.11
N VAL D 26 34.66 -46.06 49.50
CA VAL D 26 35.13 -44.84 48.87
C VAL D 26 36.59 -45.07 48.48
N SER D 27 37.11 -44.24 47.59
CA SER D 27 38.44 -44.44 47.03
C SER D 27 39.53 -43.76 47.84
N HIS D 28 39.15 -43.17 48.97
CA HIS D 28 40.09 -42.47 49.85
C HIS D 28 39.76 -42.83 51.29
N ALA D 29 40.74 -42.69 52.17
CA ALA D 29 40.52 -42.92 53.60
C ALA D 29 39.27 -42.14 54.04
N PRO D 30 38.39 -42.78 54.84
CA PRO D 30 38.57 -44.05 55.55
C PRO D 30 38.29 -45.31 54.71
N TYR D 31 37.97 -45.14 53.43
CA TYR D 31 37.81 -46.23 52.46
C TYR D 31 36.49 -47.01 52.57
N THR D 32 35.93 -47.13 53.77
CA THR D 32 34.59 -47.67 53.95
C THR D 32 33.78 -46.73 54.83
N ILE D 33 32.50 -46.56 54.52
CA ILE D 33 31.59 -45.81 55.38
C ILE D 33 30.39 -46.68 55.75
N THR D 34 30.30 -47.00 57.04
CA THR D 34 29.16 -47.73 57.57
C THR D 34 28.05 -46.73 57.90
N TYR D 35 26.81 -47.10 57.61
CA TYR D 35 25.68 -46.19 57.82
C TYR D 35 24.40 -46.94 58.17
N HIS D 36 23.52 -46.27 58.92
CA HIS D 36 22.20 -46.79 59.23
C HIS D 36 21.31 -46.57 58.01
N ASN D 37 20.33 -47.45 57.78
CA ASN D 37 19.50 -47.42 56.56
C ASN D 37 18.71 -46.14 56.34
N ASP D 38 18.36 -45.45 57.41
CA ASP D 38 17.75 -44.10 57.31
C ASP D 38 18.60 -43.13 56.48
N TRP D 39 19.91 -43.36 56.39
CA TRP D 39 20.79 -42.52 55.58
C TRP D 39 20.93 -42.96 54.12
N GLU D 40 20.32 -44.10 53.77
N GLU D 40 20.31 -44.08 53.76
CA GLU D 40 20.47 -44.70 52.44
CA GLU D 40 20.49 -44.69 52.43
C GLU D 40 20.24 -43.73 51.28
C GLU D 40 20.23 -43.73 51.27
N PRO D 41 19.17 -42.89 51.35
CA PRO D 41 18.88 -41.99 50.21
C PRO D 41 19.96 -40.96 49.83
N VAL D 42 20.95 -40.72 50.69
CA VAL D 42 22.01 -39.74 50.38
C VAL D 42 23.38 -40.35 50.13
N MET D 43 23.50 -41.67 50.27
CA MET D 43 24.82 -42.31 50.25
C MET D 43 25.49 -42.30 48.88
N SER D 44 24.71 -42.43 47.81
CA SER D 44 25.26 -42.37 46.45
C SER D 44 25.95 -41.02 46.22
N GLN D 45 25.22 -39.94 46.50
CA GLN D 45 25.78 -38.60 46.38
C GLN D 45 26.93 -38.35 47.35
N LEU D 46 26.82 -38.85 48.57
CA LEU D 46 27.89 -38.68 49.55
C LEU D 46 29.20 -39.27 49.02
N VAL D 47 29.13 -40.51 48.53
CA VAL D 47 30.31 -41.17 47.96
C VAL D 47 30.95 -40.33 46.85
N GLU D 48 30.12 -39.83 45.94
CA GLU D 48 30.59 -38.99 44.83
C GLU D 48 31.18 -37.69 45.34
N PHE D 49 30.45 -37.02 46.22
CA PHE D 49 30.94 -35.75 46.77
C PHE D 49 32.22 -35.95 47.58
N TYR D 50 32.32 -37.05 48.31
CA TYR D 50 33.51 -37.26 49.15
C TYR D 50 34.76 -37.55 48.33
N ASN D 51 34.63 -38.39 47.31
CA ASN D 51 35.76 -38.70 46.42
C ASN D 51 36.29 -37.45 45.74
N GLU D 52 35.42 -36.49 45.44
CA GLU D 52 35.82 -35.22 44.81
C GLU D 52 36.76 -34.37 45.66
N VAL D 53 36.61 -34.41 46.98
CA VAL D 53 37.36 -33.53 47.86
C VAL D 53 38.32 -34.24 48.82
N ALA D 54 38.20 -35.56 48.96
CA ALA D 54 38.95 -36.30 49.98
C ALA D 54 40.44 -35.92 50.04
N SER D 55 41.07 -35.77 48.89
CA SER D 55 42.51 -35.47 48.83
C SER D 55 42.89 -34.24 49.67
N TRP D 56 42.05 -33.20 49.59
CA TRP D 56 42.25 -32.00 50.41
C TRP D 56 42.09 -32.26 51.91
N LEU D 57 41.04 -33.00 52.29
CA LEU D 57 40.78 -33.29 53.70
C LEU D 57 41.87 -34.14 54.36
N LEU D 58 42.50 -35.01 53.57
CA LEU D 58 43.49 -35.95 54.08
C LEU D 58 44.93 -35.44 53.99
N ARG D 59 45.12 -34.23 53.49
CA ARG D 59 46.45 -33.67 53.31
C ARG D 59 47.15 -33.38 54.65
N ASP D 60 46.41 -32.82 55.60
CA ASP D 60 46.93 -32.56 56.95
C ASP D 60 46.24 -33.45 57.97
N GLU D 61 46.88 -33.63 59.13
CA GLU D 61 46.26 -34.32 60.25
C GLU D 61 44.99 -33.60 60.66
N THR D 62 43.94 -34.38 60.92
CA THR D 62 42.60 -33.84 61.14
C THR D 62 42.04 -34.17 62.52
N SER D 63 41.10 -33.32 62.96
CA SER D 63 40.20 -33.65 64.05
C SER D 63 38.78 -33.75 63.49
N PRO D 64 38.16 -34.93 63.61
CA PRO D 64 38.71 -36.18 64.14
C PRO D 64 39.58 -36.87 63.08
N ILE D 65 40.10 -38.03 63.40
CA ILE D 65 40.79 -38.85 62.40
C ILE D 65 39.80 -39.27 61.32
N PRO D 66 40.28 -39.55 60.09
CA PRO D 66 39.35 -39.93 59.00
C PRO D 66 38.45 -41.13 59.31
N ASP D 67 38.93 -42.08 60.11
CA ASP D 67 38.10 -43.23 60.51
C ASP D 67 36.89 -42.85 61.37
N LYS D 68 36.87 -41.63 61.90
CA LYS D 68 35.74 -41.15 62.70
C LYS D 68 34.94 -40.01 62.06
N PHE D 69 35.36 -39.51 60.89
CA PHE D 69 34.55 -38.51 60.16
C PHE D 69 33.06 -38.81 60.19
N PHE D 70 32.69 -40.03 59.80
CA PHE D 70 31.29 -40.34 59.49
C PHE D 70 30.56 -41.17 60.54
N ILE D 71 31.14 -41.31 61.72
CA ILE D 71 30.59 -42.17 62.77
C ILE D 71 29.11 -41.89 63.08
N GLN D 72 28.69 -40.62 63.01
CA GLN D 72 27.29 -40.27 63.27
C GLN D 72 26.29 -40.82 62.25
N LEU D 73 26.75 -41.26 61.09
CA LEU D 73 25.88 -41.89 60.09
C LEU D 73 25.33 -43.24 60.58
N LYS D 74 25.88 -43.74 61.68
CA LYS D 74 25.38 -44.96 62.30
C LYS D 74 24.06 -44.76 63.05
N GLN D 75 23.74 -43.51 63.40
CA GLN D 75 22.55 -43.20 64.17
C GLN D 75 21.29 -43.22 63.29
N PRO D 76 20.19 -43.78 63.82
CA PRO D 76 18.91 -43.66 63.13
C PRO D 76 18.37 -42.23 63.18
N LEU D 77 17.51 -41.91 62.21
CA LEU D 77 16.87 -40.61 62.08
C LEU D 77 15.35 -40.60 62.28
N ARG D 78 14.69 -41.73 61.98
N ARG D 78 14.69 -41.73 62.01
CA ARG D 78 13.23 -41.86 62.08
CA ARG D 78 13.23 -41.78 62.08
C ARG D 78 12.72 -41.56 63.49
C ARG D 78 12.68 -41.63 63.49
N ASN D 79 13.50 -41.94 64.50
CA ASN D 79 13.13 -41.72 65.90
C ASN D 79 13.67 -40.39 66.47
N LYS D 80 14.15 -39.49 65.60
CA LYS D 80 14.77 -38.22 66.01
C LYS D 80 13.88 -37.02 65.75
N ARG D 81 13.69 -36.19 66.78
CA ARG D 81 12.85 -35.00 66.67
C ARG D 81 13.62 -33.68 66.89
N VAL D 82 14.87 -33.76 67.34
CA VAL D 82 15.71 -32.58 67.52
C VAL D 82 17.14 -32.82 67.02
N CYS D 83 17.65 -31.88 66.24
CA CYS D 83 19.05 -31.90 65.85
C CYS D 83 19.76 -30.77 66.57
N VAL D 84 20.81 -31.13 67.30
CA VAL D 84 21.65 -30.14 67.98
C VAL D 84 22.92 -30.00 67.16
N CYS D 85 23.08 -28.86 66.51
CA CYS D 85 24.08 -28.71 65.47
C CYS D 85 25.21 -27.74 65.83
N GLY D 86 26.44 -28.24 65.79
CA GLY D 86 27.63 -27.41 65.96
C GLY D 86 28.24 -27.10 64.61
N ILE D 87 29.26 -26.24 64.60
CA ILE D 87 29.86 -25.80 63.34
C ILE D 87 30.88 -26.81 62.81
N ASP D 88 31.79 -27.27 63.66
CA ASP D 88 32.74 -28.31 63.29
C ASP D 88 33.38 -28.94 64.55
N PRO D 89 34.16 -30.02 64.40
CA PRO D 89 34.72 -30.68 65.58
C PRO D 89 35.69 -29.85 66.40
N TYR D 90 35.98 -30.30 67.62
CA TYR D 90 37.01 -29.70 68.44
C TYR D 90 38.29 -29.61 67.62
N PRO D 91 39.03 -28.50 67.74
CA PRO D 91 40.32 -28.38 67.05
C PRO D 91 41.23 -29.57 67.29
N LYS D 92 41.17 -30.13 68.50
CA LYS D 92 41.93 -31.32 68.87
C LYS D 92 41.04 -32.32 69.61
N ASP D 93 41.36 -33.61 69.45
CA ASP D 93 40.68 -34.72 70.15
C ASP D 93 39.20 -34.88 69.79
N GLY D 94 38.83 -34.55 68.56
CA GLY D 94 37.48 -34.82 68.09
C GLY D 94 37.29 -36.31 68.00
N THR D 95 36.11 -36.80 68.36
CA THR D 95 35.84 -38.22 68.35
C THR D 95 34.94 -38.62 67.18
N GLY D 96 34.43 -37.64 66.45
CA GLY D 96 33.40 -37.89 65.45
C GLY D 96 32.00 -37.76 66.01
N VAL D 97 31.86 -37.72 67.34
CA VAL D 97 30.58 -37.42 67.96
C VAL D 97 30.62 -35.97 68.40
N PRO D 98 29.81 -35.11 67.76
CA PRO D 98 29.83 -33.69 68.09
C PRO D 98 29.75 -33.39 69.59
N PHE D 99 30.65 -32.52 70.04
CA PHE D 99 30.75 -32.04 71.43
C PHE D 99 31.26 -33.07 72.44
N GLU D 100 31.50 -34.30 72.00
CA GLU D 100 31.89 -35.38 72.91
C GLU D 100 33.33 -35.23 73.39
N SER D 101 33.50 -35.33 74.71
CA SER D 101 34.82 -35.35 75.33
C SER D 101 34.84 -36.51 76.32
N PRO D 102 35.42 -37.67 75.91
CA PRO D 102 35.40 -38.87 76.76
C PRO D 102 35.84 -38.62 78.20
N ASN D 103 36.93 -37.87 78.38
CA ASN D 103 37.40 -37.51 79.73
C ASN D 103 36.74 -36.25 80.31
N PHE D 104 35.75 -35.70 79.60
CA PHE D 104 34.98 -34.52 80.04
C PHE D 104 35.86 -33.30 80.34
N THR D 105 36.78 -32.98 79.43
CA THR D 105 37.72 -31.87 79.61
C THR D 105 37.44 -30.65 78.72
N LYS D 106 36.69 -30.84 77.63
CA LYS D 106 36.46 -29.75 76.68
C LYS D 106 35.47 -28.73 77.22
N LYS D 107 35.78 -27.46 77.00
CA LYS D 107 35.02 -26.34 77.55
C LYS D 107 33.56 -26.29 77.08
N SER D 108 33.34 -26.58 75.79
CA SER D 108 31.98 -26.53 75.24
C SER D 108 31.01 -27.48 75.94
N ILE D 109 31.40 -28.74 76.06
CA ILE D 109 30.53 -29.77 76.65
C ILE D 109 30.36 -29.57 78.16
N LYS D 110 31.38 -29.01 78.80
CA LYS D 110 31.27 -28.65 80.22
C LYS D 110 30.27 -27.51 80.41
N GLU D 111 30.34 -26.49 79.55
CA GLU D 111 29.36 -25.40 79.59
C GLU D 111 27.94 -25.90 79.34
N ILE D 112 27.78 -26.82 78.38
CA ILE D 112 26.47 -27.42 78.09
C ILE D 112 25.95 -28.14 79.33
N ALA D 113 26.79 -29.01 79.90
CA ALA D 113 26.43 -29.76 81.12
C ALA D 113 26.02 -28.84 82.27
N SER D 114 26.79 -27.77 82.49
CA SER D 114 26.46 -26.79 83.52
C SER D 114 25.09 -26.15 83.32
N SER D 115 24.72 -25.87 82.08
N SER D 115 24.73 -25.88 82.07
CA SER D 115 23.42 -25.27 81.78
CA SER D 115 23.43 -25.28 81.76
C SER D 115 22.29 -26.27 82.06
C SER D 115 22.29 -26.27 82.04
N ILE D 116 22.48 -27.52 81.63
CA ILE D 116 21.51 -28.58 81.85
C ILE D 116 21.43 -28.94 83.34
N SER D 117 22.56 -28.82 84.06
CA SER D 117 22.57 -28.98 85.51
C SER D 117 21.62 -27.97 86.19
N ARG D 118 21.76 -26.69 85.81
N ARG D 118 21.73 -26.69 85.80
CA ARG D 118 20.91 -25.63 86.34
CA ARG D 118 20.89 -25.65 86.39
C ARG D 118 19.44 -25.88 86.01
C ARG D 118 19.43 -25.80 86.00
N LEU D 119 19.17 -26.20 84.76
CA LEU D 119 17.80 -26.44 84.29
C LEU D 119 17.10 -27.61 85.00
N THR D 120 17.83 -28.73 85.19
CA THR D 120 17.22 -29.96 85.67
C THR D 120 17.37 -30.14 87.17
N GLY D 121 18.50 -29.69 87.72
CA GLY D 121 18.76 -29.83 89.15
C GLY D 121 19.71 -30.97 89.44
N VAL D 122 20.19 -31.65 88.40
CA VAL D 122 21.20 -32.69 88.57
C VAL D 122 22.54 -32.00 88.81
N ILE D 123 23.08 -32.18 90.02
CA ILE D 123 24.34 -31.53 90.41
C ILE D 123 25.50 -32.53 90.49
N ASP D 124 25.20 -33.80 90.77
CA ASP D 124 26.21 -34.85 90.77
C ASP D 124 26.24 -35.54 89.41
N TYR D 125 27.36 -35.39 88.72
CA TYR D 125 27.57 -36.04 87.44
C TYR D 125 29.06 -35.99 87.09
N LYS D 126 29.54 -37.00 86.36
CA LYS D 126 30.94 -37.04 85.93
C LYS D 126 31.14 -36.66 84.45
N GLY D 127 30.05 -36.56 83.70
CA GLY D 127 30.15 -36.14 82.30
C GLY D 127 28.81 -35.80 81.68
N TYR D 128 28.82 -35.50 80.39
CA TYR D 128 27.60 -35.24 79.64
C TYR D 128 27.84 -35.52 78.17
N ASN D 129 26.92 -36.22 77.53
CA ASN D 129 27.02 -36.54 76.12
C ASN D 129 25.67 -36.33 75.44
N LEU D 130 25.66 -35.50 74.40
CA LEU D 130 24.43 -35.22 73.66
C LEU D 130 23.94 -36.40 72.85
N ASN D 131 24.80 -37.39 72.64
CA ASN D 131 24.49 -38.53 71.77
C ASN D 131 23.71 -39.66 72.44
N ILE D 132 23.47 -39.54 73.74
CA ILE D 132 22.75 -40.58 74.48
C ILE D 132 21.36 -40.10 74.93
N ILE D 133 20.89 -39.01 74.34
CA ILE D 133 19.59 -38.45 74.68
C ILE D 133 18.56 -38.87 73.64
N ASP D 134 17.48 -39.49 74.10
CA ASP D 134 16.44 -39.97 73.19
C ASP D 134 15.81 -38.82 72.41
N GLY D 135 15.73 -38.98 71.11
CA GLY D 135 15.12 -37.97 70.25
C GLY D 135 16.07 -36.91 69.74
N VAL D 136 17.32 -36.94 70.19
CA VAL D 136 18.33 -35.95 69.79
C VAL D 136 19.38 -36.62 68.93
N ILE D 137 19.73 -35.97 67.82
CA ILE D 137 20.94 -36.33 67.09
C ILE D 137 21.87 -35.12 67.09
N PRO D 138 23.04 -35.23 67.76
CA PRO D 138 24.02 -34.16 67.68
C PRO D 138 24.74 -34.20 66.35
N TRP D 139 24.98 -33.03 65.78
CA TRP D 139 25.51 -32.90 64.44
C TRP D 139 26.55 -31.79 64.37
N ASN D 140 27.52 -31.92 63.47
CA ASN D 140 28.47 -30.87 63.15
C ASN D 140 28.35 -30.52 61.67
N TYR D 141 28.06 -29.27 61.36
CA TYR D 141 27.88 -28.86 59.96
C TYR D 141 29.05 -29.33 59.08
N TYR D 142 30.28 -29.01 59.47
CA TYR D 142 31.48 -29.54 58.82
C TYR D 142 32.02 -30.70 59.64
N LEU D 143 32.52 -31.73 58.96
CA LEU D 143 32.84 -33.00 59.63
C LEU D 143 34.31 -33.16 60.04
N SER D 144 35.14 -32.18 59.70
CA SER D 144 36.53 -32.20 60.11
C SER D 144 37.10 -30.80 60.05
N CYS D 145 38.27 -30.65 60.66
CA CYS D 145 39.07 -29.46 60.52
C CYS D 145 40.53 -29.87 60.65
N LYS D 146 41.42 -29.07 60.07
CA LYS D 146 42.85 -29.26 60.22
C LYS D 146 43.20 -29.24 61.71
N LEU D 147 43.91 -30.26 62.17
CA LEU D 147 44.29 -30.39 63.57
C LEU D 147 44.80 -29.06 64.13
N GLY D 148 43.96 -28.40 64.93
CA GLY D 148 44.34 -27.19 65.66
C GLY D 148 43.76 -25.89 65.14
N GLU D 149 42.93 -25.95 64.10
CA GLU D 149 42.44 -24.72 63.45
C GLU D 149 40.97 -24.83 63.05
N THR D 150 40.10 -24.14 63.78
CA THR D 150 38.65 -24.21 63.58
C THR D 150 38.21 -23.70 62.20
N LYS D 151 37.23 -24.40 61.61
CA LYS D 151 36.64 -24.07 60.30
C LYS D 151 37.63 -24.15 59.14
N SER D 152 38.77 -24.80 59.37
CA SER D 152 39.82 -24.89 58.36
C SER D 152 39.47 -25.75 57.14
N HIS D 153 38.36 -26.50 57.21
CA HIS D 153 37.93 -27.34 56.09
C HIS D 153 36.53 -26.99 55.57
N ALA D 154 36.04 -25.81 55.92
CA ALA D 154 34.69 -25.37 55.53
C ALA D 154 34.40 -25.48 54.03
N ILE D 155 35.38 -25.09 53.23
CA ILE D 155 35.20 -25.05 51.78
C ILE D 155 35.13 -26.45 51.18
N TYR D 156 35.85 -27.40 51.78
CA TYR D 156 35.90 -28.77 51.27
C TYR D 156 34.64 -29.57 51.58
N TRP D 157 34.03 -29.33 52.75
CA TRP D 157 32.84 -30.08 53.16
C TRP D 157 31.55 -29.51 52.62
N ASP D 158 31.58 -28.26 52.18
CA ASP D 158 30.36 -27.47 52.06
C ASP D 158 29.21 -28.17 51.32
N LYS D 159 29.51 -28.85 50.23
CA LYS D 159 28.47 -29.51 49.44
C LYS D 159 27.88 -30.71 50.22
N ILE D 160 28.76 -31.50 50.82
CA ILE D 160 28.38 -32.60 51.69
C ILE D 160 27.58 -32.10 52.89
N SER D 161 28.07 -31.03 53.51
CA SER D 161 27.43 -30.44 54.70
C SER D 161 25.98 -30.12 54.45
N LYS D 162 25.70 -29.49 53.32
CA LYS D 162 24.34 -29.19 52.91
C LYS D 162 23.54 -30.47 52.61
N LEU D 163 24.12 -31.41 51.86
CA LEU D 163 23.45 -32.68 51.55
C LEU D 163 23.00 -33.39 52.83
N LEU D 164 23.94 -33.57 53.76
CA LEU D 164 23.67 -34.33 54.97
C LEU D 164 22.70 -33.62 55.91
N LEU D 165 22.88 -32.31 56.11
CA LEU D 165 22.00 -31.58 57.01
C LEU D 165 20.58 -31.49 56.48
N GLN D 166 20.45 -31.32 55.16
CA GLN D 166 19.12 -31.29 54.54
C GLN D 166 18.39 -32.60 54.77
N HIS D 167 19.12 -33.71 54.70
CA HIS D 167 18.54 -35.01 54.97
C HIS D 167 18.06 -35.09 56.43
N ILE D 168 18.89 -34.65 57.37
CA ILE D 168 18.48 -34.65 58.79
C ILE D 168 17.22 -33.83 59.02
N THR D 169 17.14 -32.63 58.43
CA THR D 169 16.01 -31.72 58.69
C THR D 169 14.68 -32.16 58.05
N LYS D 170 14.73 -33.21 57.23
CA LYS D 170 13.52 -33.88 56.77
C LYS D 170 12.90 -34.70 57.89
N HIS D 171 13.74 -35.15 58.83
CA HIS D 171 13.30 -36.06 59.89
C HIS D 171 13.02 -35.37 61.22
N VAL D 172 13.80 -34.34 61.54
CA VAL D 172 13.66 -33.64 62.82
C VAL D 172 12.67 -32.49 62.75
N SER D 173 12.03 -32.21 63.89
N SER D 173 12.03 -32.20 63.89
CA SER D 173 11.07 -31.12 64.01
CA SER D 173 11.07 -31.11 63.98
C SER D 173 11.78 -29.80 64.28
C SER D 173 11.77 -29.78 64.29
N VAL D 174 12.78 -29.82 65.16
CA VAL D 174 13.56 -28.63 65.51
C VAL D 174 15.04 -28.80 65.22
N LEU D 175 15.64 -27.78 64.63
CA LEU D 175 17.08 -27.69 64.41
C LEU D 175 17.62 -26.58 65.30
N TYR D 176 18.57 -26.94 66.16
CA TYR D 176 19.13 -26.00 67.12
C TYR D 176 20.61 -25.86 66.79
N CYS D 177 20.98 -24.74 66.18
CA CYS D 177 22.36 -24.47 65.82
C CYS D 177 23.06 -23.63 66.89
N LEU D 178 24.32 -23.95 67.17
CA LEU D 178 25.11 -23.19 68.12
C LEU D 178 26.11 -22.30 67.40
N GLY D 179 25.95 -20.98 67.56
CA GLY D 179 26.86 -20.00 66.98
C GLY D 179 26.12 -18.97 66.15
N LYS D 180 25.91 -17.80 66.75
CA LYS D 180 25.03 -16.75 66.19
C LYS D 180 25.43 -16.28 64.80
N THR D 181 26.74 -16.16 64.56
CA THR D 181 27.24 -15.67 63.29
C THR D 181 27.50 -16.84 62.34
N ASP D 182 28.10 -17.91 62.85
CA ASP D 182 28.34 -19.12 62.04
C ASP D 182 27.07 -19.64 61.33
N PHE D 183 25.93 -19.56 62.00
CA PHE D 183 24.68 -20.05 61.44
C PHE D 183 23.67 -18.94 61.10
N SER D 184 24.14 -17.72 60.85
CA SER D 184 23.26 -16.59 60.56
C SER D 184 22.46 -16.80 59.27
N ASN D 185 23.08 -17.43 58.28
CA ASN D 185 22.43 -17.69 57.00
C ASN D 185 21.98 -19.14 56.80
N ILE D 186 21.71 -19.85 57.90
CA ILE D 186 21.40 -21.29 57.82
C ILE D 186 20.13 -21.59 57.03
N ARG D 187 19.11 -20.74 57.15
CA ARG D 187 17.87 -20.90 56.39
C ARG D 187 18.14 -20.93 54.89
N ALA D 188 18.98 -20.00 54.43
CA ALA D 188 19.26 -19.83 52.99
C ALA D 188 19.70 -21.11 52.32
N LYS D 189 20.61 -21.85 52.96
CA LYS D 189 21.07 -23.12 52.40
C LYS D 189 20.47 -24.30 53.17
N LEU D 190 19.16 -24.26 53.31
CA LEU D 190 18.40 -25.36 53.90
C LEU D 190 17.24 -25.75 52.98
N GLU D 191 16.46 -24.75 52.56
CA GLU D 191 15.23 -24.98 51.79
C GLU D 191 14.39 -26.01 52.53
N SER D 192 14.02 -25.65 53.75
CA SER D 192 13.36 -26.57 54.66
C SER D 192 12.26 -25.88 55.47
N PRO D 193 11.17 -26.61 55.76
CA PRO D 193 10.13 -26.13 56.67
C PRO D 193 10.43 -26.43 58.15
N VAL D 194 11.64 -26.91 58.44
CA VAL D 194 12.03 -27.24 59.81
C VAL D 194 12.09 -25.99 60.69
N THR D 195 11.51 -26.08 61.87
CA THR D 195 11.65 -25.04 62.87
C THR D 195 13.12 -24.98 63.27
N THR D 196 13.71 -23.79 63.16
CA THR D 196 15.13 -23.59 63.40
C THR D 196 15.31 -22.52 64.48
N ILE D 197 16.14 -22.82 65.48
CA ILE D 197 16.61 -21.79 66.41
C ILE D 197 18.13 -21.72 66.42
N VAL D 198 18.67 -20.50 66.46
CA VAL D 198 20.10 -20.28 66.49
C VAL D 198 20.44 -19.65 67.84
N GLY D 199 21.18 -20.37 68.66
CA GLY D 199 21.60 -19.87 69.97
C GLY D 199 23.07 -19.49 69.99
N TYR D 200 23.55 -19.02 71.15
CA TYR D 200 24.98 -18.73 71.33
C TYR D 200 25.77 -20.03 71.43
N HIS D 201 27.02 -19.98 70.99
CA HIS D 201 27.96 -21.07 71.22
C HIS D 201 28.48 -20.96 72.66
N PRO D 202 28.81 -22.10 73.30
CA PRO D 202 29.39 -22.10 74.64
C PRO D 202 30.47 -21.05 74.89
N ALA D 203 31.38 -20.87 73.93
CA ALA D 203 32.48 -19.92 74.06
C ALA D 203 32.11 -18.47 73.70
N ALA D 204 30.81 -18.18 73.61
CA ALA D 204 30.34 -16.82 73.30
C ALA D 204 30.89 -15.79 74.29
N ARG D 205 31.17 -14.59 73.80
CA ARG D 205 31.69 -13.51 74.63
C ARG D 205 30.75 -13.16 75.78
N ASP D 206 31.34 -12.59 76.82
CA ASP D 206 30.60 -12.01 77.94
C ASP D 206 29.60 -13.00 78.54
N ARG D 207 29.97 -14.28 78.54
CA ARG D 207 29.17 -15.34 79.17
C ARG D 207 27.71 -15.36 78.72
N GLN D 208 27.46 -15.10 77.44
N GLN D 208 27.48 -15.10 77.43
CA GLN D 208 26.10 -15.05 76.91
CA GLN D 208 26.13 -15.04 76.88
C GLN D 208 25.45 -16.43 76.85
C GLN D 208 25.46 -16.42 76.82
N PHE D 209 26.25 -17.47 76.67
CA PHE D 209 25.72 -18.84 76.64
C PHE D 209 25.02 -19.23 77.94
N GLU D 210 25.55 -18.72 79.05
CA GLU D 210 24.97 -19.00 80.37
C GLU D 210 23.54 -18.47 80.52
N LYS D 211 23.21 -17.39 79.80
CA LYS D 211 21.86 -16.82 79.87
C LYS D 211 20.94 -17.39 78.77
N ASP D 212 21.46 -18.31 77.97
CA ASP D 212 20.75 -18.88 76.84
C ASP D 212 19.84 -20.01 77.30
N ARG D 213 18.55 -19.91 77.01
CA ARG D 213 17.58 -20.89 77.46
C ARG D 213 17.00 -21.71 76.29
N SER D 214 17.85 -21.92 75.28
CA SER D 214 17.46 -22.62 74.06
C SER D 214 16.95 -24.04 74.32
N PHE D 215 17.47 -24.69 75.35
CA PHE D 215 17.04 -26.04 75.70
C PHE D 215 15.59 -26.09 76.16
N GLU D 216 15.15 -25.07 76.89
CA GLU D 216 13.75 -24.95 77.29
C GLU D 216 12.90 -24.50 76.11
N ILE D 217 13.47 -23.69 75.23
CA ILE D 217 12.75 -23.21 74.05
C ILE D 217 12.39 -24.38 73.12
N ILE D 218 13.36 -25.25 72.89
CA ILE D 218 13.14 -26.47 72.11
C ILE D 218 11.91 -27.24 72.59
N ASN D 219 11.83 -27.48 73.89
CA ASN D 219 10.69 -28.20 74.45
C ASN D 219 9.35 -27.48 74.31
N VAL D 220 9.36 -26.15 74.38
CA VAL D 220 8.14 -25.37 74.17
C VAL D 220 7.64 -25.53 72.73
N LEU D 221 8.58 -25.48 71.77
CA LEU D 221 8.26 -25.62 70.36
C LEU D 221 7.85 -27.04 69.98
N LEU D 222 8.40 -28.04 70.69
CA LEU D 222 8.01 -29.43 70.47
C LEU D 222 6.57 -29.66 70.91
N GLU D 223 6.20 -29.10 72.07
CA GLU D 223 4.85 -29.28 72.63
C GLU D 223 3.74 -28.75 71.72
N LEU D 224 3.95 -27.58 71.11
CA LEU D 224 2.98 -27.05 70.16
C LEU D 224 2.92 -27.87 68.87
N ASP D 225 4.00 -28.60 68.57
CA ASP D 225 3.99 -29.57 67.47
C ASP D 225 3.53 -30.95 67.98
N ASN D 226 2.88 -30.95 69.15
CA ASN D 226 2.38 -32.17 69.80
C ASN D 226 3.42 -33.28 69.94
N LYS D 227 4.69 -32.88 70.03
CA LYS D 227 5.80 -33.79 70.25
C LYS D 227 6.12 -33.79 71.74
N ALA D 228 6.70 -34.89 72.21
CA ALA D 228 7.13 -34.98 73.60
C ALA D 228 8.39 -34.16 73.79
N PRO D 229 8.54 -33.50 74.95
CA PRO D 229 9.77 -32.76 75.22
C PRO D 229 11.00 -33.65 75.27
N ILE D 230 12.17 -33.03 75.08
CA ILE D 230 13.44 -33.71 75.29
C ILE D 230 13.74 -33.75 76.77
N ASN D 231 14.18 -34.91 77.26
CA ASN D 231 14.64 -35.05 78.63
C ASN D 231 16.15 -34.86 78.66
N TRP D 232 16.57 -33.62 78.83
CA TRP D 232 17.97 -33.23 78.70
C TRP D 232 18.88 -33.87 79.76
N ALA D 233 18.31 -34.23 80.91
CA ALA D 233 19.07 -34.94 81.96
C ALA D 233 19.55 -36.33 81.51
N GLN D 234 18.95 -36.89 80.45
CA GLN D 234 19.44 -38.17 79.93
C GLN D 234 20.90 -38.11 79.45
N GLY D 235 21.40 -36.91 79.15
CA GLY D 235 22.78 -36.76 78.69
C GLY D 235 23.86 -36.98 79.74
N PHE D 236 23.49 -36.92 81.02
CA PHE D 236 24.47 -37.03 82.10
C PHE D 236 25.13 -38.40 82.20
N ILE D 237 26.44 -38.38 82.41
CA ILE D 237 27.22 -39.58 82.66
C ILE D 237 27.55 -39.61 84.16
N TYR D 238 27.47 -40.80 84.75
CA TYR D 238 27.60 -40.97 86.20
C TYR D 238 28.76 -41.89 86.55
N MET E 21 46.09 4.70 38.83
CA MET E 21 44.99 3.72 39.15
C MET E 21 44.96 3.40 40.65
N ASN E 22 43.77 3.09 41.15
CA ASN E 22 43.60 2.75 42.56
C ASN E 22 44.01 1.32 42.90
N SER E 23 44.13 1.04 44.19
CA SER E 23 44.50 -0.29 44.64
C SER E 23 43.87 -0.64 45.99
N VAL E 24 43.82 -1.95 46.27
CA VAL E 24 43.40 -2.47 47.57
C VAL E 24 44.51 -3.33 48.13
N THR E 25 44.45 -3.58 49.43
CA THR E 25 45.35 -4.53 50.09
C THR E 25 44.57 -5.77 50.49
N VAL E 26 45.26 -6.90 50.46
CA VAL E 26 44.72 -8.17 50.96
C VAL E 26 45.70 -8.74 51.97
N SER E 27 45.24 -9.70 52.77
CA SER E 27 46.05 -10.20 53.90
C SER E 27 47.18 -11.13 53.50
N HIS E 28 47.09 -11.71 52.30
CA HIS E 28 48.07 -12.67 51.83
C HIS E 28 48.61 -12.25 50.48
N ALA E 29 49.64 -12.94 50.02
CA ALA E 29 50.26 -12.65 48.74
C ALA E 29 49.17 -12.65 47.66
N PRO E 30 49.30 -11.76 46.68
CA PRO E 30 50.34 -10.75 46.47
C PRO E 30 50.18 -9.43 47.26
N TYR E 31 49.33 -9.41 48.29
CA TYR E 31 49.23 -8.29 49.27
C TYR E 31 48.61 -7.02 48.76
N THR E 32 48.79 -6.73 47.48
CA THR E 32 48.19 -5.56 46.88
C THR E 32 47.56 -5.94 45.54
N ILE E 33 46.43 -5.32 45.21
CA ILE E 33 45.80 -5.52 43.91
C ILE E 33 45.47 -4.16 43.33
N THR E 34 46.21 -3.77 42.30
CA THR E 34 45.96 -2.53 41.58
C THR E 34 44.90 -2.81 40.53
N TYR E 35 43.98 -1.86 40.35
CA TYR E 35 42.89 -2.05 39.42
C TYR E 35 42.48 -0.75 38.74
N HIS E 36 42.07 -0.86 37.48
CA HIS E 36 41.38 0.22 36.78
C HIS E 36 40.03 0.46 37.45
N ASN E 37 39.60 1.72 37.49
CA ASN E 37 38.41 2.11 38.23
C ASN E 37 37.07 1.50 37.75
N ASP E 38 37.05 0.96 36.53
CA ASP E 38 35.88 0.23 36.03
C ASP E 38 35.56 -1.02 36.89
N TRP E 39 36.56 -1.54 37.61
CA TRP E 39 36.39 -2.70 38.48
C TRP E 39 36.03 -2.35 39.94
N GLU E 40 35.99 -1.07 40.27
CA GLU E 40 35.71 -0.61 41.64
C GLU E 40 34.55 -1.35 42.33
N PRO E 41 33.41 -1.52 41.63
CA PRO E 41 32.24 -2.12 42.30
C PRO E 41 32.39 -3.54 42.87
N VAL E 42 33.38 -4.32 42.43
CA VAL E 42 33.59 -5.68 42.96
C VAL E 42 34.77 -5.80 43.91
N MET E 43 35.56 -4.74 44.08
CA MET E 43 36.85 -4.84 44.78
C MET E 43 36.73 -5.17 46.28
N SER E 44 35.71 -4.65 46.95
N SER E 44 35.71 -4.64 46.95
CA SER E 44 35.50 -4.96 48.38
CA SER E 44 35.49 -4.95 48.36
C SER E 44 35.14 -6.43 48.55
C SER E 44 35.15 -6.43 48.54
N GLN E 45 34.19 -6.91 47.75
CA GLN E 45 33.81 -8.33 47.75
C GLN E 45 35.01 -9.21 47.39
N LEU E 46 35.75 -8.82 46.38
CA LEU E 46 36.94 -9.56 45.96
C LEU E 46 37.94 -9.74 47.11
N VAL E 47 38.18 -8.66 47.85
CA VAL E 47 39.08 -8.71 49.01
C VAL E 47 38.60 -9.72 50.04
N GLU E 48 37.32 -9.65 50.40
CA GLU E 48 36.73 -10.56 51.36
C GLU E 48 36.90 -12.00 50.91
N PHE E 49 36.43 -12.31 49.70
CA PHE E 49 36.54 -13.67 49.16
C PHE E 49 37.98 -14.14 49.07
N TYR E 50 38.88 -13.27 48.62
CA TYR E 50 40.27 -13.71 48.42
C TYR E 50 40.96 -14.02 49.76
N ASN E 51 40.72 -13.17 50.75
CA ASN E 51 41.22 -13.40 52.11
C ASN E 51 40.72 -14.72 52.68
N GLU E 52 39.48 -15.10 52.35
CA GLU E 52 38.90 -16.36 52.79
C GLU E 52 39.60 -17.61 52.25
N VAL E 53 40.25 -17.52 51.09
CA VAL E 53 40.81 -18.72 50.45
C VAL E 53 42.31 -18.69 50.15
N ALA E 54 42.93 -17.52 50.25
CA ALA E 54 44.30 -17.35 49.73
C ALA E 54 45.32 -18.29 50.37
N SER E 55 45.26 -18.42 51.70
CA SER E 55 46.18 -19.29 52.42
C SER E 55 46.14 -20.72 51.87
N TRP E 56 44.93 -21.24 51.72
CA TRP E 56 44.70 -22.59 51.21
C TRP E 56 45.30 -22.70 49.81
N LEU E 57 44.96 -21.73 48.98
CA LEU E 57 45.45 -21.66 47.60
C LEU E 57 46.97 -21.59 47.52
N LEU E 58 47.56 -20.61 48.22
CA LEU E 58 49.01 -20.34 48.14
C LEU E 58 49.93 -21.47 48.64
N ARG E 59 49.38 -22.50 49.28
CA ARG E 59 50.17 -23.66 49.70
C ARG E 59 50.84 -24.36 48.52
N ASP E 60 50.18 -24.29 47.37
CA ASP E 60 50.65 -24.93 46.14
C ASP E 60 51.47 -23.97 45.30
N GLU E 61 52.39 -24.49 44.51
CA GLU E 61 53.06 -23.70 43.48
C GLU E 61 52.05 -23.46 42.35
N THR E 62 52.00 -22.24 41.81
CA THR E 62 50.94 -21.89 40.84
C THR E 62 51.40 -21.41 39.48
N SER E 63 50.51 -21.55 38.49
CA SER E 63 50.60 -20.81 37.23
C SER E 63 49.36 -19.91 37.16
N PRO E 64 49.55 -18.59 37.09
CA PRO E 64 50.82 -17.87 37.15
C PRO E 64 51.25 -17.70 38.60
N ILE E 65 52.34 -16.98 38.83
CA ILE E 65 52.74 -16.64 40.19
C ILE E 65 51.73 -15.66 40.77
N PRO E 66 51.62 -15.59 42.11
CA PRO E 66 50.59 -14.76 42.73
C PRO E 66 50.62 -13.27 42.38
N ASP E 67 51.81 -12.72 42.16
CA ASP E 67 51.96 -11.34 41.72
C ASP E 67 51.28 -11.08 40.36
N LYS E 68 50.97 -12.14 39.62
CA LYS E 68 50.35 -12.03 38.30
C LYS E 68 48.87 -12.48 38.24
N PHE E 69 48.32 -13.02 39.33
CA PHE E 69 46.93 -13.52 39.32
C PHE E 69 45.99 -12.49 38.72
N PHE E 70 46.10 -11.26 39.20
CA PHE E 70 45.07 -10.25 39.02
C PHE E 70 45.39 -9.16 37.98
N ILE E 71 46.42 -9.35 37.17
CA ILE E 71 46.87 -8.26 36.30
C ILE E 71 45.84 -7.81 35.27
N GLN E 72 44.91 -8.67 34.89
CA GLN E 72 43.83 -8.26 33.96
C GLN E 72 42.88 -7.23 34.58
N LEU E 73 42.92 -7.07 35.90
CA LEU E 73 42.11 -6.05 36.57
C LEU E 73 42.63 -4.62 36.28
N LYS E 74 43.81 -4.53 35.68
CA LYS E 74 44.34 -3.25 35.23
C LYS E 74 43.66 -2.76 33.96
N GLN E 75 43.02 -3.65 33.20
CA GLN E 75 42.38 -3.27 31.94
C GLN E 75 41.06 -2.54 32.15
N PRO E 76 40.73 -1.55 31.30
CA PRO E 76 39.40 -0.96 31.40
C PRO E 76 38.33 -1.95 30.92
N LEU E 77 37.08 -1.71 31.30
CA LEU E 77 35.95 -2.54 30.87
C LEU E 77 34.93 -1.82 30.00
N ARG E 78 34.79 -0.51 30.20
CA ARG E 78 33.78 0.29 29.50
C ARG E 78 34.01 0.38 28.00
N ASN E 79 35.26 0.23 27.56
CA ASN E 79 35.58 0.17 26.14
C ASN E 79 35.65 -1.27 25.60
N LYS E 80 35.16 -2.25 26.38
CA LYS E 80 35.16 -3.65 25.92
C LYS E 80 33.78 -4.09 25.45
N ARG E 81 33.74 -4.89 24.39
CA ARG E 81 32.48 -5.45 23.90
C ARG E 81 32.48 -6.97 23.71
N VAL E 82 33.65 -7.60 23.80
CA VAL E 82 33.77 -9.04 23.72
C VAL E 82 34.70 -9.55 24.82
N CYS E 83 34.23 -10.52 25.59
CA CYS E 83 35.13 -11.27 26.49
C CYS E 83 35.41 -12.66 25.90
N VAL E 84 36.71 -12.96 25.74
CA VAL E 84 37.17 -14.28 25.29
C VAL E 84 37.69 -15.01 26.52
N CYS E 85 36.98 -16.06 26.90
CA CYS E 85 37.14 -16.66 28.21
C CYS E 85 37.62 -18.13 28.13
N GLY E 86 38.77 -18.41 28.74
CA GLY E 86 39.25 -19.77 28.91
C GLY E 86 38.99 -20.22 30.33
N ILE E 87 39.25 -21.48 30.61
CA ILE E 87 38.87 -22.07 31.90
C ILE E 87 39.88 -21.68 33.00
N ASP E 88 41.17 -21.75 32.68
CA ASP E 88 42.22 -21.37 33.63
C ASP E 88 43.57 -21.21 32.92
N PRO E 89 44.62 -20.79 33.66
CA PRO E 89 45.89 -20.47 32.97
C PRO E 89 46.61 -21.69 32.41
N TYR E 90 47.62 -21.48 31.58
CA TYR E 90 48.44 -22.58 31.08
C TYR E 90 48.92 -23.38 32.29
N PRO E 91 48.98 -24.72 32.18
CA PRO E 91 49.49 -25.54 33.29
C PRO E 91 50.87 -25.10 33.77
N LYS E 92 51.69 -24.61 32.84
CA LYS E 92 52.95 -23.94 33.16
C LYS E 92 53.11 -22.68 32.33
N ASP E 93 53.88 -21.72 32.87
CA ASP E 93 54.29 -20.51 32.15
C ASP E 93 53.17 -19.48 31.96
N GLY E 94 52.11 -19.57 32.75
CA GLY E 94 51.06 -18.54 32.73
C GLY E 94 51.62 -17.19 33.11
N THR E 95 51.15 -16.14 32.43
CA THR E 95 51.65 -14.79 32.66
C THR E 95 50.67 -13.90 33.39
N GLY E 96 49.46 -14.41 33.64
CA GLY E 96 48.38 -13.59 34.16
C GLY E 96 47.52 -13.01 33.06
N VAL E 97 48.01 -13.03 31.83
CA VAL E 97 47.23 -12.64 30.64
C VAL E 97 46.77 -13.91 29.95
N PRO E 98 45.44 -14.15 29.93
CA PRO E 98 44.98 -15.41 29.36
C PRO E 98 45.49 -15.59 27.95
N PHE E 99 45.94 -16.81 27.66
CA PHE E 99 46.48 -17.24 26.36
C PHE E 99 47.86 -16.72 25.96
N GLU E 100 48.37 -15.71 26.64
CA GLU E 100 49.64 -15.10 26.24
C GLU E 100 50.82 -16.09 26.36
N SER E 101 51.57 -16.23 25.27
CA SER E 101 52.85 -16.93 25.24
C SER E 101 53.86 -16.04 24.51
N PRO E 102 54.67 -15.28 25.27
CA PRO E 102 55.59 -14.29 24.66
C PRO E 102 56.49 -14.83 23.55
N ASN E 103 56.97 -16.06 23.69
CA ASN E 103 57.76 -16.71 22.62
C ASN E 103 56.91 -17.60 21.68
N PHE E 104 55.58 -17.56 21.85
CA PHE E 104 54.66 -18.18 20.90
C PHE E 104 54.86 -19.70 20.76
N THR E 105 55.00 -20.38 21.90
CA THR E 105 55.21 -21.83 21.90
C THR E 105 53.99 -22.65 22.33
N LYS E 106 53.03 -22.01 23.01
CA LYS E 106 51.89 -22.74 23.54
C LYS E 106 50.87 -23.09 22.45
N LYS E 107 50.43 -24.34 22.42
CA LYS E 107 49.50 -24.82 21.40
C LYS E 107 48.23 -23.98 21.29
N SER E 108 47.64 -23.60 22.42
CA SER E 108 46.39 -22.83 22.43
C SER E 108 46.48 -21.55 21.60
N ILE E 109 47.51 -20.73 21.86
CA ILE E 109 47.62 -19.46 21.16
C ILE E 109 48.01 -19.67 19.70
N LYS E 110 48.77 -20.72 19.42
CA LYS E 110 49.14 -21.03 18.03
C LYS E 110 47.93 -21.39 17.18
N GLU E 111 47.00 -22.14 17.76
CA GLU E 111 45.76 -22.53 17.08
C GLU E 111 44.84 -21.33 16.91
N ILE E 112 44.68 -20.56 17.98
CA ILE E 112 43.94 -19.30 17.91
C ILE E 112 44.48 -18.42 16.77
N ALA E 113 45.79 -18.24 16.68
CA ALA E 113 46.39 -17.38 15.68
C ALA E 113 46.12 -17.89 14.26
N SER E 114 46.17 -19.22 14.09
CA SER E 114 45.89 -19.85 12.81
C SER E 114 44.44 -19.63 12.39
N SER E 115 43.53 -19.81 13.35
N SER E 115 43.52 -19.79 13.34
CA SER E 115 42.11 -19.52 13.10
CA SER E 115 42.11 -19.52 13.07
C SER E 115 41.91 -18.06 12.68
C SER E 115 41.89 -18.05 12.69
N ILE E 116 42.53 -17.14 13.41
CA ILE E 116 42.46 -15.72 13.05
C ILE E 116 43.18 -15.42 11.73
N SER E 117 44.26 -16.15 11.43
CA SER E 117 44.93 -16.03 10.15
C SER E 117 43.98 -16.40 9.00
N ARG E 118 43.26 -17.52 9.14
CA ARG E 118 42.28 -17.94 8.13
C ARG E 118 41.15 -16.92 7.99
N LEU E 119 40.70 -16.41 9.13
CA LEU E 119 39.63 -15.42 9.13
C LEU E 119 40.02 -14.10 8.47
N THR E 120 41.27 -13.66 8.64
CA THR E 120 41.68 -12.32 8.20
C THR E 120 42.49 -12.27 6.91
N GLY E 121 43.15 -13.37 6.54
CA GLY E 121 44.05 -13.37 5.39
C GLY E 121 45.51 -13.06 5.73
N VAL E 122 45.79 -12.69 6.98
CA VAL E 122 47.18 -12.48 7.39
C VAL E 122 47.91 -13.83 7.46
N ILE E 123 48.95 -13.97 6.65
CA ILE E 123 49.68 -15.24 6.52
C ILE E 123 51.03 -15.25 7.26
N ASP E 124 51.75 -14.13 7.23
CA ASP E 124 53.05 -14.02 7.88
C ASP E 124 52.94 -13.28 9.20
N TYR E 125 53.43 -13.89 10.26
CA TYR E 125 53.40 -13.30 11.60
C TYR E 125 54.30 -14.13 12.52
N LYS E 126 54.70 -13.53 13.65
CA LYS E 126 55.59 -14.18 14.61
C LYS E 126 54.90 -14.51 15.93
N GLY E 127 53.70 -14.01 16.12
CA GLY E 127 53.00 -14.22 17.38
C GLY E 127 51.59 -13.68 17.32
N TYR E 128 50.87 -13.89 18.43
CA TYR E 128 49.52 -13.39 18.58
C TYR E 128 49.22 -13.18 20.06
N ASN E 129 48.54 -12.09 20.37
CA ASN E 129 48.14 -11.78 21.73
C ASN E 129 46.73 -11.20 21.71
N LEU E 130 45.79 -11.88 22.37
CA LEU E 130 44.41 -11.40 22.43
C LEU E 130 44.25 -10.12 23.23
N ASN E 131 45.24 -9.82 24.07
CA ASN E 131 45.18 -8.67 24.99
C ASN E 131 45.54 -7.31 24.36
N ILE E 132 45.96 -7.29 23.10
CA ILE E 132 46.29 -6.02 22.43
C ILE E 132 45.26 -5.62 21.37
N ILE E 133 44.06 -6.22 21.43
CA ILE E 133 42.98 -5.97 20.47
C ILE E 133 41.96 -5.00 21.07
N ASP E 134 41.66 -3.89 20.40
CA ASP E 134 40.64 -2.96 20.89
C ASP E 134 39.29 -3.67 21.02
N GLY E 135 38.63 -3.50 22.15
CA GLY E 135 37.31 -4.07 22.40
C GLY E 135 37.27 -5.48 22.97
N VAL E 136 38.42 -6.14 23.09
CA VAL E 136 38.48 -7.52 23.58
C VAL E 136 39.17 -7.59 24.94
N ILE E 137 38.53 -8.23 25.92
CA ILE E 137 39.22 -8.59 27.17
C ILE E 137 39.32 -10.12 27.24
N PRO E 138 40.55 -10.65 27.11
CA PRO E 138 40.73 -12.08 27.32
C PRO E 138 40.70 -12.38 28.82
N TRP E 139 40.11 -13.50 29.19
CA TRP E 139 39.82 -13.80 30.58
C TRP E 139 39.99 -15.29 30.85
N ASN E 140 40.39 -15.62 32.07
CA ASN E 140 40.31 -16.99 32.56
C ASN E 140 39.32 -17.07 33.70
N TYR E 141 38.41 -18.05 33.64
CA TYR E 141 37.38 -18.18 34.64
C TYR E 141 38.01 -18.36 36.01
N TYR E 142 38.95 -19.30 36.12
CA TYR E 142 39.74 -19.47 37.34
C TYR E 142 41.10 -18.80 37.14
N LEU E 143 41.61 -18.12 38.16
CA LEU E 143 42.77 -17.22 37.99
C LEU E 143 44.12 -17.86 38.32
N SER E 144 44.10 -19.13 38.73
CA SER E 144 45.32 -19.92 38.87
C SER E 144 45.03 -21.40 38.76
N CYS E 145 46.06 -22.19 38.55
CA CYS E 145 45.99 -23.62 38.76
C CYS E 145 47.27 -24.04 39.45
N LYS E 146 47.21 -25.14 40.19
CA LYS E 146 48.44 -25.75 40.70
C LYS E 146 49.32 -26.08 39.50
N LEU E 147 50.60 -25.76 39.59
CA LEU E 147 51.54 -25.94 38.48
C LEU E 147 51.43 -27.34 37.89
N GLY E 148 51.07 -27.42 36.60
CA GLY E 148 50.98 -28.68 35.87
C GLY E 148 49.65 -29.42 35.97
N GLU E 149 48.65 -28.80 36.59
CA GLU E 149 47.37 -29.48 36.85
C GLU E 149 46.17 -28.58 36.55
N THR E 150 45.54 -28.81 35.39
CA THR E 150 44.39 -28.04 34.96
C THR E 150 43.16 -28.18 35.87
N LYS E 151 42.54 -27.04 36.18
CA LYS E 151 41.33 -26.94 37.02
C LYS E 151 41.52 -27.35 38.49
N SER E 152 42.76 -27.42 38.95
CA SER E 152 43.05 -27.83 40.33
C SER E 152 42.64 -26.81 41.40
N HIS E 153 42.49 -25.54 41.02
CA HIS E 153 42.10 -24.49 41.98
C HIS E 153 40.67 -24.01 41.76
N ALA E 154 39.88 -24.77 41.03
CA ALA E 154 38.48 -24.46 40.81
C ALA E 154 37.76 -24.24 42.14
N ILE E 155 38.04 -25.10 43.11
CA ILE E 155 37.32 -25.02 44.37
C ILE E 155 37.59 -23.70 45.12
N TYR E 156 38.77 -23.12 44.96
CA TYR E 156 39.11 -21.88 45.66
C TYR E 156 38.61 -20.63 44.95
N TRP E 157 38.69 -20.62 43.62
CA TRP E 157 38.28 -19.44 42.85
C TRP E 157 36.77 -19.29 42.71
N ASP E 158 36.05 -20.41 42.78
CA ASP E 158 34.60 -20.47 42.57
C ASP E 158 33.82 -19.15 42.79
N LYS E 159 33.78 -18.66 44.03
CA LYS E 159 32.98 -17.46 44.33
C LYS E 159 33.56 -16.20 43.67
N ILE E 160 34.89 -16.08 43.66
CA ILE E 160 35.53 -14.96 42.97
C ILE E 160 35.25 -15.03 41.47
N SER E 161 35.30 -16.24 40.91
CA SER E 161 35.15 -16.44 39.46
C SER E 161 33.79 -16.01 38.99
N LYS E 162 32.76 -16.41 39.72
CA LYS E 162 31.42 -15.95 39.45
C LYS E 162 31.35 -14.41 39.59
N LEU E 163 31.87 -13.86 40.68
CA LEU E 163 31.80 -12.42 40.91
C LEU E 163 32.38 -11.61 39.74
N LEU E 164 33.58 -11.98 39.31
CA LEU E 164 34.31 -11.20 38.33
C LEU E 164 33.71 -11.34 36.93
N LEU E 165 33.27 -12.54 36.56
CA LEU E 165 32.63 -12.76 35.27
C LEU E 165 31.29 -12.05 35.19
N GLN E 166 30.53 -12.06 36.27
CA GLN E 166 29.26 -11.32 36.31
C GLN E 166 29.52 -9.83 36.12
N HIS E 167 30.62 -9.35 36.68
CA HIS E 167 31.00 -7.95 36.46
C HIS E 167 31.42 -7.65 35.02
N ILE E 168 32.22 -8.52 34.40
CA ILE E 168 32.63 -8.35 32.99
C ILE E 168 31.40 -8.30 32.06
N THR E 169 30.43 -9.17 32.32
CA THR E 169 29.26 -9.27 31.47
C THR E 169 28.26 -8.11 31.63
N LYS E 170 28.39 -7.30 32.67
CA LYS E 170 27.73 -5.99 32.69
C LYS E 170 28.25 -5.03 31.62
N HIS E 171 29.45 -5.26 31.12
CA HIS E 171 30.11 -4.34 30.18
C HIS E 171 30.12 -4.84 28.75
N VAL E 172 30.51 -6.10 28.56
CA VAL E 172 30.63 -6.66 27.22
C VAL E 172 29.30 -7.11 26.64
N SER E 173 29.23 -7.16 25.32
CA SER E 173 28.05 -7.58 24.58
C SER E 173 28.07 -9.09 24.29
N VAL E 174 29.27 -9.63 24.06
CA VAL E 174 29.44 -11.04 23.72
C VAL E 174 30.47 -11.68 24.64
N LEU E 175 30.11 -12.84 25.17
CA LEU E 175 31.02 -13.71 25.93
C LEU E 175 31.26 -14.96 25.11
N TYR E 176 32.52 -15.19 24.74
CA TYR E 176 32.93 -16.35 23.98
C TYR E 176 33.78 -17.26 24.87
N CYS E 177 33.19 -18.37 25.31
CA CYS E 177 33.87 -19.34 26.17
C CYS E 177 34.45 -20.50 25.36
N LEU E 178 35.67 -20.92 25.72
CA LEU E 178 36.37 -22.01 25.03
C LEU E 178 36.43 -23.24 25.91
N GLY E 179 35.62 -24.24 25.56
CA GLY E 179 35.56 -25.48 26.33
C GLY E 179 34.12 -25.95 26.50
N LYS E 180 33.69 -26.86 25.62
CA LYS E 180 32.29 -27.29 25.55
C LYS E 180 31.79 -27.98 26.82
N THR E 181 32.67 -28.71 27.49
CA THR E 181 32.30 -29.38 28.73
C THR E 181 32.53 -28.46 29.91
N ASP E 182 33.72 -27.87 29.98
CA ASP E 182 34.05 -26.91 31.04
C ASP E 182 33.01 -25.81 31.20
N PHE E 183 32.48 -25.29 30.09
CA PHE E 183 31.51 -24.21 30.14
C PHE E 183 30.07 -24.62 29.75
N SER E 184 29.77 -25.91 29.74
CA SER E 184 28.44 -26.37 29.33
C SER E 184 27.33 -25.58 30.02
N ASN E 185 27.49 -25.32 31.31
CA ASN E 185 26.47 -24.66 32.12
C ASN E 185 26.81 -23.22 32.54
N ILE E 186 27.66 -22.55 31.78
CA ILE E 186 28.14 -21.21 32.15
C ILE E 186 27.02 -20.18 32.27
N ARG E 187 26.03 -20.25 31.37
CA ARG E 187 24.97 -19.25 31.38
C ARG E 187 24.21 -19.21 32.71
N ALA E 188 24.22 -20.32 33.45
CA ALA E 188 23.65 -20.34 34.82
C ALA E 188 24.37 -19.41 35.80
N LYS E 189 25.65 -19.12 35.54
CA LYS E 189 26.43 -18.22 36.39
C LYS E 189 26.16 -16.73 36.14
N LEU E 190 25.40 -16.41 35.09
CA LEU E 190 25.26 -15.03 34.64
C LEU E 190 23.94 -14.44 35.13
N GLU E 191 23.93 -13.12 35.31
CA GLU E 191 22.71 -12.40 35.71
C GLU E 191 22.39 -11.22 34.80
N SER E 192 23.40 -10.57 34.23
CA SER E 192 23.17 -9.45 33.32
C SER E 192 23.02 -9.91 31.87
N PRO E 193 22.17 -9.22 31.06
CA PRO E 193 22.03 -9.59 29.64
C PRO E 193 23.36 -9.58 28.89
N VAL E 194 23.67 -10.71 28.26
CA VAL E 194 24.85 -10.86 27.44
C VAL E 194 24.62 -12.02 26.49
N THR E 195 25.15 -11.93 25.28
CA THR E 195 25.08 -13.03 24.34
C THR E 195 26.28 -13.95 24.55
N THR E 196 26.01 -15.23 24.82
CA THR E 196 27.07 -16.18 25.11
C THR E 196 27.14 -17.28 24.09
N ILE E 197 28.32 -17.49 23.55
CA ILE E 197 28.61 -18.67 22.75
C ILE E 197 29.73 -19.48 23.39
N VAL E 198 29.59 -20.79 23.33
CA VAL E 198 30.50 -21.74 23.94
C VAL E 198 31.02 -22.65 22.84
N GLY E 199 32.30 -22.53 22.53
CA GLY E 199 32.91 -23.29 21.47
C GLY E 199 33.96 -24.26 21.98
N TYR E 200 34.61 -24.93 21.04
CA TYR E 200 35.64 -25.88 21.37
C TYR E 200 36.88 -25.17 21.90
N HIS E 201 37.60 -25.84 22.77
CA HIS E 201 38.91 -25.37 23.18
C HIS E 201 39.93 -25.75 22.10
N PRO E 202 40.96 -24.92 21.89
CA PRO E 202 41.97 -25.16 20.85
C PRO E 202 42.50 -26.61 20.64
N ALA E 203 42.44 -27.47 21.68
CA ALA E 203 43.05 -28.80 21.62
C ALA E 203 42.11 -29.98 21.28
N ALA E 204 40.85 -29.70 20.97
CA ALA E 204 39.84 -30.77 20.80
C ALA E 204 40.19 -31.77 19.68
N ARG E 207 40.03 -32.04 14.68
CA ARG E 207 40.16 -30.67 14.19
C ARG E 207 38.95 -29.82 14.57
N GLN E 208 38.39 -30.03 15.76
CA GLN E 208 37.13 -29.38 16.10
C GLN E 208 37.30 -27.87 16.27
N PHE E 209 38.39 -27.43 16.89
CA PHE E 209 38.64 -26.00 17.00
C PHE E 209 38.93 -25.36 15.63
N GLU E 210 39.73 -26.04 14.80
CA GLU E 210 40.04 -25.53 13.45
C GLU E 210 38.79 -25.26 12.63
N LYS E 211 37.80 -26.14 12.76
CA LYS E 211 36.54 -26.03 12.02
C LYS E 211 35.54 -25.04 12.66
N ASP E 212 35.85 -24.60 13.87
CA ASP E 212 34.94 -23.78 14.67
C ASP E 212 34.82 -22.37 14.07
N ARG E 213 33.59 -21.95 13.79
N ARG E 213 33.60 -21.95 13.77
CA ARG E 213 33.33 -20.63 13.22
CA ARG E 213 33.35 -20.62 13.22
C ARG E 213 32.99 -19.58 14.29
C ARG E 213 32.94 -19.61 14.29
N SER E 214 33.31 -19.87 15.56
CA SER E 214 32.95 -19.00 16.67
C SER E 214 33.58 -17.61 16.55
N PHE E 215 34.89 -17.55 16.32
CA PHE E 215 35.55 -16.25 16.08
C PHE E 215 34.88 -15.51 14.94
N GLU E 216 34.67 -16.21 13.83
CA GLU E 216 34.03 -15.57 12.68
C GLU E 216 32.67 -14.95 13.04
N ILE E 217 31.85 -15.64 13.83
CA ILE E 217 30.48 -15.19 14.08
C ILE E 217 30.37 -14.00 15.07
N ILE E 218 31.43 -13.75 15.82
CA ILE E 218 31.38 -12.73 16.88
C ILE E 218 31.02 -11.34 16.34
N ASN E 219 31.61 -10.95 15.22
CA ASN E 219 31.33 -9.62 14.67
C ASN E 219 29.87 -9.45 14.23
N VAL E 220 29.24 -10.54 13.81
CA VAL E 220 27.81 -10.49 13.43
C VAL E 220 26.96 -10.36 14.68
N LEU E 221 27.33 -11.07 15.75
CA LEU E 221 26.61 -10.97 17.02
C LEU E 221 26.72 -9.55 17.58
N LEU E 222 27.89 -8.93 17.39
CA LEU E 222 28.09 -7.55 17.80
C LEU E 222 27.19 -6.62 17.01
N GLU E 223 27.13 -6.81 15.70
CA GLU E 223 26.24 -5.99 14.87
C GLU E 223 24.77 -6.06 15.31
N LEU E 224 24.28 -7.26 15.65
CA LEU E 224 22.94 -7.42 16.20
C LEU E 224 22.69 -6.53 17.41
N ASP E 225 23.74 -6.23 18.17
CA ASP E 225 23.65 -5.40 19.36
C ASP E 225 24.15 -3.96 19.07
N ASN E 226 24.15 -3.57 17.79
CA ASN E 226 24.62 -2.26 17.37
C ASN E 226 26.00 -1.94 17.93
N LYS E 227 26.90 -2.92 17.86
CA LYS E 227 28.28 -2.77 18.30
C LYS E 227 29.23 -2.94 17.12
N ALA E 228 30.34 -2.20 17.16
CA ALA E 228 31.34 -2.24 16.10
C ALA E 228 32.08 -3.57 16.08
N PRO E 229 32.47 -4.02 14.89
CA PRO E 229 33.24 -5.27 14.83
C PRO E 229 34.62 -5.18 15.48
N ILE E 230 35.15 -6.35 15.85
CA ILE E 230 36.51 -6.47 16.33
C ILE E 230 37.41 -6.60 15.11
N ASN E 231 38.53 -5.89 15.14
CA ASN E 231 39.58 -6.08 14.16
C ASN E 231 40.56 -7.11 14.73
N TRP E 232 40.29 -8.38 14.45
CA TRP E 232 41.07 -9.49 14.98
C TRP E 232 42.55 -9.44 14.59
N ALA E 233 42.85 -8.86 13.42
CA ALA E 233 44.25 -8.71 12.98
C ALA E 233 45.14 -7.86 13.91
N GLN E 234 44.55 -6.99 14.74
CA GLN E 234 45.32 -6.23 15.74
C GLN E 234 46.08 -7.13 16.72
N GLY E 235 45.66 -8.39 16.84
CA GLY E 235 46.33 -9.36 17.72
C GLY E 235 47.69 -9.84 17.23
N PHE E 236 47.96 -9.71 15.94
CA PHE E 236 49.17 -10.30 15.37
C PHE E 236 50.41 -9.52 15.80
N ILE E 237 51.50 -10.27 15.99
CA ILE E 237 52.80 -9.73 16.34
C ILE E 237 53.73 -10.08 15.18
N TYR E 238 54.46 -9.09 14.68
CA TYR E 238 55.25 -9.25 13.46
C TYR E 238 56.75 -9.19 13.72
N MET F 21 20.47 -12.94 -8.55
CA MET F 21 20.70 -12.02 -9.72
C MET F 21 19.59 -12.17 -10.75
N ASN F 22 18.67 -11.22 -10.77
CA ASN F 22 17.59 -11.19 -11.75
C ASN F 22 17.85 -10.16 -12.85
N SER F 23 16.90 -10.01 -13.75
CA SER F 23 16.96 -8.96 -14.75
C SER F 23 15.57 -8.56 -15.21
N VAL F 24 15.49 -7.38 -15.80
CA VAL F 24 14.25 -6.88 -16.40
C VAL F 24 14.59 -6.36 -17.77
N THR F 25 13.59 -6.28 -18.65
CA THR F 25 13.81 -5.76 -20.00
C THR F 25 13.28 -4.34 -20.12
N VAL F 26 13.97 -3.53 -20.92
CA VAL F 26 13.55 -2.17 -21.21
C VAL F 26 13.43 -2.04 -22.73
N SER F 27 12.56 -1.15 -23.19
CA SER F 27 12.23 -1.07 -24.62
C SER F 27 13.42 -0.62 -25.47
N HIS F 28 14.30 0.19 -24.90
CA HIS F 28 15.44 0.74 -25.64
C HIS F 28 16.76 0.17 -25.13
N ALA F 29 17.84 0.45 -25.85
CA ALA F 29 19.16 -0.03 -25.43
C ALA F 29 19.46 0.46 -24.01
N PRO F 30 20.12 -0.38 -23.20
CA PRO F 30 20.72 -1.68 -23.52
C PRO F 30 19.73 -2.86 -23.45
N TYR F 31 18.43 -2.58 -23.44
CA TYR F 31 17.36 -3.59 -23.59
C TYR F 31 17.13 -4.51 -22.39
N THR F 32 18.22 -4.94 -21.73
CA THR F 32 18.14 -5.74 -20.52
C THR F 32 18.98 -5.07 -19.42
N ILE F 33 18.51 -5.14 -18.18
CA ILE F 33 19.25 -4.65 -17.02
C ILE F 33 19.34 -5.78 -15.99
N THR F 34 20.55 -6.28 -15.78
CA THR F 34 20.81 -7.28 -14.75
C THR F 34 21.05 -6.56 -13.43
N TYR F 35 20.54 -7.12 -12.32
CA TYR F 35 20.65 -6.46 -11.02
C TYR F 35 20.65 -7.44 -9.83
N HIS F 36 21.30 -7.02 -8.76
CA HIS F 36 21.29 -7.76 -7.49
C HIS F 36 19.97 -7.53 -6.78
N ASN F 37 19.49 -8.55 -6.05
CA ASN F 37 18.19 -8.52 -5.36
C ASN F 37 17.96 -7.29 -4.45
N ASP F 38 19.02 -6.77 -3.85
CA ASP F 38 18.96 -5.58 -3.00
C ASP F 38 18.35 -4.37 -3.71
N TRP F 39 18.37 -4.37 -5.04
CA TRP F 39 17.74 -3.30 -5.81
C TRP F 39 16.26 -3.56 -6.20
N GLU F 40 15.76 -4.77 -5.93
CA GLU F 40 14.39 -5.14 -6.35
C GLU F 40 13.34 -4.05 -6.10
N PRO F 41 13.32 -3.44 -4.90
CA PRO F 41 12.26 -2.45 -4.64
C PRO F 41 12.11 -1.30 -5.64
N VAL F 42 13.17 -0.96 -6.38
CA VAL F 42 13.11 0.19 -7.31
C VAL F 42 13.05 -0.18 -8.79
N MET F 43 13.20 -1.46 -9.12
CA MET F 43 13.38 -1.86 -10.51
C MET F 43 12.15 -1.61 -11.36
N SER F 44 10.95 -1.77 -10.78
CA SER F 44 9.71 -1.48 -11.49
C SER F 44 9.64 -0.03 -11.91
N GLN F 45 9.82 0.89 -10.96
CA GLN F 45 9.86 2.32 -11.26
C GLN F 45 11.00 2.68 -12.20
N LEU F 46 12.12 1.97 -12.09
CA LEU F 46 13.27 2.23 -12.95
C LEU F 46 12.99 1.89 -14.42
N VAL F 47 12.31 0.77 -14.66
CA VAL F 47 11.92 0.38 -16.02
C VAL F 47 11.03 1.47 -16.62
N GLU F 48 9.96 1.82 -15.92
CA GLU F 48 9.03 2.87 -16.37
C GLU F 48 9.74 4.20 -16.64
N PHE F 49 10.56 4.64 -15.69
CA PHE F 49 11.27 5.92 -15.82
C PHE F 49 12.25 5.89 -16.98
N TYR F 50 13.02 4.81 -17.13
CA TYR F 50 14.01 4.71 -18.18
C TYR F 50 13.39 4.64 -19.58
N ASN F 51 12.28 3.92 -19.72
CA ASN F 51 11.55 3.84 -20.99
C ASN F 51 11.08 5.20 -21.48
N GLU F 52 10.71 6.08 -20.54
CA GLU F 52 10.33 7.46 -20.85
C GLU F 52 11.46 8.30 -21.46
N VAL F 53 12.67 8.20 -20.91
CA VAL F 53 13.73 9.16 -21.26
C VAL F 53 14.86 8.60 -22.12
N ALA F 54 14.85 7.30 -22.39
CA ALA F 54 16.01 6.66 -23.01
C ALA F 54 16.35 7.19 -24.41
N SER F 55 15.33 7.58 -25.16
CA SER F 55 15.57 8.11 -26.51
C SER F 55 16.43 9.38 -26.46
N TRP F 56 16.23 10.21 -25.43
CA TRP F 56 17.03 11.41 -25.24
C TRP F 56 18.49 11.05 -25.03
N LEU F 57 18.74 9.98 -24.28
CA LEU F 57 20.11 9.58 -23.97
C LEU F 57 20.82 9.03 -25.20
N LEU F 58 20.12 8.20 -25.96
CA LEU F 58 20.73 7.42 -27.03
C LEU F 58 20.95 8.16 -28.36
N ARG F 59 20.47 9.40 -28.48
CA ARG F 59 20.73 10.18 -29.70
C ARG F 59 22.16 10.74 -29.71
N ASP F 60 22.79 10.79 -28.54
CA ASP F 60 24.18 11.25 -28.43
C ASP F 60 25.09 10.05 -28.28
N GLU F 61 26.37 10.21 -28.61
CA GLU F 61 27.38 9.26 -28.16
C GLU F 61 27.53 9.54 -26.66
N THR F 62 27.71 8.49 -25.86
CA THR F 62 27.69 8.64 -24.40
C THR F 62 28.93 8.10 -23.71
N SER F 63 29.14 8.55 -22.46
CA SER F 63 30.11 7.96 -21.55
C SER F 63 29.31 7.64 -20.30
N PRO F 64 29.22 6.35 -19.92
CA PRO F 64 29.76 5.22 -20.67
C PRO F 64 28.84 4.84 -21.83
N ILE F 65 29.24 3.86 -22.63
CA ILE F 65 28.33 3.24 -23.59
C ILE F 65 27.10 2.70 -22.86
N PRO F 66 25.93 2.63 -23.53
CA PRO F 66 24.70 2.19 -22.86
C PRO F 66 24.70 0.82 -22.17
N ASP F 67 25.43 -0.16 -22.70
CA ASP F 67 25.54 -1.47 -22.05
C ASP F 67 26.23 -1.43 -20.67
N LYS F 68 26.84 -0.29 -20.33
CA LYS F 68 27.51 -0.11 -19.05
C LYS F 68 26.82 0.90 -18.14
N PHE F 69 25.69 1.47 -18.59
CA PHE F 69 24.96 2.46 -17.79
C PHE F 69 24.72 1.96 -16.37
N PHE F 70 24.22 0.73 -16.26
CA PHE F 70 23.66 0.23 -15.01
C PHE F 70 24.50 -0.86 -14.35
N ILE F 71 25.78 -0.94 -14.69
CA ILE F 71 26.61 -2.05 -14.23
C ILE F 71 26.76 -2.10 -12.69
N GLN F 72 26.65 -0.95 -12.02
CA GLN F 72 26.73 -0.91 -10.55
C GLN F 72 25.52 -1.54 -9.85
N LEU F 73 24.41 -1.72 -10.58
CA LEU F 73 23.23 -2.40 -10.01
C LEU F 73 23.47 -3.89 -9.77
N LYS F 74 24.59 -4.42 -10.28
CA LYS F 74 25.02 -5.77 -9.94
C LYS F 74 25.60 -5.85 -8.52
N GLN F 75 25.94 -4.71 -7.93
CA GLN F 75 26.53 -4.67 -6.60
C GLN F 75 25.48 -4.87 -5.50
N PRO F 76 25.84 -5.62 -4.44
CA PRO F 76 24.97 -5.66 -3.27
C PRO F 76 24.94 -4.33 -2.53
N LEU F 77 23.90 -4.13 -1.74
CA LEU F 77 23.77 -2.94 -0.89
C LEU F 77 23.80 -3.19 0.63
N ARG F 78 23.34 -4.36 1.07
N ARG F 78 23.34 -4.36 1.07
CA ARG F 78 23.24 -4.66 2.50
CA ARG F 78 23.23 -4.64 2.50
C ARG F 78 24.60 -4.68 3.19
C ARG F 78 24.59 -4.71 3.20
N ASN F 79 25.66 -5.03 2.46
CA ASN F 79 27.00 -5.02 3.02
C ASN F 79 27.73 -3.69 2.81
N LYS F 80 27.01 -2.64 2.40
CA LYS F 80 27.65 -1.33 2.19
C LYS F 80 27.32 -0.33 3.31
N ARG F 81 28.32 0.45 3.71
CA ARG F 81 28.10 1.48 4.74
C ARG F 81 28.49 2.90 4.31
N VAL F 82 29.19 3.03 3.19
CA VAL F 82 29.59 4.30 2.63
C VAL F 82 29.27 4.33 1.14
N CYS F 83 28.52 5.31 0.70
CA CYS F 83 28.41 5.60 -0.73
C CYS F 83 29.33 6.78 -1.05
N VAL F 84 30.22 6.58 -2.02
CA VAL F 84 31.08 7.63 -2.54
C VAL F 84 30.52 8.06 -3.90
N CYS F 85 30.02 9.29 -3.95
CA CYS F 85 29.14 9.72 -5.05
C CYS F 85 29.68 10.91 -5.84
N GLY F 86 29.92 10.71 -7.13
CA GLY F 86 30.24 11.81 -8.04
C GLY F 86 29.01 12.18 -8.83
N ILE F 87 29.07 13.29 -9.54
CA ILE F 87 27.88 13.83 -10.22
C ILE F 87 27.52 13.03 -11.48
N ASP F 88 28.51 12.67 -12.29
CA ASP F 88 28.26 11.88 -13.51
C ASP F 88 29.57 11.29 -14.05
N PRO F 89 29.50 10.43 -15.10
CA PRO F 89 30.73 9.73 -15.54
C PRO F 89 31.81 10.64 -16.07
N TYR F 90 33.01 10.10 -16.28
CA TYR F 90 34.05 10.84 -16.97
C TYR F 90 33.46 11.28 -18.31
N PRO F 91 33.79 12.50 -18.78
CA PRO F 91 33.31 12.95 -20.08
C PRO F 91 33.65 11.97 -21.20
N LYS F 92 34.79 11.31 -21.07
CA LYS F 92 35.21 10.27 -22.00
C LYS F 92 35.75 9.05 -21.26
N ASP F 93 35.52 7.87 -21.83
CA ASP F 93 36.08 6.60 -21.34
C ASP F 93 35.50 6.11 -19.99
N GLY F 94 34.33 6.60 -19.61
CA GLY F 94 33.64 6.06 -18.45
C GLY F 94 33.36 4.58 -18.66
N THR F 95 33.53 3.77 -17.62
CA THR F 95 33.38 2.32 -17.70
C THR F 95 32.06 1.82 -17.12
N GLY F 96 31.29 2.72 -16.53
CA GLY F 96 30.13 2.32 -15.76
C GLY F 96 30.43 2.09 -14.29
N VAL F 97 31.71 1.92 -13.93
CA VAL F 97 32.13 1.95 -12.52
C VAL F 97 32.62 3.38 -12.22
N PRO F 98 31.94 4.09 -11.32
CA PRO F 98 32.34 5.47 -11.07
C PRO F 98 33.80 5.63 -10.66
N PHE F 99 34.46 6.62 -11.27
CA PHE F 99 35.85 6.97 -11.02
C PHE F 99 36.87 6.00 -11.63
N GLU F 100 36.43 4.84 -12.10
CA GLU F 100 37.34 3.78 -12.52
C GLU F 100 38.10 4.21 -13.77
N SER F 101 39.43 4.09 -13.71
CA SER F 101 40.29 4.34 -14.85
C SER F 101 41.27 3.18 -14.96
N PRO F 102 40.91 2.14 -15.73
CA PRO F 102 41.73 0.93 -15.83
C PRO F 102 43.22 1.20 -16.11
N ASN F 103 43.51 2.19 -16.93
CA ASN F 103 44.91 2.56 -17.20
C ASN F 103 45.45 3.69 -16.28
N PHE F 104 44.66 4.08 -15.28
CA PHE F 104 45.06 5.07 -14.29
C PHE F 104 45.58 6.36 -14.93
N THR F 105 44.79 6.91 -15.84
CA THR F 105 45.13 8.17 -16.51
C THR F 105 44.26 9.36 -16.10
N LYS F 106 43.07 9.10 -15.56
CA LYS F 106 42.15 10.18 -15.23
C LYS F 106 42.61 10.94 -13.98
N LYS F 107 42.53 12.26 -14.03
CA LYS F 107 42.99 13.10 -12.92
C LYS F 107 42.24 12.77 -11.62
N SER F 108 40.92 12.65 -11.69
N SER F 108 40.92 12.65 -11.72
CA SER F 108 40.09 12.48 -10.51
CA SER F 108 40.06 12.46 -10.55
C SER F 108 40.54 11.33 -9.62
C SER F 108 40.53 11.33 -9.64
N ILE F 109 40.72 10.15 -10.22
CA ILE F 109 41.10 8.95 -9.46
C ILE F 109 42.56 9.00 -9.00
N LYS F 110 43.43 9.60 -9.80
CA LYS F 110 44.81 9.81 -9.40
C LYS F 110 44.90 10.74 -8.18
N GLU F 111 44.08 11.79 -8.15
CA GLU F 111 44.02 12.67 -6.99
C GLU F 111 43.49 11.95 -5.76
N ILE F 112 42.46 11.14 -5.94
CA ILE F 112 41.92 10.32 -4.85
C ILE F 112 42.99 9.38 -4.31
N ALA F 113 43.69 8.66 -5.19
CA ALA F 113 44.77 7.76 -4.79
C ALA F 113 45.89 8.49 -4.03
N SER F 114 46.26 9.68 -4.52
N SER F 114 46.26 9.68 -4.52
CA SER F 114 47.27 10.50 -3.87
CA SER F 114 47.28 10.48 -3.86
C SER F 114 46.89 10.83 -2.43
C SER F 114 46.89 10.84 -2.43
N SER F 115 45.63 11.20 -2.21
CA SER F 115 45.12 11.49 -0.86
C SER F 115 45.18 10.25 0.03
N ILE F 116 44.72 9.12 -0.50
CA ILE F 116 44.73 7.87 0.26
C ILE F 116 46.15 7.39 0.54
N SER F 117 47.05 7.58 -0.43
CA SER F 117 48.46 7.30 -0.26
C SER F 117 49.01 8.06 0.95
N ARG F 118 48.68 9.35 1.04
CA ARG F 118 49.11 10.21 2.13
C ARG F 118 48.58 9.72 3.49
N LEU F 119 47.30 9.32 3.52
CA LEU F 119 46.70 8.82 4.76
C LEU F 119 47.18 7.43 5.18
N THR F 120 47.50 6.57 4.21
CA THR F 120 47.79 5.15 4.50
C THR F 120 49.27 4.81 4.53
N GLY F 121 50.11 5.70 4.01
CA GLY F 121 51.54 5.41 3.87
C GLY F 121 51.90 4.53 2.68
N VAL F 122 50.92 4.23 1.82
CA VAL F 122 51.16 3.40 0.65
C VAL F 122 51.65 4.29 -0.48
N ILE F 123 52.95 4.21 -0.76
CA ILE F 123 53.61 5.12 -1.73
C ILE F 123 53.80 4.49 -3.12
N ASP F 124 53.93 3.17 -3.17
CA ASP F 124 54.19 2.45 -4.42
C ASP F 124 52.95 1.69 -4.87
N TYR F 125 52.32 2.18 -5.93
CA TYR F 125 51.11 1.57 -6.47
C TYR F 125 51.05 1.87 -7.95
N LYS F 126 50.20 1.12 -8.66
CA LYS F 126 50.02 1.29 -10.10
C LYS F 126 48.64 1.87 -10.44
N GLY F 127 47.70 1.79 -9.51
CA GLY F 127 46.35 2.29 -9.74
C GLY F 127 45.51 2.29 -8.47
N TYR F 128 44.25 2.69 -8.61
CA TYR F 128 43.33 2.78 -7.49
C TYR F 128 41.90 2.62 -8.01
N ASN F 129 41.08 1.90 -7.25
CA ASN F 129 39.70 1.63 -7.65
C ASN F 129 38.81 1.62 -6.41
N LEU F 130 37.86 2.54 -6.33
CA LEU F 130 36.94 2.61 -5.19
C LEU F 130 36.02 1.39 -5.09
N ASN F 131 35.80 0.74 -6.23
CA ASN F 131 34.88 -0.39 -6.32
C ASN F 131 35.38 -1.71 -5.71
N ILE F 132 36.67 -1.81 -5.35
CA ILE F 132 37.17 -3.04 -4.71
C ILE F 132 37.33 -2.90 -3.18
N ILE F 133 36.78 -1.83 -2.61
CA ILE F 133 36.88 -1.54 -1.18
C ILE F 133 35.69 -2.12 -0.41
N ASP F 134 35.97 -2.88 0.65
CA ASP F 134 34.91 -3.47 1.47
C ASP F 134 34.07 -2.36 2.11
N GLY F 135 32.75 -2.46 1.98
CA GLY F 135 31.84 -1.49 2.58
C GLY F 135 31.57 -0.21 1.80
N VAL F 136 32.23 -0.04 0.65
CA VAL F 136 32.08 1.14 -0.18
C VAL F 136 31.34 0.80 -1.46
N ILE F 137 30.33 1.59 -1.80
CA ILE F 137 29.75 1.58 -3.15
C ILE F 137 30.01 2.92 -3.86
N PRO F 138 30.87 2.90 -4.89
CA PRO F 138 31.00 4.12 -5.66
C PRO F 138 29.79 4.32 -6.57
N TRP F 139 29.35 5.56 -6.67
CA TRP F 139 28.12 5.93 -7.37
C TRP F 139 28.29 7.21 -8.18
N ASN F 140 27.53 7.31 -9.27
CA ASN F 140 27.38 8.53 -10.01
C ASN F 140 25.91 8.94 -9.99
N TYR F 141 25.64 10.18 -9.62
CA TYR F 141 24.27 10.65 -9.50
C TYR F 141 23.53 10.51 -10.85
N TYR F 142 24.13 11.06 -11.90
CA TYR F 142 23.65 10.83 -13.28
C TYR F 142 24.47 9.70 -13.89
N LEU F 143 23.80 8.80 -14.63
CA LEU F 143 24.44 7.57 -15.07
C LEU F 143 25.06 7.67 -16.47
N SER F 144 24.93 8.83 -17.11
CA SER F 144 25.60 9.07 -18.38
C SER F 144 25.76 10.55 -18.63
N CYS F 145 26.68 10.86 -19.52
CA CYS F 145 26.77 12.19 -20.09
C CYS F 145 27.00 12.07 -21.58
N LYS F 146 26.57 13.09 -22.31
CA LYS F 146 26.90 13.22 -23.72
C LYS F 146 28.42 13.25 -23.81
N LEU F 147 28.97 12.39 -24.67
CA LEU F 147 30.42 12.30 -24.85
C LEU F 147 31.12 13.67 -24.79
N GLY F 148 32.05 13.81 -23.86
CA GLY F 148 32.86 15.02 -23.72
C GLY F 148 32.19 16.23 -23.10
N GLU F 149 31.03 16.05 -22.48
CA GLU F 149 30.27 17.17 -21.91
C GLU F 149 29.65 16.82 -20.55
N THR F 150 30.26 17.33 -19.47
CA THR F 150 29.80 16.98 -18.13
C THR F 150 28.41 17.54 -17.81
N LYS F 151 27.59 16.71 -17.17
CA LYS F 151 26.23 17.03 -16.73
C LYS F 151 25.24 17.31 -17.87
N SER F 152 25.62 16.94 -19.08
CA SER F 152 24.76 17.15 -20.24
C SER F 152 23.50 16.29 -20.25
N HIS F 153 23.42 15.27 -19.39
CA HIS F 153 22.22 14.42 -19.32
C HIS F 153 21.49 14.56 -17.98
N ALA F 154 21.74 15.65 -17.27
CA ALA F 154 21.14 15.87 -15.95
C ALA F 154 19.62 15.83 -15.97
N ILE F 155 19.03 16.49 -16.95
CA ILE F 155 17.59 16.62 -17.00
C ILE F 155 16.91 15.27 -17.24
N TYR F 156 17.58 14.39 -17.97
CA TYR F 156 17.00 13.12 -18.34
C TYR F 156 17.10 12.06 -17.24
N TRP F 157 18.20 12.06 -16.49
CA TRP F 157 18.38 11.07 -15.42
C TRP F 157 17.64 11.47 -14.14
N ASP F 158 17.48 12.78 -13.95
CA ASP F 158 16.89 13.37 -12.75
C ASP F 158 16.00 12.44 -11.87
N LYS F 159 14.86 11.99 -12.41
CA LYS F 159 13.91 11.21 -11.60
C LYS F 159 14.50 9.86 -11.19
N ILE F 160 15.20 9.22 -12.13
CA ILE F 160 15.92 7.98 -11.84
C ILE F 160 17.03 8.23 -10.81
N SER F 161 17.73 9.36 -10.94
CA SER F 161 18.86 9.67 -10.06
C SER F 161 18.43 9.78 -8.61
N LYS F 162 17.32 10.48 -8.37
CA LYS F 162 16.75 10.61 -7.04
C LYS F 162 16.28 9.25 -6.54
N LEU F 163 15.50 8.54 -7.35
CA LEU F 163 15.02 7.20 -7.02
C LEU F 163 16.17 6.30 -6.53
N LEU F 164 17.23 6.22 -7.32
CA LEU F 164 18.30 5.25 -7.05
C LEU F 164 19.18 5.64 -5.87
N LEU F 165 19.50 6.93 -5.74
CA LEU F 165 20.33 7.38 -4.63
C LEU F 165 19.56 7.27 -3.31
N GLN F 166 18.29 7.68 -3.30
CA GLN F 166 17.44 7.49 -2.13
C GLN F 166 17.44 6.03 -1.67
N HIS F 167 17.40 5.12 -2.63
CA HIS F 167 17.48 3.71 -2.33
C HIS F 167 18.81 3.33 -1.66
N ILE F 168 19.92 3.93 -2.14
CA ILE F 168 21.23 3.68 -1.55
C ILE F 168 21.29 4.22 -0.12
N THR F 169 20.69 5.37 0.14
CA THR F 169 20.71 5.98 1.47
C THR F 169 19.89 5.20 2.48
N LYS F 170 19.06 4.26 2.03
CA LYS F 170 18.37 3.35 2.93
C LYS F 170 19.30 2.28 3.49
N HIS F 171 20.47 2.10 2.87
CA HIS F 171 21.41 1.05 3.24
C HIS F 171 22.68 1.54 3.90
N VAL F 172 23.25 2.62 3.37
CA VAL F 172 24.54 3.11 3.85
C VAL F 172 24.39 3.99 5.08
N SER F 173 25.47 4.10 5.85
CA SER F 173 25.53 4.95 7.04
C SER F 173 26.03 6.37 6.69
N VAL F 174 26.90 6.47 5.69
CA VAL F 174 27.47 7.75 5.25
C VAL F 174 27.37 7.92 3.73
N LEU F 175 26.81 9.05 3.30
CA LEU F 175 26.85 9.45 1.90
C LEU F 175 27.86 10.58 1.72
N TYR F 176 28.90 10.29 0.95
CA TYR F 176 29.99 11.23 0.71
C TYR F 176 29.91 11.64 -0.73
N CYS F 177 29.52 12.89 -0.97
CA CYS F 177 29.38 13.45 -2.32
C CYS F 177 30.54 14.40 -2.61
N LEU F 178 31.09 14.33 -3.82
CA LEU F 178 32.22 15.15 -4.21
C LEU F 178 31.80 16.22 -5.22
N GLY F 179 32.02 17.49 -4.85
CA GLY F 179 31.69 18.63 -5.69
C GLY F 179 30.69 19.51 -4.98
N LYS F 180 31.17 20.60 -4.41
CA LYS F 180 30.35 21.52 -3.62
C LYS F 180 29.23 22.15 -4.44
N THR F 181 29.54 22.59 -5.66
N THR F 181 29.57 22.61 -5.65
CA THR F 181 28.52 23.21 -6.50
CA THR F 181 28.62 23.19 -6.58
C THR F 181 27.61 22.15 -7.13
C THR F 181 27.63 22.14 -7.06
N ASP F 182 28.19 21.06 -7.63
CA ASP F 182 27.42 19.95 -8.18
C ASP F 182 26.34 19.42 -7.22
N PHE F 183 26.69 19.33 -5.93
CA PHE F 183 25.80 18.77 -4.92
C PHE F 183 25.26 19.85 -3.96
N SER F 184 25.10 21.08 -4.45
CA SER F 184 24.63 22.19 -3.61
C SER F 184 23.26 21.97 -2.98
N ASN F 185 22.37 21.28 -3.68
N ASN F 185 22.33 21.32 -3.68
CA ASN F 185 21.01 21.02 -3.22
CA ASN F 185 21.01 21.03 -3.11
C ASN F 185 20.71 19.55 -2.90
C ASN F 185 20.72 19.54 -2.92
N ILE F 186 21.75 18.74 -2.64
CA ILE F 186 21.55 17.29 -2.45
C ILE F 186 20.66 16.94 -1.24
N ARG F 187 20.74 17.73 -0.17
CA ARG F 187 19.99 17.38 1.05
C ARG F 187 18.47 17.58 0.89
N ALA F 188 18.08 18.69 0.28
CA ALA F 188 16.67 18.92 -0.03
C ALA F 188 16.18 17.88 -1.04
N LYS F 189 17.05 17.51 -1.97
CA LYS F 189 16.72 16.52 -3.00
C LYS F 189 16.38 15.15 -2.42
N LEU F 190 17.21 14.67 -1.48
CA LEU F 190 17.05 13.32 -0.93
C LEU F 190 16.14 13.24 0.29
N GLU F 191 16.07 14.34 1.05
CA GLU F 191 15.35 14.34 2.32
C GLU F 191 15.64 13.08 3.13
N SER F 192 16.93 12.81 3.33
CA SER F 192 17.40 11.59 3.98
C SER F 192 17.79 11.86 5.43
N PRO F 193 17.64 10.86 6.32
CA PRO F 193 18.19 10.91 7.69
C PRO F 193 19.67 10.51 7.79
N VAL F 194 20.26 10.08 6.68
CA VAL F 194 21.61 9.55 6.68
C VAL F 194 22.64 10.67 6.85
N THR F 195 23.79 10.34 7.42
CA THR F 195 24.92 11.26 7.45
C THR F 195 25.40 11.56 6.02
N THR F 196 25.49 12.85 5.71
CA THR F 196 25.86 13.32 4.39
C THR F 196 26.99 14.34 4.49
N ILE F 197 28.07 14.07 3.77
CA ILE F 197 29.22 14.98 3.66
C ILE F 197 29.32 15.39 2.21
N VAL F 198 29.38 16.69 1.95
CA VAL F 198 29.65 17.19 0.60
C VAL F 198 31.03 17.84 0.59
N GLY F 199 31.99 17.18 -0.06
CA GLY F 199 33.36 17.65 -0.09
C GLY F 199 33.77 18.22 -1.43
N TYR F 200 35.01 18.68 -1.50
CA TYR F 200 35.57 19.18 -2.75
C TYR F 200 35.73 18.07 -3.77
N HIS F 201 35.48 18.42 -5.03
CA HIS F 201 35.80 17.57 -6.16
C HIS F 201 37.32 17.64 -6.37
N PRO F 202 37.94 16.55 -6.85
CA PRO F 202 39.38 16.57 -7.16
C PRO F 202 39.86 17.78 -7.98
N ALA F 203 39.06 18.24 -8.94
CA ALA F 203 39.39 19.41 -9.76
C ALA F 203 38.90 20.75 -9.20
N ALA F 204 38.46 20.80 -7.94
CA ALA F 204 38.14 22.08 -7.29
C ALA F 204 39.31 23.06 -7.41
N ARG F 205 39.00 24.36 -7.48
CA ARG F 205 40.02 25.38 -7.71
C ARG F 205 41.08 25.36 -6.63
N ASP F 206 42.30 25.74 -7.02
CA ASP F 206 43.38 25.97 -6.07
C ASP F 206 43.72 24.75 -5.20
N ARG F 207 43.64 23.56 -5.78
CA ARG F 207 44.00 22.31 -5.09
C ARG F 207 43.38 22.19 -3.68
N GLN F 208 42.11 22.57 -3.55
CA GLN F 208 41.39 22.40 -2.30
C GLN F 208 41.16 20.92 -1.94
N PHE F 209 41.09 20.03 -2.94
CA PHE F 209 40.83 18.63 -2.65
C PHE F 209 41.90 18.01 -1.74
N GLU F 210 43.17 18.32 -1.97
CA GLU F 210 44.25 17.61 -1.26
C GLU F 210 44.30 17.95 0.23
N LYS F 211 43.60 19.00 0.64
CA LYS F 211 43.51 19.42 2.04
C LYS F 211 42.19 19.00 2.68
N ASP F 212 41.26 18.52 1.85
CA ASP F 212 39.95 18.01 2.26
C ASP F 212 40.13 16.81 3.19
N ARG F 213 39.41 16.80 4.32
CA ARG F 213 39.60 15.76 5.35
C ARG F 213 38.50 14.68 5.30
N SER F 214 37.74 14.63 4.21
CA SER F 214 36.54 13.79 4.16
C SER F 214 36.76 12.29 4.40
N PHE F 215 37.86 11.73 3.88
CA PHE F 215 38.13 10.30 4.08
C PHE F 215 38.34 9.99 5.56
N GLU F 216 39.00 10.91 6.26
CA GLU F 216 39.21 10.81 7.70
C GLU F 216 37.90 11.02 8.47
N ILE F 217 37.13 12.05 8.10
CA ILE F 217 35.88 12.34 8.78
C ILE F 217 34.91 11.14 8.67
N ILE F 218 34.84 10.54 7.48
CA ILE F 218 33.97 9.38 7.26
C ILE F 218 34.24 8.27 8.29
N ASN F 219 35.51 7.93 8.47
CA ASN F 219 35.86 6.90 9.45
C ASN F 219 35.54 7.28 10.89
N VAL F 220 35.71 8.55 11.24
CA VAL F 220 35.34 9.00 12.59
C VAL F 220 33.84 8.81 12.81
N LEU F 221 33.04 9.16 11.80
CA LEU F 221 31.59 9.07 11.91
C LEU F 221 31.06 7.64 11.90
N LEU F 222 31.69 6.78 11.10
CA LEU F 222 31.38 5.35 11.12
C LEU F 222 31.62 4.74 12.51
N GLU F 223 32.81 4.96 13.06
CA GLU F 223 33.14 4.38 14.38
C GLU F 223 32.20 4.94 15.45
N LEU F 224 31.87 6.22 15.37
CA LEU F 224 30.79 6.79 16.20
C LEU F 224 29.46 6.05 16.04
N ASP F 225 29.13 5.66 14.80
CA ASP F 225 27.91 4.95 14.50
C ASP F 225 28.07 3.41 14.70
N ASN F 226 29.08 3.02 15.47
CA ASN F 226 29.29 1.62 15.81
C ASN F 226 29.51 0.72 14.59
N LYS F 227 30.20 1.25 13.58
CA LYS F 227 30.60 0.50 12.39
C LYS F 227 32.11 0.52 12.25
N ALA F 228 32.63 -0.45 11.51
CA ALA F 228 34.05 -0.49 11.17
C ALA F 228 34.43 0.68 10.26
N PRO F 229 35.63 1.22 10.45
CA PRO F 229 36.11 2.21 9.49
C PRO F 229 36.27 1.59 8.10
N ILE F 230 36.36 2.44 7.08
CA ILE F 230 36.73 1.98 5.74
C ILE F 230 38.23 1.82 5.67
N ASN F 231 38.68 0.67 5.17
CA ASN F 231 40.08 0.46 4.88
C ASN F 231 40.36 0.95 3.46
N TRP F 232 40.69 2.24 3.34
CA TRP F 232 40.81 2.90 2.03
C TRP F 232 41.96 2.34 1.20
N ALA F 233 42.97 1.79 1.88
CA ALA F 233 44.11 1.15 1.21
C ALA F 233 43.73 -0.08 0.37
N GLN F 234 42.56 -0.68 0.62
CA GLN F 234 42.07 -1.79 -0.20
C GLN F 234 41.85 -1.37 -1.66
N GLY F 235 41.68 -0.08 -1.91
CA GLY F 235 41.49 0.42 -3.27
C GLY F 235 42.72 0.34 -4.17
N PHE F 236 43.89 0.17 -3.58
CA PHE F 236 45.14 0.21 -4.36
C PHE F 236 45.31 -1.00 -5.27
N ILE F 237 45.95 -0.77 -6.41
CA ILE F 237 46.26 -1.79 -7.40
C ILE F 237 47.77 -1.80 -7.57
N TYR F 238 48.36 -3.00 -7.51
CA TYR F 238 49.82 -3.17 -7.56
C TYR F 238 50.23 -4.00 -8.77
N HIS G 20 -18.74 -3.72 5.56
CA HIS G 20 -19.19 -4.46 6.78
C HIS G 20 -18.39 -4.05 8.01
N MET G 21 -19.01 -4.23 9.18
CA MET G 21 -18.50 -3.67 10.42
C MET G 21 -17.48 -4.57 11.13
N ASN G 22 -16.23 -4.12 11.15
CA ASN G 22 -15.21 -4.67 12.03
C ASN G 22 -14.99 -3.65 13.17
N SER G 23 -14.03 -3.91 14.06
CA SER G 23 -13.72 -2.97 15.15
C SER G 23 -12.23 -2.92 15.48
N VAL G 24 -11.78 -1.75 15.96
CA VAL G 24 -10.45 -1.61 16.54
C VAL G 24 -10.58 -1.10 17.98
N THR G 25 -9.53 -1.31 18.76
CA THR G 25 -9.49 -0.89 20.16
C THR G 25 -8.53 0.29 20.31
N VAL G 26 -8.92 1.26 21.13
CA VAL G 26 -8.05 2.37 21.48
C VAL G 26 -7.93 2.41 23.00
N SER G 27 -6.85 3.01 23.49
CA SER G 27 -6.53 2.98 24.92
C SER G 27 -7.32 3.97 25.78
N HIS G 28 -8.12 4.82 25.15
CA HIS G 28 -8.94 5.79 25.88
C HIS G 28 -10.36 5.74 25.35
N ALA G 29 -11.26 6.46 26.01
CA ALA G 29 -12.64 6.51 25.56
C ALA G 29 -12.63 7.01 24.10
N PRO G 30 -13.48 6.44 23.25
CA PRO G 30 -14.56 5.48 23.53
C PRO G 30 -14.13 4.00 23.49
N TYR G 31 -12.82 3.73 23.54
CA TYR G 31 -12.26 2.38 23.71
C TYR G 31 -12.38 1.46 22.50
N THR G 32 -13.55 1.48 21.85
CA THR G 32 -13.77 0.71 20.65
C THR G 32 -14.24 1.64 19.54
N ILE G 33 -13.76 1.39 18.32
CA ILE G 33 -14.21 2.11 17.14
C ILE G 33 -14.70 1.11 16.09
N THR G 34 -16.00 1.14 15.82
CA THR G 34 -16.62 0.32 14.78
C THR G 34 -16.53 1.07 13.46
N TYR G 35 -16.25 0.36 12.37
CA TYR G 35 -16.06 1.00 11.06
C TYR G 35 -16.43 0.09 9.90
N HIS G 36 -16.93 0.71 8.83
CA HIS G 36 -17.19 0.01 7.58
C HIS G 36 -15.86 -0.34 6.90
N ASN G 37 -15.81 -1.50 6.26
CA ASN G 37 -14.57 -1.99 5.63
C ASN G 37 -13.90 -1.03 4.64
N ASP G 38 -14.70 -0.14 4.05
CA ASP G 38 -14.18 0.93 3.19
C ASP G 38 -13.13 1.79 3.89
N TRP G 39 -13.20 1.87 5.22
CA TRP G 39 -12.22 2.60 6.00
C TRP G 39 -11.03 1.77 6.46
N GLU G 40 -11.01 0.48 6.14
CA GLU G 40 -9.95 -0.41 6.62
C GLU G 40 -8.56 0.20 6.46
N PRO G 41 -8.22 0.73 5.26
CA PRO G 41 -6.84 1.17 5.05
C PRO G 41 -6.30 2.24 6.00
N VAL G 42 -7.17 3.01 6.64
CA VAL G 42 -6.74 4.09 7.53
C VAL G 42 -6.71 3.67 9.01
N MET G 43 -7.27 2.51 9.34
CA MET G 43 -7.65 2.23 10.72
C MET G 43 -6.46 2.02 11.67
N SER G 44 -5.41 1.36 11.20
N SER G 44 -5.42 1.35 11.20
CA SER G 44 -4.22 1.15 12.03
CA SER G 44 -4.21 1.15 11.99
C SER G 44 -3.54 2.48 12.34
C SER G 44 -3.58 2.49 12.34
N GLN G 45 -3.45 3.37 11.35
CA GLN G 45 -2.88 4.70 11.57
C GLN G 45 -3.77 5.55 12.48
N LEU G 46 -5.08 5.42 12.32
CA LEU G 46 -6.04 6.16 13.16
C LEU G 46 -5.90 5.78 14.63
N VAL G 47 -5.70 4.50 14.90
CA VAL G 47 -5.50 4.03 16.29
C VAL G 47 -4.24 4.63 16.89
N GLU G 48 -3.13 4.55 16.15
CA GLU G 48 -1.86 5.12 16.59
C GLU G 48 -1.99 6.60 16.90
N PHE G 49 -2.58 7.34 15.96
CA PHE G 49 -2.77 8.78 16.11
C PHE G 49 -3.72 9.13 17.26
N TYR G 50 -4.83 8.43 17.39
CA TYR G 50 -5.80 8.73 18.43
C TYR G 50 -5.19 8.54 19.83
N ASN G 51 -4.44 7.46 20.00
CA ASN G 51 -3.77 7.18 21.27
C ASN G 51 -2.80 8.28 21.69
N GLU G 52 -2.16 8.93 20.72
CA GLU G 52 -1.27 10.06 20.99
C GLU G 52 -1.98 11.28 21.56
N VAL G 53 -3.23 11.52 21.18
CA VAL G 53 -3.89 12.79 21.50
C VAL G 53 -5.17 12.68 22.32
N ALA G 54 -5.63 11.47 22.59
CA ALA G 54 -6.96 11.29 23.18
C ALA G 54 -7.10 11.93 24.56
N SER G 55 -6.07 11.88 25.39
CA SER G 55 -6.20 12.49 26.72
C SER G 55 -6.32 14.04 26.64
N TRP G 56 -5.80 14.65 25.58
CA TRP G 56 -6.03 16.08 25.35
C TRP G 56 -7.52 16.35 25.10
N LEU G 57 -8.19 15.45 24.40
CA LEU G 57 -9.60 15.63 24.05
C LEU G 57 -10.51 15.37 25.25
N LEU G 58 -10.21 14.32 26.00
CA LEU G 58 -11.10 13.81 27.03
C LEU G 58 -11.07 14.60 28.34
N ARG G 59 -10.08 15.49 28.50
CA ARG G 59 -10.05 16.36 29.67
C ARG G 59 -11.11 17.47 29.65
N ASP G 60 -11.60 17.80 28.46
CA ASP G 60 -12.70 18.76 28.28
C ASP G 60 -14.02 18.01 28.14
N GLU G 61 -15.11 18.64 28.54
CA GLU G 61 -16.43 18.22 28.05
C GLU G 61 -16.48 18.52 26.56
N THR G 62 -16.96 17.57 25.76
CA THR G 62 -16.90 17.67 24.30
C THR G 62 -18.26 17.63 23.61
N SER G 63 -18.33 18.25 22.44
CA SER G 63 -19.41 18.02 21.48
C SER G 63 -18.80 17.33 20.25
N PRO G 64 -19.29 16.13 19.89
CA PRO G 64 -20.25 15.29 20.59
C PRO G 64 -19.52 14.62 21.74
N ILE G 65 -20.19 13.71 22.41
CA ILE G 65 -19.52 12.89 23.44
C ILE G 65 -18.56 11.90 22.76
N PRO G 66 -17.59 11.37 23.52
CA PRO G 66 -16.61 10.45 22.97
C PRO G 66 -17.18 9.26 22.21
N ASP G 67 -18.24 8.66 22.75
CA ASP G 67 -18.90 7.53 22.10
C ASP G 67 -19.46 7.87 20.70
N LYS G 68 -19.55 9.16 20.37
CA LYS G 68 -20.08 9.58 19.08
C LYS G 68 -19.04 10.18 18.12
N PHE G 69 -17.78 10.33 18.57
CA PHE G 69 -16.75 10.97 17.72
C PHE G 69 -16.72 10.35 16.33
N PHE G 70 -16.76 9.02 16.29
CA PHE G 70 -16.40 8.26 15.10
C PHE G 70 -17.57 7.63 14.35
N ILE G 71 -18.80 8.02 14.69
CA ILE G 71 -20.00 7.36 14.18
C ILE G 71 -20.07 7.34 12.65
N GLN G 72 -19.49 8.35 11.99
CA GLN G 72 -19.51 8.43 10.53
C GLN G 72 -18.58 7.41 9.87
N LEU G 73 -17.70 6.77 10.64
CA LEU G 73 -16.89 5.67 10.11
C LEU G 73 -17.71 4.39 9.83
N LYS G 74 -18.94 4.35 10.35
CA LYS G 74 -19.87 3.27 9.99
C LYS G 74 -20.38 3.38 8.54
N GLN G 75 -20.27 4.55 7.92
CA GLN G 75 -20.81 4.76 6.59
C GLN G 75 -19.88 4.25 5.50
N PRO G 76 -20.44 3.56 4.48
CA PRO G 76 -19.60 3.20 3.33
C PRO G 76 -19.13 4.44 2.59
N LEU G 77 -18.08 4.29 1.79
CA LEU G 77 -17.53 5.36 0.97
C LEU G 77 -17.61 5.07 -0.53
N ARG G 78 -17.62 3.80 -0.93
CA ARG G 78 -17.54 3.46 -2.35
C ARG G 78 -18.81 3.82 -3.13
N ASN G 79 -19.91 4.05 -2.42
CA ASN G 79 -21.15 4.53 -3.04
C ASN G 79 -21.34 6.04 -2.85
N LYS G 80 -20.26 6.76 -2.54
CA LYS G 80 -20.33 8.19 -2.29
C LYS G 80 -19.65 8.98 -3.40
N ARG G 81 -20.34 10.02 -3.86
CA ARG G 81 -19.77 10.89 -4.87
C ARG G 81 -19.57 12.33 -4.39
N VAL G 82 -20.17 12.71 -3.26
CA VAL G 82 -19.97 14.06 -2.69
C VAL G 82 -19.73 14.03 -1.18
N CYS G 83 -18.69 14.72 -0.71
CA CYS G 83 -18.47 14.95 0.72
C CYS G 83 -18.82 16.38 1.05
N VAL G 84 -19.78 16.56 1.96
CA VAL G 84 -20.12 17.88 2.47
C VAL G 84 -19.42 18.04 3.81
N CYS G 85 -18.41 18.91 3.84
CA CYS G 85 -17.48 18.97 4.97
C CYS G 85 -17.57 20.27 5.76
N GLY G 86 -18.00 20.17 7.01
CA GLY G 86 -17.95 21.29 7.96
C GLY G 86 -16.63 21.24 8.70
N ILE G 87 -16.41 22.21 9.57
CA ILE G 87 -15.11 22.37 10.21
C ILE G 87 -15.04 21.55 11.51
N ASP G 88 -16.08 21.59 12.33
CA ASP G 88 -16.17 20.80 13.55
C ASP G 88 -17.61 20.77 14.06
N PRO G 89 -17.91 19.95 15.08
CA PRO G 89 -19.30 19.79 15.51
C PRO G 89 -19.92 21.06 16.08
N TYR G 90 -21.24 21.06 16.25
CA TYR G 90 -21.91 22.14 16.93
C TYR G 90 -21.25 22.37 18.28
N PRO G 91 -21.15 23.64 18.72
CA PRO G 91 -20.59 23.95 20.05
C PRO G 91 -21.27 23.15 21.16
N LYS G 92 -22.57 22.92 21.00
CA LYS G 92 -23.31 22.08 21.93
C LYS G 92 -24.22 21.13 21.15
N ASP G 93 -24.52 19.99 21.75
CA ASP G 93 -25.53 19.07 21.24
C ASP G 93 -25.14 18.37 19.94
N GLY G 94 -23.85 18.31 19.62
CA GLY G 94 -23.39 17.56 18.47
C GLY G 94 -23.72 16.09 18.66
N THR G 95 -24.12 15.40 17.60
CA THR G 95 -24.50 13.99 17.69
C THR G 95 -23.49 13.03 17.04
N GLY G 96 -22.44 13.56 16.44
CA GLY G 96 -21.50 12.74 15.69
C GLY G 96 -21.79 12.72 14.19
N VAL G 97 -22.98 13.18 13.80
CA VAL G 97 -23.37 13.29 12.40
C VAL G 97 -23.35 14.77 12.09
N PRO G 98 -22.42 15.18 11.22
CA PRO G 98 -22.27 16.61 10.95
C PRO G 98 -23.60 17.27 10.57
N PHE G 99 -23.86 18.42 11.19
CA PHE G 99 -25.05 19.24 10.96
C PHE G 99 -26.38 18.68 11.50
N GLU G 100 -26.38 17.45 11.99
CA GLU G 100 -27.62 16.82 12.43
C GLU G 100 -28.18 17.50 13.67
N SER G 101 -29.49 17.76 13.64
CA SER G 101 -30.22 18.31 14.79
C SER G 101 -31.57 17.57 14.83
N PRO G 102 -31.68 16.53 15.68
CA PRO G 102 -32.90 15.72 15.73
C PRO G 102 -34.21 16.50 15.92
N ASN G 103 -34.15 17.60 16.67
CA ASN G 103 -35.32 18.47 16.88
C ASN G 103 -35.33 19.69 15.96
N PHE G 104 -34.41 19.73 14.99
CA PHE G 104 -34.36 20.79 14.00
C PHE G 104 -34.33 22.21 14.59
N THR G 105 -33.40 22.43 15.52
CA THR G 105 -33.28 23.72 16.19
C THR G 105 -32.01 24.48 15.83
N LYS G 106 -30.98 23.77 15.37
CA LYS G 106 -29.70 24.41 15.12
C LYS G 106 -29.77 25.24 13.86
N LYS G 107 -29.17 26.44 13.92
CA LYS G 107 -29.25 27.39 12.83
C LYS G 107 -28.70 26.83 11.53
N SER G 108 -27.49 26.23 11.59
CA SER G 108 -26.84 25.69 10.39
C SER G 108 -27.76 24.79 9.57
N ILE G 109 -28.42 23.84 10.23
CA ILE G 109 -29.22 22.87 9.50
C ILE G 109 -30.52 23.48 8.94
N LYS G 110 -31.10 24.41 9.68
CA LYS G 110 -32.28 25.14 9.20
C LYS G 110 -31.94 25.95 7.96
N GLU G 111 -30.77 26.60 7.99
CA GLU G 111 -30.27 27.34 6.83
C GLU G 111 -30.01 26.45 5.63
N ILE G 112 -29.39 25.29 5.86
CA ILE G 112 -29.20 24.31 4.78
C ILE G 112 -30.54 23.91 4.19
N ALA G 113 -31.48 23.51 5.05
CA ALA G 113 -32.82 23.09 4.62
C ALA G 113 -33.54 24.18 3.81
N SER G 114 -33.41 25.43 4.25
N SER G 114 -33.42 25.43 4.26
CA SER G 114 -34.04 26.56 3.58
CA SER G 114 -34.03 26.56 3.58
C SER G 114 -33.46 26.77 2.18
C SER G 114 -33.46 26.75 2.18
N SER G 115 -32.14 26.67 2.05
CA SER G 115 -31.50 26.72 0.73
C SER G 115 -32.01 25.59 -0.19
N ILE G 116 -32.06 24.37 0.32
CA ILE G 116 -32.54 23.24 -0.48
C ILE G 116 -34.04 23.34 -0.77
N SER G 117 -34.79 23.88 0.19
CA SER G 117 -36.22 24.13 -0.01
C SER G 117 -36.46 25.00 -1.23
N ARG G 118 -35.76 26.13 -1.29
CA ARG G 118 -35.91 27.05 -2.42
C ARG G 118 -35.41 26.43 -3.72
N LEU G 119 -34.36 25.61 -3.63
CA LEU G 119 -33.80 24.93 -4.79
C LEU G 119 -34.74 23.86 -5.38
N THR G 120 -35.44 23.14 -4.52
CA THR G 120 -36.27 22.00 -4.96
C THR G 120 -37.76 22.29 -4.99
N GLY G 121 -38.17 23.43 -4.44
CA GLY G 121 -39.60 23.75 -4.31
C GLY G 121 -40.33 22.93 -3.26
N VAL G 122 -39.61 22.26 -2.37
CA VAL G 122 -40.23 21.57 -1.24
C VAL G 122 -40.54 22.62 -0.18
N ILE G 123 -41.83 22.79 0.11
CA ILE G 123 -42.33 23.90 0.92
C ILE G 123 -42.54 23.50 2.37
N ASP G 124 -43.14 22.33 2.55
CA ASP G 124 -43.45 21.82 3.87
C ASP G 124 -42.41 20.78 4.26
N TYR G 125 -41.89 20.90 5.47
CA TYR G 125 -40.99 19.90 6.03
C TYR G 125 -40.82 20.18 7.50
N LYS G 126 -40.33 19.19 8.23
CA LYS G 126 -40.15 19.28 9.67
C LYS G 126 -38.68 19.17 10.08
N GLY G 127 -37.83 18.75 9.16
CA GLY G 127 -36.43 18.56 9.46
C GLY G 127 -35.63 18.34 8.20
N TYR G 128 -34.32 18.24 8.38
CA TYR G 128 -33.41 17.96 7.29
C TYR G 128 -32.15 17.29 7.84
N ASN G 129 -31.62 16.32 7.09
CA ASN G 129 -30.44 15.58 7.51
C ASN G 129 -29.62 15.21 6.28
N LEU G 130 -28.42 15.78 6.17
CA LEU G 130 -27.54 15.48 5.04
C LEU G 130 -27.17 14.00 4.93
N ASN G 131 -27.28 13.28 6.04
CA ASN G 131 -26.79 11.90 6.16
C ASN G 131 -27.71 10.86 5.52
N ILE G 132 -28.92 11.25 5.14
CA ILE G 132 -29.84 10.33 4.48
C ILE G 132 -29.97 10.58 2.97
N ILE G 133 -28.99 11.27 2.40
CA ILE G 133 -29.00 11.62 0.97
C ILE G 133 -28.11 10.64 0.23
N ASP G 134 -28.65 10.02 -0.83
CA ASP G 134 -27.87 9.06 -1.62
C ASP G 134 -26.65 9.77 -2.23
N GLY G 135 -25.49 9.15 -2.09
CA GLY G 135 -24.26 9.67 -2.69
C GLY G 135 -23.52 10.73 -1.89
N VAL G 136 -24.06 11.11 -0.74
CA VAL G 136 -23.48 12.17 0.09
C VAL G 136 -22.99 11.56 1.41
N ILE G 137 -21.76 11.91 1.80
CA ILE G 137 -21.29 11.68 3.17
C ILE G 137 -21.03 13.04 3.82
N PRO G 138 -21.82 13.39 4.85
CA PRO G 138 -21.48 14.58 5.58
C PRO G 138 -20.31 14.29 6.52
N TRP G 139 -19.39 15.25 6.60
CA TRP G 139 -18.15 15.12 7.33
C TRP G 139 -17.83 16.40 8.11
N ASN G 140 -17.13 16.25 9.23
CA ASN G 140 -16.52 17.37 9.94
C ASN G 140 -15.01 17.20 9.97
N TYR G 141 -14.27 18.24 9.57
CA TYR G 141 -12.80 18.15 9.51
C TYR G 141 -12.22 17.79 10.88
N TYR G 142 -12.62 18.49 11.93
CA TYR G 142 -12.26 18.09 13.30
C TYR G 142 -13.46 17.39 13.92
N LEU G 143 -13.20 16.32 14.70
CA LEU G 143 -14.29 15.42 15.13
C LEU G 143 -14.83 15.76 16.51
N SER G 144 -14.25 16.76 17.17
CA SER G 144 -14.76 17.24 18.44
C SER G 144 -14.37 18.68 18.66
N CYS G 145 -15.13 19.34 19.52
CA CYS G 145 -14.70 20.60 20.10
C CYS G 145 -14.99 20.58 21.59
N LYS G 146 -14.25 21.39 22.34
CA LYS G 146 -14.57 21.65 23.73
C LYS G 146 -15.94 22.31 23.74
N LEU G 147 -16.83 21.76 24.55
CA LEU G 147 -18.20 22.23 24.66
C LEU G 147 -18.23 23.75 24.74
N GLY G 148 -18.86 24.37 23.75
CA GLY G 148 -18.99 25.82 23.69
C GLY G 148 -17.90 26.57 22.94
N GLU G 149 -16.88 25.87 22.44
CA GLU G 149 -15.71 26.53 21.82
C GLU G 149 -15.28 25.95 20.46
N THR G 150 -15.64 26.63 19.39
CA THR G 150 -15.32 26.19 18.02
C THR G 150 -13.82 26.17 17.73
N LYS G 151 -13.37 25.11 17.06
CA LYS G 151 -11.96 24.86 16.69
C LYS G 151 -10.99 24.72 17.88
N SER G 152 -11.53 24.53 19.08
CA SER G 152 -10.71 24.37 20.29
C SER G 152 -9.89 23.07 20.31
N HIS G 153 -10.24 22.12 19.46
CA HIS G 153 -9.50 20.85 19.36
C HIS G 153 -8.79 20.65 18.04
N ALA G 154 -8.62 21.74 17.29
CA ALA G 154 -8.00 21.69 15.97
C ALA G 154 -6.60 21.10 16.04
N ILE G 155 -5.80 21.59 16.97
CA ILE G 155 -4.43 21.12 17.11
C ILE G 155 -4.38 19.62 17.39
N TYR G 156 -5.35 19.09 18.13
CA TYR G 156 -5.32 17.69 18.52
C TYR G 156 -5.77 16.76 17.40
N TRP G 157 -6.77 17.19 16.62
CA TRP G 157 -7.31 16.34 15.56
C TRP G 157 -6.49 16.37 14.28
N ASP G 158 -5.69 17.42 14.11
CA ASP G 158 -5.12 17.79 12.81
C ASP G 158 -4.59 16.61 11.98
N LYS G 159 -3.74 15.79 12.59
CA LYS G 159 -3.12 14.68 11.87
C LYS G 159 -4.17 13.63 11.47
N ILE G 160 -5.05 13.30 12.40
CA ILE G 160 -6.19 12.44 12.12
C ILE G 160 -7.08 13.08 11.03
N SER G 161 -7.31 14.38 11.13
CA SER G 161 -8.19 15.09 10.19
C SER G 161 -7.73 14.97 8.75
N LYS G 162 -6.42 15.16 8.53
CA LYS G 162 -5.83 15.02 7.21
C LYS G 162 -5.93 13.57 6.70
N LEU G 163 -5.60 12.60 7.54
CA LEU G 163 -5.66 11.18 7.19
C LEU G 163 -7.05 10.75 6.71
N LEU G 164 -8.06 11.09 7.49
CA LEU G 164 -9.43 10.68 7.18
C LEU G 164 -10.01 11.40 5.96
N LEU G 165 -9.75 12.70 5.82
CA LEU G 165 -10.27 13.47 4.69
C LEU G 165 -9.53 13.17 3.40
N GLN G 166 -8.23 12.88 3.48
CA GLN G 166 -7.50 12.37 2.31
C GLN G 166 -8.09 11.04 1.83
N HIS G 167 -8.45 10.17 2.77
CA HIS G 167 -9.07 8.88 2.43
C HIS G 167 -10.42 9.06 1.75
N ILE G 168 -11.25 9.94 2.29
CA ILE G 168 -12.54 10.28 1.70
C ILE G 168 -12.41 10.78 0.25
N THR G 169 -11.40 11.59 -0.02
CA THR G 169 -11.23 12.18 -1.35
C THR G 169 -10.71 11.18 -2.39
N LYS G 170 -10.23 10.02 -1.94
CA LYS G 170 -9.96 8.92 -2.86
C LYS G 170 -11.24 8.29 -3.39
N HIS G 171 -12.36 8.53 -2.73
CA HIS G 171 -13.64 7.93 -3.11
C HIS G 171 -14.59 8.89 -3.80
N VAL G 172 -14.83 10.04 -3.20
CA VAL G 172 -15.76 11.03 -3.75
C VAL G 172 -15.15 11.83 -4.91
N SER G 173 -16.00 12.35 -5.79
CA SER G 173 -15.55 13.19 -6.89
C SER G 173 -15.66 14.70 -6.58
N VAL G 174 -16.50 15.07 -5.63
CA VAL G 174 -16.63 16.48 -5.23
C VAL G 174 -16.50 16.64 -3.71
N LEU G 175 -15.60 17.52 -3.28
CA LEU G 175 -15.49 17.93 -1.89
C LEU G 175 -16.04 19.33 -1.73
N TYR G 176 -17.13 19.46 -0.96
CA TYR G 176 -17.76 20.73 -0.70
C TYR G 176 -17.54 21.11 0.76
N CYS G 177 -16.62 22.05 0.99
CA CYS G 177 -16.29 22.55 2.32
C CYS G 177 -17.07 23.82 2.66
N LEU G 178 -17.46 23.97 3.92
CA LEU G 178 -18.23 25.12 4.39
C LEU G 178 -17.39 25.94 5.37
N GLY G 179 -16.95 27.11 4.93
CA GLY G 179 -16.17 28.02 5.76
C GLY G 179 -15.03 28.59 4.94
N LYS G 180 -15.26 29.77 4.37
CA LYS G 180 -14.29 30.41 3.48
C LYS G 180 -12.92 30.56 4.14
N THR G 181 -12.93 31.10 5.35
CA THR G 181 -11.69 31.30 6.10
C THR G 181 -11.14 29.96 6.56
N ASP G 182 -11.97 29.19 7.26
CA ASP G 182 -11.55 27.90 7.82
C ASP G 182 -10.91 26.97 6.80
N PHE G 183 -11.41 26.97 5.57
CA PHE G 183 -10.88 26.07 4.53
C PHE G 183 -10.08 26.78 3.43
N SER G 184 -9.58 27.97 3.73
CA SER G 184 -8.84 28.75 2.72
C SER G 184 -7.62 28.02 2.14
N ASN G 185 -7.01 27.13 2.93
CA ASN G 185 -5.84 26.36 2.49
C ASN G 185 -6.06 24.84 2.39
N ILE G 186 -7.32 24.41 2.33
CA ILE G 186 -7.65 22.98 2.33
C ILE G 186 -7.01 22.23 1.15
N ARG G 187 -6.86 22.91 0.02
CA ARG G 187 -6.30 22.30 -1.18
C ARG G 187 -4.84 21.91 -0.97
N ALA G 188 -4.07 22.81 -0.35
CA ALA G 188 -2.68 22.51 0.01
C ALA G 188 -2.61 21.37 1.01
N LYS G 189 -3.45 21.44 2.05
CA LYS G 189 -3.51 20.39 3.08
C LYS G 189 -3.70 18.98 2.51
N LEU G 190 -4.60 18.85 1.54
CA LEU G 190 -4.97 17.53 1.02
C LEU G 190 -4.10 17.11 -0.16
N GLU G 191 -3.71 18.06 -1.01
CA GLU G 191 -2.94 17.74 -2.22
C GLU G 191 -3.66 16.61 -2.96
N SER G 192 -4.83 16.94 -3.48
CA SER G 192 -5.71 15.96 -4.10
C SER G 192 -6.19 16.46 -5.45
N PRO G 193 -6.48 15.54 -6.39
CA PRO G 193 -7.03 15.94 -7.68
C PRO G 193 -8.56 16.11 -7.67
N VAL G 194 -9.20 15.82 -6.54
CA VAL G 194 -10.66 15.90 -6.43
C VAL G 194 -11.13 17.33 -6.69
N THR G 195 -12.33 17.46 -7.24
CA THR G 195 -12.98 18.75 -7.39
C THR G 195 -13.32 19.29 -6.01
N THR G 196 -12.83 20.50 -5.70
CA THR G 196 -13.08 21.11 -4.40
C THR G 196 -13.78 22.45 -4.53
N ILE G 197 -14.86 22.62 -3.77
CA ILE G 197 -15.57 23.88 -3.66
C ILE G 197 -15.57 24.34 -2.21
N VAL G 198 -15.17 25.58 -1.99
CA VAL G 198 -15.19 26.19 -0.67
C VAL G 198 -16.22 27.30 -0.68
N GLY G 199 -17.31 27.10 0.05
CA GLY G 199 -18.40 28.06 0.13
C GLY G 199 -18.55 28.61 1.53
N TYR G 200 -19.51 29.51 1.66
CA TYR G 200 -19.81 30.15 2.93
C TYR G 200 -20.41 29.13 3.89
N HIS G 201 -20.16 29.34 5.19
CA HIS G 201 -20.72 28.48 6.21
C HIS G 201 -22.14 28.94 6.55
N PRO G 202 -23.10 28.01 6.71
CA PRO G 202 -24.50 28.38 6.96
C PRO G 202 -24.75 29.24 8.20
N ALA G 203 -23.86 29.15 9.18
CA ALA G 203 -23.92 30.02 10.35
C ALA G 203 -23.10 31.31 10.18
N ALA G 204 -22.68 31.64 8.95
CA ALA G 204 -21.83 32.81 8.71
C ALA G 204 -22.61 34.11 8.85
N ARG G 205 -21.85 35.21 8.97
CA ARG G 205 -22.42 36.53 9.18
C ARG G 205 -22.84 37.17 7.86
N ASP G 206 -23.67 38.21 7.97
CA ASP G 206 -24.24 38.90 6.81
C ASP G 206 -25.08 37.99 5.90
N ARG G 207 -25.50 36.85 6.46
CA ARG G 207 -26.36 35.89 5.76
C ARG G 207 -25.89 35.60 4.32
N GLN G 208 -24.60 35.36 4.18
CA GLN G 208 -24.00 35.15 2.86
C GLN G 208 -24.34 33.78 2.27
N PHE G 209 -24.65 32.82 3.13
CA PHE G 209 -24.93 31.44 2.69
C PHE G 209 -26.18 31.31 1.82
N GLU G 210 -27.26 32.04 2.15
CA GLU G 210 -28.51 31.92 1.39
C GLU G 210 -28.38 32.36 -0.07
N LYS G 211 -27.38 33.18 -0.35
CA LYS G 211 -27.06 33.63 -1.72
C LYS G 211 -26.09 32.67 -2.43
N ASP G 212 -25.58 31.69 -1.71
CA ASP G 212 -24.59 30.74 -2.24
C ASP G 212 -25.24 29.67 -3.12
N ARG G 213 -24.61 29.37 -4.25
CA ARG G 213 -25.20 28.45 -5.25
C ARG G 213 -24.47 27.11 -5.33
N SER G 214 -23.78 26.73 -4.25
CA SER G 214 -22.88 25.58 -4.29
C SER G 214 -23.59 24.26 -4.60
N PHE G 215 -24.78 24.07 -4.04
CA PHE G 215 -25.53 22.84 -4.25
C PHE G 215 -25.86 22.63 -5.73
N GLU G 216 -26.18 23.73 -6.41
CA GLU G 216 -26.42 23.67 -7.86
C GLU G 216 -25.11 23.44 -8.59
N ILE G 217 -24.08 24.19 -8.21
CA ILE G 217 -22.77 24.07 -8.84
C ILE G 217 -22.30 22.61 -8.78
N ILE G 218 -22.48 21.96 -7.62
CA ILE G 218 -22.04 20.57 -7.45
C ILE G 218 -22.65 19.63 -8.50
N ASN G 219 -23.95 19.75 -8.74
CA ASN G 219 -24.61 18.87 -9.71
C ASN G 219 -24.17 19.17 -11.14
N VAL G 220 -23.92 20.44 -11.44
CA VAL G 220 -23.40 20.81 -12.75
C VAL G 220 -22.07 20.09 -13.01
N LEU G 221 -21.22 20.04 -11.98
CA LEU G 221 -19.89 19.46 -12.10
C LEU G 221 -19.93 17.94 -12.11
N LEU G 222 -20.77 17.34 -11.28
CA LEU G 222 -21.02 15.89 -11.32
C LEU G 222 -21.46 15.46 -12.72
N GLU G 223 -22.45 16.17 -13.26
CA GLU G 223 -23.00 15.85 -14.58
C GLU G 223 -21.96 15.99 -15.68
N LEU G 224 -21.11 17.01 -15.58
CA LEU G 224 -19.98 17.15 -16.50
C LEU G 224 -19.02 15.98 -16.40
N ASP G 225 -18.84 15.48 -15.18
CA ASP G 225 -17.95 14.35 -14.93
C ASP G 225 -18.69 13.01 -15.05
N ASN G 226 -19.83 13.00 -15.72
CA ASN G 226 -20.59 11.77 -15.99
C ASN G 226 -20.90 10.98 -14.71
N LYS G 227 -21.26 11.72 -13.66
CA LYS G 227 -21.80 11.17 -12.44
C LYS G 227 -23.23 11.66 -12.29
N ALA G 228 -24.10 10.83 -11.69
CA ALA G 228 -25.47 11.24 -11.44
C ALA G 228 -25.50 12.36 -10.42
N PRO G 229 -26.41 13.36 -10.60
CA PRO G 229 -26.49 14.46 -9.64
C PRO G 229 -27.01 14.03 -8.27
N ILE G 230 -26.77 14.84 -7.25
CA ILE G 230 -27.35 14.60 -5.94
C ILE G 230 -28.78 15.09 -5.93
N ASN G 231 -29.69 14.26 -5.40
CA ASN G 231 -31.05 14.66 -5.14
C ASN G 231 -31.16 15.20 -3.71
N TRP G 232 -30.96 16.50 -3.58
CA TRP G 232 -30.90 17.19 -2.28
C TRP G 232 -32.19 17.10 -1.46
N ALA G 233 -33.34 17.03 -2.14
CA ALA G 233 -34.63 16.83 -1.46
C ALA G 233 -34.72 15.55 -0.61
N GLN G 234 -33.86 14.56 -0.88
CA GLN G 234 -33.80 13.34 -0.07
C GLN G 234 -33.51 13.59 1.41
N GLY G 235 -32.89 14.72 1.73
CA GLY G 235 -32.57 15.08 3.10
C GLY G 235 -33.74 15.51 3.95
N PHE G 236 -34.86 15.86 3.32
CA PHE G 236 -36.01 16.36 4.08
C PHE G 236 -36.61 15.28 4.97
N ILE G 237 -37.09 15.70 6.13
CA ILE G 237 -37.85 14.86 7.05
C ILE G 237 -39.22 15.51 7.20
N TYR G 238 -40.28 14.71 7.03
CA TYR G 238 -41.65 15.22 6.95
C TYR G 238 -42.48 14.80 8.15
N MET H 21 8.67 11.89 59.13
CA MET H 21 8.44 10.71 58.24
C MET H 21 8.64 11.07 56.76
N ASN H 22 9.56 10.37 56.11
CA ASN H 22 9.81 10.55 54.67
C ASN H 22 8.68 9.93 53.83
N SER H 23 8.75 10.12 52.51
CA SER H 23 7.68 9.72 51.62
C SER H 23 8.18 9.39 50.22
N VAL H 24 7.46 8.51 49.53
CA VAL H 24 7.76 8.15 48.14
C VAL H 24 6.55 8.33 47.23
N THR H 25 6.82 8.44 45.95
CA THR H 25 5.80 8.59 44.92
C THR H 25 5.66 7.25 44.20
N VAL H 26 4.42 6.87 43.90
CA VAL H 26 4.12 5.73 43.01
C VAL H 26 3.21 6.20 41.85
N SER H 27 3.20 5.43 40.77
CA SER H 27 2.54 5.84 39.53
C SER H 27 1.01 5.68 39.51
N HIS H 28 0.44 5.04 40.52
CA HIS H 28 -1.01 4.88 40.61
C HIS H 28 -1.46 5.11 42.04
N ALA H 29 -2.78 5.16 42.24
CA ALA H 29 -3.33 5.35 43.58
C ALA H 29 -2.70 4.36 44.57
N PRO H 30 -2.42 4.81 45.80
CA PRO H 30 -2.70 6.13 46.37
C PRO H 30 -1.65 7.22 46.07
N TYR H 31 -0.76 6.98 45.09
CA TYR H 31 0.17 8.01 44.55
C TYR H 31 1.33 8.39 45.47
N THR H 32 1.05 8.56 46.76
CA THR H 32 2.06 8.86 47.75
C THR H 32 2.00 7.84 48.88
N ILE H 33 3.16 7.36 49.33
CA ILE H 33 3.23 6.51 50.52
C ILE H 33 4.18 7.12 51.55
N THR H 34 3.61 7.57 52.67
CA THR H 34 4.39 8.09 53.79
C THR H 34 4.69 6.96 54.78
N TYR H 35 5.93 6.89 55.24
CA TYR H 35 6.40 5.73 56.02
C TYR H 35 7.33 6.13 57.16
N HIS H 36 7.36 5.33 58.22
CA HIS H 36 8.31 5.50 59.31
C HIS H 36 9.68 5.02 58.86
N ASN H 37 10.72 5.74 59.32
CA ASN H 37 12.10 5.52 58.90
C ASN H 37 12.57 4.07 58.97
N ASP H 38 12.05 3.31 59.93
CA ASP H 38 12.35 1.87 60.07
C ASP H 38 12.08 1.03 58.82
N TRP H 39 11.22 1.50 57.92
CA TRP H 39 10.91 0.79 56.67
C TRP H 39 11.77 1.24 55.48
N GLU H 40 12.56 2.29 55.68
CA GLU H 40 13.36 2.90 54.61
C GLU H 40 14.05 1.91 53.66
N PRO H 41 14.72 0.88 54.20
CA PRO H 41 15.47 -0.06 53.33
C PRO H 41 14.67 -0.84 52.26
N VAL H 42 13.36 -0.97 52.42
CA VAL H 42 12.54 -1.69 51.44
C VAL H 42 11.75 -0.80 50.49
N MET H 43 11.72 0.51 50.74
CA MET H 43 10.81 1.40 50.02
C MET H 43 11.10 1.53 48.52
N SER H 44 12.37 1.42 48.15
CA SER H 44 12.77 1.52 46.74
C SER H 44 12.19 0.34 45.97
N GLN H 45 12.42 -0.87 46.49
CA GLN H 45 11.87 -2.10 45.92
C GLN H 45 10.33 -2.13 45.97
N LEU H 46 9.74 -1.55 47.02
CA LEU H 46 8.27 -1.53 47.14
C LEU H 46 7.65 -0.69 46.04
N VAL H 47 8.26 0.46 45.76
CA VAL H 47 7.80 1.35 44.70
C VAL H 47 7.84 0.64 43.35
N GLU H 48 8.99 0.02 43.07
CA GLU H 48 9.19 -0.74 41.84
C GLU H 48 8.12 -1.84 41.68
N PHE H 49 7.91 -2.61 42.74
CA PHE H 49 6.95 -3.71 42.69
C PHE H 49 5.51 -3.24 42.56
N TYR H 50 5.14 -2.19 43.30
CA TYR H 50 3.76 -1.72 43.30
C TYR H 50 3.38 -1.11 41.95
N ASN H 51 4.30 -0.34 41.36
CA ASN H 51 4.15 0.19 40.01
C ASN H 51 3.93 -0.92 38.96
N GLU H 52 4.57 -2.06 39.14
CA GLU H 52 4.42 -3.20 38.23
C GLU H 52 3.00 -3.75 38.18
N VAL H 53 2.26 -3.67 39.29
CA VAL H 53 0.99 -4.40 39.43
C VAL H 53 -0.25 -3.53 39.70
N ALA H 54 -0.04 -2.27 40.05
CA ALA H 54 -1.13 -1.44 40.56
C ALA H 54 -2.29 -1.24 39.59
N SER H 55 -2.03 -1.08 38.30
CA SER H 55 -3.11 -0.85 37.33
C SER H 55 -4.09 -2.03 37.26
N TRP H 56 -3.56 -3.26 37.27
CA TRP H 56 -4.38 -4.47 37.29
C TRP H 56 -5.16 -4.61 38.60
N LEU H 57 -4.45 -4.46 39.71
CA LEU H 57 -5.03 -4.53 41.04
C LEU H 57 -6.18 -3.55 41.22
N LEU H 58 -5.93 -2.28 40.89
CA LEU H 58 -6.88 -1.19 41.11
C LEU H 58 -8.11 -1.18 40.20
N ARG H 59 -8.15 -2.08 39.22
CA ARG H 59 -9.38 -2.32 38.45
C ARG H 59 -10.53 -2.73 39.36
N ASP H 60 -10.23 -3.49 40.42
CA ASP H 60 -11.23 -3.97 41.36
C ASP H 60 -11.44 -2.96 42.49
N GLU H 61 -12.68 -2.85 42.96
CA GLU H 61 -12.93 -2.20 44.24
C GLU H 61 -12.33 -3.08 45.32
N THR H 62 -11.71 -2.45 46.32
CA THR H 62 -10.86 -3.16 47.27
C THR H 62 -11.26 -2.95 48.73
N SER H 63 -10.84 -3.87 49.58
CA SER H 63 -10.83 -3.65 51.02
C SER H 63 -9.39 -3.82 51.49
N PRO H 64 -8.81 -2.76 52.10
CA PRO H 64 -9.37 -1.42 52.29
C PRO H 64 -9.31 -0.63 51.00
N ILE H 65 -9.72 0.64 51.06
CA ILE H 65 -9.51 1.55 49.94
C ILE H 65 -8.01 1.79 49.76
N PRO H 66 -7.58 2.10 48.53
CA PRO H 66 -6.17 2.33 48.22
C PRO H 66 -5.43 3.31 49.14
N ASP H 67 -6.11 4.34 49.61
CA ASP H 67 -5.50 5.29 50.56
C ASP H 67 -5.10 4.65 51.89
N LYS H 68 -5.57 3.43 52.17
CA LYS H 68 -5.27 2.76 53.43
C LYS H 68 -4.44 1.47 53.30
N PHE H 69 -4.09 1.08 52.07
CA PHE H 69 -3.26 -0.11 51.84
C PHE H 69 -2.06 -0.13 52.77
N PHE H 70 -1.35 0.99 52.83
CA PHE H 70 -0.02 1.06 53.45
C PHE H 70 0.00 1.80 54.79
N ILE H 71 -1.13 1.89 55.50
CA ILE H 71 -1.11 2.69 56.72
C ILE H 71 -0.22 2.08 57.80
N GLN H 72 -0.07 0.75 57.81
CA GLN H 72 0.83 0.09 58.78
C GLN H 72 2.31 0.42 58.58
N LEU H 73 2.68 0.97 57.43
CA LEU H 73 4.05 1.45 57.20
C LEU H 73 4.40 2.72 58.00
N LYS H 74 3.41 3.33 58.66
CA LYS H 74 3.68 4.44 59.56
C LYS H 74 4.12 3.99 60.95
N GLN H 75 4.10 2.68 61.22
CA GLN H 75 4.42 2.17 62.55
C GLN H 75 5.91 1.85 62.69
N PRO H 76 6.51 2.25 63.83
CA PRO H 76 7.90 1.86 64.10
C PRO H 76 8.05 0.34 64.14
N LEU H 77 9.23 -0.16 63.78
CA LEU H 77 9.52 -1.60 63.84
C LEU H 77 10.53 -1.98 64.92
N ARG H 78 11.41 -1.05 65.31
CA ARG H 78 12.50 -1.40 66.20
C ARG H 78 12.03 -1.67 67.63
N ASN H 79 10.90 -1.11 68.03
CA ASN H 79 10.29 -1.43 69.32
C ASN H 79 9.34 -2.64 69.28
N LYS H 80 9.31 -3.38 68.17
CA LYS H 80 8.40 -4.53 68.04
C LYS H 80 9.13 -5.84 68.24
N ARG H 81 8.48 -6.77 68.94
CA ARG H 81 9.04 -8.12 69.12
C ARG H 81 8.10 -9.28 68.72
N VAL H 82 6.84 -8.96 68.40
CA VAL H 82 5.88 -9.97 67.94
C VAL H 82 5.11 -9.40 66.74
N CYS H 83 5.05 -10.17 65.65
CA CYS H 83 4.14 -9.85 64.54
C CYS H 83 2.97 -10.84 64.57
N VAL H 84 1.75 -10.30 64.64
CA VAL H 84 0.51 -11.07 64.53
C VAL H 84 -0.02 -10.89 63.12
N CYS H 85 0.04 -11.96 62.32
CA CYS H 85 -0.13 -11.87 60.88
C CYS H 85 -1.35 -12.64 60.37
N GLY H 86 -2.25 -11.92 59.70
CA GLY H 86 -3.38 -12.53 59.00
C GLY H 86 -3.12 -12.57 57.50
N ILE H 87 -3.93 -13.31 56.76
CA ILE H 87 -3.65 -13.55 55.36
C ILE H 87 -3.94 -12.30 54.50
N ASP H 88 -5.08 -11.65 54.73
CA ASP H 88 -5.43 -10.43 54.02
C ASP H 88 -6.56 -9.68 54.73
N PRO H 89 -6.96 -8.48 54.24
CA PRO H 89 -7.93 -7.71 55.01
C PRO H 89 -9.31 -8.34 55.10
N TYR H 90 -10.17 -7.75 55.94
CA TYR H 90 -11.57 -8.14 55.98
C TYR H 90 -12.14 -7.98 54.57
N PRO H 91 -12.91 -8.97 54.10
CA PRO H 91 -13.54 -8.88 52.78
C PRO H 91 -14.27 -7.56 52.57
N LYS H 92 -14.82 -7.01 53.65
CA LYS H 92 -15.50 -5.72 53.64
C LYS H 92 -15.08 -4.93 54.88
N ASP H 93 -14.99 -3.60 54.74
CA ASP H 93 -14.74 -2.67 55.85
C ASP H 93 -13.33 -2.71 56.45
N GLY H 94 -12.36 -3.20 55.68
CA GLY H 94 -10.97 -3.13 56.10
C GLY H 94 -10.56 -1.68 56.25
N THR H 95 -9.82 -1.38 57.32
CA THR H 95 -9.36 -0.02 57.60
C THR H 95 -7.92 0.19 57.19
N GLY H 96 -7.24 -0.91 56.81
CA GLY H 96 -5.80 -0.89 56.60
C GLY H 96 -5.03 -1.29 57.85
N VAL H 97 -5.71 -1.32 59.01
CA VAL H 97 -5.12 -1.86 60.23
C VAL H 97 -5.61 -3.30 60.36
N PRO H 98 -4.70 -4.27 60.32
CA PRO H 98 -5.20 -5.64 60.34
C PRO H 98 -6.05 -5.95 61.57
N PHE H 99 -7.16 -6.63 61.33
CA PHE H 99 -8.14 -7.00 62.37
C PHE H 99 -8.98 -5.87 62.96
N GLU H 100 -8.65 -4.62 62.67
CA GLU H 100 -9.32 -3.49 63.33
C GLU H 100 -10.79 -3.39 62.91
N SER H 101 -11.68 -3.34 63.89
CA SER H 101 -13.11 -3.16 63.66
C SER H 101 -13.57 -2.04 64.61
N PRO H 102 -13.66 -0.80 64.10
CA PRO H 102 -13.99 0.33 64.99
C PRO H 102 -15.26 0.13 65.83
N ASN H 103 -16.26 -0.54 65.26
N ASN H 103 -16.27 -0.55 65.27
CA ASN H 103 -17.52 -0.81 65.94
CA ASN H 103 -17.52 -0.81 65.97
C ASN H 103 -17.56 -2.17 66.65
C ASN H 103 -17.57 -2.19 66.64
N PHE H 104 -16.45 -2.91 66.60
CA PHE H 104 -16.32 -4.23 67.24
C PHE H 104 -17.39 -5.22 66.79
N THR H 105 -17.54 -5.36 65.47
CA THR H 105 -18.56 -6.24 64.87
C THR H 105 -17.98 -7.50 64.17
N LYS H 106 -16.72 -7.43 63.75
CA LYS H 106 -16.10 -8.52 62.99
C LYS H 106 -15.78 -9.73 63.87
N LYS H 107 -16.07 -10.92 63.36
CA LYS H 107 -15.90 -12.16 64.12
C LYS H 107 -14.47 -12.38 64.61
N SER H 108 -13.49 -12.07 63.76
CA SER H 108 -12.10 -12.35 64.06
C SER H 108 -11.61 -11.62 65.30
N ILE H 109 -11.84 -10.31 65.34
CA ILE H 109 -11.41 -9.48 66.46
C ILE H 109 -12.19 -9.82 67.73
N LYS H 110 -13.45 -10.21 67.57
CA LYS H 110 -14.27 -10.65 68.71
C LYS H 110 -13.74 -11.95 69.31
N GLU H 111 -13.35 -12.91 68.46
CA GLU H 111 -12.75 -14.15 68.94
C GLU H 111 -11.39 -13.90 69.58
N ILE H 112 -10.58 -13.06 68.94
CA ILE H 112 -9.28 -12.66 69.50
C ILE H 112 -9.45 -12.05 70.89
N ALA H 113 -10.37 -11.09 71.02
CA ALA H 113 -10.66 -10.47 72.31
C ALA H 113 -11.12 -11.49 73.37
N SER H 114 -12.03 -12.38 73.00
CA SER H 114 -12.48 -13.44 73.90
C SER H 114 -11.30 -14.26 74.41
N SER H 115 -10.38 -14.61 73.51
CA SER H 115 -9.22 -15.40 73.88
C SER H 115 -8.30 -14.64 74.84
N ILE H 116 -8.04 -13.36 74.55
CA ILE H 116 -7.23 -12.52 75.43
C ILE H 116 -7.95 -12.26 76.76
N SER H 117 -9.28 -12.13 76.70
CA SER H 117 -10.07 -12.06 77.93
C SER H 117 -9.81 -13.26 78.85
N ARG H 118 -9.89 -14.47 78.29
CA ARG H 118 -9.54 -15.70 79.02
C ARG H 118 -8.14 -15.63 79.65
N LEU H 119 -7.17 -15.20 78.86
CA LEU H 119 -5.77 -15.17 79.32
C LEU H 119 -5.55 -14.16 80.43
N THR H 120 -6.08 -12.95 80.25
CA THR H 120 -5.82 -11.84 81.18
C THR H 120 -6.82 -11.76 82.33
N GLY H 121 -7.96 -12.43 82.18
CA GLY H 121 -9.06 -12.31 83.15
C GLY H 121 -9.80 -10.98 83.08
N VAL H 122 -9.60 -10.21 82.01
CA VAL H 122 -10.34 -8.96 81.82
C VAL H 122 -11.65 -9.31 81.13
N ILE H 123 -12.76 -9.11 81.84
CA ILE H 123 -14.07 -9.63 81.44
C ILE H 123 -14.98 -8.53 80.87
N ASP H 124 -14.83 -7.30 81.36
CA ASP H 124 -15.63 -6.17 80.87
C ASP H 124 -14.81 -5.35 79.89
N TYR H 125 -15.35 -5.16 78.69
CA TYR H 125 -14.71 -4.34 77.65
C TYR H 125 -15.67 -4.07 76.49
N LYS H 126 -15.40 -3.00 75.75
CA LYS H 126 -16.26 -2.59 74.62
C LYS H 126 -15.66 -2.88 73.24
N GLY H 127 -14.35 -3.18 73.20
CA GLY H 127 -13.68 -3.50 71.94
C GLY H 127 -12.26 -3.99 72.17
N TYR H 128 -11.53 -4.18 71.07
CA TYR H 128 -10.15 -4.66 71.12
C TYR H 128 -9.43 -4.31 69.82
N ASN H 129 -8.19 -3.83 69.95
CA ASN H 129 -7.39 -3.46 68.80
C ASN H 129 -5.96 -3.94 69.02
N LEU H 130 -5.47 -4.79 68.13
CA LEU H 130 -4.12 -5.35 68.23
C LEU H 130 -3.04 -4.29 68.00
N ASN H 131 -3.43 -3.17 67.38
CA ASN H 131 -2.49 -2.13 66.97
C ASN H 131 -2.16 -1.09 68.05
N ILE H 132 -2.69 -1.27 69.27
CA ILE H 132 -2.39 -0.36 70.38
C ILE H 132 -1.64 -1.09 71.51
N ILE H 133 -0.97 -2.18 71.16
CA ILE H 133 -0.25 -3.03 72.12
C ILE H 133 1.25 -2.83 71.94
N ASP H 134 1.94 -2.44 73.01
CA ASP H 134 3.37 -2.21 72.92
C ASP H 134 4.06 -3.51 72.56
N GLY H 135 5.00 -3.45 71.61
CA GLY H 135 5.72 -4.64 71.18
C GLY H 135 5.06 -5.50 70.11
N VAL H 136 3.81 -5.18 69.74
CA VAL H 136 3.07 -5.96 68.74
C VAL H 136 2.82 -5.13 67.48
N ILE H 137 3.11 -5.72 66.32
CA ILE H 137 2.66 -5.16 65.05
C ILE H 137 1.71 -6.15 64.36
N PRO H 138 0.43 -5.77 64.23
CA PRO H 138 -0.47 -6.61 63.47
C PRO H 138 -0.24 -6.39 61.98
N TRP H 139 -0.30 -7.46 61.20
CA TRP H 139 0.08 -7.41 59.80
C TRP H 139 -0.85 -8.25 58.95
N ASN H 140 -1.03 -7.84 57.69
CA ASN H 140 -1.71 -8.67 56.71
C ASN H 140 -0.72 -9.03 55.61
N TYR H 141 -0.62 -10.32 55.29
CA TYR H 141 0.34 -10.77 54.29
C TYR H 141 0.09 -10.08 52.93
N TYR H 142 -1.15 -10.17 52.45
CA TYR H 142 -1.60 -9.41 51.27
C TYR H 142 -2.29 -8.16 51.78
N LEU H 143 -2.07 -7.02 51.13
CA LEU H 143 -2.51 -5.72 51.66
C LEU H 143 -3.87 -5.28 51.12
N SER H 144 -4.45 -6.06 50.20
CA SER H 144 -5.82 -5.84 49.78
C SER H 144 -6.50 -7.14 49.39
N CYS H 145 -7.82 -7.08 49.28
CA CYS H 145 -8.56 -8.10 48.57
C CYS H 145 -9.64 -7.43 47.74
N LYS H 146 -10.12 -8.17 46.74
CA LYS H 146 -11.26 -7.72 45.97
C LYS H 146 -12.43 -7.68 46.94
N LEU H 147 -13.20 -6.61 46.89
CA LEU H 147 -14.29 -6.39 47.82
C LEU H 147 -15.17 -7.64 47.90
N GLY H 148 -15.20 -8.27 49.07
CA GLY H 148 -16.00 -9.47 49.32
C GLY H 148 -15.33 -10.80 49.01
N GLU H 149 -14.06 -10.79 48.61
CA GLU H 149 -13.40 -12.00 48.09
C GLU H 149 -12.03 -12.25 48.69
N THR H 150 -11.97 -13.14 49.68
CA THR H 150 -10.73 -13.43 50.39
C THR H 150 -9.65 -14.04 49.51
N LYS H 151 -8.41 -13.58 49.71
CA LYS H 151 -7.23 -14.04 48.95
C LYS H 151 -7.32 -13.81 47.44
N SER H 152 -8.22 -12.93 47.02
CA SER H 152 -8.40 -12.63 45.60
C SER H 152 -7.22 -11.88 44.99
N HIS H 153 -6.45 -11.15 45.80
CA HIS H 153 -5.33 -10.34 45.27
C HIS H 153 -3.93 -10.91 45.57
N ALA H 154 -3.87 -12.19 45.95
CA ALA H 154 -2.59 -12.88 46.17
C ALA H 154 -1.66 -12.70 44.99
N ILE H 155 -2.21 -12.84 43.78
CA ILE H 155 -1.41 -12.75 42.57
C ILE H 155 -0.69 -11.39 42.43
N TYR H 156 -1.34 -10.31 42.87
CA TYR H 156 -0.75 -8.97 42.74
C TYR H 156 0.29 -8.65 43.80
N TRP H 157 0.04 -9.08 45.03
CA TRP H 157 0.87 -8.72 46.18
C TRP H 157 2.10 -9.61 46.38
N ASP H 158 2.05 -10.82 45.81
CA ASP H 158 3.10 -11.83 45.93
C ASP H 158 4.49 -11.29 46.34
N LYS H 159 5.15 -10.58 45.43
CA LYS H 159 6.52 -10.11 45.67
C LYS H 159 6.63 -9.07 46.78
N ILE H 160 5.64 -8.19 46.86
CA ILE H 160 5.61 -7.19 47.90
C ILE H 160 5.43 -7.85 49.27
N SER H 161 4.55 -8.85 49.33
CA SER H 161 4.22 -9.50 50.58
C SER H 161 5.45 -10.19 51.18
N LYS H 162 6.25 -10.81 50.33
CA LYS H 162 7.53 -11.39 50.74
C LYS H 162 8.51 -10.31 51.22
N LEU H 163 8.67 -9.24 50.44
CA LEU H 163 9.56 -8.12 50.77
C LEU H 163 9.27 -7.53 52.16
N LEU H 164 8.01 -7.19 52.39
CA LEU H 164 7.64 -6.50 53.64
C LEU H 164 7.73 -7.42 54.86
N LEU H 165 7.30 -8.68 54.72
CA LEU H 165 7.34 -9.61 55.85
C LEU H 165 8.79 -9.98 56.21
N GLN H 166 9.62 -10.22 55.19
CA GLN H 166 11.05 -10.44 55.41
C GLN H 166 11.68 -9.26 56.15
N HIS H 167 11.24 -8.04 55.85
CA HIS H 167 11.69 -6.87 56.61
C HIS H 167 11.22 -6.91 58.05
N ILE H 168 9.94 -7.23 58.27
CA ILE H 168 9.37 -7.34 59.62
C ILE H 168 10.12 -8.39 60.47
N THR H 169 10.41 -9.55 59.89
CA THR H 169 11.02 -10.65 60.64
C THR H 169 12.52 -10.49 60.90
N LYS H 170 13.12 -9.40 60.43
CA LYS H 170 14.45 -9.00 60.88
C LYS H 170 14.36 -8.28 62.23
N HIS H 171 13.17 -7.81 62.59
CA HIS H 171 12.98 -7.00 63.79
C HIS H 171 12.34 -7.79 64.91
N VAL H 172 11.23 -8.46 64.62
CA VAL H 172 10.51 -9.23 65.63
C VAL H 172 11.18 -10.58 65.90
N SER H 173 11.03 -11.07 67.12
CA SER H 173 11.55 -12.37 67.52
C SER H 173 10.53 -13.48 67.32
N VAL H 174 9.25 -13.12 67.32
CA VAL H 174 8.16 -14.09 67.17
C VAL H 174 7.16 -13.65 66.09
N LEU H 175 6.89 -14.54 65.14
CA LEU H 175 5.88 -14.33 64.10
C LEU H 175 4.73 -15.30 64.36
N TYR H 176 3.56 -14.76 64.63
CA TYR H 176 2.37 -15.56 64.92
C TYR H 176 1.39 -15.43 63.76
N CYS H 177 1.29 -16.51 62.98
CA CYS H 177 0.46 -16.54 61.78
C CYS H 177 -0.88 -17.23 62.05
N LEU H 178 -1.96 -16.60 61.59
CA LEU H 178 -3.32 -17.11 61.82
C LEU H 178 -3.90 -17.74 60.54
N GLY H 179 -3.97 -19.07 60.52
CA GLY H 179 -4.54 -19.81 59.39
C GLY H 179 -3.65 -20.95 58.98
N LYS H 180 -4.04 -22.18 59.36
CA LYS H 180 -3.21 -23.36 59.13
C LYS H 180 -3.00 -23.63 57.64
N THR H 181 -4.07 -23.47 56.87
CA THR H 181 -4.02 -23.68 55.43
C THR H 181 -3.40 -22.46 54.74
N ASP H 182 -3.88 -21.28 55.09
CA ASP H 182 -3.37 -20.02 54.51
C ASP H 182 -1.86 -19.90 54.60
N PHE H 183 -1.29 -20.22 55.76
CA PHE H 183 0.15 -20.05 56.00
C PHE H 183 0.95 -21.34 56.03
N SER H 184 0.43 -22.39 55.40
CA SER H 184 1.08 -23.71 55.40
C SER H 184 2.55 -23.68 54.94
N ASN H 185 2.87 -22.84 53.96
CA ASN H 185 4.24 -22.75 53.44
C ASN H 185 4.90 -21.39 53.72
N ILE H 186 4.59 -20.80 54.87
CA ILE H 186 5.14 -19.50 55.22
C ILE H 186 6.65 -19.54 55.46
N ARG H 187 7.15 -20.60 56.09
CA ARG H 187 8.58 -20.69 56.43
C ARG H 187 9.48 -20.74 55.19
N ALA H 188 8.92 -21.13 54.05
CA ALA H 188 9.64 -21.07 52.77
C ALA H 188 9.90 -19.63 52.30
N LYS H 189 9.09 -18.67 52.77
CA LYS H 189 9.26 -17.26 52.42
C LYS H 189 10.23 -16.52 53.37
N LEU H 190 10.66 -17.17 54.45
CA LEU H 190 11.46 -16.51 55.48
C LEU H 190 12.96 -16.78 55.34
N GLU H 191 13.77 -15.82 55.80
CA GLU H 191 15.22 -15.95 55.82
C GLU H 191 15.85 -15.74 57.20
N SER H 192 15.16 -15.02 58.08
CA SER H 192 15.72 -14.54 59.34
C SER H 192 15.46 -15.51 60.48
N PRO H 193 16.23 -15.37 61.59
CA PRO H 193 16.03 -16.24 62.75
C PRO H 193 14.81 -15.87 63.60
N VAL H 194 13.64 -15.83 62.96
CA VAL H 194 12.40 -15.57 63.68
C VAL H 194 11.76 -16.90 64.05
N THR H 195 11.23 -17.00 65.26
CA THR H 195 10.44 -18.16 65.65
C THR H 195 9.05 -17.97 65.05
N THR H 196 8.61 -18.95 64.26
CA THR H 196 7.31 -18.89 63.60
C THR H 196 6.35 -19.86 64.27
N ILE H 197 5.14 -19.38 64.55
CA ILE H 197 4.06 -20.25 65.00
C ILE H 197 2.85 -20.01 64.10
N VAL H 198 2.25 -21.11 63.65
CA VAL H 198 1.12 -21.07 62.73
C VAL H 198 -0.10 -21.62 63.44
N GLY H 199 -1.00 -20.73 63.87
CA GLY H 199 -2.17 -21.12 64.64
C GLY H 199 -3.44 -21.16 63.83
N TYR H 200 -4.50 -21.71 64.41
CA TYR H 200 -5.82 -21.75 63.80
C TYR H 200 -6.33 -20.33 63.59
N HIS H 201 -7.14 -20.15 62.55
CA HIS H 201 -7.73 -18.84 62.28
C HIS H 201 -8.88 -18.57 63.27
N PRO H 202 -9.03 -17.32 63.73
CA PRO H 202 -10.11 -16.97 64.68
C PRO H 202 -11.52 -17.26 64.18
N ALA H 203 -11.79 -16.90 62.93
CA ALA H 203 -13.11 -17.10 62.32
C ALA H 203 -13.42 -18.55 61.91
N ALA H 204 -12.42 -19.43 61.97
CA ALA H 204 -12.62 -20.84 61.65
C ALA H 204 -13.32 -21.56 62.78
N GLN H 208 -11.84 -24.26 67.02
CA GLN H 208 -10.48 -24.74 67.26
C GLN H 208 -9.60 -23.64 67.85
N PHE H 209 -9.73 -22.43 67.34
CA PHE H 209 -9.01 -21.26 67.87
C PHE H 209 -9.29 -21.05 69.36
N GLU H 210 -10.49 -21.41 69.82
CA GLU H 210 -10.89 -21.24 71.22
C GLU H 210 -9.94 -21.90 72.23
N LYS H 211 -9.46 -23.09 71.90
CA LYS H 211 -8.54 -23.83 72.78
C LYS H 211 -7.08 -23.58 72.43
N ASP H 212 -6.84 -22.75 71.42
CA ASP H 212 -5.50 -22.42 70.97
C ASP H 212 -4.75 -21.66 72.07
N ARG H 213 -3.53 -22.11 72.37
CA ARG H 213 -2.72 -21.52 73.45
C ARG H 213 -1.65 -20.57 72.93
N SER H 214 -1.75 -20.12 71.68
CA SER H 214 -0.67 -19.37 71.04
C SER H 214 -0.24 -18.12 71.81
N PHE H 215 -1.18 -17.24 72.13
CA PHE H 215 -0.86 -15.98 72.84
C PHE H 215 -0.11 -16.21 74.15
N GLU H 216 -0.52 -17.26 74.86
CA GLU H 216 0.12 -17.70 76.09
C GLU H 216 1.55 -18.16 75.80
N ILE H 217 1.70 -18.97 74.75
CA ILE H 217 3.02 -19.48 74.35
C ILE H 217 3.95 -18.36 73.88
N ILE H 218 3.39 -17.35 73.21
CA ILE H 218 4.19 -16.23 72.72
C ILE H 218 4.99 -15.56 73.85
N ASN H 219 4.37 -15.40 75.01
CA ASN H 219 5.06 -14.78 76.16
C ASN H 219 6.07 -15.72 76.81
N VAL H 220 5.73 -17.00 76.89
CA VAL H 220 6.69 -18.01 77.32
C VAL H 220 7.95 -17.95 76.45
N LEU H 221 7.77 -17.90 75.14
CA LEU H 221 8.89 -17.88 74.20
C LEU H 221 9.71 -16.61 74.33
N LEU H 222 9.04 -15.49 74.54
CA LEU H 222 9.72 -14.19 74.70
C LEU H 222 10.55 -14.14 75.99
N GLU H 223 9.98 -14.59 77.09
CA GLU H 223 10.69 -14.61 78.37
C GLU H 223 11.92 -15.50 78.30
N LEU H 224 11.77 -16.70 77.74
CA LEU H 224 12.89 -17.62 77.55
C LEU H 224 13.97 -17.02 76.64
N ASP H 225 13.55 -16.26 75.64
CA ASP H 225 14.47 -15.56 74.73
C ASP H 225 15.00 -14.23 75.31
N ASN H 226 14.78 -14.00 76.60
CA ASN H 226 15.29 -12.81 77.29
C ASN H 226 14.71 -11.48 76.78
N LYS H 227 13.40 -11.50 76.50
CA LYS H 227 12.65 -10.32 76.09
C LYS H 227 11.48 -10.11 77.03
N ALA H 228 10.94 -8.90 77.07
CA ALA H 228 9.74 -8.61 77.86
C ALA H 228 8.53 -9.30 77.24
N PRO H 229 7.62 -9.80 78.08
CA PRO H 229 6.40 -10.38 77.52
C PRO H 229 5.49 -9.30 76.93
N ILE H 230 4.43 -9.73 76.25
CA ILE H 230 3.43 -8.81 75.74
C ILE H 230 2.32 -8.62 76.78
N ASN H 231 1.94 -7.37 77.00
CA ASN H 231 0.79 -7.04 77.83
C ASN H 231 -0.45 -6.98 76.93
N TRP H 232 -1.07 -8.13 76.70
CA TRP H 232 -2.19 -8.24 75.75
C TRP H 232 -3.40 -7.38 76.17
N ALA H 233 -3.56 -7.16 77.48
CA ALA H 233 -4.68 -6.35 77.98
C ALA H 233 -4.66 -4.90 77.48
N GLN H 234 -3.50 -4.41 77.03
CA GLN H 234 -3.41 -3.08 76.43
C GLN H 234 -4.31 -2.92 75.19
N GLY H 235 -4.64 -4.03 74.55
CA GLY H 235 -5.49 -4.02 73.37
C GLY H 235 -6.94 -3.68 73.66
N PHE H 236 -7.37 -3.81 74.91
CA PHE H 236 -8.79 -3.61 75.25
C PHE H 236 -9.19 -2.14 75.16
N ILE H 237 -10.44 -1.92 74.73
CA ILE H 237 -11.03 -0.58 74.63
C ILE H 237 -12.24 -0.55 75.55
N TYR H 238 -12.33 0.50 76.38
CA TYR H 238 -13.37 0.60 77.43
C TYR H 238 -14.26 1.82 77.21
N MET I 21 -47.35 -20.25 -67.79
CA MET I 21 -46.40 -19.82 -66.72
C MET I 21 -47.05 -19.90 -65.34
N ASN I 22 -46.22 -20.00 -64.31
CA ASN I 22 -46.70 -19.93 -62.93
C ASN I 22 -47.06 -18.50 -62.53
N SER I 23 -47.78 -18.38 -61.42
CA SER I 23 -48.19 -17.08 -60.92
C SER I 23 -48.23 -17.05 -59.40
N VAL I 24 -48.23 -15.85 -58.84
CA VAL I 24 -48.43 -15.67 -57.41
C VAL I 24 -49.69 -14.86 -57.17
N THR I 25 -50.19 -14.91 -55.94
CA THR I 25 -51.36 -14.16 -55.54
C THR I 25 -50.92 -13.03 -54.62
N VAL I 26 -51.47 -11.84 -54.85
CA VAL I 26 -51.28 -10.72 -53.95
C VAL I 26 -52.63 -10.29 -53.38
N SER I 27 -52.58 -9.53 -52.31
CA SER I 27 -53.76 -9.17 -51.53
C SER I 27 -54.72 -8.24 -52.26
N HIS I 28 -54.19 -7.36 -53.10
CA HIS I 28 -54.99 -6.34 -53.80
C HIS I 28 -54.83 -6.47 -55.30
N ALA I 29 -55.57 -5.66 -56.06
CA ALA I 29 -55.45 -5.69 -57.51
C ALA I 29 -53.98 -5.52 -57.92
N PRO I 30 -53.54 -6.23 -58.97
CA PRO I 30 -54.32 -7.07 -59.88
C PRO I 30 -54.62 -8.49 -59.35
N TYR I 31 -54.29 -8.75 -58.08
CA TYR I 31 -54.62 -10.02 -57.40
C TYR I 31 -53.76 -11.20 -57.81
N THR I 32 -53.43 -11.31 -59.10
CA THR I 32 -52.56 -12.37 -59.60
C THR I 32 -51.43 -11.76 -60.43
N ILE I 33 -50.21 -12.24 -60.20
CA ILE I 33 -49.06 -11.83 -60.99
C ILE I 33 -48.46 -13.07 -61.65
N THR I 34 -48.56 -13.12 -62.98
CA THR I 34 -47.97 -14.20 -63.77
C THR I 34 -46.50 -13.87 -63.98
N TYR I 35 -45.63 -14.88 -63.95
CA TYR I 35 -44.21 -14.64 -64.09
C TYR I 35 -43.48 -15.79 -64.78
N HIS I 36 -42.45 -15.42 -65.54
CA HIS I 36 -41.52 -16.37 -66.16
C HIS I 36 -40.62 -16.94 -65.05
N ASN I 37 -40.23 -18.20 -65.18
CA ASN I 37 -39.47 -18.89 -64.12
C ASN I 37 -38.21 -18.13 -63.68
N ASP I 38 -37.50 -17.53 -64.63
CA ASP I 38 -36.33 -16.69 -64.36
C ASP I 38 -36.52 -15.69 -63.20
N TRP I 39 -37.76 -15.26 -62.98
CA TRP I 39 -38.08 -14.35 -61.88
C TRP I 39 -38.43 -15.06 -60.56
N GLU I 40 -38.52 -16.40 -60.61
CA GLU I 40 -38.87 -17.22 -59.43
C GLU I 40 -38.25 -16.73 -58.12
N PRO I 41 -36.92 -16.50 -58.10
CA PRO I 41 -36.26 -16.17 -56.82
C PRO I 41 -36.79 -14.95 -56.06
N VAL I 42 -37.38 -13.96 -56.74
CA VAL I 42 -37.80 -12.71 -56.08
C VAL I 42 -39.30 -12.57 -55.81
N MET I 43 -40.10 -13.50 -56.32
CA MET I 43 -41.56 -13.40 -56.23
C MET I 43 -42.09 -13.43 -54.80
N SER I 44 -41.49 -14.25 -53.94
CA SER I 44 -41.91 -14.28 -52.54
C SER I 44 -41.79 -12.89 -51.90
N GLN I 45 -40.61 -12.30 -52.03
N GLN I 45 -40.60 -12.29 -52.01
CA GLN I 45 -40.35 -10.97 -51.50
CA GLN I 45 -40.35 -10.95 -51.48
C GLN I 45 -41.21 -9.90 -52.16
C GLN I 45 -41.22 -9.88 -52.16
N LEU I 46 -41.50 -10.07 -53.45
CA LEU I 46 -42.35 -9.15 -54.19
C LEU I 46 -43.77 -9.12 -53.62
N VAL I 47 -44.34 -10.29 -53.39
CA VAL I 47 -45.68 -10.42 -52.79
C VAL I 47 -45.74 -9.64 -51.49
N GLU I 48 -44.79 -9.93 -50.61
CA GLU I 48 -44.69 -9.27 -49.31
C GLU I 48 -44.59 -7.75 -49.46
N PHE I 49 -43.68 -7.29 -50.33
CA PHE I 49 -43.48 -5.85 -50.51
C PHE I 49 -44.69 -5.18 -51.17
N TYR I 50 -45.30 -5.85 -52.15
CA TYR I 50 -46.46 -5.28 -52.84
C TYR I 50 -47.64 -5.15 -51.89
N ASN I 51 -47.93 -6.21 -51.14
CA ASN I 51 -48.99 -6.18 -50.13
C ASN I 51 -48.85 -5.04 -49.12
N GLU I 52 -47.62 -4.61 -48.85
CA GLU I 52 -47.37 -3.53 -47.89
C GLU I 52 -47.85 -2.15 -48.35
N VAL I 53 -47.90 -1.93 -49.67
CA VAL I 53 -48.15 -0.60 -50.23
C VAL I 53 -49.36 -0.47 -51.17
N ALA I 54 -49.83 -1.60 -51.72
CA ALA I 54 -50.87 -1.60 -52.76
C ALA I 54 -52.12 -0.76 -52.42
N SER I 55 -52.71 -0.97 -51.24
CA SER I 55 -53.96 -0.28 -50.90
C SER I 55 -53.80 1.25 -50.84
N TRP I 56 -52.57 1.72 -50.59
CA TRP I 56 -52.26 3.14 -50.65
C TRP I 56 -52.08 3.61 -52.10
N LEU I 57 -51.42 2.77 -52.89
CA LEU I 57 -51.16 3.05 -54.31
C LEU I 57 -52.44 3.05 -55.13
N LEU I 58 -53.34 2.11 -54.83
CA LEU I 58 -54.55 1.91 -55.63
C LEU I 58 -55.67 2.95 -55.37
N ARG I 59 -55.40 3.92 -54.49
CA ARG I 59 -56.28 5.08 -54.32
C ARG I 59 -56.18 6.07 -55.49
N ASP I 60 -55.10 5.96 -56.27
CA ASP I 60 -54.91 6.80 -57.46
C ASP I 60 -55.18 5.99 -58.72
N GLU I 61 -55.85 6.61 -59.69
CA GLU I 61 -55.89 6.07 -61.05
C GLU I 61 -54.46 6.11 -61.59
N THR I 62 -54.04 5.02 -62.23
CA THR I 62 -52.62 4.82 -62.55
C THR I 62 -52.33 4.67 -64.03
N SER I 63 -51.11 5.04 -64.41
CA SER I 63 -50.54 4.63 -65.68
C SER I 63 -49.37 3.70 -65.37
N PRO I 64 -49.42 2.44 -65.86
CA PRO I 64 -50.52 1.77 -66.55
C PRO I 64 -51.59 1.32 -65.55
N ILE I 65 -52.62 0.63 -66.05
CA ILE I 65 -53.62 0.04 -65.14
C ILE I 65 -52.97 -1.07 -64.29
N PRO I 66 -53.56 -1.37 -63.10
CA PRO I 66 -52.98 -2.39 -62.22
C PRO I 66 -52.72 -3.75 -62.88
N ASP I 67 -53.59 -4.15 -63.81
CA ASP I 67 -53.40 -5.44 -64.51
C ASP I 67 -52.17 -5.45 -65.43
N LYS I 68 -51.60 -4.27 -65.69
CA LYS I 68 -50.39 -4.17 -66.53
C LYS I 68 -49.12 -3.84 -65.73
N PHE I 69 -49.25 -3.53 -64.45
CA PHE I 69 -48.06 -3.23 -63.63
C PHE I 69 -46.90 -4.19 -63.91
N PHE I 70 -47.19 -5.48 -63.93
CA PHE I 70 -46.14 -6.52 -63.86
C PHE I 70 -45.95 -7.36 -65.12
N ILE I 71 -46.51 -6.92 -66.24
CA ILE I 71 -46.41 -7.67 -67.49
C ILE I 71 -44.97 -7.99 -67.92
N GLN I 72 -44.01 -7.11 -67.62
CA GLN I 72 -42.60 -7.38 -67.97
C GLN I 72 -42.00 -8.58 -67.21
N LEU I 73 -42.63 -9.01 -66.12
CA LEU I 73 -42.21 -10.20 -65.41
C LEU I 73 -42.43 -11.48 -66.22
N LYS I 74 -43.15 -11.39 -67.35
CA LYS I 74 -43.34 -12.52 -68.25
C LYS I 74 -42.17 -12.70 -69.22
N GLN I 75 -41.20 -11.78 -69.21
CA GLN I 75 -40.05 -11.87 -70.09
C GLN I 75 -38.97 -12.76 -69.47
N PRO I 76 -38.29 -13.57 -70.31
CA PRO I 76 -37.09 -14.27 -69.85
C PRO I 76 -35.90 -13.34 -69.61
N LEU I 77 -34.99 -13.77 -68.73
CA LEU I 77 -33.80 -13.01 -68.36
C LEU I 77 -32.47 -13.69 -68.71
N ARG I 78 -32.47 -15.02 -68.86
CA ARG I 78 -31.22 -15.73 -69.14
C ARG I 78 -30.63 -15.31 -70.47
N ASN I 79 -31.48 -15.07 -71.46
CA ASN I 79 -31.02 -14.65 -72.79
C ASN I 79 -30.84 -13.14 -72.96
N LYS I 80 -30.80 -12.39 -71.85
CA LYS I 80 -30.72 -10.93 -71.89
C LYS I 80 -29.35 -10.41 -71.45
N ARG I 81 -28.77 -9.52 -72.25
CA ARG I 81 -27.46 -8.94 -71.91
C ARG I 81 -27.52 -7.43 -71.64
N VAL I 82 -28.62 -6.78 -72.01
CA VAL I 82 -28.79 -5.35 -71.78
C VAL I 82 -30.16 -5.07 -71.19
N CYS I 83 -30.21 -4.19 -70.20
CA CYS I 83 -31.47 -3.66 -69.68
C CYS I 83 -31.51 -2.16 -69.95
N VAL I 84 -32.55 -1.73 -70.65
CA VAL I 84 -32.78 -0.31 -70.92
C VAL I 84 -33.81 0.16 -69.92
N CYS I 85 -33.43 1.11 -69.07
CA CYS I 85 -34.22 1.44 -67.88
C CYS I 85 -34.72 2.88 -67.88
N GLY I 86 -36.03 3.03 -68.04
CA GLY I 86 -36.71 4.31 -67.90
C GLY I 86 -37.03 4.52 -66.43
N ILE I 87 -37.55 5.71 -66.11
CA ILE I 87 -37.77 6.07 -64.72
C ILE I 87 -39.12 5.56 -64.22
N ASP I 88 -40.15 5.80 -65.01
CA ASP I 88 -41.49 5.29 -64.71
C ASP I 88 -42.35 5.40 -65.96
N PRO I 89 -43.56 4.85 -65.92
CA PRO I 89 -44.35 4.81 -67.17
C PRO I 89 -44.83 6.18 -67.62
N TYR I 90 -45.34 6.25 -68.86
CA TYR I 90 -45.93 7.49 -69.37
C TYR I 90 -46.96 8.02 -68.39
N PRO I 91 -47.09 9.36 -68.29
CA PRO I 91 -48.13 9.93 -67.43
C PRO I 91 -49.53 9.41 -67.79
N LYS I 92 -49.76 9.09 -69.05
CA LYS I 92 -51.02 8.49 -69.49
C LYS I 92 -50.76 7.48 -70.60
N ASP I 93 -51.61 6.44 -70.65
CA ASP I 93 -51.56 5.39 -71.69
C ASP I 93 -50.37 4.44 -71.56
N GLY I 94 -49.78 4.37 -70.37
CA GLY I 94 -48.75 3.37 -70.11
C GLY I 94 -49.34 2.00 -70.36
N THR I 95 -48.54 1.10 -70.95
CA THR I 95 -49.02 -0.22 -71.34
C THR I 95 -48.45 -1.37 -70.50
N GLY I 96 -47.54 -1.06 -69.59
CA GLY I 96 -46.80 -2.10 -68.86
C GLY I 96 -45.50 -2.52 -69.54
N VAL I 97 -45.37 -2.24 -70.83
CA VAL I 97 -44.11 -2.36 -71.55
C VAL I 97 -43.45 -0.97 -71.60
N PRO I 98 -42.29 -0.80 -70.95
CA PRO I 98 -41.61 0.50 -70.90
C PRO I 98 -41.42 1.15 -72.28
N PHE I 99 -41.76 2.44 -72.36
CA PHE I 99 -41.65 3.24 -73.60
C PHE I 99 -42.59 2.88 -74.75
N GLU I 100 -43.28 1.75 -74.65
CA GLU I 100 -44.11 1.29 -75.74
C GLU I 100 -45.26 2.28 -75.97
N SER I 101 -45.47 2.62 -77.23
CA SER I 101 -46.60 3.43 -77.67
C SER I 101 -47.08 2.80 -78.98
N PRO I 102 -48.19 2.03 -78.93
CA PRO I 102 -48.59 1.21 -80.08
C PRO I 102 -48.95 2.00 -81.34
N ASN I 103 -49.40 3.25 -81.18
CA ASN I 103 -49.65 4.14 -82.33
C ASN I 103 -48.48 5.10 -82.65
N PHE I 104 -47.37 4.95 -81.91
CA PHE I 104 -46.15 5.73 -82.15
C PHE I 104 -46.35 7.23 -82.01
N THR I 105 -47.01 7.63 -80.93
CA THR I 105 -47.34 9.05 -80.69
C THR I 105 -46.51 9.68 -79.58
N LYS I 106 -46.07 8.88 -78.61
CA LYS I 106 -45.36 9.41 -77.45
C LYS I 106 -43.97 9.92 -77.84
N LYS I 107 -43.53 11.00 -77.20
CA LYS I 107 -42.27 11.65 -77.56
C LYS I 107 -41.08 10.73 -77.33
N SER I 108 -40.98 10.17 -76.12
CA SER I 108 -39.84 9.35 -75.75
C SER I 108 -39.52 8.30 -76.81
N ILE I 109 -40.51 7.51 -77.20
CA ILE I 109 -40.27 6.44 -78.19
C ILE I 109 -39.93 7.00 -79.57
N LYS I 110 -40.46 8.17 -79.89
CA LYS I 110 -40.15 8.82 -81.16
C LYS I 110 -38.71 9.30 -81.20
N GLU I 111 -38.22 9.88 -80.10
CA GLU I 111 -36.82 10.32 -80.04
C GLU I 111 -35.86 9.11 -80.04
N ILE I 112 -36.22 8.04 -79.33
CA ILE I 112 -35.44 6.80 -79.37
C ILE I 112 -35.36 6.24 -80.80
N ALA I 113 -36.48 6.31 -81.51
CA ALA I 113 -36.53 5.85 -82.90
C ALA I 113 -35.56 6.63 -83.78
N SER I 114 -35.63 7.95 -83.70
CA SER I 114 -34.74 8.84 -84.46
C SER I 114 -33.27 8.54 -84.18
N SER I 115 -32.92 8.32 -82.91
CA SER I 115 -31.54 8.04 -82.53
C SER I 115 -31.03 6.77 -83.22
N ILE I 116 -31.83 5.71 -83.20
CA ILE I 116 -31.46 4.47 -83.89
C ILE I 116 -31.43 4.70 -85.41
N SER I 117 -32.26 5.61 -85.91
CA SER I 117 -32.17 6.03 -87.32
C SER I 117 -30.82 6.67 -87.61
N ARG I 118 -30.39 7.57 -86.75
CA ARG I 118 -29.07 8.20 -86.88
C ARG I 118 -27.95 7.15 -86.81
N LEU I 119 -28.15 6.10 -86.01
CA LEU I 119 -27.18 5.02 -85.87
C LEU I 119 -27.11 4.10 -87.08
N THR I 120 -28.26 3.71 -87.61
CA THR I 120 -28.34 2.61 -88.58
C THR I 120 -28.57 3.06 -90.02
N GLY I 121 -29.19 4.23 -90.20
CA GLY I 121 -29.48 4.73 -91.54
C GLY I 121 -30.78 4.22 -92.13
N VAL I 122 -31.62 3.58 -91.32
CA VAL I 122 -32.97 3.23 -91.80
C VAL I 122 -33.90 4.41 -91.49
N ILE I 123 -34.55 4.89 -92.54
CA ILE I 123 -35.35 6.11 -92.51
C ILE I 123 -36.84 5.87 -92.81
N ASP I 124 -37.18 4.67 -93.31
CA ASP I 124 -38.59 4.30 -93.57
C ASP I 124 -39.10 3.33 -92.51
N TYR I 125 -39.71 3.88 -91.46
CA TYR I 125 -40.26 3.09 -90.37
C TYR I 125 -41.53 3.77 -89.86
N LYS I 126 -42.41 2.97 -89.24
CA LYS I 126 -43.69 3.46 -88.73
C LYS I 126 -43.78 3.42 -87.21
N GLY I 127 -42.82 2.76 -86.57
CA GLY I 127 -42.81 2.66 -85.13
C GLY I 127 -41.57 1.93 -84.64
N TYR I 128 -41.47 1.83 -83.32
CA TYR I 128 -40.29 1.24 -82.71
C TYR I 128 -40.66 0.68 -81.35
N ASN I 129 -40.13 -0.50 -81.02
CA ASN I 129 -40.37 -1.13 -79.73
C ASN I 129 -39.09 -1.73 -79.19
N LEU I 130 -38.67 -1.29 -78.01
CA LEU I 130 -37.48 -1.84 -77.35
C LEU I 130 -37.69 -3.29 -76.91
N ASN I 131 -38.94 -3.68 -76.71
CA ASN I 131 -39.29 -5.01 -76.21
C ASN I 131 -39.09 -6.15 -77.22
N ILE I 132 -38.88 -5.84 -78.50
CA ILE I 132 -38.74 -6.87 -79.54
C ILE I 132 -37.30 -7.07 -80.03
N ILE I 133 -36.33 -6.52 -79.30
CA ILE I 133 -34.91 -6.61 -79.68
C ILE I 133 -34.23 -7.74 -78.91
N ASP I 134 -33.65 -8.70 -79.64
CA ASP I 134 -32.90 -9.82 -79.04
C ASP I 134 -31.85 -9.33 -78.03
N GLY I 135 -31.90 -9.88 -76.82
CA GLY I 135 -30.93 -9.55 -75.78
C GLY I 135 -31.23 -8.31 -74.95
N VAL I 136 -32.31 -7.60 -75.27
CA VAL I 136 -32.66 -6.37 -74.55
C VAL I 136 -33.92 -6.59 -73.74
N ILE I 137 -33.87 -6.23 -72.46
CA ILE I 137 -35.10 -6.10 -71.66
C ILE I 137 -35.33 -4.63 -71.32
N PRO I 138 -36.44 -4.05 -71.81
CA PRO I 138 -36.82 -2.72 -71.35
C PRO I 138 -37.49 -2.76 -69.99
N TRP I 139 -37.25 -1.74 -69.16
CA TRP I 139 -37.66 -1.74 -67.76
C TRP I 139 -37.99 -0.32 -67.31
N ASN I 140 -38.85 -0.18 -66.30
CA ASN I 140 -39.11 1.09 -65.62
C ASN I 140 -38.81 0.94 -64.13
N TYR I 141 -38.02 1.84 -63.57
CA TYR I 141 -37.60 1.70 -62.17
C TYR I 141 -38.79 1.68 -61.21
N TYR I 142 -39.74 2.60 -61.41
CA TYR I 142 -41.02 2.56 -60.73
C TYR I 142 -42.03 2.03 -61.75
N LEU I 143 -42.96 1.19 -61.29
CA LEU I 143 -43.83 0.42 -62.20
C LEU I 143 -45.19 1.06 -62.45
N SER I 144 -45.47 2.18 -61.79
CA SER I 144 -46.68 2.95 -62.04
C SER I 144 -46.50 4.38 -61.59
N CYS I 145 -47.34 5.26 -62.09
CA CYS I 145 -47.39 6.64 -61.62
C CYS I 145 -48.84 7.07 -61.50
N LYS I 146 -49.10 8.06 -60.64
CA LYS I 146 -50.43 8.65 -60.57
C LYS I 146 -50.71 9.23 -61.94
N LEU I 147 -51.87 8.88 -62.50
CA LEU I 147 -52.21 9.27 -63.86
C LEU I 147 -51.89 10.76 -64.06
N GLY I 148 -50.97 11.05 -64.98
CA GLY I 148 -50.62 12.43 -65.34
C GLY I 148 -49.61 13.10 -64.40
N GLU I 149 -48.74 12.31 -63.79
CA GLU I 149 -47.82 12.85 -62.78
C GLU I 149 -46.60 11.95 -62.62
N THR I 150 -45.46 12.38 -63.15
CA THR I 150 -44.24 11.56 -63.19
C THR I 150 -43.61 11.43 -61.80
N LYS I 151 -43.07 10.25 -61.53
CA LYS I 151 -42.39 9.93 -60.27
C LYS I 151 -43.30 10.03 -59.04
N SER I 152 -44.62 10.08 -59.25
CA SER I 152 -45.56 10.29 -58.15
C SER I 152 -45.63 9.08 -57.21
N HIS I 153 -45.34 7.89 -57.71
CA HIS I 153 -45.42 6.66 -56.91
C HIS I 153 -44.06 6.09 -56.50
N ALA I 154 -43.01 6.90 -56.60
CA ALA I 154 -41.68 6.50 -56.16
C ALA I 154 -41.72 6.05 -54.70
N ILE I 155 -42.54 6.73 -53.90
CA ILE I 155 -42.67 6.44 -52.49
C ILE I 155 -43.24 5.02 -52.24
N TYR I 156 -44.07 4.55 -53.17
CA TYR I 156 -44.67 3.22 -53.06
C TYR I 156 -43.77 2.11 -53.56
N TRP I 157 -43.10 2.33 -54.69
CA TRP I 157 -42.32 1.27 -55.33
C TRP I 157 -40.89 1.12 -54.76
N ASP I 158 -40.35 2.19 -54.18
CA ASP I 158 -38.99 2.20 -53.61
C ASP I 158 -38.37 0.82 -53.36
N LYS I 159 -38.93 0.07 -52.40
CA LYS I 159 -38.36 -1.22 -52.02
C LYS I 159 -38.48 -2.28 -53.11
N ILE I 160 -39.61 -2.30 -53.80
CA ILE I 160 -39.82 -3.25 -54.90
C ILE I 160 -38.87 -2.97 -56.05
N SER I 161 -38.70 -1.69 -56.36
CA SER I 161 -37.84 -1.24 -57.45
C SER I 161 -36.41 -1.72 -57.27
N LYS I 162 -35.90 -1.58 -56.05
CA LYS I 162 -34.55 -2.05 -55.70
C LYS I 162 -34.47 -3.57 -55.87
N LEU I 163 -35.40 -4.28 -55.24
CA LEU I 163 -35.50 -5.73 -55.34
C LEU I 163 -35.45 -6.25 -56.79
N LEU I 164 -36.29 -5.68 -57.64
CA LEU I 164 -36.40 -6.16 -59.02
C LEU I 164 -35.21 -5.79 -59.90
N LEU I 165 -34.75 -4.54 -59.84
CA LEU I 165 -33.62 -4.13 -60.67
C LEU I 165 -32.34 -4.86 -60.26
N GLN I 166 -32.13 -5.04 -58.96
CA GLN I 166 -31.03 -5.86 -58.48
C GLN I 166 -31.04 -7.24 -59.13
N HIS I 167 -32.24 -7.82 -59.28
CA HIS I 167 -32.39 -9.13 -59.89
C HIS I 167 -32.10 -9.13 -61.39
N ILE I 168 -32.61 -8.13 -62.10
CA ILE I 168 -32.30 -7.97 -63.53
C ILE I 168 -30.79 -7.86 -63.72
N THR I 169 -30.12 -7.06 -62.89
CA THR I 169 -28.67 -6.83 -63.03
C THR I 169 -27.79 -8.04 -62.69
N LYS I 170 -28.37 -9.10 -62.12
CA LYS I 170 -27.67 -10.39 -61.99
C LYS I 170 -27.56 -11.07 -63.34
N HIS I 171 -28.49 -10.75 -64.23
CA HIS I 171 -28.57 -11.40 -65.53
C HIS I 171 -27.94 -10.62 -66.67
N VAL I 172 -28.11 -9.30 -66.68
CA VAL I 172 -27.58 -8.49 -67.79
C VAL I 172 -26.13 -8.08 -67.57
N SER I 173 -25.46 -7.73 -68.67
N SER I 173 -25.49 -7.72 -68.68
CA SER I 173 -24.08 -7.24 -68.63
CA SER I 173 -24.10 -7.27 -68.70
C SER I 173 -24.03 -5.72 -68.52
C SER I 173 -24.03 -5.75 -68.56
N VAL I 174 -24.99 -5.05 -69.14
CA VAL I 174 -25.04 -3.59 -69.15
C VAL I 174 -26.42 -3.08 -68.74
N LEU I 175 -26.43 -2.12 -67.82
CA LEU I 175 -27.65 -1.40 -67.47
C LEU I 175 -27.52 -0.02 -68.06
N TYR I 176 -28.50 0.34 -68.90
CA TYR I 176 -28.58 1.67 -69.50
C TYR I 176 -29.78 2.41 -68.92
N CYS I 177 -29.51 3.37 -68.03
CA CYS I 177 -30.56 4.17 -67.40
C CYS I 177 -30.76 5.50 -68.13
N LEU I 178 -32.01 5.95 -68.20
CA LEU I 178 -32.38 7.17 -68.89
C LEU I 178 -32.84 8.25 -67.92
N GLY I 179 -32.06 9.32 -67.81
CA GLY I 179 -32.34 10.42 -66.88
C GLY I 179 -31.18 10.68 -65.94
N LYS I 180 -30.36 11.67 -66.26
CA LYS I 180 -29.13 11.93 -65.49
C LYS I 180 -29.41 12.30 -64.04
N THR I 181 -30.43 13.12 -63.81
CA THR I 181 -30.79 13.55 -62.46
C THR I 181 -31.51 12.44 -61.70
N ASP I 182 -32.46 11.78 -62.35
CA ASP I 182 -33.23 10.70 -61.73
C ASP I 182 -32.34 9.54 -61.27
N PHE I 183 -31.41 9.13 -62.13
CA PHE I 183 -30.57 7.98 -61.84
C PHE I 183 -29.16 8.36 -61.36
N SER I 184 -29.00 9.57 -60.83
CA SER I 184 -27.69 10.03 -60.38
C SER I 184 -27.09 9.11 -59.31
N ASN I 185 -27.92 8.67 -58.36
CA ASN I 185 -27.47 7.80 -57.27
C ASN I 185 -27.95 6.35 -57.42
N ILE I 186 -28.09 5.89 -58.66
CA ILE I 186 -28.55 4.53 -58.94
C ILE I 186 -27.56 3.47 -58.45
N ARG I 187 -26.26 3.78 -58.48
CA ARG I 187 -25.25 2.83 -58.02
C ARG I 187 -25.44 2.41 -56.56
N ALA I 188 -25.94 3.33 -55.74
CA ALA I 188 -26.22 3.03 -54.33
C ALA I 188 -27.34 1.99 -54.14
N LYS I 189 -28.16 1.81 -55.17
CA LYS I 189 -29.25 0.84 -55.14
C LYS I 189 -28.87 -0.54 -55.71
N LEU I 190 -27.65 -0.68 -56.18
CA LEU I 190 -27.17 -1.97 -56.71
C LEU I 190 -26.13 -2.60 -55.78
N SER I 192 -25.02 -7.79 -59.12
CA SER I 192 -24.56 -6.56 -58.48
C SER I 192 -23.40 -5.89 -59.22
N PRO I 193 -22.42 -6.69 -59.71
CA PRO I 193 -21.41 -6.15 -60.62
C PRO I 193 -21.93 -6.10 -62.06
N VAL I 194 -22.52 -4.97 -62.42
CA VAL I 194 -23.00 -4.73 -63.77
C VAL I 194 -22.40 -3.43 -64.27
N THR I 195 -22.07 -3.36 -65.55
CA THR I 195 -21.61 -2.11 -66.15
C THR I 195 -22.83 -1.21 -66.30
N THR I 196 -22.76 -0.01 -65.72
CA THR I 196 -23.88 0.93 -65.76
C THR I 196 -23.51 2.19 -66.53
N ILE I 197 -24.40 2.61 -67.42
CA ILE I 197 -24.30 3.92 -68.07
C ILE I 197 -25.62 4.68 -67.90
N VAL I 198 -25.50 5.94 -67.51
CA VAL I 198 -26.67 6.81 -67.33
C VAL I 198 -26.62 7.93 -68.35
N GLY I 199 -27.54 7.89 -69.33
CA GLY I 199 -27.63 8.93 -70.36
C GLY I 199 -28.81 9.86 -70.14
N TYR I 200 -29.01 10.81 -71.06
CA TYR I 200 -30.15 11.72 -70.98
C TYR I 200 -31.44 10.97 -71.29
N HIS I 201 -32.55 11.49 -70.78
CA HIS I 201 -33.87 10.96 -71.08
C HIS I 201 -34.37 11.57 -72.39
N PRO I 202 -35.07 10.77 -73.23
CA PRO I 202 -35.53 11.29 -74.53
C PRO I 202 -36.73 12.26 -74.49
N ALA I 203 -37.01 12.85 -73.34
CA ALA I 203 -38.12 13.79 -73.19
C ALA I 203 -37.59 15.14 -72.71
N ALA I 204 -36.84 15.81 -73.58
CA ALA I 204 -36.30 17.16 -73.30
C ALA I 204 -35.48 17.21 -72.03
N GLN I 208 -30.72 17.35 -75.63
CA GLN I 208 -29.48 16.67 -75.26
C GLN I 208 -29.49 15.17 -75.60
N PHE I 209 -30.67 14.54 -75.58
CA PHE I 209 -30.77 13.15 -75.99
C PHE I 209 -30.35 12.97 -77.43
N GLU I 210 -30.72 13.92 -78.29
CA GLU I 210 -30.40 13.88 -79.71
C GLU I 210 -28.92 13.59 -79.98
N LYS I 211 -28.04 14.16 -79.16
CA LYS I 211 -26.59 14.02 -79.33
C LYS I 211 -26.01 12.77 -78.63
N ASP I 212 -26.85 12.05 -77.91
CA ASP I 212 -26.40 10.94 -77.07
C ASP I 212 -26.07 9.70 -77.92
N ARG I 213 -24.92 9.09 -77.66
CA ARG I 213 -24.46 7.94 -78.43
C ARG I 213 -24.44 6.68 -77.56
N SER I 214 -25.30 6.64 -76.56
CA SER I 214 -25.28 5.56 -75.57
C SER I 214 -25.56 4.19 -76.18
N PHE I 215 -26.32 4.15 -77.27
CA PHE I 215 -26.60 2.90 -77.96
C PHE I 215 -25.33 2.28 -78.55
N GLU I 216 -24.43 3.12 -79.05
CA GLU I 216 -23.13 2.66 -79.54
C GLU I 216 -22.20 2.30 -78.40
N ILE I 217 -22.21 3.11 -77.35
CA ILE I 217 -21.39 2.83 -76.18
C ILE I 217 -21.73 1.45 -75.60
N ILE I 218 -23.01 1.10 -75.55
CA ILE I 218 -23.45 -0.21 -75.06
C ILE I 218 -22.77 -1.33 -75.84
N ASN I 219 -22.88 -1.27 -77.16
CA ASN I 219 -22.26 -2.28 -78.01
C ASN I 219 -20.75 -2.35 -77.86
N VAL I 220 -20.09 -1.21 -77.70
CA VAL I 220 -18.64 -1.19 -77.45
C VAL I 220 -18.32 -1.92 -76.14
N LEU I 221 -19.12 -1.67 -75.10
CA LEU I 221 -18.93 -2.33 -73.81
C LEU I 221 -19.21 -3.84 -73.84
N LEU I 222 -20.16 -4.27 -74.69
CA LEU I 222 -20.46 -5.69 -74.85
C LEU I 222 -19.32 -6.41 -75.57
N GLU I 223 -18.71 -5.76 -76.56
CA GLU I 223 -17.58 -6.36 -77.29
C GLU I 223 -16.41 -6.61 -76.37
N LEU I 224 -16.23 -5.72 -75.39
CA LEU I 224 -15.14 -5.83 -74.43
C LEU I 224 -15.42 -6.93 -73.40
N ASP I 225 -16.69 -7.27 -73.23
CA ASP I 225 -17.10 -8.39 -72.40
C ASP I 225 -17.21 -9.68 -73.23
N ASN I 226 -16.76 -9.62 -74.48
CA ASN I 226 -16.88 -10.73 -75.43
C ASN I 226 -18.32 -11.25 -75.57
N LYS I 227 -19.26 -10.30 -75.64
CA LYS I 227 -20.66 -10.59 -75.94
C LYS I 227 -20.98 -9.95 -77.29
N ALA I 228 -22.02 -10.46 -77.96
CA ALA I 228 -22.45 -9.89 -79.23
C ALA I 228 -23.07 -8.51 -79.03
N PRO I 229 -22.94 -7.62 -80.03
CA PRO I 229 -23.61 -6.33 -79.90
C PRO I 229 -25.12 -6.48 -80.00
N ILE I 230 -25.85 -5.45 -79.60
CA ILE I 230 -27.28 -5.39 -79.80
C ILE I 230 -27.52 -4.93 -81.24
N ASN I 231 -28.40 -5.62 -81.94
CA ASN I 231 -28.88 -5.14 -83.24
C ASN I 231 -30.10 -4.26 -82.99
N TRP I 232 -29.84 -2.96 -82.84
CA TRP I 232 -30.87 -2.00 -82.49
C TRP I 232 -31.93 -1.82 -83.59
N ALA I 233 -31.61 -2.21 -84.82
CA ALA I 233 -32.57 -2.13 -85.93
C ALA I 233 -33.70 -3.18 -85.83
N GLN I 234 -33.56 -4.15 -84.91
CA GLN I 234 -34.67 -5.07 -84.63
C GLN I 234 -35.86 -4.37 -83.95
N GLY I 235 -35.63 -3.19 -83.38
CA GLY I 235 -36.69 -2.45 -82.71
C GLY I 235 -37.71 -1.85 -83.65
N PHE I 236 -37.31 -1.60 -84.89
CA PHE I 236 -38.18 -0.96 -85.88
C PHE I 236 -39.40 -1.79 -86.24
N ILE I 237 -40.55 -1.11 -86.32
CA ILE I 237 -41.78 -1.67 -86.87
C ILE I 237 -42.02 -0.96 -88.20
N TYR I 238 -42.24 -1.75 -89.25
CA TYR I 238 -42.38 -1.25 -90.62
C TYR I 238 -43.83 -1.26 -91.08
N MET J 21 5.26 47.81 -22.45
CA MET J 21 5.50 46.42 -21.91
C MET J 21 6.98 46.18 -21.64
N ASN J 22 7.27 45.63 -20.46
CA ASN J 22 8.65 45.35 -20.09
C ASN J 22 9.19 44.13 -20.80
N SER J 23 10.52 44.00 -20.76
CA SER J 23 11.21 42.87 -21.35
C SER J 23 12.22 42.32 -20.34
N VAL J 24 12.43 41.00 -20.38
CA VAL J 24 13.50 40.38 -19.62
C VAL J 24 14.37 39.55 -20.55
N THR J 25 15.63 39.38 -20.16
CA THR J 25 16.60 38.67 -20.98
C THR J 25 16.69 37.21 -20.55
N VAL J 26 16.79 36.31 -21.53
CA VAL J 26 17.09 34.90 -21.28
C VAL J 26 18.36 34.51 -22.02
N SER J 27 19.07 33.52 -21.50
CA SER J 27 20.39 33.15 -22.03
C SER J 27 20.37 32.63 -23.47
N HIS J 28 19.26 32.02 -23.88
CA HIS J 28 19.16 31.40 -25.20
C HIS J 28 17.96 31.92 -25.99
N ALA J 29 17.86 31.52 -27.25
CA ALA J 29 16.73 31.94 -28.07
C ALA J 29 15.42 31.69 -27.32
N PRO J 30 14.48 32.66 -27.35
CA PRO J 30 14.42 33.88 -28.15
C PRO J 30 15.19 35.09 -27.59
N TYR J 31 15.95 34.88 -26.51
CA TYR J 31 16.83 35.91 -25.93
C TYR J 31 16.09 37.03 -25.16
N THR J 32 15.02 37.54 -25.73
CA THR J 32 14.18 38.52 -25.06
C THR J 32 12.77 37.95 -24.87
N ILE J 33 12.09 38.36 -23.81
CA ILE J 33 10.69 38.00 -23.60
C ILE J 33 9.90 39.23 -23.16
N THR J 34 9.04 39.72 -24.05
CA THR J 34 8.18 40.85 -23.75
C THR J 34 6.91 40.35 -23.06
N TYR J 35 6.51 41.03 -21.99
CA TYR J 35 5.35 40.60 -21.21
C TYR J 35 4.51 41.78 -20.74
N HIS J 36 3.21 41.55 -20.67
CA HIS J 36 2.28 42.49 -20.06
C HIS J 36 2.55 42.50 -18.55
N ASN J 37 2.33 43.64 -17.91
CA ASN J 37 2.65 43.80 -16.49
C ASN J 37 2.00 42.75 -15.57
N ASP J 38 0.78 42.36 -15.88
CA ASP J 38 0.07 41.29 -15.16
C ASP J 38 0.89 40.03 -14.92
N TRP J 39 1.87 39.76 -15.80
CA TRP J 39 2.73 38.56 -15.66
C TRP J 39 3.96 38.78 -14.78
N GLU J 40 4.16 40.01 -14.28
CA GLU J 40 5.36 40.39 -13.53
C GLU J 40 5.75 39.43 -12.39
N PRO J 41 4.78 38.98 -11.57
CA PRO J 41 5.11 38.11 -10.43
C PRO J 41 5.83 36.79 -10.73
N VAL J 42 5.76 36.28 -11.96
CA VAL J 42 6.42 35.02 -12.30
C VAL J 42 7.65 35.18 -13.19
N MET J 43 7.96 36.41 -13.60
CA MET J 43 8.97 36.63 -14.64
C MET J 43 10.41 36.34 -14.21
N SER J 44 10.74 36.56 -12.94
N SER J 44 10.74 36.56 -12.94
CA SER J 44 12.08 36.27 -12.44
CA SER J 44 12.09 36.27 -12.45
C SER J 44 12.30 34.75 -12.37
C SER J 44 12.32 34.75 -12.37
N GLN J 45 11.34 34.04 -11.82
CA GLN J 45 11.38 32.56 -11.79
C GLN J 45 11.35 31.94 -13.19
N LEU J 46 10.54 32.52 -14.07
CA LEU J 46 10.45 32.02 -15.45
C LEU J 46 11.82 32.04 -16.11
N VAL J 47 12.49 33.18 -16.04
CA VAL J 47 13.83 33.33 -16.61
C VAL J 47 14.78 32.27 -16.07
N GLU J 48 14.76 32.05 -14.75
CA GLU J 48 15.64 31.05 -14.15
C GLU J 48 15.32 29.64 -14.65
N PHE J 49 14.03 29.29 -14.65
CA PHE J 49 13.60 27.98 -15.11
C PHE J 49 13.91 27.79 -16.59
N TYR J 50 13.76 28.84 -17.39
CA TYR J 50 13.99 28.70 -18.84
C TYR J 50 15.47 28.59 -19.15
N ASN J 51 16.28 29.37 -18.45
CA ASN J 51 17.74 29.26 -18.58
C ASN J 51 18.26 27.88 -18.19
N GLU J 52 17.56 27.18 -17.30
CA GLU J 52 17.95 25.82 -16.91
C GLU J 52 17.76 24.79 -18.03
N VAL J 53 16.78 25.02 -18.90
CA VAL J 53 16.35 24.00 -19.86
C VAL J 53 16.51 24.36 -21.35
N ALA J 54 16.62 25.64 -21.68
CA ALA J 54 16.54 26.07 -23.10
C ALA J 54 17.65 25.46 -23.97
N SER J 55 18.80 25.16 -23.38
CA SER J 55 19.89 24.58 -24.15
C SER J 55 19.56 23.15 -24.65
N TRP J 56 18.83 22.39 -23.84
CA TRP J 56 18.39 21.04 -24.23
C TRP J 56 17.20 21.09 -25.19
N LEU J 57 16.25 21.97 -24.89
CA LEU J 57 15.06 22.15 -25.72
C LEU J 57 15.46 22.50 -27.15
N LEU J 58 16.40 23.43 -27.29
CA LEU J 58 16.82 23.95 -28.60
C LEU J 58 17.75 23.01 -29.39
N ARG J 59 17.95 21.79 -28.91
CA ARG J 59 18.50 20.71 -29.76
C ARG J 59 17.53 20.37 -30.90
N ASP J 60 16.23 20.63 -30.68
CA ASP J 60 15.18 20.27 -31.64
C ASP J 60 14.63 21.47 -32.38
N GLU J 61 14.20 21.26 -33.63
CA GLU J 61 13.32 22.21 -34.30
C GLU J 61 11.99 22.16 -33.55
N THR J 62 11.36 23.32 -33.39
CA THR J 62 10.15 23.40 -32.58
C THR J 62 8.95 23.95 -33.32
N SER J 63 7.76 23.58 -32.83
CA SER J 63 6.52 24.28 -33.11
C SER J 63 6.02 24.87 -31.78
N PRO J 64 5.82 26.19 -31.72
CA PRO J 64 6.15 27.21 -32.71
C PRO J 64 7.65 27.47 -32.74
N ILE J 65 8.09 28.47 -33.50
CA ILE J 65 9.51 28.90 -33.43
C ILE J 65 9.77 29.58 -32.08
N PRO J 66 11.03 29.57 -31.61
CA PRO J 66 11.32 30.10 -30.27
C PRO J 66 10.84 31.53 -30.04
N ASP J 67 10.91 32.36 -31.09
CA ASP J 67 10.41 33.74 -31.03
C ASP J 67 8.91 33.82 -30.73
N LYS J 68 8.20 32.71 -30.89
CA LYS J 68 6.76 32.68 -30.63
C LYS J 68 6.37 31.95 -29.34
N PHE J 69 7.31 31.26 -28.70
CA PHE J 69 6.98 30.52 -27.46
C PHE J 69 6.10 31.35 -26.53
N PHE J 70 6.50 32.60 -26.31
CA PHE J 70 5.97 33.39 -25.18
C PHE J 70 5.06 34.56 -25.51
N ILE J 71 4.53 34.60 -26.74
CA ILE J 71 3.72 35.74 -27.15
C ILE J 71 2.43 35.94 -26.34
N GLN J 72 1.86 34.86 -25.81
CA GLN J 72 0.66 34.98 -24.99
C GLN J 72 0.90 35.74 -23.68
N LEU J 73 2.17 35.86 -23.27
CA LEU J 73 2.51 36.70 -22.10
C LEU J 73 2.28 38.19 -22.36
N LYS J 74 2.01 38.56 -23.61
CA LYS J 74 1.62 39.91 -23.95
C LYS J 74 0.15 40.22 -23.64
N GLN J 75 -0.65 39.19 -23.38
CA GLN J 75 -2.07 39.41 -23.06
C GLN J 75 -2.23 39.75 -21.58
N PRO J 76 -3.13 40.70 -21.26
CA PRO J 76 -3.47 40.94 -19.86
C PRO J 76 -4.29 39.79 -19.26
N LEU J 77 -4.17 39.61 -17.95
CA LEU J 77 -4.89 38.57 -17.23
C LEU J 77 -6.04 39.13 -16.37
N ARG J 78 -5.88 40.35 -15.87
CA ARG J 78 -6.88 40.93 -14.96
C ARG J 78 -8.28 41.03 -15.55
N ASN J 79 -8.38 41.21 -16.87
CA ASN J 79 -9.69 41.24 -17.53
C ASN J 79 -10.22 39.88 -18.02
N LYS J 80 -9.53 38.79 -17.66
CA LYS J 80 -9.93 37.44 -18.09
C LYS J 80 -10.63 36.68 -16.98
N ARG J 81 -11.68 35.95 -17.33
CA ARG J 81 -12.40 35.09 -16.38
C ARG J 81 -12.43 33.61 -16.79
N VAL J 82 -11.94 33.30 -17.98
CA VAL J 82 -11.90 31.94 -18.48
C VAL J 82 -10.56 31.67 -19.15
N CYS J 83 -9.98 30.51 -18.88
CA CYS J 83 -8.83 30.02 -19.62
C CYS J 83 -9.22 28.74 -20.34
N VAL J 84 -8.96 28.70 -21.64
CA VAL J 84 -9.13 27.50 -22.43
C VAL J 84 -7.73 26.97 -22.68
N CYS J 85 -7.43 25.82 -22.11
CA CYS J 85 -6.07 25.32 -22.04
C CYS J 85 -5.91 24.02 -22.80
N GLY J 86 -5.10 24.05 -23.85
CA GLY J 86 -4.68 22.86 -24.57
C GLY J 86 -3.43 22.29 -23.94
N ILE J 87 -2.94 21.16 -24.49
CA ILE J 87 -1.78 20.46 -23.91
C ILE J 87 -0.46 21.05 -24.42
N ASP J 88 -0.37 21.28 -25.72
CA ASP J 88 0.82 21.89 -26.33
C ASP J 88 0.52 22.32 -27.77
N PRO J 89 1.48 22.96 -28.45
CA PRO J 89 1.18 23.49 -29.78
C PRO J 89 0.93 22.43 -30.86
N TYR J 90 0.41 22.85 -32.01
CA TYR J 90 0.25 21.96 -33.15
C TYR J 90 1.61 21.31 -33.45
N PRO J 91 1.61 20.03 -33.85
CA PRO J 91 2.88 19.36 -34.22
C PRO J 91 3.70 20.13 -35.26
N LYS J 92 3.03 20.88 -36.13
CA LYS J 92 3.70 21.82 -37.02
C LYS J 92 2.81 23.04 -37.25
N ASP J 93 3.44 24.16 -37.61
CA ASP J 93 2.78 25.44 -37.90
C ASP J 93 2.16 26.14 -36.70
N GLY J 94 2.58 25.79 -35.48
CA GLY J 94 2.13 26.53 -34.30
C GLY J 94 2.54 27.99 -34.42
N THR J 95 1.68 28.90 -33.98
CA THR J 95 1.95 30.34 -34.08
C THR J 95 2.32 30.98 -32.74
N GLY J 96 2.18 30.22 -31.65
CA GLY J 96 2.38 30.76 -30.32
C GLY J 96 1.05 31.14 -29.69
N VAL J 97 0.01 31.26 -30.50
CA VAL J 97 -1.35 31.43 -30.00
C VAL J 97 -2.03 30.06 -30.03
N PRO J 98 -2.45 29.54 -28.85
CA PRO J 98 -3.11 28.25 -28.81
C PRO J 98 -4.26 28.10 -29.79
N PHE J 99 -4.25 26.96 -30.49
CA PHE J 99 -5.27 26.57 -31.47
C PHE J 99 -5.35 27.43 -32.74
N GLU J 100 -4.57 28.50 -32.81
CA GLU J 100 -4.65 29.43 -33.94
C GLU J 100 -4.10 28.81 -35.22
N SER J 101 -4.88 28.93 -36.29
CA SER J 101 -4.50 28.44 -37.60
C SER J 101 -4.97 29.47 -38.64
N PRO J 102 -4.06 30.35 -39.10
CA PRO J 102 -4.37 31.46 -40.02
C PRO J 102 -5.23 31.08 -41.24
N ASN J 103 -4.90 29.95 -41.86
N ASN J 103 -4.90 29.95 -41.88
CA ASN J 103 -5.63 29.44 -43.02
CA ASN J 103 -5.65 29.46 -43.03
C ASN J 103 -6.75 28.47 -42.66
C ASN J 103 -6.75 28.45 -42.67
N PHE J 104 -6.97 28.25 -41.37
CA PHE J 104 -8.11 27.44 -40.87
C PHE J 104 -8.13 25.99 -41.38
N THR J 105 -7.02 25.28 -41.21
CA THR J 105 -6.86 23.92 -41.74
C THR J 105 -6.72 22.79 -40.70
N LYS J 106 -6.42 23.13 -39.44
CA LYS J 106 -6.14 22.10 -38.43
C LYS J 106 -7.45 21.53 -37.87
N LYS J 107 -7.45 20.23 -37.60
CA LYS J 107 -8.65 19.56 -37.10
C LYS J 107 -9.17 20.19 -35.80
N SER J 108 -8.25 20.57 -34.92
CA SER J 108 -8.64 21.12 -33.61
C SER J 108 -9.47 22.41 -33.72
N ILE J 109 -8.99 23.36 -34.50
CA ILE J 109 -9.65 24.66 -34.62
C ILE J 109 -10.98 24.57 -35.41
N LYS J 110 -11.08 23.57 -36.27
CA LYS J 110 -12.33 23.31 -37.00
C LYS J 110 -13.39 22.72 -36.06
N GLU J 111 -12.99 21.75 -35.25
CA GLU J 111 -13.91 21.11 -34.32
C GLU J 111 -14.40 22.11 -33.28
N ILE J 112 -13.50 22.95 -32.77
CA ILE J 112 -13.88 24.00 -31.83
C ILE J 112 -14.84 24.99 -32.49
N ALA J 113 -14.51 25.41 -33.71
CA ALA J 113 -15.40 26.25 -34.50
C ALA J 113 -16.75 25.55 -34.73
N SER J 114 -16.71 24.27 -35.11
CA SER J 114 -17.92 23.48 -35.36
C SER J 114 -18.77 23.32 -34.11
N SER J 115 -18.11 23.24 -32.96
CA SER J 115 -18.79 23.17 -31.67
C SER J 115 -19.40 24.53 -31.27
N ILE J 116 -18.66 25.62 -31.50
CA ILE J 116 -19.16 26.97 -31.22
C ILE J 116 -20.30 27.35 -32.17
N SER J 117 -20.27 26.83 -33.39
CA SER J 117 -21.34 27.09 -34.38
C SER J 117 -22.68 26.59 -33.85
N ARG J 118 -22.70 25.34 -33.42
CA ARG J 118 -23.91 24.71 -32.89
C ARG J 118 -24.44 25.43 -31.64
N LEU J 119 -23.53 25.98 -30.84
CA LEU J 119 -23.91 26.68 -29.62
C LEU J 119 -24.49 28.06 -29.90
N THR J 120 -23.84 28.82 -30.79
CA THR J 120 -24.19 30.22 -31.03
C THR J 120 -25.20 30.42 -32.15
N GLY J 121 -25.26 29.46 -33.08
CA GLY J 121 -26.13 29.56 -34.24
C GLY J 121 -25.51 30.29 -35.43
N VAL J 122 -24.28 30.77 -35.27
CA VAL J 122 -23.58 31.48 -36.35
C VAL J 122 -23.22 30.46 -37.43
N ILE J 123 -23.77 30.66 -38.63
CA ILE J 123 -23.76 29.64 -39.68
C ILE J 123 -22.61 29.81 -40.68
N ASP J 124 -22.27 31.05 -41.00
CA ASP J 124 -21.20 31.34 -41.96
C ASP J 124 -19.96 31.90 -41.26
N TYR J 125 -18.81 31.31 -41.54
CA TYR J 125 -17.55 31.78 -41.01
C TYR J 125 -16.37 31.26 -41.82
N LYS J 126 -15.31 32.06 -41.88
CA LYS J 126 -14.09 31.72 -42.61
C LYS J 126 -12.95 31.33 -41.65
N GLY J 127 -13.25 31.25 -40.36
CA GLY J 127 -12.25 30.87 -39.36
C GLY J 127 -12.73 31.09 -37.94
N TYR J 128 -11.82 30.90 -36.98
CA TYR J 128 -12.15 31.11 -35.57
C TYR J 128 -10.87 31.24 -34.76
N ASN J 129 -10.87 32.17 -33.80
CA ASN J 129 -9.71 32.42 -32.96
C ASN J 129 -10.20 32.65 -31.53
N LEU J 130 -9.69 31.85 -30.60
CA LEU J 130 -10.06 31.99 -29.19
C LEU J 130 -9.44 33.23 -28.55
N ASN J 131 -8.45 33.82 -29.22
CA ASN J 131 -7.67 34.91 -28.65
C ASN J 131 -8.29 36.30 -28.83
N ILE J 132 -9.39 36.38 -29.57
CA ILE J 132 -10.07 37.66 -29.84
C ILE J 132 -11.40 37.76 -29.11
N ILE J 133 -11.49 37.08 -27.95
CA ILE J 133 -12.73 36.98 -27.21
C ILE J 133 -12.53 37.59 -25.83
N ASP J 134 -13.44 38.47 -25.44
CA ASP J 134 -13.33 39.15 -24.15
C ASP J 134 -13.56 38.15 -23.02
N GLY J 135 -12.70 38.20 -22.01
CA GLY J 135 -12.78 37.31 -20.86
C GLY J 135 -12.11 35.96 -21.04
N VAL J 136 -11.53 35.71 -22.21
CA VAL J 136 -10.94 34.41 -22.55
C VAL J 136 -9.48 34.54 -22.91
N ILE J 137 -8.62 33.82 -22.21
CA ILE J 137 -7.23 33.64 -22.63
C ILE J 137 -7.01 32.17 -23.00
N PRO J 138 -6.68 31.90 -24.28
CA PRO J 138 -6.33 30.53 -24.64
C PRO J 138 -4.89 30.26 -24.23
N TRP J 139 -4.64 29.02 -23.81
CA TRP J 139 -3.36 28.65 -23.23
C TRP J 139 -2.92 27.26 -23.69
N ASN J 140 -1.61 27.04 -23.73
CA ASN J 140 -1.05 25.71 -23.92
C ASN J 140 -0.18 25.38 -22.71
N TYR J 141 -0.45 24.24 -22.07
CA TYR J 141 0.23 23.89 -20.84
C TYR J 141 1.74 23.89 -21.06
N TYR J 142 2.17 23.16 -22.09
CA TYR J 142 3.55 23.19 -22.59
C TYR J 142 3.62 24.18 -23.77
N LEU J 143 4.69 24.96 -23.86
CA LEU J 143 4.76 26.08 -24.81
C LEU J 143 5.48 25.75 -26.12
N SER J 144 5.98 24.53 -26.23
CA SER J 144 6.55 24.05 -27.48
C SER J 144 6.47 22.54 -27.54
N CYS J 145 6.69 22.02 -28.74
CA CYS J 145 6.94 20.61 -28.93
C CYS J 145 8.01 20.46 -29.99
N LYS J 146 8.73 19.33 -29.94
CA LYS J 146 9.61 18.94 -31.04
C LYS J 146 8.73 18.83 -32.28
N LEU J 147 9.20 19.41 -33.38
CA LEU J 147 8.42 19.43 -34.63
C LEU J 147 7.92 18.01 -34.95
N GLY J 148 6.61 17.85 -35.06
CA GLY J 148 6.00 16.57 -35.43
C GLY J 148 5.64 15.61 -34.31
N GLU J 149 5.85 16.01 -33.04
CA GLU J 149 5.62 15.12 -31.91
C GLU J 149 4.96 15.79 -30.71
N THR J 150 3.71 15.43 -30.44
CA THR J 150 2.97 15.95 -29.30
C THR J 150 3.61 15.52 -27.97
N LYS J 151 3.58 16.43 -27.00
CA LYS J 151 4.05 16.19 -25.62
C LYS J 151 5.54 15.87 -25.47
N SER J 152 6.29 15.96 -26.57
CA SER J 152 7.72 15.66 -26.58
C SER J 152 8.55 16.59 -25.69
N HIS J 153 8.04 17.79 -25.39
CA HIS J 153 8.79 18.75 -24.59
C HIS J 153 8.25 18.93 -23.17
N ALA J 154 7.41 17.99 -22.73
CA ALA J 154 6.88 18.02 -21.38
C ALA J 154 8.01 18.05 -20.37
N ILE J 155 9.07 17.27 -20.66
CA ILE J 155 10.23 17.17 -19.78
C ILE J 155 10.90 18.54 -19.57
N TYR J 156 10.85 19.42 -20.56
CA TYR J 156 11.51 20.72 -20.45
C TYR J 156 10.64 21.79 -19.80
N TRP J 157 9.34 21.76 -20.09
CA TRP J 157 8.44 22.83 -19.65
C TRP J 157 7.86 22.61 -18.23
N ASP J 158 7.92 21.37 -17.75
CA ASP J 158 7.36 20.97 -16.46
C ASP J 158 7.20 22.07 -15.40
N LYS J 159 8.32 22.66 -14.96
CA LYS J 159 8.29 23.61 -13.86
C LYS J 159 7.68 24.94 -14.29
N ILE J 160 8.05 25.38 -15.48
CA ILE J 160 7.47 26.58 -16.10
C ILE J 160 5.96 26.43 -16.23
N SER J 161 5.52 25.28 -16.72
CA SER J 161 4.12 25.07 -17.03
C SER J 161 3.26 25.21 -15.80
N LYS J 162 3.72 24.59 -14.71
CA LYS J 162 3.05 24.67 -13.43
C LYS J 162 3.04 26.13 -12.96
N LEU J 163 4.18 26.79 -13.05
CA LEU J 163 4.33 28.20 -12.65
C LEU J 163 3.37 29.14 -13.37
N LEU J 164 3.36 29.06 -14.70
CA LEU J 164 2.53 29.93 -15.52
C LEU J 164 1.03 29.67 -15.35
N LEU J 165 0.62 28.40 -15.34
CA LEU J 165 -0.79 28.05 -15.18
C LEU J 165 -1.32 28.41 -13.80
N GLN J 166 -0.51 28.17 -12.76
CA GLN J 166 -0.91 28.57 -11.40
C GLN J 166 -1.18 30.06 -11.35
N HIS J 167 -0.34 30.85 -12.01
CA HIS J 167 -0.48 32.28 -12.05
C HIS J 167 -1.77 32.68 -12.77
N ILE J 168 -2.03 32.05 -13.91
CA ILE J 168 -3.25 32.30 -14.68
C ILE J 168 -4.49 32.05 -13.81
N THR J 169 -4.47 30.97 -13.04
CA THR J 169 -5.62 30.58 -12.21
C THR J 169 -5.86 31.48 -10.98
N LYS J 170 -4.96 32.42 -10.72
CA LYS J 170 -5.22 33.45 -9.71
C LYS J 170 -6.11 34.57 -10.27
N HIS J 171 -6.25 34.62 -11.59
CA HIS J 171 -7.05 35.65 -12.26
C HIS J 171 -8.38 35.12 -12.79
N VAL J 172 -8.37 33.94 -13.42
CA VAL J 172 -9.58 33.41 -14.05
C VAL J 172 -10.52 32.70 -13.08
N SER J 173 -11.79 32.68 -13.43
CA SER J 173 -12.82 32.02 -12.63
C SER J 173 -12.97 30.55 -13.05
N VAL J 174 -12.82 30.29 -14.34
CA VAL J 174 -12.99 28.95 -14.89
C VAL J 174 -11.80 28.57 -15.77
N LEU J 175 -11.28 27.36 -15.55
CA LEU J 175 -10.23 26.80 -16.38
C LEU J 175 -10.79 25.57 -17.07
N TYR J 176 -10.78 25.61 -18.40
CA TYR J 176 -11.28 24.53 -19.24
C TYR J 176 -10.09 23.87 -19.95
N CYS J 177 -9.73 22.67 -19.48
CA CYS J 177 -8.60 21.92 -20.04
C CYS J 177 -9.09 20.92 -21.06
N LEU J 178 -8.37 20.83 -22.18
CA LEU J 178 -8.70 19.90 -23.26
C LEU J 178 -7.72 18.74 -23.29
N GLY J 179 -8.20 17.54 -22.94
CA GLY J 179 -7.37 16.33 -22.87
C GLY J 179 -7.68 15.50 -21.63
N LYS J 180 -8.49 14.45 -21.81
CA LYS J 180 -9.00 13.66 -20.69
C LYS J 180 -7.91 13.06 -19.80
N THR J 181 -6.98 12.32 -20.41
N THR J 181 -6.99 12.32 -20.43
CA THR J 181 -5.90 11.69 -19.67
CA THR J 181 -5.88 11.68 -19.72
C THR J 181 -4.77 12.67 -19.34
C THR J 181 -4.80 12.68 -19.33
N ASP J 182 -4.54 13.64 -20.22
CA ASP J 182 -3.50 14.65 -20.02
C ASP J 182 -3.70 15.50 -18.76
N PHE J 183 -4.94 15.86 -18.48
CA PHE J 183 -5.25 16.80 -17.40
C PHE J 183 -6.04 16.18 -16.25
N SER J 184 -6.14 14.85 -16.21
CA SER J 184 -6.98 14.18 -15.19
C SER J 184 -6.53 14.47 -13.75
N ASN J 185 -5.24 14.77 -13.59
CA ASN J 185 -4.61 15.04 -12.29
C ASN J 185 -4.33 16.53 -12.04
N ILE J 186 -4.80 17.39 -12.94
CA ILE J 186 -4.40 18.80 -12.96
C ILE J 186 -4.74 19.55 -11.69
N ARG J 187 -5.89 19.28 -11.08
CA ARG J 187 -6.33 20.01 -9.88
C ARG J 187 -5.37 19.87 -8.70
N ALA J 188 -4.62 18.77 -8.68
CA ALA J 188 -3.59 18.54 -7.65
C ALA J 188 -2.40 19.49 -7.82
N LYS J 189 -2.17 19.97 -9.04
CA LYS J 189 -1.08 20.90 -9.34
C LYS J 189 -1.44 22.38 -9.18
N LEU J 190 -2.69 22.69 -8.86
CA LEU J 190 -3.17 24.07 -8.92
C LEU J 190 -3.27 24.76 -7.57
N GLU J 191 -4.08 24.20 -6.67
CA GLU J 191 -4.25 24.73 -5.30
C GLU J 191 -5.03 26.05 -5.22
N SER J 192 -5.55 26.55 -6.34
CA SER J 192 -6.32 27.80 -6.34
C SER J 192 -7.82 27.49 -6.32
N PRO J 193 -8.66 28.51 -6.02
CA PRO J 193 -10.11 28.32 -6.02
C PRO J 193 -10.79 28.42 -7.40
N VAL J 194 -10.00 28.36 -8.48
CA VAL J 194 -10.55 28.30 -9.83
C VAL J 194 -11.38 27.02 -10.02
N THR J 195 -12.46 27.12 -10.77
CA THR J 195 -13.23 25.95 -11.17
C THR J 195 -12.62 25.36 -12.43
N THR J 196 -12.20 24.10 -12.33
CA THR J 196 -11.52 23.43 -13.42
C THR J 196 -12.43 22.35 -13.99
N ILE J 197 -12.65 22.41 -15.30
CA ILE J 197 -13.33 21.33 -16.01
C ILE J 197 -12.35 20.72 -17.02
N VAL J 198 -12.40 19.41 -17.16
CA VAL J 198 -11.52 18.68 -18.06
C VAL J 198 -12.38 17.93 -19.05
N GLY J 199 -12.25 18.26 -20.33
CA GLY J 199 -13.06 17.65 -21.37
C GLY J 199 -12.22 16.90 -22.38
N TYR J 200 -12.88 16.34 -23.40
CA TYR J 200 -12.19 15.69 -24.49
C TYR J 200 -11.42 16.72 -25.32
N HIS J 201 -10.38 16.25 -25.99
CA HIS J 201 -9.59 17.11 -26.85
C HIS J 201 -10.24 17.17 -28.24
N PRO J 202 -10.26 18.36 -28.88
CA PRO J 202 -10.94 18.52 -30.17
C PRO J 202 -10.51 17.50 -31.23
N ALA J 203 -9.22 17.25 -31.32
CA ALA J 203 -8.66 16.28 -32.26
C ALA J 203 -8.74 14.82 -31.77
N ALA J 204 -9.58 14.54 -30.78
CA ALA J 204 -9.79 13.18 -30.31
C ALA J 204 -10.61 12.38 -31.31
N ARG J 205 -10.36 11.07 -31.36
CA ARG J 205 -11.07 10.16 -32.26
C ARG J 205 -12.48 9.88 -31.77
N ASP J 206 -13.24 9.10 -32.55
CA ASP J 206 -14.60 8.71 -32.19
C ASP J 206 -15.51 9.94 -32.19
N GLN J 208 -16.16 12.62 -30.03
CA GLN J 208 -16.24 12.79 -28.58
C GLN J 208 -16.36 14.26 -28.18
N PHE J 209 -15.50 15.09 -28.75
CA PHE J 209 -15.56 16.54 -28.55
C PHE J 209 -16.87 17.09 -29.13
N GLU J 210 -17.40 16.41 -30.14
CA GLU J 210 -18.70 16.73 -30.71
C GLU J 210 -19.82 16.57 -29.67
N LYS J 211 -19.70 15.53 -28.84
CA LYS J 211 -20.71 15.23 -27.82
C LYS J 211 -20.49 15.99 -26.50
N ASP J 212 -19.34 16.63 -26.36
CA ASP J 212 -18.93 17.26 -25.10
C ASP J 212 -19.65 18.59 -24.89
N ARG J 213 -20.24 18.77 -23.71
CA ARG J 213 -21.00 19.98 -23.37
C ARG J 213 -20.16 21.05 -22.66
N SER J 214 -18.87 20.81 -22.46
CA SER J 214 -18.02 21.71 -21.67
C SER J 214 -18.19 23.19 -22.06
N PHE J 215 -18.15 23.48 -23.36
CA PHE J 215 -18.26 24.87 -23.83
C PHE J 215 -19.55 25.53 -23.36
N GLU J 216 -20.66 24.80 -23.46
CA GLU J 216 -21.97 25.30 -23.01
C GLU J 216 -21.99 25.57 -21.51
N ILE J 217 -21.35 24.70 -20.74
CA ILE J 217 -21.38 24.76 -19.28
C ILE J 217 -20.54 25.93 -18.73
N ILE J 218 -19.54 26.38 -19.48
CA ILE J 218 -18.68 27.47 -19.01
C ILE J 218 -19.52 28.69 -18.62
N ASN J 219 -20.44 29.11 -19.49
CA ASN J 219 -21.33 30.22 -19.17
C ASN J 219 -22.25 29.90 -17.98
N VAL J 220 -22.70 28.66 -17.89
CA VAL J 220 -23.56 28.22 -16.77
C VAL J 220 -22.82 28.40 -15.44
N LEU J 221 -21.55 28.02 -15.43
CA LEU J 221 -20.74 28.13 -14.22
C LEU J 221 -20.43 29.58 -13.88
N LEU J 222 -20.12 30.39 -14.89
CA LEU J 222 -19.86 31.82 -14.67
C LEU J 222 -21.09 32.51 -14.06
N GLU J 223 -22.25 32.23 -14.65
CA GLU J 223 -23.52 32.73 -14.16
C GLU J 223 -23.73 32.38 -12.68
N LEU J 224 -23.50 31.11 -12.33
CA LEU J 224 -23.62 30.68 -10.93
C LEU J 224 -22.62 31.38 -10.00
N ASP J 225 -21.51 31.87 -10.56
CA ASP J 225 -20.50 32.61 -9.80
C ASP J 225 -20.66 34.15 -9.94
N ASN J 226 -21.81 34.60 -10.44
CA ASN J 226 -22.10 36.05 -10.61
C ASN J 226 -21.19 36.79 -11.60
N LYS J 227 -20.65 36.06 -12.58
CA LYS J 227 -19.80 36.64 -13.61
C LYS J 227 -20.57 36.69 -14.91
N ALA J 228 -20.17 37.61 -15.79
CA ALA J 228 -20.80 37.73 -17.10
C ALA J 228 -20.40 36.53 -17.95
N PRO J 229 -21.28 36.10 -18.87
CA PRO J 229 -20.92 35.00 -19.73
C PRO J 229 -19.92 35.42 -20.80
N ILE J 230 -19.34 34.45 -21.48
CA ILE J 230 -18.48 34.71 -22.62
C ILE J 230 -19.36 34.71 -23.87
N ASN J 231 -19.15 35.69 -24.74
CA ASN J 231 -19.79 35.69 -26.06
C ASN J 231 -18.89 34.93 -27.03
N TRP J 232 -19.16 33.63 -27.17
CA TRP J 232 -18.29 32.73 -27.94
C TRP J 232 -18.26 33.03 -29.42
N ALA J 233 -19.23 33.82 -29.90
CA ALA J 233 -19.29 34.20 -31.31
C ALA J 233 -18.25 35.26 -31.69
N GLN J 234 -17.70 35.96 -30.70
CA GLN J 234 -16.63 36.92 -30.96
C GLN J 234 -15.38 36.29 -31.58
N GLY J 235 -15.25 34.97 -31.40
CA GLY J 235 -14.10 34.25 -31.94
C GLY J 235 -14.12 34.03 -33.43
N PHE J 236 -15.31 34.16 -34.06
CA PHE J 236 -15.43 33.89 -35.49
C PHE J 236 -14.69 34.90 -36.36
N ILE J 237 -14.13 34.40 -37.45
CA ILE J 237 -13.57 35.24 -38.51
C ILE J 237 -14.44 35.00 -39.74
N TYR J 238 -14.90 36.08 -40.37
CA TYR J 238 -15.87 35.98 -41.48
C TYR J 238 -15.26 36.19 -42.86
N MET K 21 -37.21 30.44 -30.06
CA MET K 21 -37.70 29.49 -31.11
C MET K 21 -37.73 30.13 -32.48
N ASN K 22 -37.06 29.50 -33.44
CA ASN K 22 -37.14 29.91 -34.84
C ASN K 22 -38.38 29.31 -35.51
N SER K 23 -38.64 29.76 -36.73
CA SER K 23 -39.72 29.21 -37.55
C SER K 23 -39.19 29.02 -38.97
N VAL K 24 -39.58 27.93 -39.62
CA VAL K 24 -39.23 27.70 -41.01
C VAL K 24 -40.50 27.48 -41.83
N THR K 25 -40.45 27.89 -43.09
CA THR K 25 -41.62 27.90 -43.98
C THR K 25 -41.72 26.63 -44.83
N VAL K 26 -42.95 26.21 -45.08
CA VAL K 26 -43.25 24.98 -45.83
C VAL K 26 -44.39 25.27 -46.82
N SER K 27 -44.34 24.62 -47.99
CA SER K 27 -45.23 24.94 -49.10
C SER K 27 -46.70 24.51 -48.91
N HIS K 28 -46.95 23.60 -47.96
CA HIS K 28 -48.30 23.14 -47.67
C HIS K 28 -48.61 23.32 -46.20
N ALA K 29 -49.87 23.07 -45.82
CA ALA K 29 -50.29 23.16 -44.42
C ALA K 29 -49.44 22.21 -43.56
N PRO K 30 -49.10 22.62 -42.32
CA PRO K 30 -49.53 23.84 -41.62
C PRO K 30 -48.76 25.11 -42.03
N TYR K 31 -48.01 25.04 -43.12
CA TYR K 31 -47.36 26.20 -43.76
C TYR K 31 -46.11 26.69 -43.03
N THR K 32 -46.23 26.84 -41.72
CA THR K 32 -45.08 27.19 -40.88
C THR K 32 -44.85 26.08 -39.83
N ILE K 33 -43.60 25.95 -39.39
CA ILE K 33 -43.24 25.01 -38.32
C ILE K 33 -42.28 25.70 -37.34
N THR K 34 -42.80 26.05 -36.16
CA THR K 34 -41.98 26.62 -35.09
C THR K 34 -41.29 25.47 -34.36
N TYR K 35 -40.10 25.73 -33.82
CA TYR K 35 -39.30 24.70 -33.16
C TYR K 35 -38.30 25.24 -32.15
N HIS K 36 -37.89 24.40 -31.21
CA HIS K 36 -36.81 24.72 -30.30
C HIS K 36 -35.49 24.59 -31.07
N ASN K 37 -34.52 25.44 -30.76
N ASN K 37 -34.52 25.44 -30.74
CA ASN K 37 -33.23 25.46 -31.46
CA ASN K 37 -33.22 25.47 -31.41
C ASN K 37 -32.47 24.12 -31.42
C ASN K 37 -32.48 24.13 -31.41
N ASP K 38 -32.84 23.25 -30.48
CA ASP K 38 -32.23 21.92 -30.38
C ASP K 38 -32.46 21.03 -31.61
N TRP K 39 -33.51 21.31 -32.38
CA TRP K 39 -33.82 20.54 -33.59
C TRP K 39 -33.12 21.08 -34.85
N GLU K 40 -32.43 22.21 -34.70
CA GLU K 40 -31.80 22.92 -35.83
C GLU K 40 -31.19 22.03 -36.92
N PRO K 41 -30.30 21.08 -36.55
CA PRO K 41 -29.57 20.33 -37.59
C PRO K 41 -30.42 19.43 -38.51
N VAL K 42 -31.68 19.15 -38.16
CA VAL K 42 -32.54 18.33 -39.02
C VAL K 42 -33.63 19.11 -39.76
N MET K 43 -33.87 20.36 -39.35
CA MET K 43 -34.94 21.19 -39.92
C MET K 43 -34.77 21.43 -41.42
N SER K 44 -33.54 21.46 -41.91
CA SER K 44 -33.28 21.60 -43.34
C SER K 44 -33.85 20.45 -44.16
N GLN K 45 -33.45 19.22 -43.85
CA GLN K 45 -33.96 18.03 -44.55
C GLN K 45 -35.42 17.74 -44.22
N LEU K 46 -35.90 18.25 -43.08
CA LEU K 46 -37.31 18.07 -42.71
C LEU K 46 -38.22 18.89 -43.61
N VAL K 47 -37.79 20.10 -43.98
CA VAL K 47 -38.55 20.93 -44.91
C VAL K 47 -38.59 20.27 -46.28
N GLU K 48 -37.44 19.77 -46.72
CA GLU K 48 -37.36 19.03 -47.98
C GLU K 48 -38.30 17.83 -47.97
N PHE K 49 -38.17 16.97 -46.96
CA PHE K 49 -38.98 15.75 -46.91
C PHE K 49 -40.45 16.05 -46.72
N TYR K 50 -40.80 17.05 -45.91
CA TYR K 50 -42.22 17.35 -45.68
C TYR K 50 -42.94 17.92 -46.90
N ASN K 51 -42.22 18.64 -47.76
N ASN K 51 -42.21 18.65 -47.74
CA ASN K 51 -42.81 19.19 -48.97
CA ASN K 51 -42.76 19.18 -48.99
C ASN K 51 -43.02 18.09 -50.04
C ASN K 51 -43.05 18.08 -50.00
N GLU K 52 -42.25 17.01 -49.97
CA GLU K 52 -42.43 15.86 -50.87
C GLU K 52 -43.66 15.02 -50.56
N VAL K 53 -44.12 15.05 -49.31
CA VAL K 53 -45.19 14.14 -48.87
C VAL K 53 -46.43 14.83 -48.29
N ALA K 54 -46.41 16.14 -48.16
CA ALA K 54 -47.53 16.86 -47.55
C ALA K 54 -48.86 16.60 -48.25
N SER K 55 -48.81 16.46 -49.57
CA SER K 55 -50.00 16.18 -50.38
C SER K 55 -50.70 14.91 -49.91
N TRP K 56 -49.91 13.85 -49.74
CA TRP K 56 -50.44 12.54 -49.33
C TRP K 56 -51.13 12.60 -47.98
N LEU K 57 -50.57 13.38 -47.06
CA LEU K 57 -51.12 13.49 -45.71
C LEU K 57 -52.40 14.32 -45.73
N LEU K 58 -52.33 15.48 -46.37
CA LEU K 58 -53.42 16.46 -46.39
C LEU K 58 -54.62 15.99 -47.22
N ARG K 59 -54.41 15.00 -48.09
CA ARG K 59 -55.49 14.40 -48.86
C ARG K 59 -56.65 13.95 -47.99
N ASP K 60 -56.35 13.39 -46.80
CA ASP K 60 -57.38 12.86 -45.91
C ASP K 60 -57.54 13.75 -44.69
N GLU K 61 -58.57 13.49 -43.90
CA GLU K 61 -58.70 14.12 -42.59
C GLU K 61 -57.77 13.35 -41.64
N THR K 62 -57.11 14.09 -40.75
CA THR K 62 -56.01 13.52 -39.96
C THR K 62 -56.20 13.65 -38.46
N SER K 63 -55.50 12.78 -37.73
CA SER K 63 -55.33 12.92 -36.28
C SER K 63 -53.84 12.91 -36.00
N PRO K 64 -53.30 14.01 -35.46
CA PRO K 64 -53.96 15.28 -35.15
C PRO K 64 -54.19 16.10 -36.42
N ILE K 65 -54.74 17.30 -36.27
CA ILE K 65 -54.82 18.25 -37.38
C ILE K 65 -53.41 18.67 -37.81
N PRO K 66 -53.25 19.12 -39.08
CA PRO K 66 -51.95 19.59 -39.58
C PRO K 66 -51.26 20.63 -38.70
N ASP K 67 -52.04 21.49 -38.05
CA ASP K 67 -51.50 22.54 -37.19
C ASP K 67 -50.84 22.00 -35.92
N LYS K 68 -51.18 20.76 -35.55
CA LYS K 68 -50.63 20.14 -34.34
C LYS K 68 -49.62 19.02 -34.63
N PHE K 69 -49.42 18.68 -35.90
CA PHE K 69 -48.42 17.70 -36.31
C PHE K 69 -47.11 17.82 -35.51
N PHE K 70 -46.50 19.00 -35.57
CA PHE K 70 -45.11 19.18 -35.15
C PHE K 70 -44.89 19.87 -33.80
N ILE K 71 -45.94 20.02 -33.01
CA ILE K 71 -45.85 20.80 -31.75
C ILE K 71 -44.82 20.30 -30.73
N GLN K 72 -44.41 19.04 -30.82
CA GLN K 72 -43.36 18.50 -29.95
C GLN K 72 -41.98 19.06 -30.31
N LEU K 73 -41.82 19.55 -31.53
CA LEU K 73 -40.58 20.25 -31.93
C LEU K 73 -40.33 21.52 -31.11
N LYS K 74 -41.37 22.04 -30.45
CA LYS K 74 -41.21 23.19 -29.57
C LYS K 74 -40.44 22.87 -28.28
N GLN K 75 -40.32 21.59 -27.96
CA GLN K 75 -39.66 21.16 -26.71
C GLN K 75 -38.15 21.07 -26.84
N PRO K 76 -37.43 21.37 -25.74
CA PRO K 76 -35.98 21.16 -25.71
C PRO K 76 -35.61 19.68 -25.67
N LEU K 77 -34.41 19.35 -26.15
CA LEU K 77 -33.90 17.97 -26.16
C LEU K 77 -32.71 17.75 -25.23
N ARG K 78 -32.02 18.83 -24.87
CA ARG K 78 -30.79 18.74 -24.08
C ARG K 78 -31.05 18.37 -22.63
N ASN K 79 -32.22 18.76 -22.11
CA ASN K 79 -32.63 18.37 -20.76
C ASN K 79 -33.43 17.06 -20.74
N LYS K 80 -33.29 16.23 -21.78
CA LYS K 80 -34.03 14.98 -21.89
C LYS K 80 -33.08 13.77 -21.86
N ARG K 81 -33.42 12.76 -21.06
CA ARG K 81 -32.64 11.51 -20.99
C ARG K 81 -33.44 10.27 -21.38
N VAL K 82 -34.77 10.39 -21.42
CA VAL K 82 -35.63 9.32 -21.89
C VAL K 82 -36.59 9.82 -22.98
N CYS K 83 -36.68 9.06 -24.06
CA CYS K 83 -37.77 9.22 -25.02
C CYS K 83 -38.72 8.03 -24.91
N VAL K 84 -40.00 8.31 -24.67
CA VAL K 84 -41.05 7.30 -24.68
C VAL K 84 -41.77 7.41 -26.02
N CYS K 85 -41.63 6.38 -26.84
CA CYS K 85 -42.04 6.46 -28.24
C CYS K 85 -43.21 5.52 -28.57
N GLY K 86 -44.37 6.11 -28.85
CA GLY K 86 -45.48 5.39 -29.45
C GLY K 86 -45.31 5.31 -30.95
N ILE K 87 -46.22 4.60 -31.61
CA ILE K 87 -46.09 4.37 -33.06
C ILE K 87 -46.70 5.51 -33.87
N ASP K 88 -47.92 5.93 -33.52
CA ASP K 88 -48.59 7.03 -34.21
C ASP K 88 -49.72 7.57 -33.34
N PRO K 89 -50.32 8.70 -33.74
CA PRO K 89 -51.29 9.33 -32.83
C PRO K 89 -52.58 8.54 -32.70
N TYR K 90 -53.41 8.92 -31.72
CA TYR K 90 -54.72 8.30 -31.54
C TYR K 90 -55.47 8.42 -32.87
N PRO K 91 -56.23 7.36 -33.26
CA PRO K 91 -57.01 7.47 -34.50
C PRO K 91 -57.98 8.65 -34.48
N LYS K 92 -58.50 9.01 -33.31
CA LYS K 92 -59.30 10.23 -33.14
C LYS K 92 -58.80 11.05 -31.95
N ASP K 93 -58.91 12.37 -32.09
CA ASP K 93 -58.59 13.32 -31.02
C ASP K 93 -57.10 13.35 -30.65
N GLY K 94 -56.24 13.08 -31.62
CA GLY K 94 -54.80 13.28 -31.43
C GLY K 94 -54.54 14.76 -31.25
N THR K 95 -53.77 15.11 -30.22
CA THR K 95 -53.52 16.51 -29.90
C THR K 95 -52.15 17.00 -30.38
N GLY K 96 -51.32 16.09 -30.91
CA GLY K 96 -49.94 16.42 -31.27
C GLY K 96 -48.94 16.02 -30.19
N VAL K 97 -49.40 16.01 -28.94
CA VAL K 97 -48.61 15.49 -27.82
C VAL K 97 -48.95 14.00 -27.67
N PRO K 98 -47.96 13.11 -27.88
CA PRO K 98 -48.24 11.67 -27.85
C PRO K 98 -48.91 11.19 -26.55
N PHE K 99 -49.95 10.38 -26.71
CA PHE K 99 -50.73 9.81 -25.60
C PHE K 99 -51.60 10.81 -24.83
N GLU K 100 -51.47 12.11 -25.10
CA GLU K 100 -52.22 13.11 -24.34
C GLU K 100 -53.74 12.97 -24.54
N SER K 101 -54.47 13.03 -23.43
CA SER K 101 -55.93 13.00 -23.46
C SER K 101 -56.44 14.05 -22.49
N PRO K 102 -56.76 15.25 -23.00
CA PRO K 102 -57.29 16.35 -22.19
C PRO K 102 -58.39 15.93 -21.21
N ASN K 103 -59.25 15.00 -21.63
CA ASN K 103 -60.35 14.53 -20.79
C ASN K 103 -60.11 13.13 -20.20
N PHE K 104 -58.94 12.56 -20.47
CA PHE K 104 -58.51 11.29 -19.87
C PHE K 104 -59.48 10.14 -20.20
N THR K 105 -59.79 10.00 -21.48
CA THR K 105 -60.74 8.99 -21.97
C THR K 105 -60.09 7.86 -22.74
N LYS K 106 -58.94 8.12 -23.35
CA LYS K 106 -58.28 7.13 -24.21
C LYS K 106 -57.69 5.98 -23.39
N LYS K 107 -57.74 4.78 -23.96
CA LYS K 107 -57.34 3.56 -23.25
C LYS K 107 -55.86 3.57 -22.91
N SER K 108 -55.03 3.95 -23.88
CA SER K 108 -53.58 3.92 -23.70
C SER K 108 -53.10 4.69 -22.48
N ILE K 109 -53.49 5.97 -22.37
CA ILE K 109 -53.04 6.80 -21.26
C ILE K 109 -53.62 6.33 -19.92
N LYS K 110 -54.82 5.77 -19.95
CA LYS K 110 -55.41 5.22 -18.74
C LYS K 110 -54.67 3.97 -18.28
N GLU K 111 -54.26 3.12 -19.22
CA GLU K 111 -53.44 1.95 -18.91
C GLU K 111 -52.05 2.37 -18.41
N ILE K 112 -51.44 3.33 -19.10
CA ILE K 112 -50.16 3.89 -18.67
C ILE K 112 -50.25 4.40 -17.23
N ALA K 113 -51.25 5.24 -16.97
CA ALA K 113 -51.45 5.84 -15.65
C ALA K 113 -51.62 4.78 -14.57
N SER K 114 -52.36 3.71 -14.89
CA SER K 114 -52.58 2.62 -13.95
C SER K 114 -51.28 1.88 -13.63
N SER K 115 -50.40 1.75 -14.63
CA SER K 115 -49.07 1.17 -14.41
C SER K 115 -48.22 2.07 -13.50
N ILE K 116 -48.28 3.38 -13.71
CA ILE K 116 -47.53 4.33 -12.88
C ILE K 116 -48.16 4.41 -11.49
N SER K 117 -49.49 4.41 -11.43
CA SER K 117 -50.21 4.35 -10.15
C SER K 117 -49.69 3.23 -9.27
N ARG K 118 -49.61 2.03 -9.85
CA ARG K 118 -49.11 0.85 -9.14
C ARG K 118 -47.65 1.02 -8.74
N LEU K 119 -46.84 1.51 -9.67
CA LEU K 119 -45.41 1.69 -9.43
C LEU K 119 -45.14 2.73 -8.33
N THR K 120 -45.88 3.84 -8.35
CA THR K 120 -45.62 4.97 -7.45
C THR K 120 -46.43 4.91 -6.17
N GLY K 121 -47.61 4.30 -6.23
CA GLY K 121 -48.55 4.30 -5.10
C GLY K 121 -49.60 5.40 -5.16
N VAL K 122 -49.49 6.30 -6.14
CA VAL K 122 -50.45 7.38 -6.30
C VAL K 122 -51.77 6.79 -6.81
N ILE K 123 -52.81 6.88 -5.99
CA ILE K 123 -54.09 6.21 -6.28
C ILE K 123 -55.25 7.18 -6.57
N ASP K 124 -55.09 8.45 -6.20
CA ASP K 124 -56.11 9.47 -6.45
C ASP K 124 -55.59 10.50 -7.45
N TYR K 125 -56.12 10.43 -8.67
CA TYR K 125 -55.74 11.34 -9.75
C TYR K 125 -56.87 11.40 -10.77
N LYS K 126 -56.96 12.53 -11.47
CA LYS K 126 -57.99 12.72 -12.49
C LYS K 126 -57.45 12.51 -13.90
N GLY K 127 -56.13 12.59 -14.06
CA GLY K 127 -55.51 12.34 -15.36
C GLY K 127 -54.05 11.96 -15.30
N TYR K 128 -53.41 11.90 -16.47
CA TYR K 128 -51.98 11.66 -16.58
C TYR K 128 -51.49 12.16 -17.93
N ASN K 129 -50.29 12.74 -17.95
CA ASN K 129 -49.69 13.25 -19.19
C ASN K 129 -48.17 13.07 -19.17
N LEU K 130 -47.65 12.29 -20.12
CA LEU K 130 -46.22 12.01 -20.21
C LEU K 130 -45.37 13.26 -20.50
N ASN K 131 -46.00 14.32 -21.02
CA ASN K 131 -45.28 15.49 -21.51
C ASN K 131 -44.86 16.48 -20.41
N ILE K 132 -45.32 16.27 -19.19
CA ILE K 132 -44.98 17.18 -18.08
C ILE K 132 -44.01 16.53 -17.07
N ILE K 133 -43.24 15.56 -17.56
CA ILE K 133 -42.27 14.84 -16.73
C ILE K 133 -40.87 15.35 -17.06
N ASP K 134 -40.11 15.72 -16.03
CA ASP K 134 -38.73 16.16 -16.21
C ASP K 134 -37.87 15.05 -16.80
N GLY K 135 -37.16 15.37 -17.88
CA GLY K 135 -36.24 14.42 -18.50
C GLY K 135 -36.84 13.50 -19.57
N VAL K 136 -38.16 13.53 -19.70
CA VAL K 136 -38.87 12.65 -20.64
C VAL K 136 -39.43 13.46 -21.81
N ILE K 137 -39.20 12.97 -23.02
CA ILE K 137 -39.88 13.53 -24.20
C ILE K 137 -40.78 12.46 -24.79
N PRO K 138 -42.12 12.65 -24.71
CA PRO K 138 -42.99 11.73 -25.40
C PRO K 138 -42.92 11.96 -26.91
N TRP K 139 -42.98 10.89 -27.68
CA TRP K 139 -42.79 10.96 -29.12
C TRP K 139 -43.66 9.93 -29.81
N ASN K 140 -44.02 10.23 -31.06
CA ASN K 140 -44.67 9.28 -31.93
C ASN K 140 -43.80 9.11 -33.15
N TYR K 141 -43.54 7.86 -33.55
CA TYR K 141 -42.68 7.57 -34.68
C TYR K 141 -43.26 8.18 -35.95
N TYR K 142 -44.53 7.90 -36.23
CA TYR K 142 -45.28 8.55 -37.30
C TYR K 142 -46.10 9.68 -36.70
N LEU K 143 -46.15 10.83 -37.37
CA LEU K 143 -46.71 12.05 -36.77
C LEU K 143 -48.19 12.31 -37.05
N SER K 144 -48.80 11.48 -37.89
CA SER K 144 -50.24 11.55 -38.12
C SER K 144 -50.76 10.22 -38.62
N CYS K 145 -52.08 10.05 -38.56
CA CYS K 145 -52.75 8.93 -39.19
C CYS K 145 -54.03 9.44 -39.86
N LYS K 146 -54.44 8.78 -40.94
CA LYS K 146 -55.76 9.03 -41.51
C LYS K 146 -56.80 8.79 -40.44
N LEU K 147 -57.67 9.79 -40.22
CA LEU K 147 -58.69 9.73 -39.18
C LEU K 147 -59.32 8.35 -39.08
N GLY K 148 -59.27 7.75 -37.90
CA GLY K 148 -59.91 6.46 -37.64
C GLY K 148 -59.17 5.21 -38.08
N GLU K 149 -57.97 5.36 -38.62
CA GLU K 149 -57.19 4.23 -39.13
C GLU K 149 -55.74 4.30 -38.66
N THR K 150 -55.31 3.27 -37.94
CA THR K 150 -53.97 3.23 -37.35
C THR K 150 -52.91 2.87 -38.38
N LYS K 151 -51.78 3.56 -38.33
CA LYS K 151 -50.61 3.33 -39.20
C LYS K 151 -50.86 3.59 -40.69
N SER K 152 -51.89 4.40 -40.98
CA SER K 152 -52.29 4.69 -42.35
C SER K 152 -51.38 5.69 -43.07
N HIS K 153 -50.54 6.42 -42.34
CA HIS K 153 -49.58 7.33 -42.96
C HIS K 153 -48.13 6.91 -42.72
N ALA K 154 -47.96 5.63 -42.38
CA ALA K 154 -46.64 5.05 -42.15
C ALA K 154 -45.69 5.35 -43.31
N ILE K 155 -46.16 5.14 -44.53
CA ILE K 155 -45.30 5.23 -45.70
C ILE K 155 -44.87 6.67 -46.00
N TYR K 156 -45.71 7.63 -45.66
CA TYR K 156 -45.43 9.03 -45.97
C TYR K 156 -44.45 9.63 -44.96
N TRP K 157 -44.62 9.28 -43.68
CA TRP K 157 -43.75 9.80 -42.62
C TRP K 157 -42.37 9.14 -42.56
N ASP K 158 -42.26 7.89 -42.99
CA ASP K 158 -41.08 7.04 -42.73
C ASP K 158 -39.72 7.77 -42.76
N LYS K 159 -39.42 8.43 -43.89
CA LYS K 159 -38.13 9.11 -44.05
C LYS K 159 -37.95 10.18 -42.97
N ILE K 160 -38.99 10.99 -42.76
CA ILE K 160 -38.98 11.99 -41.69
C ILE K 160 -38.87 11.32 -40.32
N SER K 161 -39.65 10.26 -40.10
CA SER K 161 -39.68 9.55 -38.82
C SER K 161 -38.29 9.08 -38.39
N LYS K 162 -37.55 8.50 -39.32
CA LYS K 162 -36.18 8.06 -39.07
C LYS K 162 -35.25 9.23 -38.75
N LEU K 163 -35.35 10.30 -39.56
CA LEU K 163 -34.55 11.52 -39.37
C LEU K 163 -34.73 12.16 -37.99
N LEU K 164 -35.98 12.27 -37.54
CA LEU K 164 -36.27 12.92 -36.26
C LEU K 164 -35.89 12.02 -35.09
N LEU K 165 -36.21 10.73 -35.17
CA LEU K 165 -35.90 9.80 -34.08
C LEU K 165 -34.40 9.57 -33.94
N GLN K 166 -33.69 9.46 -35.05
CA GLN K 166 -32.22 9.38 -35.00
C GLN K 166 -31.64 10.61 -34.30
N HIS K 167 -32.25 11.77 -34.52
CA HIS K 167 -31.83 12.98 -33.84
C HIS K 167 -32.14 12.93 -32.34
N ILE K 168 -33.34 12.46 -31.99
CA ILE K 168 -33.71 12.30 -30.58
C ILE K 168 -32.72 11.40 -29.84
N THR K 169 -32.29 10.31 -30.47
CA THR K 169 -31.41 9.36 -29.79
C THR K 169 -30.01 9.93 -29.54
N LYS K 170 -29.61 10.94 -30.30
CA LYS K 170 -28.35 11.64 -30.04
C LYS K 170 -28.37 12.46 -28.74
N HIS K 171 -29.56 12.71 -28.19
CA HIS K 171 -29.70 13.46 -26.95
C HIS K 171 -30.05 12.60 -25.73
N VAL K 172 -30.96 11.64 -25.91
CA VAL K 172 -31.45 10.84 -24.79
C VAL K 172 -30.54 9.63 -24.52
N SER K 173 -30.60 9.14 -23.27
CA SER K 173 -29.83 7.96 -22.86
C SER K 173 -30.63 6.67 -23.06
N VAL K 174 -31.96 6.76 -22.97
CA VAL K 174 -32.85 5.61 -23.09
C VAL K 174 -34.01 5.87 -24.06
N LEU K 175 -34.22 4.92 -24.97
CA LEU K 175 -35.36 4.95 -25.87
C LEU K 175 -36.30 3.81 -25.51
N TYR K 176 -37.51 4.17 -25.11
CA TYR K 176 -38.54 3.19 -24.75
C TYR K 176 -39.62 3.21 -25.81
N CYS K 177 -39.67 2.17 -26.64
CA CYS K 177 -40.68 2.04 -27.69
C CYS K 177 -41.81 1.11 -27.27
N LEU K 178 -43.05 1.53 -27.57
CA LEU K 178 -44.23 0.74 -27.22
C LEU K 178 -44.85 0.09 -28.46
N GLY K 179 -44.86 -1.24 -28.49
CA GLY K 179 -45.38 -2.00 -29.62
C GLY K 179 -44.36 -3.03 -30.09
N LYS K 180 -44.53 -4.27 -29.66
CA LYS K 180 -43.58 -5.34 -29.97
C LYS K 180 -43.42 -5.57 -31.45
N THR K 181 -44.54 -5.59 -32.18
CA THR K 181 -44.51 -5.88 -33.62
C THR K 181 -44.11 -4.64 -34.41
N ASP K 182 -44.73 -3.50 -34.11
CA ASP K 182 -44.42 -2.24 -34.79
C ASP K 182 -42.94 -1.87 -34.73
N PHE K 183 -42.31 -2.11 -33.58
CA PHE K 183 -40.90 -1.71 -33.36
C PHE K 183 -39.93 -2.89 -33.37
N SER K 184 -40.32 -3.99 -34.01
CA SER K 184 -39.51 -5.20 -34.04
C SER K 184 -38.08 -4.90 -34.49
N ASN K 185 -37.96 -4.21 -35.61
CA ASN K 185 -36.67 -3.91 -36.23
C ASN K 185 -36.28 -2.43 -36.16
N ILE K 186 -36.60 -1.79 -35.03
CA ILE K 186 -36.26 -0.38 -34.80
C ILE K 186 -34.75 -0.17 -34.68
N ARG K 187 -34.04 -1.19 -34.19
CA ARG K 187 -32.59 -1.11 -34.00
C ARG K 187 -31.83 -1.13 -35.33
N ALA K 188 -32.36 -1.87 -36.30
CA ALA K 188 -31.81 -1.86 -37.66
C ALA K 188 -32.04 -0.52 -38.35
N LYS K 189 -33.18 0.09 -38.06
CA LYS K 189 -33.59 1.33 -38.72
C LYS K 189 -32.79 2.53 -38.23
N LEU K 190 -32.47 2.55 -36.94
CA LEU K 190 -31.75 3.68 -36.33
C LEU K 190 -30.24 3.53 -36.37
N GLU K 191 -29.74 2.31 -36.19
CA GLU K 191 -28.29 2.08 -36.05
C GLU K 191 -27.72 3.06 -35.03
N SER K 192 -28.30 3.07 -33.83
N SER K 192 -28.31 3.09 -33.83
CA SER K 192 -27.94 3.99 -32.77
CA SER K 192 -27.90 4.02 -32.79
C SER K 192 -27.17 3.28 -31.67
C SER K 192 -27.16 3.28 -31.67
N PRO K 193 -26.29 4.00 -30.94
CA PRO K 193 -25.61 3.44 -29.78
C PRO K 193 -26.44 3.56 -28.48
N VAL K 194 -27.61 4.18 -28.57
CA VAL K 194 -28.46 4.44 -27.40
C VAL K 194 -29.07 3.14 -26.86
N THR K 195 -29.35 3.11 -25.57
CA THR K 195 -30.03 2.00 -24.94
C THR K 195 -31.50 1.99 -25.39
N THR K 196 -31.94 0.86 -25.93
CA THR K 196 -33.28 0.73 -26.49
C THR K 196 -34.05 -0.38 -25.82
N ILE K 197 -35.22 -0.06 -25.28
CA ILE K 197 -36.15 -1.05 -24.74
C ILE K 197 -37.45 -1.03 -25.55
N VAL K 198 -37.92 -2.20 -25.97
CA VAL K 198 -39.17 -2.32 -26.70
C VAL K 198 -40.14 -3.17 -25.90
N GLY K 199 -41.23 -2.56 -25.45
CA GLY K 199 -42.23 -3.24 -24.64
C GLY K 199 -43.58 -3.30 -25.32
N TYR K 200 -44.56 -3.85 -24.61
CA TYR K 200 -45.91 -3.99 -25.15
C TYR K 200 -46.61 -2.66 -25.21
N HIS K 201 -47.55 -2.54 -26.15
CA HIS K 201 -48.39 -1.35 -26.23
C HIS K 201 -49.58 -1.53 -25.29
N PRO K 202 -50.05 -0.45 -24.66
CA PRO K 202 -51.21 -0.53 -23.77
C PRO K 202 -52.42 -1.32 -24.29
N ALA K 203 -52.61 -1.39 -25.60
CA ALA K 203 -53.74 -2.11 -26.20
C ALA K 203 -53.43 -3.57 -26.58
N ALA K 204 -52.16 -3.96 -26.48
CA ALA K 204 -51.72 -5.32 -26.84
C ALA K 204 -52.65 -6.41 -26.30
N ASP K 206 -54.75 -8.31 -24.74
CA ASP K 206 -54.31 -9.45 -23.95
C ASP K 206 -53.66 -9.03 -22.63
N ARG K 207 -53.56 -7.72 -22.43
CA ARG K 207 -53.13 -7.13 -21.16
C ARG K 207 -51.72 -7.51 -20.73
N GLN K 208 -50.82 -7.70 -21.68
CA GLN K 208 -49.41 -7.97 -21.37
CA GLN K 208 -49.42 -7.98 -21.35
C GLN K 208 -48.70 -6.69 -20.92
N PHE K 209 -49.25 -5.54 -21.33
CA PHE K 209 -48.70 -4.25 -20.93
C PHE K 209 -48.63 -4.10 -19.42
N GLU K 210 -49.70 -4.48 -18.72
CA GLU K 210 -49.73 -4.31 -17.26
C GLU K 210 -48.62 -5.10 -16.57
N LYS K 211 -48.23 -6.24 -17.16
CA LYS K 211 -47.16 -7.10 -16.62
C LYS K 211 -45.78 -6.66 -17.06
N ASP K 212 -45.74 -5.74 -18.03
CA ASP K 212 -44.49 -5.20 -18.54
C ASP K 212 -43.87 -4.30 -17.48
N ARG K 213 -42.56 -4.46 -17.23
CA ARG K 213 -41.88 -3.70 -16.17
C ARG K 213 -40.99 -2.59 -16.73
N SER K 214 -41.37 -2.03 -17.87
CA SER K 214 -40.48 -1.12 -18.62
C SER K 214 -40.13 0.19 -17.91
N PHE K 215 -41.08 0.78 -17.19
CA PHE K 215 -40.83 2.05 -16.49
C PHE K 215 -39.77 1.90 -15.39
N GLU K 216 -39.83 0.78 -14.68
CA GLU K 216 -38.81 0.47 -13.67
C GLU K 216 -37.46 0.18 -14.32
N ILE K 217 -37.47 -0.60 -15.39
CA ILE K 217 -36.24 -0.94 -16.10
C ILE K 217 -35.51 0.33 -16.54
N ILE K 218 -36.26 1.31 -17.05
CA ILE K 218 -35.68 2.57 -17.49
C ILE K 218 -34.85 3.23 -16.38
N ASN K 219 -35.42 3.30 -15.18
CA ASN K 219 -34.71 3.95 -14.07
C ASN K 219 -33.45 3.18 -13.66
N VAL K 220 -33.52 1.85 -13.73
CA VAL K 220 -32.36 0.99 -13.51
C VAL K 220 -31.28 1.28 -14.57
N LEU K 221 -31.70 1.39 -15.82
CA LEU K 221 -30.78 1.68 -16.93
C LEU K 221 -30.13 3.06 -16.79
N LEU K 222 -30.92 4.04 -16.38
CA LEU K 222 -30.40 5.39 -16.14
C LEU K 222 -29.38 5.39 -15.01
N GLU K 223 -29.66 4.63 -13.95
CA GLU K 223 -28.67 4.45 -12.86
C GLU K 223 -27.36 3.88 -13.40
N LEU K 224 -27.45 2.84 -14.24
CA LEU K 224 -26.28 2.25 -14.89
C LEU K 224 -25.53 3.23 -15.80
N ASP K 225 -26.24 4.22 -16.35
CA ASP K 225 -25.61 5.25 -17.18
C ASP K 225 -25.34 6.55 -16.40
N ASN K 226 -25.27 6.45 -15.07
CA ASN K 226 -24.95 7.58 -14.21
C ASN K 226 -25.86 8.78 -14.43
N LYS K 227 -27.16 8.50 -14.58
CA LYS K 227 -28.18 9.51 -14.77
C LYS K 227 -29.20 9.41 -13.67
N ALA K 228 -29.77 10.55 -13.30
CA ALA K 228 -30.88 10.58 -12.35
C ALA K 228 -32.09 9.88 -12.93
N PRO K 229 -32.86 9.17 -12.08
CA PRO K 229 -34.05 8.48 -12.56
C PRO K 229 -35.16 9.44 -12.93
N ILE K 230 -36.14 8.93 -13.67
CA ILE K 230 -37.37 9.67 -13.96
C ILE K 230 -38.32 9.54 -12.77
N ASN K 231 -38.95 10.66 -12.42
CA ASN K 231 -39.97 10.68 -11.38
C ASN K 231 -41.33 10.62 -12.07
N TRP K 232 -41.82 9.39 -12.30
CA TRP K 232 -42.99 9.16 -13.13
C TRP K 232 -44.29 9.70 -12.53
N ALA K 233 -44.29 9.94 -11.22
CA ALA K 233 -45.45 10.55 -10.55
C ALA K 233 -45.69 12.00 -10.96
N GLN K 234 -44.69 12.65 -11.54
CA GLN K 234 -44.84 14.01 -12.07
C GLN K 234 -45.90 14.12 -13.16
N GLY K 235 -46.17 13.02 -13.86
CA GLY K 235 -47.13 13.01 -14.95
C GLY K 235 -48.59 13.11 -14.53
N PHE K 236 -48.88 12.79 -13.27
CA PHE K 236 -50.27 12.80 -12.78
C PHE K 236 -50.89 14.20 -12.77
N ILE K 237 -52.18 14.25 -13.05
CA ILE K 237 -52.96 15.48 -12.95
C ILE K 237 -53.99 15.33 -11.83
N TYR K 238 -54.20 16.40 -11.07
CA TYR K 238 -55.18 16.41 -9.97
C TYR K 238 -56.19 17.53 -10.18
N MET L 21 1.64 23.70 -51.92
CA MET L 21 0.64 22.70 -51.46
C MET L 21 0.62 22.57 -49.95
N ASN L 22 -0.55 22.28 -49.40
CA ASN L 22 -0.71 22.07 -47.97
C ASN L 22 -0.27 20.66 -47.55
N SER L 23 -0.12 20.47 -46.24
CA SER L 23 0.24 19.19 -45.66
C SER L 23 -0.61 18.89 -44.42
N VAL L 24 -0.76 17.60 -44.12
CA VAL L 24 -1.41 17.17 -42.89
C VAL L 24 -0.42 16.33 -42.06
N THR L 25 -0.71 16.20 -40.77
CA THR L 25 0.10 15.39 -39.86
C THR L 25 -0.58 14.04 -39.61
N VAL L 26 0.24 12.99 -39.61
CA VAL L 26 -0.22 11.64 -39.23
C VAL L 26 0.69 11.06 -38.15
N SER L 27 0.09 10.29 -37.24
CA SER L 27 0.78 9.85 -36.01
C SER L 27 2.05 9.02 -36.24
N HIS L 28 2.10 8.30 -37.35
CA HIS L 28 3.25 7.43 -37.64
C HIS L 28 3.88 7.81 -38.98
N ALA L 29 4.97 7.15 -39.34
CA ALA L 29 5.69 7.46 -40.57
C ALA L 29 4.75 7.32 -41.76
N PRO L 30 4.94 8.17 -42.81
CA PRO L 30 5.98 9.18 -43.01
C PRO L 30 5.73 10.51 -42.26
N TYR L 31 4.71 10.56 -41.39
CA TYR L 31 4.48 11.65 -40.43
C TYR L 31 3.75 12.86 -41.02
N THR L 32 4.17 13.29 -42.20
CA THR L 32 3.47 14.35 -42.94
C THR L 32 3.09 13.85 -44.34
N ILE L 33 1.95 14.35 -44.83
CA ILE L 33 1.48 14.06 -46.18
C ILE L 33 1.19 15.38 -46.90
N THR L 34 1.92 15.64 -47.97
CA THR L 34 1.70 16.83 -48.80
C THR L 34 0.66 16.48 -49.87
N TYR L 35 -0.39 17.30 -50.00
CA TYR L 35 -1.45 17.02 -50.96
C TYR L 35 -1.86 18.23 -51.79
N HIS L 36 -2.25 17.97 -53.04
CA HIS L 36 -2.80 18.99 -53.92
C HIS L 36 -4.22 19.32 -53.48
N ASN L 37 -4.59 20.60 -53.57
CA ASN L 37 -5.89 21.09 -53.07
C ASN L 37 -7.10 20.28 -53.56
N ASP L 38 -6.98 19.68 -54.75
CA ASP L 38 -8.01 18.80 -55.29
C ASP L 38 -8.34 17.60 -54.38
N TRP L 39 -7.40 17.24 -53.50
CA TRP L 39 -7.63 16.14 -52.54
C TRP L 39 -8.11 16.60 -51.16
N GLU L 40 -8.33 17.90 -50.99
N GLU L 40 -8.34 17.91 -50.99
CA GLU L 40 -8.75 18.48 -49.71
CA GLU L 40 -8.74 18.48 -49.70
C GLU L 40 -9.90 17.75 -49.01
C GLU L 40 -9.90 17.75 -49.01
N PRO L 41 -10.96 17.38 -49.77
CA PRO L 41 -12.15 16.77 -49.14
C PRO L 41 -11.98 15.39 -48.49
N VAL L 42 -10.89 14.69 -48.76
CA VAL L 42 -10.68 13.36 -48.18
C VAL L 42 -9.55 13.28 -47.15
N MET L 43 -8.81 14.37 -46.95
CA MET L 43 -7.63 14.32 -46.07
C MET L 43 -8.00 14.11 -44.60
N SER L 44 -9.15 14.64 -44.18
CA SER L 44 -9.60 14.49 -42.78
C SER L 44 -9.89 13.03 -42.46
N GLN L 45 -10.66 12.38 -43.33
CA GLN L 45 -10.96 10.96 -43.16
C GLN L 45 -9.74 10.07 -43.40
N LEU L 46 -8.83 10.52 -44.25
CA LEU L 46 -7.61 9.76 -44.56
C LEU L 46 -6.69 9.70 -43.36
N VAL L 47 -6.47 10.84 -42.71
CA VAL L 47 -5.65 10.91 -41.50
C VAL L 47 -6.26 10.01 -40.43
N GLU L 48 -7.57 10.16 -40.25
CA GLU L 48 -8.37 9.32 -39.35
C GLU L 48 -8.14 7.83 -39.64
N PHE L 49 -8.44 7.40 -40.86
CA PHE L 49 -8.29 6.01 -41.27
C PHE L 49 -6.85 5.49 -41.20
N TYR L 50 -5.87 6.32 -41.56
CA TYR L 50 -4.46 5.89 -41.57
C TYR L 50 -3.90 5.75 -40.17
N ASN L 51 -4.31 6.64 -39.27
CA ASN L 51 -3.88 6.57 -37.89
C ASN L 51 -4.48 5.35 -37.16
N GLU L 52 -5.60 4.83 -37.65
CA GLU L 52 -6.19 3.61 -37.12
C GLU L 52 -5.36 2.35 -37.41
N VAL L 53 -4.52 2.37 -38.46
CA VAL L 53 -3.87 1.14 -38.95
C VAL L 53 -2.36 1.15 -39.14
N ALA L 54 -1.73 2.33 -39.11
CA ALA L 54 -0.34 2.47 -39.56
C ALA L 54 0.70 1.73 -38.70
N SER L 55 0.49 1.66 -37.38
CA SER L 55 1.43 0.94 -36.51
C SER L 55 1.55 -0.54 -36.89
N TRP L 56 0.43 -1.17 -37.22
CA TRP L 56 0.41 -2.55 -37.72
C TRP L 56 1.08 -2.70 -39.09
N LEU L 57 0.69 -1.85 -40.04
CA LEU L 57 1.27 -1.87 -41.38
C LEU L 57 2.79 -1.69 -41.34
N LEU L 58 3.24 -0.68 -40.60
CA LEU L 58 4.65 -0.28 -40.59
C LEU L 58 5.61 -1.28 -39.92
N ARG L 59 5.07 -2.34 -39.32
CA ARG L 59 5.90 -3.45 -38.83
C ARG L 59 6.63 -4.19 -39.96
N ASP L 60 6.06 -4.16 -41.16
CA ASP L 60 6.66 -4.78 -42.33
C ASP L 60 7.54 -3.79 -43.10
N GLU L 61 8.54 -4.30 -43.81
CA GLU L 61 9.25 -3.53 -44.84
C GLU L 61 8.34 -3.43 -46.06
N THR L 62 8.21 -2.24 -46.63
CA THR L 62 7.21 -2.00 -47.67
C THR L 62 7.77 -1.60 -49.02
N SER L 63 7.01 -1.91 -50.07
CA SER L 63 7.18 -1.30 -51.39
C SER L 63 5.91 -0.49 -51.68
N PRO L 64 6.05 0.84 -51.89
CA PRO L 64 7.26 1.64 -51.77
C PRO L 64 7.59 1.88 -50.29
N ILE L 65 8.58 2.74 -50.02
CA ILE L 65 8.86 3.16 -48.66
C ILE L 65 7.78 4.12 -48.20
N PRO L 66 7.60 4.28 -46.86
CA PRO L 66 6.56 5.15 -46.34
C PRO L 66 6.58 6.59 -46.86
N ASP L 67 7.77 7.12 -47.15
CA ASP L 67 7.91 8.43 -47.77
C ASP L 67 7.37 8.50 -49.20
N LYS L 68 6.87 7.39 -49.74
CA LYS L 68 6.34 7.35 -51.10
C LYS L 68 4.90 6.82 -51.22
N PHE L 69 4.30 6.39 -50.11
CA PHE L 69 2.94 5.88 -50.12
C PHE L 69 2.01 6.83 -50.87
N PHE L 70 2.08 8.11 -50.51
CA PHE L 70 1.07 9.08 -50.88
C PHE L 70 1.50 10.09 -51.96
N ILE L 71 2.60 9.80 -52.65
CA ILE L 71 3.17 10.76 -53.60
C ILE L 71 2.21 11.13 -54.75
N GLN L 72 1.28 10.25 -55.08
CA GLN L 72 0.28 10.55 -56.12
C GLN L 72 -0.80 11.52 -55.67
N LEU L 73 -0.87 11.78 -54.36
CA LEU L 73 -1.78 12.81 -53.85
C LEU L 73 -1.28 14.22 -54.20
N LYS L 74 -0.04 14.34 -54.65
CA LYS L 74 0.49 15.60 -55.18
C LYS L 74 -0.12 16.01 -56.53
N GLN L 75 -0.73 15.06 -57.24
CA GLN L 75 -1.22 15.32 -58.59
C GLN L 75 -2.60 15.98 -58.61
N PRO L 76 -2.83 16.90 -59.55
CA PRO L 76 -4.18 17.43 -59.69
C PRO L 76 -5.15 16.35 -60.16
N LEU L 77 -6.42 16.48 -59.80
CA LEU L 77 -7.47 15.56 -60.21
C LEU L 77 -8.48 16.17 -61.19
N ARG L 78 -8.69 17.48 -61.10
CA ARG L 78 -9.73 18.16 -61.87
C ARG L 78 -9.44 18.17 -63.38
N ASN L 79 -8.16 18.13 -63.77
CA ASN L 79 -7.77 18.02 -65.17
C ASN L 79 -7.60 16.58 -65.69
N LYS L 80 -8.18 15.60 -64.99
CA LYS L 80 -8.03 14.18 -65.34
C LYS L 80 -9.36 13.58 -65.80
N ARG L 81 -9.30 12.72 -66.82
CA ARG L 81 -10.50 12.04 -67.34
C ARG L 81 -10.39 10.50 -67.41
N VAL L 82 -9.19 9.95 -67.23
CA VAL L 82 -9.02 8.51 -67.15
C VAL L 82 -8.15 8.16 -65.94
N CYS L 83 -8.58 7.14 -65.19
CA CYS L 83 -7.75 6.52 -64.15
C CYS L 83 -7.34 5.11 -64.58
N VAL L 84 -6.03 4.87 -64.62
CA VAL L 84 -5.51 3.53 -64.83
C VAL L 84 -5.10 2.98 -63.45
N CYS L 85 -5.80 1.93 -63.01
CA CYS L 85 -5.72 1.47 -61.63
C CYS L 85 -5.17 0.05 -61.50
N GLY L 86 -4.02 -0.07 -60.85
CA GLY L 86 -3.45 -1.37 -60.48
C GLY L 86 -3.86 -1.75 -59.07
N ILE L 87 -3.60 -2.98 -58.68
CA ILE L 87 -4.07 -3.49 -57.40
C ILE L 87 -3.19 -3.01 -56.25
N ASP L 88 -1.87 -3.06 -56.44
CA ASP L 88 -0.89 -2.60 -55.44
C ASP L 88 0.51 -2.45 -56.07
N PRO L 89 1.48 -1.91 -55.31
CA PRO L 89 2.77 -1.60 -55.94
C PRO L 89 3.56 -2.83 -56.39
N TYR L 90 4.63 -2.57 -57.15
CA TYR L 90 5.58 -3.63 -57.49
C TYR L 90 6.03 -4.31 -56.19
N PRO L 91 6.13 -5.66 -56.19
CA PRO L 91 6.61 -6.34 -54.99
C PRO L 91 7.94 -5.78 -54.49
N LYS L 92 8.80 -5.36 -55.41
CA LYS L 92 10.06 -4.70 -55.09
C LYS L 92 10.26 -3.44 -55.93
N ASP L 93 10.94 -2.45 -55.34
CA ASP L 93 11.34 -1.21 -56.02
C ASP L 93 10.19 -0.27 -56.39
N GLY L 94 9.07 -0.34 -55.66
CA GLY L 94 7.96 0.58 -55.89
C GLY L 94 8.40 2.01 -55.62
N THR L 95 7.94 2.95 -56.45
CA THR L 95 8.32 4.35 -56.30
C THR L 95 7.22 5.22 -55.71
N GLY L 96 6.03 4.65 -55.52
CA GLY L 96 4.86 5.45 -55.15
C GLY L 96 4.05 5.90 -56.37
N VAL L 97 4.68 5.90 -57.54
CA VAL L 97 4.01 6.16 -58.81
C VAL L 97 3.69 4.80 -59.43
N PRO L 98 2.40 4.45 -59.56
CA PRO L 98 2.04 3.12 -60.05
C PRO L 98 2.68 2.79 -61.38
N PHE L 99 3.15 1.55 -61.50
CA PHE L 99 3.82 1.02 -62.69
C PHE L 99 5.16 1.68 -63.06
N GLU L 100 5.56 2.75 -62.37
CA GLU L 100 6.78 3.46 -62.73
C GLU L 100 8.02 2.61 -62.44
N SER L 101 8.87 2.47 -63.46
CA SER L 101 10.18 1.81 -63.33
C SER L 101 11.24 2.70 -63.98
N PRO L 102 12.00 3.45 -63.16
CA PRO L 102 12.99 4.40 -63.72
C PRO L 102 14.02 3.76 -64.66
N ASN L 103 14.37 2.50 -64.40
CA ASN L 103 15.31 1.76 -65.27
C ASN L 103 14.60 0.94 -66.34
N PHE L 104 13.28 0.87 -66.27
CA PHE L 104 12.44 0.21 -67.28
C PHE L 104 12.72 -1.29 -67.38
N THR L 105 12.92 -1.91 -66.21
CA THR L 105 13.21 -3.35 -66.13
C THR L 105 12.02 -4.18 -65.65
N LYS L 106 10.99 -3.51 -65.14
CA LYS L 106 9.79 -4.18 -64.64
C LYS L 106 8.92 -4.70 -65.80
N LYS L 107 8.34 -5.89 -65.59
CA LYS L 107 7.55 -6.56 -66.63
C LYS L 107 6.28 -5.81 -66.98
N SER L 108 5.54 -5.34 -65.98
CA SER L 108 4.24 -4.71 -66.17
C SER L 108 4.32 -3.49 -67.09
N ILE L 109 5.34 -2.66 -66.88
CA ILE L 109 5.49 -1.43 -67.63
C ILE L 109 6.05 -1.69 -69.04
N LYS L 110 6.92 -2.70 -69.17
CA LYS L 110 7.40 -3.16 -70.47
C LYS L 110 6.25 -3.70 -71.32
N GLU L 111 5.35 -4.45 -70.69
CA GLU L 111 4.16 -4.97 -71.33
C GLU L 111 3.22 -3.86 -71.80
N ILE L 112 2.96 -2.90 -70.91
CA ILE L 112 2.14 -1.72 -71.22
C ILE L 112 2.76 -0.92 -72.38
N ALA L 113 4.08 -0.76 -72.33
CA ALA L 113 4.81 -0.09 -73.40
C ALA L 113 4.61 -0.75 -74.77
N SER L 114 4.72 -2.08 -74.81
CA SER L 114 4.53 -2.85 -76.05
C SER L 114 3.12 -2.71 -76.62
N SER L 115 2.13 -2.69 -75.74
CA SER L 115 0.74 -2.48 -76.15
C SER L 115 0.58 -1.09 -76.78
N ILE L 116 0.99 -0.07 -76.05
CA ILE L 116 0.90 1.32 -76.52
C ILE L 116 1.71 1.53 -77.80
N SER L 117 2.87 0.87 -77.88
CA SER L 117 3.69 0.89 -79.10
C SER L 117 2.93 0.33 -80.30
N ARG L 118 2.23 -0.77 -80.09
CA ARG L 118 1.44 -1.43 -81.13
C ARG L 118 0.21 -0.59 -81.52
N LEU L 119 -0.35 0.13 -80.57
CA LEU L 119 -1.47 1.05 -80.81
C LEU L 119 -1.05 2.32 -81.54
N THR L 120 0.06 2.92 -81.12
CA THR L 120 0.49 4.24 -81.62
C THR L 120 1.43 4.17 -82.81
N GLY L 121 2.20 3.09 -82.91
CA GLY L 121 3.21 2.94 -83.96
C GLY L 121 4.58 3.47 -83.58
N VAL L 122 4.75 3.85 -82.31
CA VAL L 122 6.04 4.31 -81.82
C VAL L 122 6.91 3.08 -81.56
N ILE L 123 7.94 2.90 -82.39
CA ILE L 123 8.78 1.69 -82.36
C ILE L 123 10.02 1.87 -81.50
N ASP L 124 10.58 3.09 -81.48
CA ASP L 124 11.79 3.38 -80.71
C ASP L 124 11.47 4.13 -79.42
N TYR L 125 11.93 3.59 -78.30
CA TYR L 125 11.77 4.25 -77.00
C TYR L 125 12.71 3.66 -75.95
N LYS L 126 12.97 4.43 -74.90
CA LYS L 126 13.82 3.99 -73.79
C LYS L 126 12.98 3.53 -72.60
N GLY L 127 11.80 4.11 -72.44
CA GLY L 127 10.90 3.70 -71.36
C GLY L 127 9.48 4.17 -71.55
N TYR L 128 8.69 4.01 -70.49
CA TYR L 128 7.29 4.45 -70.50
C TYR L 128 6.81 4.76 -69.08
N ASN L 129 6.00 5.81 -68.95
CA ASN L 129 5.45 6.23 -67.67
C ASN L 129 4.04 6.77 -67.86
N LEU L 130 3.07 6.11 -67.22
CA LEU L 130 1.68 6.55 -67.30
C LEU L 130 1.46 7.92 -66.65
N ASN L 131 2.38 8.31 -65.76
CA ASN L 131 2.21 9.50 -64.93
C ASN L 131 2.49 10.84 -65.64
N ILE L 132 3.06 10.78 -66.85
CA ILE L 132 3.37 11.98 -67.63
C ILE L 132 2.41 12.16 -68.84
N ILE L 133 1.22 11.57 -68.74
CA ILE L 133 0.23 11.63 -69.83
C ILE L 133 -0.93 12.55 -69.45
N ASP L 134 -1.17 13.57 -70.26
CA ASP L 134 -2.24 14.52 -69.99
C ASP L 134 -3.58 13.79 -69.90
N GLY L 135 -4.38 14.17 -68.91
CA GLY L 135 -5.69 13.56 -68.70
C GLY L 135 -5.73 12.30 -67.87
N VAL L 136 -4.55 11.70 -67.59
CA VAL L 136 -4.48 10.38 -66.95
C VAL L 136 -3.87 10.46 -65.56
N ILE L 137 -4.50 9.79 -64.59
CA ILE L 137 -3.90 9.57 -63.28
C ILE L 137 -3.71 8.08 -63.06
N PRO L 138 -2.44 7.62 -63.02
CA PRO L 138 -2.20 6.23 -62.69
C PRO L 138 -2.33 6.02 -61.17
N TRP L 139 -2.94 4.90 -60.78
CA TRP L 139 -3.33 4.66 -59.41
C TRP L 139 -3.14 3.19 -59.02
N ASN L 140 -2.92 2.97 -57.73
CA ASN L 140 -2.95 1.64 -57.12
C ASN L 140 -4.01 1.57 -56.05
N TYR L 141 -4.85 0.53 -56.06
CA TYR L 141 -5.94 0.43 -55.09
C TYR L 141 -5.37 0.38 -53.66
N TYR L 142 -4.39 -0.47 -53.44
CA TYR L 142 -3.66 -0.51 -52.16
C TYR L 142 -2.33 0.20 -52.34
N LEU L 143 -1.95 1.02 -51.36
CA LEU L 143 -0.82 1.94 -51.55
C LEU L 143 0.50 1.37 -51.05
N SER L 144 0.49 0.15 -50.52
CA SER L 144 1.73 -0.55 -50.21
C SER L 144 1.51 -2.05 -50.22
N CYS L 145 2.60 -2.79 -50.30
CA CYS L 145 2.59 -4.21 -50.02
C CYS L 145 3.79 -4.52 -49.15
N LYS L 146 3.70 -5.65 -48.45
CA LYS L 146 4.85 -6.19 -47.73
C LYS L 146 5.88 -6.56 -48.79
N LEU L 147 7.13 -6.16 -48.57
CA LEU L 147 8.16 -6.30 -49.59
C LEU L 147 8.17 -7.72 -50.16
N GLY L 148 7.95 -7.83 -51.46
CA GLY L 148 7.96 -9.11 -52.17
C GLY L 148 6.66 -9.89 -52.13
N GLU L 149 5.58 -9.27 -51.67
CA GLU L 149 4.32 -9.98 -51.42
C GLU L 149 3.09 -9.17 -51.88
N THR L 150 2.51 -9.55 -53.02
CA THR L 150 1.38 -8.80 -53.59
C THR L 150 0.10 -9.00 -52.77
N LYS L 151 -0.63 -7.89 -52.55
CA LYS L 151 -1.92 -7.86 -51.84
C LYS L 151 -1.86 -8.19 -50.34
N SER L 152 -0.68 -8.19 -49.75
CA SER L 152 -0.55 -8.53 -48.33
C SER L 152 -1.09 -7.45 -47.38
N HIS L 153 -1.18 -6.21 -47.86
CA HIS L 153 -1.66 -5.12 -47.01
C HIS L 153 -3.09 -4.67 -47.28
N ALA L 154 -3.85 -5.51 -47.98
CA ALA L 154 -5.26 -5.23 -48.24
C ALA L 154 -6.01 -5.00 -46.94
N ILE L 155 -5.66 -5.79 -45.92
CA ILE L 155 -6.30 -5.70 -44.62
C ILE L 155 -6.15 -4.31 -44.00
N TYR L 156 -5.03 -3.64 -44.30
CA TYR L 156 -4.74 -2.33 -43.73
C TYR L 156 -5.34 -1.17 -44.54
N TRP L 157 -5.23 -1.26 -45.86
CA TRP L 157 -5.64 -0.16 -46.74
C TRP L 157 -7.14 -0.11 -47.00
N ASP L 158 -7.83 -1.23 -46.76
CA ASP L 158 -9.26 -1.37 -47.05
C ASP L 158 -10.05 -0.05 -47.10
N LYS L 159 -10.25 0.59 -45.95
CA LYS L 159 -11.11 1.79 -45.89
C LYS L 159 -10.51 2.97 -46.67
N ILE L 160 -9.21 3.16 -46.53
CA ILE L 160 -8.48 4.18 -47.28
C ILE L 160 -8.63 3.98 -48.80
N SER L 161 -8.56 2.73 -49.26
CA SER L 161 -8.58 2.43 -50.68
C SER L 161 -9.94 2.78 -51.30
N LYS L 162 -11.01 2.52 -50.56
CA LYS L 162 -12.36 2.89 -50.98
C LYS L 162 -12.51 4.41 -51.00
N LEU L 163 -12.01 5.06 -49.96
CA LEU L 163 -12.09 6.52 -49.82
C LEU L 163 -11.45 7.25 -51.00
N LEU L 164 -10.21 6.90 -51.31
CA LEU L 164 -9.43 7.59 -52.34
C LEU L 164 -9.92 7.32 -53.75
N LEU L 165 -10.39 6.10 -54.00
CA LEU L 165 -10.86 5.74 -55.34
C LEU L 165 -12.22 6.36 -55.64
N GLN L 166 -13.09 6.44 -54.64
CA GLN L 166 -14.39 7.12 -54.79
C GLN L 166 -14.20 8.59 -55.12
N HIS L 167 -13.21 9.21 -54.48
CA HIS L 167 -12.83 10.59 -54.76
C HIS L 167 -12.31 10.75 -56.19
N ILE L 168 -11.44 9.84 -56.62
CA ILE L 168 -10.91 9.87 -57.99
C ILE L 168 -12.01 9.72 -59.04
N THR L 169 -12.97 8.83 -58.78
CA THR L 169 -14.03 8.55 -59.74
C THR L 169 -15.05 9.68 -59.85
N LYS L 170 -15.03 10.63 -58.92
CA LYS L 170 -15.82 11.86 -59.05
C LYS L 170 -15.31 12.75 -60.17
N HIS L 171 -14.03 12.59 -60.52
CA HIS L 171 -13.36 13.45 -61.50
C HIS L 171 -13.23 12.85 -62.88
N VAL L 172 -13.00 11.53 -62.95
CA VAL L 172 -12.69 10.88 -64.22
C VAL L 172 -13.91 10.27 -64.90
N SER L 173 -13.83 10.13 -66.22
CA SER L 173 -14.91 9.55 -67.01
C SER L 173 -14.79 8.03 -67.11
N VAL L 174 -13.56 7.53 -67.23
CA VAL L 174 -13.29 6.11 -67.42
C VAL L 174 -12.32 5.59 -66.36
N LEU L 175 -12.71 4.52 -65.68
CA LEU L 175 -11.83 3.83 -64.74
C LEU L 175 -11.42 2.50 -65.37
N TYR L 176 -10.12 2.36 -65.64
CA TYR L 176 -9.58 1.13 -66.24
C TYR L 176 -8.79 0.35 -65.19
N CYS L 177 -9.39 -0.72 -64.67
CA CYS L 177 -8.76 -1.56 -63.66
C CYS L 177 -8.06 -2.76 -64.30
N LEU L 178 -6.87 -3.07 -63.78
CA LEU L 178 -6.04 -4.17 -64.30
C LEU L 178 -6.05 -5.35 -63.32
N GLY L 179 -6.75 -6.42 -63.67
CA GLY L 179 -6.86 -7.61 -62.83
C GLY L 179 -8.28 -8.10 -62.74
N LYS L 180 -8.59 -9.16 -63.49
CA LYS L 180 -9.96 -9.66 -63.62
C LYS L 180 -10.59 -10.04 -62.28
N THR L 181 -9.89 -10.85 -61.49
CA THR L 181 -10.41 -11.32 -60.21
C THR L 181 -10.26 -10.25 -59.13
N ASP L 182 -9.07 -9.65 -59.06
CA ASP L 182 -8.78 -8.56 -58.11
C ASP L 182 -9.87 -7.50 -58.06
N PHE L 183 -10.34 -7.08 -59.23
CA PHE L 183 -11.31 -5.99 -59.36
C PHE L 183 -12.70 -6.46 -59.78
N SER L 184 -13.00 -7.74 -59.59
CA SER L 184 -14.29 -8.29 -60.03
C SER L 184 -15.50 -7.63 -59.37
N ASN L 185 -15.33 -7.19 -58.12
CA ASN L 185 -16.43 -6.57 -57.39
C ASN L 185 -16.18 -5.07 -57.15
N ILE L 186 -15.35 -4.45 -57.98
CA ILE L 186 -14.92 -3.05 -57.76
C ILE L 186 -16.08 -2.06 -57.88
N ARG L 187 -17.00 -2.30 -58.82
CA ARG L 187 -18.12 -1.39 -59.03
C ARG L 187 -18.99 -1.23 -57.76
N ALA L 188 -19.01 -2.27 -56.92
CA ALA L 188 -19.69 -2.19 -55.62
C ALA L 188 -19.03 -1.20 -54.65
N LYS L 189 -17.77 -0.85 -54.91
CA LYS L 189 -17.09 0.17 -54.12
C LYS L 189 -17.37 1.60 -54.61
N LEU L 190 -18.10 1.74 -55.73
CA LEU L 190 -18.30 3.03 -56.37
C LEU L 190 -19.74 3.53 -56.24
N GLU L 191 -19.90 4.85 -56.31
CA GLU L 191 -21.22 5.49 -56.31
C GLU L 191 -21.47 6.45 -57.48
N SER L 192 -20.41 6.94 -58.12
N SER L 192 -20.41 6.95 -58.12
CA SER L 192 -20.53 7.86 -59.26
CA SER L 192 -20.53 7.85 -59.26
C SER L 192 -20.64 7.08 -60.56
C SER L 192 -20.64 7.07 -60.56
N PRO L 193 -21.44 7.57 -61.53
CA PRO L 193 -21.55 6.89 -62.83
C PRO L 193 -20.31 6.95 -63.75
N VAL L 194 -19.14 6.63 -63.20
CA VAL L 194 -17.93 6.47 -64.00
C VAL L 194 -18.09 5.19 -64.82
N THR L 195 -17.55 5.20 -66.03
CA THR L 195 -17.54 4.00 -66.86
C THR L 195 -16.35 3.14 -66.41
N THR L 196 -16.64 1.98 -65.84
CA THR L 196 -15.58 1.11 -65.33
C THR L 196 -15.38 -0.10 -66.24
N ILE L 197 -14.15 -0.29 -66.71
CA ILE L 197 -13.79 -1.50 -67.43
C ILE L 197 -12.70 -2.27 -66.68
N VAL L 198 -12.91 -3.57 -66.52
CA VAL L 198 -11.97 -4.44 -65.84
C VAL L 198 -11.32 -5.34 -66.88
N GLY L 199 -10.02 -5.19 -67.07
CA GLY L 199 -9.26 -6.02 -68.01
C GLY L 199 -8.23 -6.88 -67.33
N TYR L 200 -7.39 -7.53 -68.13
CA TYR L 200 -6.34 -8.44 -67.63
C TYR L 200 -5.12 -7.66 -67.15
N HIS L 201 -4.44 -8.21 -66.16
CA HIS L 201 -3.19 -7.63 -65.66
C HIS L 201 -2.03 -8.11 -66.55
N PRO L 202 -1.06 -7.21 -66.84
CA PRO L 202 0.10 -7.59 -67.67
C PRO L 202 0.72 -8.95 -67.34
N ALA L 203 1.07 -9.16 -66.07
CA ALA L 203 1.53 -10.46 -65.59
C ALA L 203 0.34 -11.36 -65.25
N GLN L 208 -2.33 -12.62 -72.45
CA GLN L 208 -3.73 -12.23 -72.63
C GLN L 208 -3.90 -10.72 -72.62
N PHE L 209 -3.13 -10.03 -71.77
CA PHE L 209 -3.08 -8.56 -71.80
C PHE L 209 -2.54 -8.05 -73.13
N GLU L 210 -1.55 -8.75 -73.67
CA GLU L 210 -0.93 -8.41 -74.95
C GLU L 210 -1.94 -8.26 -76.08
N LYS L 211 -2.99 -9.07 -76.07
CA LYS L 211 -4.05 -9.00 -77.09
C LYS L 211 -5.33 -8.34 -76.56
N ASP L 212 -5.21 -7.61 -75.47
CA ASP L 212 -6.36 -6.95 -74.86
C ASP L 212 -6.53 -5.57 -75.49
N ARG L 213 -7.77 -5.23 -75.85
CA ARG L 213 -8.07 -4.00 -76.59
C ARG L 213 -8.41 -2.81 -75.69
N SER L 214 -8.30 -2.99 -74.39
CA SER L 214 -8.81 -2.02 -73.41
C SER L 214 -8.27 -0.58 -73.60
N PHE L 215 -6.99 -0.44 -73.96
CA PHE L 215 -6.42 0.90 -74.18
C PHE L 215 -7.04 1.61 -75.37
N GLU L 216 -7.18 0.88 -76.48
CA GLU L 216 -7.81 1.43 -77.67
C GLU L 216 -9.23 1.84 -77.36
N ILE L 217 -9.96 0.95 -76.69
CA ILE L 217 -11.39 1.16 -76.41
C ILE L 217 -11.64 2.36 -75.51
N ILE L 218 -10.69 2.70 -74.62
CA ILE L 218 -10.83 3.89 -73.78
C ILE L 218 -11.07 5.15 -74.63
N ASN L 219 -10.25 5.31 -75.67
CA ASN L 219 -10.38 6.46 -76.57
C ASN L 219 -11.69 6.44 -77.38
N VAL L 220 -12.11 5.26 -77.80
CA VAL L 220 -13.41 5.10 -78.48
C VAL L 220 -14.55 5.54 -77.57
N LEU L 221 -14.49 5.15 -76.30
CA LEU L 221 -15.50 5.52 -75.32
C LEU L 221 -15.50 7.03 -75.05
N LEU L 222 -14.31 7.61 -74.91
CA LEU L 222 -14.20 9.06 -74.70
C LEU L 222 -14.77 9.83 -75.90
N GLU L 223 -14.39 9.42 -77.10
CA GLU L 223 -14.88 10.05 -78.33
C GLU L 223 -16.42 10.03 -78.37
N LEU L 224 -17.01 8.85 -78.23
CA LEU L 224 -18.47 8.71 -78.21
C LEU L 224 -19.12 9.55 -77.10
N ASP L 225 -18.41 9.74 -75.98
CA ASP L 225 -18.88 10.60 -74.90
C ASP L 225 -18.55 12.07 -75.14
N ASN L 226 -18.09 12.40 -76.36
CA ASN L 226 -17.71 13.76 -76.72
C ASN L 226 -16.59 14.31 -75.83
N LYS L 227 -15.57 13.48 -75.60
CA LYS L 227 -14.41 13.86 -74.81
C LYS L 227 -13.19 13.63 -75.67
N ALA L 228 -12.11 14.33 -75.33
CA ALA L 228 -10.86 14.19 -76.06
C ALA L 228 -10.24 12.83 -75.76
N PRO L 229 -9.64 12.19 -76.79
CA PRO L 229 -8.87 10.99 -76.52
C PRO L 229 -7.61 11.24 -75.72
N ILE L 230 -7.08 10.18 -75.13
CA ILE L 230 -5.78 10.22 -74.46
C ILE L 230 -4.72 10.00 -75.52
N ASN L 231 -3.71 10.86 -75.53
CA ASN L 231 -2.53 10.65 -76.35
C ASN L 231 -1.56 9.77 -75.57
N TRP L 232 -1.67 8.46 -75.80
CA TRP L 232 -0.89 7.47 -75.03
C TRP L 232 0.61 7.51 -75.35
N ALA L 233 0.97 8.09 -76.49
CA ALA L 233 2.37 8.24 -76.87
C ALA L 233 3.13 9.25 -76.00
N GLN L 234 2.40 10.13 -75.30
CA GLN L 234 3.04 11.07 -74.36
C GLN L 234 3.78 10.35 -73.23
N GLY L 235 3.37 9.11 -72.93
CA GLY L 235 4.01 8.30 -71.91
C GLY L 235 5.42 7.81 -72.23
N PHE L 236 5.77 7.77 -73.52
CA PHE L 236 7.08 7.28 -73.94
C PHE L 236 8.23 8.19 -73.50
N ILE L 237 9.37 7.56 -73.18
CA ILE L 237 10.58 8.26 -72.80
C ILE L 237 11.66 7.91 -73.81
N TYR L 238 12.33 8.94 -74.36
CA TYR L 238 13.30 8.77 -75.44
C TYR L 238 14.72 9.13 -75.02
#